data_8GLK
#
_entry.id   8GLK
#
_cell.length_a   1.00
_cell.length_b   1.00
_cell.length_c   1.00
_cell.angle_alpha   90.00
_cell.angle_beta   90.00
_cell.angle_gamma   90.00
#
_symmetry.space_group_name_H-M   'P 1'
#
loop_
_entity.id
_entity.type
_entity.pdbx_description
1 polymer 'Endonuclease I'
2 polymer 'Protein involved in gliding motility SprA'
3 polymer 'Peptidyl-prolyl cis-trans isomerase'
4 polymer 'Type IX secretion system protein PorV domain-containing protein'
5 non-polymer 'Lauryl Maltose Neopentyl Glycol'
#
loop_
_entity_poly.entity_id
_entity_poly.type
_entity_poly.pdbx_seq_one_letter_code
_entity_poly.pdbx_strand_id
1 'polypeptide(L)' EIVIFPNPSDGNFNIGLNNFNFPYSLEIFSFTGQKVFEKQNASDSIISVSYLPSGIYIVKIEKDSKTTIKKIIIN D
2 'polypeptide(L)'
;MRKICIFLLVLFCGNVLRSQVKPAVQDTTKTQFSVGKMELENPPSILSAYKYDPITDRYIYTTSVDGFSIDYPLVLTPKE
YEDLLLKESRRDYFRKKMDAIDGKKTGAEAAKKDLLPRYYINSSLFESIFGSNTIDVKPTGSVEMDLGVRYTKQDNPAFS
PRNRSSLTFDFDQRISMSLMGKIGTRLEVNANYDTQSTFAFQNLFKLAYTPSEDDIIQKVEVGNVSMPLNSTLIRGAQSL
FGVKTQLQFGRTTITGVFSEQKSQTKSVVAENGGTVQNFDLYALDYDNDRHFFLSQYFRNKYDVSLKNYPFIDSRVQITR
LEVWVTNKQNRVTTTGGGNNLRNIIALQDLGEAQVSGVPDNEVVVISSTAGFFNNPIDSPTSNTNNKYDPATIGQAGSFL
NSNIREIVTAKSGFNNTNVSEATDYSVLENARKLTTNEYTFNPQLGYISLQQRLANDEILAVAFEYTVGGKVYQVGEFGS
DGVDATVVTGNNSSNQAIITQSLVLKMLKSNLTNVKNPVWNLMMKNVYQIPQAYQIKQDDFRLNILYTDPSPINYITPVQ
GSSFPPNPAPDSKVEQTPLLNVFNLDRLNYNNDPQAGGDGFFDYIPGVTVDVQNGRVIFTTKEPFGELIFNKLQTGAGES
YNDPTTYNANQQKYVFRNMYRNTQAGALQDSDKNKFLLRGKYKSSGSNGIPIGAFNVPQGSVVVTAAGRVLVEGIDYSVD
YQLGRVQILDPSLQASNTPIEVSLENNSIFGQQTRRFMGFNIEHKISDKFVIGGTYLKMTERPFTQKSTYGQESVNNTIF
GFNGNYSTEVPFLTRLANKLPNIDTDVPSNLSIRGEVAFLRPDAPKASDFQGEATIYVDDFEGSQSTIDMRSAYAWSLAS
TPFITSINDNTFNANSNTLEYGFKRAKLSWYTIDPVFYSSKPSGISNDDLSLNTTRRIYSRELYPNTDIAQGQIQVVNTL
DLTYYPGERGPYNNNPSFGASNPSANFGGIMRALNSTNFEQGNVEYIQFWVLDPYVGNGESPATNAGKIYFNLGEISEDV
LKDGRKQYENGLGPDQVMVNPQPLWGDVPASQSLIYAFDTNPDNRKNQDVGLDGLPSSREGSIYTNYAGEADPAGDDYTY
YLNADGGVLERYKNYNGTEGNSAVSINDPNRGSTTLPDVEDINRDNTMSTINAYYEYSIDVKPGMQVGENYITDIREVTN
VDLPNGGTTNARWIQFKIPVSQPQNTIGNITDFRSIRFMRMFMTGFNSQMTVRFGALDLVRGEWRRYTGTLDANDQNPDD
DGVEFDVAAVNIQENGTKCPVNYVMPPGVQREQLYNNNTVINQNEQALAVRIGGAGLQYQDSRAVFKNVSVDMRQYKKLK
MFLHAESLPNQPTLEDDEMVGFIRFGNDFTQNFYQVEIPLKVTKTGGSCSISPDLVWMDDNSIDLALDLLTRMKIKAMSI
DINSSKRDVNGIYYPDNDPDLEGGDGDGKLTLGIKGNPNFGLVRNLMVGVKSRADHKDIKGEVWFNELRLADLENKGGMA
AILNVDTNMADFATVSATGRKSTIGFGSLEQGANERDREDVQQYNIVTNLNLGKLLPKKWGINLPFNYAIGEEVITPEYD
PFNQDIKLDQLIRETTDQAEKDNIRTRAIDYTKRKSINFIGVRKDRAPEQKPHVYDIENFTFSQSYNQVERHDYEVADYE
DEQSNSAVNYAYTFQPKEVVPFKSTKFMKKSEYWKLLSDFNFNYLPSNISFNTNILRQSNRQQFREVEVEGIGLDPLYRR
NFAFNYQYGFGFNLTKSLKLNYSATSNNIVRNFLNDDNSPKEDFNIWDDYLDIGTPNQHAQQLVLNYDIPINKIPIFGFV
KASYSYTADYMWQRSSTAFSEYEDPNGTVYDLGNTIQNSNSNTLTTTLNMNTLYKYLGLTPGAKKTAKPKTAAPPKPGEK
IVNTAKPVVSSSPFYDGLIGVLTSIKNVQINYTKNSGTVLPGYTPSVGFLGTSKPSLGFVFGSQDDVRYEAAKRGWLTTY
QDFNQSFTQVSNKLLKVTANIDLLPDLKVDLSMDRSYSENTSEQYSVDPSTNEYKPLSPYTYGMFSISTVMIKTAFSPSD
ETQSAAFDDFRSNRLIIANRLAEGHYGSGVAIPRYGDANNPIPAETDPNYAVYTANQGYPIGYTKSNQAVLLPAFLAAYT
GSDASSSSTNIFRSFPIPNWSIKYNGLMRYKYFKDKFKRFSLQHNYRASYTINQFRSNFDYNSSPKVQDVNTNFYNEIIM
SNVNLVEQFSPLIRMDFELKSSLRVLSEIKKDRALSMSFDNNLLTEVKGMEYIIGLGYRFKDVIFSSRLADNPTGIIKSD
INIKADFSLRNNETLVRYLDYDNNQLAAGQNIWSLKLTADYSFSKNLTAIFYYDHSFSKAVISTSFPLTNIRSGFTLRYN
FGN
;
A
3 'polypeptide(L)'
;MKQLLTALLSLTLFISCSKDKDEVKDYTAENEKEIVDYLAQNNLTAQRTNSGLYYIITKEGSSESEGENPGEEENTGEGE
NTEENENDGHPTLNSNITVIYKGYFTNGKVFDESTEGVSYSLRTLIPGWKEGIPLLKSGGEIQLFVPAHLGYGSNGNKTV
PGGAVLIFEITLVSVN
;
B
4 'polypeptide(L)'
;MKKISLLLICLLITTFAKAQDIERPITTGVPFLLVAADARAAGLGDQGVATSSDVFSQQWNPAKYAFAEDAQGLSISYTP
YLTDLANDISLGQVTYYNKINDRSAFAGSFRYFGFGGIELRQTGDPNEPTREVNPNEFALDGSYSLKLSETFSMAVAARY
IRSNLKVATEEIDASAAGSFAVDVAGFYQSEEIAYSDFNGRWRAGFNIQNLGPKISYDHDDLSANFLPANLRVGGGFDFI
FDDYNKLGVSLELTKLLVPTPPGPGTPYDANGDGDFTDPGDISQSQADEANYKKYKDIGWVSGIFKSFGDAPGGFSEELK
EITYSAAAEYMYQDAFAMRLGYYHESPMKGAKQFFSLGAGFKYSMIKVDVSYLFSASKVKNPLENTLRFSLTFNFGDKYE
TY
;
F
#
loop_
_chem_comp.id
_chem_comp.type
_chem_comp.name
_chem_comp.formula
LMN non-polymer 'Lauryl Maltose Neopentyl Glycol' 'C47 H88 O22'
#
# COMPACT_ATOMS: atom_id res chain seq x y z
N GLU A 1 3.85 1.06 12.35
CA GLU A 1 5.09 1.60 11.79
C GLU A 1 5.20 1.29 10.31
N ILE A 2 5.89 2.15 9.57
CA ILE A 2 6.06 1.97 8.13
C ILE A 2 7.41 1.30 7.88
N VAL A 3 7.40 0.25 7.06
CA VAL A 3 8.58 -0.59 6.82
C VAL A 3 8.87 -0.59 5.33
N ILE A 4 10.13 -0.32 4.98
CA ILE A 4 10.59 -0.33 3.59
C ILE A 4 11.50 -1.52 3.39
N PHE A 5 11.14 -2.40 2.44
CA PHE A 5 11.95 -3.55 2.08
C PHE A 5 13.19 -3.05 1.36
N PRO A 6 14.17 -3.92 0.96
CA PRO A 6 15.59 -3.54 1.07
C PRO A 6 15.91 -2.12 0.62
N ASN A 7 16.42 -1.32 1.54
CA ASN A 7 16.64 0.11 1.29
C ASN A 7 17.60 0.36 0.14
N PRO A 8 18.75 -0.34 0.02
CA PRO A 8 19.54 -0.14 -1.21
C PRO A 8 19.08 -1.07 -2.34
N SER A 9 17.89 -0.79 -2.85
CA SER A 9 17.28 -1.63 -3.87
C SER A 9 17.67 -1.13 -5.27
N ASP A 10 17.23 -1.88 -6.27
CA ASP A 10 17.46 -1.54 -7.67
C ASP A 10 16.32 -0.73 -8.27
N GLY A 11 15.30 -0.40 -7.49
CA GLY A 11 14.12 0.27 -8.01
C GLY A 11 12.87 -0.50 -7.70
N ASN A 12 13.03 -1.81 -7.48
CA ASN A 12 11.93 -2.69 -7.11
C ASN A 12 12.01 -2.96 -5.62
N PHE A 13 11.02 -2.51 -4.86
CA PHE A 13 11.02 -2.71 -3.41
C PHE A 13 9.60 -3.00 -2.94
N ASN A 14 9.41 -3.01 -1.63
CA ASN A 14 8.12 -3.36 -1.04
C ASN A 14 7.82 -2.45 0.14
N ILE A 15 6.56 -2.46 0.55
CA ILE A 15 6.08 -1.67 1.67
C ILE A 15 5.72 -2.62 2.81
N GLY A 16 5.85 -2.13 4.04
CA GLY A 16 5.66 -2.93 5.23
C GLY A 16 4.45 -2.55 6.06
N LEU A 17 3.32 -2.31 5.39
CA LEU A 17 2.09 -1.98 6.10
C LEU A 17 1.71 -3.10 7.07
N ASN A 18 1.05 -2.72 8.16
CA ASN A 18 0.73 -3.63 9.26
C ASN A 18 -0.72 -4.09 9.22
N ASN A 19 -1.26 -4.33 8.03
CA ASN A 19 -2.62 -4.86 7.85
C ASN A 19 -3.65 -3.93 8.49
N PHE A 20 -3.72 -2.74 7.93
CA PHE A 20 -4.66 -1.70 8.34
C PHE A 20 -5.46 -1.33 7.10
N ASN A 21 -6.20 -0.22 7.17
CA ASN A 21 -6.96 0.25 6.02
C ASN A 21 -6.03 0.38 4.82
N PHE A 22 -6.24 -0.46 3.81
CA PHE A 22 -5.26 -0.60 2.73
C PHE A 22 -5.07 0.65 1.90
N PRO A 23 -6.11 1.39 1.48
CA PRO A 23 -5.85 2.60 0.67
C PRO A 23 -4.96 3.61 1.37
N TYR A 24 -3.75 3.78 0.84
CA TYR A 24 -2.80 4.79 1.29
C TYR A 24 -2.25 5.50 0.07
N SER A 25 -1.75 6.71 0.25
CA SER A 25 -1.14 7.43 -0.86
C SER A 25 0.37 7.42 -0.71
N LEU A 26 1.05 7.00 -1.77
CA LEU A 26 2.51 6.88 -1.80
C LEU A 26 3.04 7.86 -2.83
N GLU A 27 4.07 8.61 -2.46
CA GLU A 27 4.68 9.56 -3.38
C GLU A 27 6.19 9.44 -3.29
N ILE A 28 6.85 9.26 -4.42
CA ILE A 28 8.30 9.15 -4.49
C ILE A 28 8.86 10.39 -5.18
N PHE A 29 9.81 11.04 -4.52
CA PHE A 29 10.39 12.31 -4.93
C PHE A 29 11.88 12.11 -5.17
N SER A 30 12.39 12.79 -6.20
CA SER A 30 13.82 12.78 -6.49
C SER A 30 14.55 13.80 -5.61
N PHE A 31 15.88 13.74 -5.64
CA PHE A 31 16.67 14.72 -4.89
C PHE A 31 16.48 16.13 -5.43
N THR A 32 16.08 16.26 -6.70
CA THR A 32 15.78 17.56 -7.26
C THR A 32 14.49 18.14 -6.70
N GLY A 33 13.72 17.36 -5.95
CA GLY A 33 12.39 17.75 -5.52
C GLY A 33 11.30 17.43 -6.52
N GLN A 34 11.65 16.91 -7.69
CA GLN A 34 10.67 16.62 -8.72
C GLN A 34 9.79 15.44 -8.31
N LYS A 35 8.56 15.45 -8.79
CA LYS A 35 7.64 14.33 -8.60
C LYS A 35 7.97 13.25 -9.62
N VAL A 36 8.41 12.09 -9.13
CA VAL A 36 8.83 11.02 -10.04
C VAL A 36 7.90 9.82 -9.90
N PHE A 37 7.16 9.70 -8.81
CA PHE A 37 6.20 8.61 -8.67
C PHE A 37 4.99 9.04 -7.83
N GLU A 38 3.81 8.76 -8.36
CA GLU A 38 2.53 8.93 -7.68
C GLU A 38 1.83 7.58 -7.59
N LYS A 39 1.14 7.34 -6.47
CA LYS A 39 0.35 6.13 -6.35
C LYS A 39 -0.77 6.35 -5.34
N GLN A 40 -1.98 6.57 -5.83
CA GLN A 40 -3.17 6.55 -4.99
C GLN A 40 -3.86 5.20 -5.09
N ASN A 41 -4.91 5.03 -4.30
CA ASN A 41 -5.66 3.78 -4.12
C ASN A 41 -4.72 2.59 -3.97
N ALA A 42 -3.53 2.84 -3.42
CA ALA A 42 -2.48 1.84 -3.35
C ALA A 42 -2.82 0.74 -2.36
N SER A 43 -2.72 -0.50 -2.84
CA SER A 43 -2.77 -1.67 -1.96
C SER A 43 -1.68 -2.69 -2.25
N ASP A 44 -1.09 -2.69 -3.44
CA ASP A 44 -0.02 -3.63 -3.77
C ASP A 44 1.24 -3.27 -3.01
N SER A 45 1.84 -4.27 -2.36
CA SER A 45 3.05 -4.03 -1.58
C SER A 45 4.25 -3.72 -2.48
N ILE A 46 4.38 -4.45 -3.58
CA ILE A 46 5.55 -4.29 -4.44
C ILE A 46 5.43 -2.99 -5.23
N ILE A 47 6.52 -2.23 -5.25
CA ILE A 47 6.60 -0.95 -5.96
C ILE A 47 7.74 -1.09 -6.96
N SER A 48 7.43 -0.79 -8.22
CA SER A 48 8.37 -0.93 -9.33
C SER A 48 8.64 0.45 -9.91
N VAL A 49 9.76 1.06 -9.49
CA VAL A 49 10.18 2.36 -10.00
C VAL A 49 11.59 2.25 -10.54
N SER A 50 11.94 1.08 -11.05
CA SER A 50 13.30 0.80 -11.54
C SER A 50 13.66 1.58 -12.80
N TYR A 51 12.80 2.43 -13.33
CA TYR A 51 13.14 3.29 -14.44
C TYR A 51 13.80 4.59 -14.00
N LEU A 52 13.81 4.87 -12.70
CA LEU A 52 14.43 6.07 -12.15
C LEU A 52 15.94 5.95 -12.13
N PRO A 53 16.67 7.04 -12.40
CA PRO A 53 18.13 7.00 -12.26
C PRO A 53 18.54 6.80 -10.82
N SER A 54 19.78 6.31 -10.65
CA SER A 54 20.28 5.96 -9.34
C SER A 54 20.41 7.20 -8.46
N GLY A 55 20.26 7.00 -7.16
CA GLY A 55 20.37 8.08 -6.20
C GLY A 55 19.47 7.84 -5.01
N ILE A 56 19.42 8.82 -4.13
CA ILE A 56 18.53 8.77 -2.98
C ILE A 56 17.19 9.36 -3.35
N TYR A 57 16.13 8.78 -2.82
CA TYR A 57 14.77 9.23 -3.11
C TYR A 57 13.99 9.33 -1.81
N ILE A 58 12.99 10.21 -1.80
CA ILE A 58 12.17 10.46 -0.62
C ILE A 58 10.80 9.83 -0.84
N VAL A 59 10.41 8.94 0.06
CA VAL A 59 9.12 8.26 -0.01
C VAL A 59 8.23 8.88 1.07
N LYS A 60 7.10 9.45 0.64
CA LYS A 60 6.08 9.95 1.54
C LYS A 60 4.93 8.96 1.54
N ILE A 61 4.55 8.51 2.74
CA ILE A 61 3.38 7.65 2.95
C ILE A 61 2.35 8.48 3.71
N GLU A 62 1.17 8.63 3.12
CA GLU A 62 0.04 9.28 3.78
C GLU A 62 -1.01 8.21 4.02
N LYS A 63 -1.30 7.96 5.29
CA LYS A 63 -2.27 6.96 5.73
C LYS A 63 -3.18 7.65 6.75
N ASP A 64 -4.34 8.11 6.29
CA ASP A 64 -5.28 8.91 7.09
C ASP A 64 -4.52 10.15 7.54
N SER A 65 -4.57 10.53 8.82
CA SER A 65 -3.84 11.70 9.27
C SER A 65 -2.34 11.41 9.39
N LYS A 66 -1.96 10.14 9.34
CA LYS A 66 -0.56 9.77 9.48
C LYS A 66 0.25 10.19 8.26
N THR A 67 1.35 10.89 8.51
CA THR A 67 2.29 11.30 7.47
C THR A 67 3.67 10.76 7.84
N THR A 68 4.36 10.17 6.87
CA THR A 68 5.68 9.60 7.11
C THR A 68 6.60 9.88 5.93
N ILE A 69 7.82 10.29 6.22
CA ILE A 69 8.83 10.56 5.22
C ILE A 69 10.03 9.65 5.50
N LYS A 70 10.43 8.87 4.50
CA LYS A 70 11.57 7.98 4.61
C LYS A 70 12.49 8.17 3.41
N LYS A 71 13.76 7.78 3.59
CA LYS A 71 14.76 7.92 2.54
C LYS A 71 15.18 6.54 2.05
N ILE A 72 15.16 6.34 0.74
CA ILE A 72 15.54 5.08 0.13
C ILE A 72 16.70 5.33 -0.85
N ILE A 73 17.42 4.27 -1.15
CA ILE A 73 18.60 4.33 -2.01
C ILE A 73 18.35 3.42 -3.22
N ILE A 74 18.56 3.96 -4.41
CA ILE A 74 18.44 3.19 -5.64
C ILE A 74 19.83 3.11 -6.26
N ASN A 75 20.42 1.92 -6.23
CA ASN A 75 21.78 1.73 -6.73
C ASN A 75 21.85 0.58 -7.74
N ILE B 129 15.55 58.79 5.76
CA ILE B 129 15.44 57.42 5.26
C ILE B 129 15.04 56.50 6.42
N PHE B 130 15.53 56.80 7.62
CA PHE B 130 15.15 56.08 8.82
C PHE B 130 14.75 57.08 9.90
N GLY B 131 13.78 56.69 10.73
CA GLY B 131 13.29 57.59 11.76
C GLY B 131 14.33 57.90 12.82
N SER B 132 15.09 56.90 13.25
CA SER B 132 16.11 57.07 14.27
C SER B 132 17.22 56.07 14.00
N ASN B 133 18.11 55.91 14.99
CA ASN B 133 19.21 54.97 14.90
C ASN B 133 19.08 53.80 15.87
N THR B 134 17.97 53.71 16.59
CA THR B 134 17.78 52.59 17.52
C THR B 134 17.54 51.31 16.74
N ILE B 135 18.27 50.25 17.11
CA ILE B 135 18.19 48.95 16.45
C ILE B 135 18.00 47.92 17.55
N ASP B 136 16.75 47.52 17.79
CA ASP B 136 16.40 46.57 18.84
C ASP B 136 15.93 45.24 18.25
N VAL B 137 16.56 44.81 17.17
CA VAL B 137 16.24 43.51 16.58
C VAL B 137 16.85 42.42 17.45
N LYS B 138 16.03 41.80 18.29
CA LYS B 138 16.56 40.85 19.25
C LYS B 138 16.29 39.41 18.81
N PRO B 139 17.28 38.53 18.93
CA PRO B 139 17.06 37.10 18.70
C PRO B 139 16.75 36.36 19.99
N THR B 140 15.80 35.44 19.89
CA THR B 140 15.41 34.55 20.97
C THR B 140 15.43 33.10 20.45
N GLY B 141 15.23 32.16 21.36
CA GLY B 141 15.24 30.76 20.98
C GLY B 141 16.52 30.05 21.35
N SER B 142 16.92 29.06 20.55
CA SER B 142 18.11 28.29 20.86
C SER B 142 18.73 27.75 19.58
N VAL B 143 20.01 27.43 19.67
CA VAL B 143 20.75 26.79 18.58
C VAL B 143 21.55 25.63 19.16
N GLU B 144 21.42 24.46 18.53
CA GLU B 144 22.11 23.26 18.97
C GLU B 144 23.00 22.74 17.85
N MET B 145 24.11 22.10 18.24
CA MET B 145 25.10 21.65 17.28
C MET B 145 25.77 20.40 17.81
N ASP B 146 25.57 19.27 17.12
CA ASP B 146 26.11 17.98 17.51
C ASP B 146 27.27 17.62 16.60
N LEU B 147 28.43 17.33 17.21
CA LEU B 147 29.59 16.80 16.51
C LEU B 147 29.99 15.48 17.16
N GLY B 148 30.06 14.43 16.35
CA GLY B 148 30.42 13.15 16.92
C GLY B 148 30.86 12.15 15.87
N VAL B 149 31.07 10.92 16.32
CA VAL B 149 31.45 9.80 15.48
C VAL B 149 30.40 8.70 15.60
N ARG B 150 30.10 8.08 14.46
CA ARG B 150 29.19 6.93 14.38
C ARG B 150 29.97 5.74 13.86
N TYR B 151 30.07 4.70 14.68
CA TYR B 151 30.73 3.45 14.31
C TYR B 151 29.67 2.36 14.19
N THR B 152 29.67 1.66 13.07
CA THR B 152 28.72 0.60 12.82
C THR B 152 29.46 -0.65 12.36
N LYS B 153 29.09 -1.80 12.93
CA LYS B 153 29.71 -3.07 12.58
C LYS B 153 28.62 -4.13 12.48
N GLN B 154 28.36 -4.61 11.28
CA GLN B 154 27.39 -5.68 11.04
C GLN B 154 28.14 -6.92 10.58
N ASP B 155 27.97 -8.03 11.29
CA ASP B 155 28.71 -9.26 11.01
C ASP B 155 27.98 -10.07 9.95
N ASN B 156 27.96 -9.51 8.74
CA ASN B 156 27.42 -10.21 7.58
C ASN B 156 28.57 -10.86 6.83
N PRO B 157 28.64 -12.19 6.78
CA PRO B 157 29.76 -12.84 6.08
C PRO B 157 29.81 -12.53 4.59
N ALA B 158 28.67 -12.24 3.97
CA ALA B 158 28.66 -11.95 2.54
C ALA B 158 29.26 -10.59 2.20
N PHE B 159 29.41 -9.72 3.19
CA PHE B 159 30.00 -8.42 2.94
C PHE B 159 31.50 -8.53 2.70
N SER B 160 32.04 -7.54 2.01
CA SER B 160 33.47 -7.50 1.73
C SER B 160 34.25 -7.26 3.03
N PRO B 161 35.49 -7.75 3.11
CA PRO B 161 36.34 -7.38 4.25
C PRO B 161 36.56 -5.90 4.37
N ARG B 162 36.51 -5.16 3.26
CA ARG B 162 36.57 -3.71 3.31
C ARG B 162 35.33 -3.10 3.95
N ASN B 163 34.21 -3.84 3.98
CA ASN B 163 33.00 -3.41 4.63
C ASN B 163 32.85 -3.98 6.03
N ARG B 164 33.98 -4.23 6.71
CA ARG B 164 33.93 -4.79 8.06
C ARG B 164 33.22 -3.84 9.02
N SER B 165 33.53 -2.55 8.95
CA SER B 165 32.88 -1.56 9.80
C SER B 165 32.92 -0.21 9.09
N SER B 166 32.03 0.67 9.50
CA SER B 166 31.94 2.02 8.95
C SER B 166 32.05 3.02 10.09
N LEU B 167 33.03 3.92 10.00
CA LEU B 167 33.25 4.97 10.98
C LEU B 167 33.04 6.31 10.27
N THR B 168 31.87 6.90 10.46
CA THR B 168 31.52 8.17 9.85
C THR B 168 31.47 9.27 10.91
N PHE B 169 31.38 10.50 10.44
CA PHE B 169 31.28 11.66 11.33
C PHE B 169 29.85 12.19 11.26
N ASP B 170 29.24 12.38 12.43
CA ASP B 170 27.90 12.92 12.54
C ASP B 170 27.98 14.41 12.87
N PHE B 171 27.36 15.23 12.03
CA PHE B 171 27.20 16.65 12.29
C PHE B 171 25.73 17.00 12.16
N ASP B 172 25.16 17.60 13.19
CA ASP B 172 23.74 17.92 13.22
C ASP B 172 23.51 19.33 13.72
N GLN B 173 22.52 20.01 13.15
CA GLN B 173 22.10 21.33 13.58
C GLN B 173 20.61 21.32 13.88
N ARG B 174 20.22 22.06 14.91
CA ARG B 174 18.84 22.14 15.37
C ARG B 174 18.45 23.59 15.63
N ILE B 175 18.74 24.45 14.65
CA ILE B 175 18.47 25.88 14.80
C ILE B 175 17.00 26.12 15.06
N SER B 176 16.71 26.79 16.16
CA SER B 176 15.35 27.03 16.67
C SER B 176 15.25 28.49 17.11
N MET B 177 15.56 29.40 16.19
CA MET B 177 15.70 30.81 16.50
C MET B 177 14.51 31.63 15.99
N SER B 178 14.21 32.69 16.72
CA SER B 178 13.31 33.75 16.31
C SER B 178 14.07 35.07 16.38
N LEU B 179 13.63 36.05 15.59
CA LEU B 179 14.33 37.32 15.47
C LEU B 179 13.28 38.41 15.27
N MET B 180 12.99 39.16 16.33
CA MET B 180 11.93 40.15 16.32
C MET B 180 12.48 41.51 16.73
N GLY B 181 12.17 42.54 15.97
CA GLY B 181 12.62 43.86 16.38
C GLY B 181 12.30 44.93 15.35
N LYS B 182 12.91 46.09 15.57
CA LYS B 182 12.71 47.26 14.72
C LYS B 182 14.05 47.90 14.41
N ILE B 183 14.07 48.65 13.31
CA ILE B 183 15.25 49.37 12.85
C ILE B 183 14.80 50.80 12.51
N GLY B 184 15.26 51.76 13.31
CA GLY B 184 15.00 53.16 13.04
C GLY B 184 13.52 53.52 13.00
N THR B 185 12.70 52.87 13.82
CA THR B 185 11.25 53.08 13.93
C THR B 185 10.57 53.09 12.55
N ARG B 186 11.24 52.55 11.54
CA ARG B 186 10.72 52.46 10.19
C ARG B 186 10.67 51.03 9.67
N LEU B 187 11.66 50.21 10.00
CA LEU B 187 11.67 48.81 9.59
C LEU B 187 11.21 47.94 10.74
N GLU B 188 10.29 47.02 10.45
CA GLU B 188 9.88 45.97 11.37
C GLU B 188 10.37 44.64 10.84
N VAL B 189 11.12 43.91 11.66
CA VAL B 189 11.73 42.65 11.27
C VAL B 189 11.11 41.55 12.11
N ASN B 190 10.52 40.56 11.43
CA ASN B 190 9.93 39.39 12.08
C ASN B 190 10.40 38.15 11.37
N ALA B 191 11.24 37.35 12.02
CA ALA B 191 11.81 36.16 11.43
C ALA B 191 11.69 34.98 12.39
N ASN B 192 11.52 33.79 11.82
CA ASN B 192 11.43 32.55 12.57
C ASN B 192 12.09 31.47 11.73
N TYR B 193 13.26 31.01 12.14
CA TYR B 193 13.98 29.93 11.47
C TYR B 193 14.05 28.74 12.41
N ASP B 194 13.40 27.66 12.03
CA ASP B 194 13.30 26.47 12.87
C ASP B 194 13.57 25.25 11.98
N THR B 195 14.73 24.63 12.18
CA THR B 195 15.09 23.44 11.41
C THR B 195 14.60 22.17 12.11
N GLN B 196 13.30 22.16 12.44
CA GLN B 196 12.66 21.00 13.05
C GLN B 196 11.26 20.79 12.51
N SER B 197 10.88 21.51 11.44
CA SER B 197 9.53 21.45 10.92
C SER B 197 9.57 21.75 9.43
N THR B 198 8.38 21.73 8.81
CA THR B 198 8.27 21.95 7.37
C THR B 198 8.64 23.39 7.04
N PHE B 199 9.70 23.57 6.26
CA PHE B 199 10.16 24.90 5.86
C PHE B 199 9.19 25.61 4.93
N ALA B 200 8.20 24.90 4.38
CA ALA B 200 7.32 25.50 3.38
C ALA B 200 6.51 26.66 3.97
N PHE B 201 6.03 26.50 5.21
CA PHE B 201 5.14 27.49 5.81
C PHE B 201 5.54 27.87 7.24
N GLN B 202 6.66 27.36 7.74
CA GLN B 202 7.09 27.66 9.11
C GLN B 202 8.21 28.68 9.16
N ASN B 203 9.28 28.48 8.40
CA ASN B 203 10.36 29.46 8.35
C ASN B 203 9.84 30.73 7.71
N LEU B 204 9.66 31.76 8.53
CA LEU B 204 9.04 33.01 8.12
C LEU B 204 10.07 34.13 8.20
N PHE B 205 9.97 35.11 7.31
CA PHE B 205 10.88 36.25 7.31
C PHE B 205 10.21 37.42 6.65
N LYS B 206 9.95 38.49 7.41
CA LYS B 206 9.26 39.68 6.91
C LYS B 206 10.04 40.92 7.33
N LEU B 207 10.42 41.73 6.35
CA LEU B 207 10.91 43.08 6.56
C LEU B 207 9.87 44.05 6.04
N ALA B 208 9.37 44.93 6.92
CA ALA B 208 8.34 45.90 6.56
C ALA B 208 8.89 47.29 6.77
N TYR B 209 9.07 48.03 5.67
CA TYR B 209 9.56 49.40 5.71
C TYR B 209 8.39 50.34 5.44
N THR B 210 8.00 51.11 6.45
CA THR B 210 6.84 51.99 6.39
C THR B 210 7.26 53.43 6.57
N PRO B 211 7.42 54.20 5.49
CA PRO B 211 7.78 55.61 5.65
C PRO B 211 6.64 56.45 6.20
N SER B 212 6.84 57.76 6.28
CA SER B 212 5.79 58.64 6.76
C SER B 212 4.59 58.62 5.80
N GLU B 213 3.41 58.83 6.36
CA GLU B 213 2.17 58.76 5.59
C GLU B 213 2.06 59.84 4.53
N ASP B 214 2.90 60.88 4.59
CA ASP B 214 2.90 61.92 3.58
C ASP B 214 3.78 61.61 2.38
N ASP B 215 4.54 60.51 2.43
CA ASP B 215 5.44 60.17 1.34
C ASP B 215 4.70 59.42 0.24
N ILE B 216 5.34 59.34 -0.92
CA ILE B 216 4.77 58.63 -2.06
C ILE B 216 4.73 57.13 -1.80
N ILE B 217 5.74 56.60 -1.12
CA ILE B 217 5.83 55.17 -0.84
C ILE B 217 5.23 54.91 0.53
N GLN B 218 4.20 54.07 0.58
CA GLN B 218 3.51 53.78 1.84
C GLN B 218 4.06 52.56 2.55
N LYS B 219 4.51 51.55 1.81
CA LYS B 219 4.95 50.30 2.42
C LYS B 219 5.82 49.54 1.43
N VAL B 220 6.93 48.99 1.93
CA VAL B 220 7.77 48.07 1.17
C VAL B 220 7.94 46.81 2.00
N GLU B 221 7.50 45.67 1.46
CA GLU B 221 7.55 44.41 2.18
C GLU B 221 8.48 43.46 1.45
N VAL B 222 9.41 42.85 2.21
CA VAL B 222 10.37 41.90 1.66
C VAL B 222 10.25 40.60 2.43
N GLY B 223 10.20 39.49 1.70
CA GLY B 223 10.09 38.17 2.31
C GLY B 223 8.68 37.61 2.14
N ASN B 224 8.11 37.16 3.25
CA ASN B 224 6.78 36.57 3.24
C ASN B 224 5.72 37.64 3.05
N VAL B 225 5.37 37.92 1.80
CA VAL B 225 4.40 38.93 1.47
C VAL B 225 3.09 38.26 1.05
N SER B 226 2.03 39.05 1.04
CA SER B 226 0.71 38.59 0.58
C SER B 226 0.17 39.59 -0.42
N MET B 227 -0.74 39.11 -1.27
CA MET B 227 -1.36 39.94 -2.31
C MET B 227 -2.87 39.78 -2.22
N PRO B 228 -3.48 40.38 -1.19
CA PRO B 228 -4.94 40.25 -1.04
C PRO B 228 -5.67 41.13 -2.04
N LEU B 229 -6.68 40.55 -2.69
CA LEU B 229 -7.48 41.26 -3.68
C LEU B 229 -8.95 41.13 -3.30
N ASN B 230 -9.65 42.26 -3.27
CA ASN B 230 -11.10 42.28 -3.05
C ASN B 230 -11.82 42.01 -4.38
N SER B 231 -11.57 40.82 -4.92
CA SER B 231 -12.05 40.45 -6.24
C SER B 231 -12.49 39.00 -6.23
N THR B 232 -13.47 38.69 -7.10
CA THR B 232 -13.97 37.33 -7.26
C THR B 232 -13.47 36.67 -8.54
N LEU B 233 -13.38 37.41 -9.64
CA LEU B 233 -12.89 36.84 -10.88
C LEU B 233 -11.38 36.63 -10.85
N ILE B 234 -10.66 37.47 -10.10
CA ILE B 234 -9.22 37.38 -9.97
C ILE B 234 -8.91 37.15 -8.50
N ARG B 235 -8.35 36.00 -8.17
CA ARG B 235 -7.97 35.68 -6.81
C ARG B 235 -6.53 36.04 -6.55
N GLY B 236 -6.28 36.67 -5.39
CA GLY B 236 -4.94 37.01 -4.99
C GLY B 236 -4.19 35.82 -4.41
N ALA B 237 -2.97 36.08 -3.97
CA ALA B 237 -2.11 35.08 -3.38
C ALA B 237 -1.74 35.49 -1.96
N GLN B 238 -1.86 34.57 -1.03
CA GLN B 238 -1.59 34.83 0.38
C GLN B 238 -0.16 34.48 0.79
N SER B 239 0.33 33.30 0.40
CA SER B 239 1.66 32.84 0.78
C SER B 239 2.60 33.07 -0.40
N LEU B 240 3.39 34.14 -0.31
CA LEU B 240 4.36 34.50 -1.32
C LEU B 240 5.69 34.81 -0.66
N PHE B 241 6.77 34.70 -1.43
CA PHE B 241 8.10 35.14 -0.98
C PHE B 241 8.68 36.04 -2.05
N GLY B 242 8.82 37.32 -1.73
CA GLY B 242 9.34 38.27 -2.72
C GLY B 242 9.28 39.70 -2.22
N VAL B 243 9.08 40.62 -3.16
CA VAL B 243 9.09 42.05 -2.87
C VAL B 243 7.71 42.62 -3.19
N LYS B 244 7.13 43.32 -2.22
CA LYS B 244 5.83 43.97 -2.38
C LYS B 244 5.97 45.44 -2.01
N THR B 245 5.59 46.32 -2.93
CA THR B 245 5.66 47.75 -2.73
C THR B 245 4.29 48.38 -2.93
N GLN B 246 4.11 49.56 -2.33
CA GLN B 246 2.83 50.26 -2.39
C GLN B 246 3.08 51.76 -2.53
N LEU B 247 2.46 52.36 -3.52
CA LEU B 247 2.60 53.78 -3.81
C LEU B 247 1.25 54.47 -3.75
N GLN B 248 1.26 55.73 -3.32
CA GLN B 248 0.05 56.52 -3.14
C GLN B 248 0.20 57.85 -3.87
N PHE B 249 -0.50 57.98 -5.01
CA PHE B 249 -0.55 59.23 -5.76
C PHE B 249 -1.87 59.93 -5.43
N GLY B 250 -1.89 60.61 -4.29
CA GLY B 250 -3.01 61.46 -3.94
C GLY B 250 -4.26 60.70 -3.58
N ARG B 251 -4.86 60.08 -4.59
CA ARG B 251 -6.04 59.24 -4.40
C ARG B 251 -5.92 57.89 -5.09
N THR B 252 -4.80 57.63 -5.76
CA THR B 252 -4.58 56.37 -6.46
C THR B 252 -3.60 55.52 -5.67
N THR B 253 -3.96 54.26 -5.44
CA THR B 253 -3.11 53.32 -4.73
C THR B 253 -2.63 52.26 -5.71
N ILE B 254 -1.32 52.11 -5.85
CA ILE B 254 -0.72 51.14 -6.75
C ILE B 254 0.10 50.18 -5.90
N THR B 255 -0.34 48.93 -5.83
CA THR B 255 0.35 47.89 -5.08
C THR B 255 0.97 46.92 -6.07
N GLY B 256 2.30 46.84 -6.09
CA GLY B 256 3.03 45.96 -6.98
C GLY B 256 3.69 44.85 -6.20
N VAL B 257 3.77 43.67 -6.82
CA VAL B 257 4.35 42.50 -6.17
C VAL B 257 5.13 41.71 -7.21
N PHE B 258 6.27 41.16 -6.79
CA PHE B 258 7.04 40.19 -7.57
C PHE B 258 7.57 39.17 -6.59
N SER B 259 7.12 37.93 -6.71
CA SER B 259 7.44 36.93 -5.69
C SER B 259 7.35 35.55 -6.31
N GLU B 260 7.68 34.55 -5.49
CA GLU B 260 7.43 33.14 -5.81
C GLU B 260 6.32 32.63 -4.90
N GLN B 261 5.34 31.96 -5.49
CA GLN B 261 4.18 31.46 -4.77
C GLN B 261 4.50 30.13 -4.10
N LYS B 262 4.21 30.03 -2.81
CA LYS B 262 4.58 28.87 -2.00
C LYS B 262 3.41 27.94 -1.72
N SER B 263 2.30 28.09 -2.44
CA SER B 263 1.11 27.27 -2.22
C SER B 263 0.46 26.95 -3.55
N GLN B 264 -0.57 26.11 -3.49
CA GLN B 264 -1.38 25.79 -4.64
C GLN B 264 -2.86 25.88 -4.28
N THR B 265 -3.68 26.20 -5.27
CA THR B 265 -5.12 26.32 -5.06
C THR B 265 -5.76 24.94 -5.07
N LYS B 266 -6.56 24.66 -4.05
CA LYS B 266 -7.26 23.39 -3.91
C LYS B 266 -8.75 23.68 -3.75
N SER B 267 -9.57 22.95 -4.51
CA SER B 267 -11.01 23.16 -4.54
C SER B 267 -11.72 21.88 -4.12
N VAL B 268 -12.69 22.01 -3.21
CA VAL B 268 -13.51 20.89 -2.78
C VAL B 268 -14.97 21.27 -2.92
N VAL B 269 -15.81 20.25 -3.10
CA VAL B 269 -17.26 20.43 -3.18
C VAL B 269 -17.89 19.61 -2.06
N ALA B 270 -18.74 20.26 -1.26
CA ALA B 270 -19.38 19.63 -0.12
C ALA B 270 -20.89 19.79 -0.23
N GLU B 271 -21.62 18.72 0.09
CA GLU B 271 -23.08 18.75 0.10
C GLU B 271 -23.57 18.11 1.39
N ASN B 272 -24.42 18.81 2.12
CA ASN B 272 -24.99 18.33 3.38
C ASN B 272 -23.89 17.94 4.36
N GLY B 273 -22.89 18.80 4.47
CA GLY B 273 -21.77 18.52 5.35
C GLY B 273 -20.51 18.08 4.64
N GLY B 274 -20.24 16.78 4.64
CA GLY B 274 -18.98 16.28 4.15
C GLY B 274 -18.77 16.52 2.67
N THR B 275 -17.51 16.37 2.25
CA THR B 275 -17.13 16.66 0.88
C THR B 275 -17.59 15.56 -0.07
N VAL B 276 -17.68 15.91 -1.35
CA VAL B 276 -18.12 15.00 -2.40
C VAL B 276 -16.89 14.44 -3.09
N GLN B 277 -16.83 13.12 -3.23
CA GLN B 277 -15.77 12.43 -3.95
C GLN B 277 -16.39 11.69 -5.13
N ASN B 278 -15.89 11.97 -6.33
CA ASN B 278 -16.40 11.35 -7.55
C ASN B 278 -15.48 10.22 -7.98
N PHE B 279 -16.07 9.16 -8.50
CA PHE B 279 -15.33 8.01 -8.99
C PHE B 279 -15.87 7.59 -10.35
N ASP B 280 -14.95 7.12 -11.20
CA ASP B 280 -15.26 6.66 -12.55
C ASP B 280 -14.48 5.37 -12.78
N LEU B 281 -15.13 4.23 -12.58
CA LEU B 281 -14.53 2.93 -12.86
C LEU B 281 -15.02 2.41 -14.20
N TYR B 282 -14.24 1.50 -14.78
CA TYR B 282 -14.66 0.79 -15.98
C TYR B 282 -14.92 -0.67 -15.64
N ALA B 283 -15.65 -1.35 -16.53
CA ALA B 283 -16.04 -2.72 -16.29
C ALA B 283 -14.84 -3.61 -16.00
N LEU B 284 -13.73 -3.39 -16.71
CA LEU B 284 -12.53 -4.19 -16.54
C LEU B 284 -11.82 -3.91 -15.23
N ASP B 285 -12.24 -2.89 -14.47
CA ASP B 285 -11.55 -2.47 -13.26
C ASP B 285 -12.12 -3.10 -12.00
N TYR B 286 -12.59 -4.34 -12.07
CA TYR B 286 -13.11 -5.01 -10.90
C TYR B 286 -12.00 -5.32 -9.91
N ASP B 287 -12.39 -5.52 -8.65
CA ASP B 287 -11.44 -5.84 -7.58
C ASP B 287 -10.98 -7.28 -7.77
N ASN B 288 -9.80 -7.44 -8.37
CA ASN B 288 -9.31 -8.75 -8.79
C ASN B 288 -8.54 -9.45 -7.69
N ASP B 289 -8.59 -10.78 -7.72
CA ASP B 289 -7.78 -11.64 -6.85
C ASP B 289 -8.04 -11.37 -5.37
N ARG B 290 -9.24 -10.94 -5.03
CA ARG B 290 -9.56 -10.59 -3.65
C ARG B 290 -10.85 -11.25 -3.19
N HIS B 291 -11.74 -11.55 -4.13
CA HIS B 291 -13.05 -12.11 -3.82
C HIS B 291 -13.20 -13.46 -4.50
N PHE B 292 -13.55 -14.47 -3.72
CA PHE B 292 -13.58 -15.85 -4.22
C PHE B 292 -14.86 -16.53 -3.76
N PHE B 293 -15.55 -17.18 -4.69
CA PHE B 293 -16.63 -18.08 -4.31
C PHE B 293 -16.07 -19.28 -3.56
N LEU B 294 -16.81 -19.76 -2.58
CA LEU B 294 -16.34 -20.91 -1.80
C LEU B 294 -16.42 -22.20 -2.60
N SER B 295 -17.33 -22.28 -3.56
CA SER B 295 -17.52 -23.50 -4.33
C SER B 295 -18.22 -23.16 -5.63
N GLN B 296 -18.14 -24.09 -6.58
CA GLN B 296 -18.90 -23.95 -7.83
C GLN B 296 -20.40 -23.96 -7.56
N TYR B 297 -20.83 -24.64 -6.50
CA TYR B 297 -22.24 -24.65 -6.13
C TYR B 297 -22.72 -23.24 -5.81
N PHE B 298 -21.97 -22.51 -4.99
CA PHE B 298 -22.34 -21.14 -4.66
C PHE B 298 -22.26 -20.24 -5.89
N ARG B 299 -21.25 -20.44 -6.74
CA ARG B 299 -21.13 -19.63 -7.95
C ARG B 299 -22.33 -19.82 -8.88
N ASN B 300 -22.79 -21.06 -9.04
CA ASN B 300 -23.94 -21.31 -9.90
C ASN B 300 -25.27 -21.02 -9.22
N LYS B 301 -25.29 -20.90 -7.90
CA LYS B 301 -26.49 -20.48 -7.18
C LYS B 301 -26.60 -18.98 -7.01
N TYR B 302 -25.51 -18.24 -7.26
CA TYR B 302 -25.50 -16.80 -7.01
C TYR B 302 -26.59 -16.08 -7.79
N ASP B 303 -26.68 -16.32 -9.09
CA ASP B 303 -27.61 -15.56 -9.93
C ASP B 303 -29.06 -15.88 -9.58
N VAL B 304 -29.39 -17.16 -9.41
CA VAL B 304 -30.77 -17.54 -9.13
C VAL B 304 -31.17 -17.09 -7.74
N SER B 305 -30.26 -17.16 -6.76
CA SER B 305 -30.59 -16.79 -5.39
C SER B 305 -30.87 -15.30 -5.26
N LEU B 306 -30.26 -14.48 -6.10
CA LEU B 306 -30.44 -13.03 -6.05
C LEU B 306 -31.47 -12.54 -7.07
N LYS B 307 -32.35 -13.42 -7.53
CA LYS B 307 -33.34 -13.03 -8.53
C LYS B 307 -34.29 -11.97 -7.99
N ASN B 308 -34.69 -12.10 -6.73
CA ASN B 308 -35.64 -11.18 -6.13
C ASN B 308 -35.04 -10.48 -4.90
N TYR B 309 -33.83 -9.96 -5.05
CA TYR B 309 -33.16 -9.28 -3.95
C TYR B 309 -33.98 -8.08 -3.51
N PRO B 310 -33.91 -7.68 -2.22
CA PRO B 310 -33.00 -8.15 -1.17
C PRO B 310 -33.31 -9.54 -0.61
N PHE B 311 -34.41 -10.15 -1.04
CA PHE B 311 -34.69 -11.52 -0.65
C PHE B 311 -33.71 -12.47 -1.34
N ILE B 312 -33.17 -13.41 -0.58
CA ILE B 312 -32.21 -14.40 -1.09
C ILE B 312 -32.91 -15.75 -1.10
N ASP B 313 -33.01 -16.35 -2.28
CA ASP B 313 -33.66 -17.66 -2.43
C ASP B 313 -32.67 -18.78 -2.11
N SER B 314 -32.18 -18.76 -0.88
CA SER B 314 -31.20 -19.73 -0.42
C SER B 314 -31.23 -19.78 1.10
N ARG B 315 -31.13 -20.98 1.66
CA ARG B 315 -31.09 -21.18 3.09
C ARG B 315 -29.68 -21.44 3.61
N VAL B 316 -28.67 -21.22 2.77
CA VAL B 316 -27.29 -21.47 3.17
C VAL B 316 -26.85 -20.46 4.22
N GLN B 317 -26.24 -20.95 5.30
CA GLN B 317 -25.69 -20.10 6.35
C GLN B 317 -24.29 -20.62 6.68
N ILE B 318 -23.27 -19.94 6.18
CA ILE B 318 -21.89 -20.34 6.41
C ILE B 318 -21.59 -20.14 7.89
N THR B 319 -21.43 -21.23 8.63
CA THR B 319 -21.24 -21.15 10.07
C THR B 319 -19.78 -21.16 10.49
N ARG B 320 -18.91 -21.83 9.74
CA ARG B 320 -17.51 -21.92 10.12
C ARG B 320 -16.65 -21.92 8.87
N LEU B 321 -15.50 -21.25 8.93
CA LEU B 321 -14.63 -21.11 7.78
C LEU B 321 -13.19 -20.88 8.23
N GLU B 322 -12.28 -21.69 7.69
CA GLU B 322 -10.84 -21.53 7.89
C GLU B 322 -10.18 -21.34 6.54
N VAL B 323 -9.30 -20.34 6.46
CA VAL B 323 -8.65 -19.94 5.22
C VAL B 323 -7.15 -20.09 5.38
N TRP B 324 -6.51 -20.72 4.41
CA TRP B 324 -5.07 -20.99 4.42
C TRP B 324 -4.44 -20.44 3.15
N VAL B 325 -3.28 -19.80 3.30
CA VAL B 325 -2.57 -19.17 2.19
C VAL B 325 -1.13 -19.66 2.20
N THR B 326 -0.43 -19.35 1.11
CA THR B 326 1.00 -19.66 1.04
C THR B 326 1.76 -18.82 2.07
N ASN B 327 2.59 -19.47 2.86
CA ASN B 327 3.32 -18.82 3.94
C ASN B 327 4.69 -18.39 3.43
N LYS B 328 4.87 -17.09 3.23
CA LYS B 328 6.15 -16.53 2.88
C LYS B 328 6.75 -15.67 3.98
N GLN B 329 5.97 -15.28 4.98
CA GLN B 329 6.51 -14.54 6.11
C GLN B 329 7.50 -15.39 6.91
N ASN B 330 7.13 -16.65 7.18
CA ASN B 330 7.94 -17.55 7.99
C ASN B 330 8.23 -16.94 9.35
N ARG B 331 7.18 -16.49 10.03
CA ARG B 331 7.30 -15.83 11.32
C ARG B 331 6.36 -16.51 12.31
N VAL B 332 6.89 -16.97 13.43
CA VAL B 332 6.13 -17.66 14.46
C VAL B 332 5.82 -16.67 15.57
N THR B 333 4.53 -16.47 15.85
CA THR B 333 4.10 -15.53 16.87
C THR B 333 2.87 -16.07 17.56
N THR B 334 2.81 -15.88 18.88
CA THR B 334 1.66 -16.33 19.67
C THR B 334 0.50 -15.35 19.61
N THR B 335 0.74 -14.08 19.32
CA THR B 335 -0.30 -13.06 19.35
C THR B 335 -1.05 -12.92 18.04
N GLY B 336 -0.61 -13.58 16.97
CA GLY B 336 -1.29 -13.52 15.70
C GLY B 336 -2.31 -14.62 15.53
N GLY B 337 -3.17 -14.80 16.53
CA GLY B 337 -4.13 -15.89 16.51
C GLY B 337 -3.54 -17.24 16.79
N GLY B 338 -2.34 -17.30 17.35
CA GLY B 338 -1.67 -18.55 17.63
C GLY B 338 -0.82 -19.03 16.46
N ASN B 339 0.00 -20.03 16.74
CA ASN B 339 0.86 -20.64 15.73
C ASN B 339 0.15 -21.87 15.19
N ASN B 340 -0.55 -21.69 14.06
CA ASN B 340 -1.30 -22.77 13.42
C ASN B 340 -0.71 -22.96 12.04
N LEU B 341 0.34 -23.79 11.96
CA LEU B 341 0.98 -24.13 10.71
C LEU B 341 0.72 -25.59 10.40
N ARG B 342 0.15 -25.86 9.22
CA ARG B 342 -0.22 -27.21 8.83
C ARG B 342 0.24 -27.47 7.41
N ASN B 343 0.59 -28.73 7.14
CA ASN B 343 0.73 -29.17 5.76
C ASN B 343 -0.66 -29.24 5.14
N ILE B 344 -0.78 -28.76 3.92
CA ILE B 344 -2.08 -28.58 3.26
C ILE B 344 -2.01 -29.19 1.87
N ILE B 345 -3.02 -29.99 1.53
CA ILE B 345 -3.27 -30.38 0.15
C ILE B 345 -4.65 -29.87 -0.22
N ALA B 346 -4.72 -29.08 -1.28
CA ALA B 346 -5.95 -28.44 -1.73
C ALA B 346 -6.36 -29.07 -3.05
N LEU B 347 -7.55 -29.67 -3.08
CA LEU B 347 -8.09 -30.31 -4.27
C LEU B 347 -9.05 -29.35 -4.96
N GLN B 348 -8.91 -29.22 -6.28
CA GLN B 348 -9.81 -28.35 -7.04
C GLN B 348 -11.24 -28.88 -7.02
N ASP B 349 -11.41 -30.20 -7.13
CA ASP B 349 -12.72 -30.81 -7.28
C ASP B 349 -13.29 -31.31 -5.96
N LEU B 350 -12.75 -30.86 -4.84
CA LEU B 350 -13.25 -31.31 -3.54
C LEU B 350 -14.62 -30.73 -3.26
N GLY B 351 -15.55 -31.59 -2.87
CA GLY B 351 -16.86 -31.14 -2.44
C GLY B 351 -17.78 -30.67 -3.56
N GLU B 352 -17.54 -31.10 -4.80
CA GLU B 352 -18.31 -30.63 -5.93
C GLU B 352 -19.20 -31.74 -6.48
N ALA B 353 -20.49 -31.45 -6.58
CA ALA B 353 -21.44 -32.28 -7.29
C ALA B 353 -21.74 -31.66 -8.65
N GLN B 354 -22.56 -32.34 -9.44
CA GLN B 354 -22.92 -31.81 -10.75
C GLN B 354 -23.87 -30.63 -10.61
N VAL B 355 -24.05 -29.90 -11.71
CA VAL B 355 -24.96 -28.77 -11.78
C VAL B 355 -25.91 -29.00 -12.94
N SER B 356 -27.18 -28.63 -12.75
CA SER B 356 -28.21 -28.94 -13.75
C SER B 356 -27.91 -28.29 -15.09
N GLY B 357 -27.55 -27.01 -15.09
CA GLY B 357 -27.34 -26.27 -16.32
C GLY B 357 -25.90 -26.09 -16.74
N VAL B 358 -24.95 -26.70 -16.04
CA VAL B 358 -23.54 -26.54 -16.31
C VAL B 358 -22.96 -27.92 -16.61
N PRO B 359 -22.22 -28.09 -17.71
CA PRO B 359 -21.58 -29.38 -17.97
C PRO B 359 -20.50 -29.68 -16.95
N ASP B 360 -20.16 -30.97 -16.86
CA ASP B 360 -19.23 -31.43 -15.82
C ASP B 360 -17.85 -30.81 -15.99
N ASN B 361 -17.40 -30.62 -17.22
CA ASN B 361 -16.05 -30.11 -17.45
C ASN B 361 -15.89 -28.66 -16.99
N GLU B 362 -17.00 -27.93 -16.79
CA GLU B 362 -16.95 -26.58 -16.26
C GLU B 362 -17.11 -26.55 -14.74
N VAL B 363 -17.31 -27.70 -14.11
CA VAL B 363 -17.44 -27.79 -12.67
C VAL B 363 -16.22 -28.45 -12.03
N VAL B 364 -15.66 -29.47 -12.68
CA VAL B 364 -14.53 -30.21 -12.15
C VAL B 364 -13.47 -30.34 -13.24
N VAL B 365 -12.21 -30.52 -12.79
CA VAL B 365 -11.09 -30.72 -13.69
C VAL B 365 -10.73 -32.19 -13.87
N ILE B 366 -11.39 -33.10 -13.14
CA ILE B 366 -11.04 -34.51 -13.24
C ILE B 366 -11.27 -34.99 -14.67
N SER B 367 -10.29 -35.74 -15.19
CA SER B 367 -10.35 -36.16 -16.59
C SER B 367 -11.53 -37.08 -16.85
N SER B 368 -11.80 -38.01 -15.94
CA SER B 368 -12.92 -38.94 -16.06
C SER B 368 -13.82 -38.79 -14.85
N THR B 369 -15.10 -38.50 -15.09
CA THR B 369 -16.08 -38.38 -14.04
C THR B 369 -16.91 -39.65 -13.87
N ALA B 370 -16.54 -40.73 -14.55
CA ALA B 370 -17.26 -42.00 -14.43
C ALA B 370 -17.01 -42.60 -13.05
N GLY B 371 -18.05 -42.66 -12.24
CA GLY B 371 -17.93 -43.12 -10.87
C GLY B 371 -17.41 -42.09 -9.89
N PHE B 372 -17.16 -40.85 -10.35
CA PHE B 372 -16.64 -39.82 -9.46
C PHE B 372 -17.72 -39.34 -8.50
N PHE B 373 -18.93 -39.09 -9.00
CA PHE B 373 -20.01 -38.54 -8.20
C PHE B 373 -20.82 -39.65 -7.55
N ASN B 374 -21.29 -39.39 -6.33
CA ASN B 374 -22.17 -40.32 -5.62
C ASN B 374 -23.30 -39.59 -4.91
N ASN B 375 -23.74 -38.47 -5.48
CA ASN B 375 -24.82 -37.66 -4.95
C ASN B 375 -25.67 -37.15 -6.10
N PRO B 376 -26.90 -36.74 -5.83
CA PRO B 376 -27.76 -36.24 -6.92
C PRO B 376 -27.18 -35.02 -7.63
N ILE B 377 -27.87 -34.61 -8.69
CA ILE B 377 -27.33 -33.62 -9.63
C ILE B 377 -27.45 -32.19 -9.13
N ASP B 378 -28.11 -31.96 -7.99
CA ASP B 378 -28.21 -30.61 -7.44
C ASP B 378 -27.90 -30.59 -5.94
N SER B 379 -27.09 -31.53 -5.48
CA SER B 379 -26.75 -31.57 -4.06
C SER B 379 -25.91 -30.35 -3.68
N PRO B 380 -26.14 -29.78 -2.50
CA PRO B 380 -25.26 -28.70 -2.03
C PRO B 380 -23.85 -29.23 -1.81
N THR B 381 -22.87 -28.34 -1.95
CA THR B 381 -21.48 -28.75 -1.84
C THR B 381 -21.20 -29.37 -0.49
N SER B 382 -20.56 -30.55 -0.51
CA SER B 382 -20.28 -31.30 0.71
C SER B 382 -19.14 -32.27 0.45
N ASN B 383 -18.48 -32.67 1.52
CA ASN B 383 -17.36 -33.61 1.41
C ASN B 383 -17.77 -34.91 0.73
N THR B 384 -19.01 -35.36 0.96
CA THR B 384 -19.47 -36.64 0.47
C THR B 384 -20.00 -36.59 -0.95
N ASN B 385 -19.85 -35.46 -1.65
CA ASN B 385 -20.45 -35.33 -2.97
C ASN B 385 -19.72 -36.17 -4.02
N ASN B 386 -18.42 -36.42 -3.83
CA ASN B 386 -17.64 -37.16 -4.82
C ASN B 386 -16.65 -38.06 -4.10
N LYS B 387 -15.84 -38.78 -4.89
CA LYS B 387 -14.90 -39.76 -4.37
C LYS B 387 -13.63 -39.13 -3.81
N TYR B 388 -13.55 -37.81 -3.73
CA TYR B 388 -12.43 -37.13 -3.09
C TYR B 388 -12.67 -36.91 -1.60
N ASP B 389 -13.74 -37.47 -1.05
CA ASP B 389 -14.11 -37.31 0.35
C ASP B 389 -12.95 -37.67 1.27
N PRO B 390 -12.45 -36.72 2.06
CA PRO B 390 -11.40 -37.07 3.04
C PRO B 390 -11.83 -38.08 4.07
N ALA B 391 -13.14 -38.18 4.35
CA ALA B 391 -13.61 -39.16 5.34
C ALA B 391 -13.48 -40.58 4.81
N THR B 392 -13.63 -40.78 3.51
CA THR B 392 -13.59 -42.09 2.89
C THR B 392 -12.29 -42.32 2.12
N ILE B 393 -11.17 -41.84 2.67
CA ILE B 393 -9.87 -41.95 2.00
C ILE B 393 -9.49 -43.43 1.93
N GLY B 394 -9.56 -44.00 0.73
CA GLY B 394 -9.13 -45.37 0.51
C GLY B 394 -9.95 -46.42 1.24
N GLN B 395 -11.26 -46.23 1.33
CA GLN B 395 -12.09 -47.20 2.06
C GLN B 395 -12.44 -48.40 1.20
N ALA B 396 -13.23 -48.20 0.15
CA ALA B 396 -13.55 -49.30 -0.75
C ALA B 396 -13.38 -48.95 -2.23
N GLY B 397 -13.74 -47.74 -2.62
CA GLY B 397 -13.68 -47.34 -4.02
C GLY B 397 -13.29 -45.89 -4.20
N SER B 398 -12.59 -45.35 -3.22
CA SER B 398 -12.21 -43.95 -3.24
C SER B 398 -11.17 -43.68 -4.32
N PHE B 399 -11.00 -42.40 -4.64
CA PHE B 399 -9.98 -41.95 -5.58
C PHE B 399 -8.71 -41.50 -4.88
N LEU B 400 -8.62 -41.72 -3.57
CA LEU B 400 -7.48 -41.26 -2.77
C LEU B 400 -6.93 -42.41 -1.94
N ASN B 401 -5.61 -42.40 -1.74
CA ASN B 401 -4.93 -43.34 -0.87
C ASN B 401 -4.51 -42.62 0.41
N SER B 402 -3.89 -43.38 1.32
CA SER B 402 -3.28 -42.76 2.49
C SER B 402 -2.10 -41.88 2.12
N ASN B 403 -1.47 -42.14 0.96
CA ASN B 403 -0.35 -41.32 0.51
C ASN B 403 -0.77 -39.88 0.23
N ILE B 404 -2.07 -39.62 0.10
CA ILE B 404 -2.55 -38.26 -0.04
C ILE B 404 -2.26 -37.42 1.20
N ARG B 405 -2.02 -38.08 2.33
CA ARG B 405 -1.74 -37.36 3.56
C ARG B 405 -0.29 -36.92 3.69
N GLU B 406 0.60 -37.43 2.83
CA GLU B 406 2.01 -37.10 2.86
C GLU B 406 2.35 -36.13 1.73
N ILE B 407 3.23 -35.17 2.02
CA ILE B 407 3.71 -34.27 0.99
C ILE B 407 4.61 -35.02 0.00
N VAL B 408 5.45 -35.92 0.51
CA VAL B 408 6.40 -36.63 -0.34
C VAL B 408 5.67 -37.52 -1.33
N THR B 409 4.63 -38.22 -0.89
CA THR B 409 3.90 -39.16 -1.72
C THR B 409 2.52 -38.63 -2.11
N ALA B 410 2.36 -37.31 -2.17
CA ALA B 410 1.05 -36.73 -2.49
C ALA B 410 0.60 -37.12 -3.88
N LYS B 411 1.52 -37.15 -4.84
CA LYS B 411 1.15 -37.50 -6.21
C LYS B 411 0.65 -38.94 -6.30
N SER B 412 1.29 -39.86 -5.59
CA SER B 412 0.86 -41.25 -5.58
C SER B 412 -0.37 -41.49 -4.74
N GLY B 413 -0.93 -40.45 -4.12
CA GLY B 413 -2.13 -40.56 -3.32
C GLY B 413 -3.43 -40.58 -4.08
N PHE B 414 -3.37 -40.54 -5.40
CA PHE B 414 -4.56 -40.59 -6.25
C PHE B 414 -4.65 -41.95 -6.92
N ASN B 415 -5.84 -42.56 -6.87
CA ASN B 415 -6.10 -43.76 -7.65
C ASN B 415 -6.39 -43.45 -9.11
N ASN B 416 -6.56 -42.17 -9.46
CA ASN B 416 -6.79 -41.77 -10.84
C ASN B 416 -5.49 -41.85 -11.64
N THR B 417 -5.56 -41.47 -12.91
CA THR B 417 -4.42 -41.57 -13.82
C THR B 417 -3.87 -40.20 -14.22
N ASN B 418 -4.73 -39.30 -14.70
CA ASN B 418 -4.30 -38.00 -15.20
C ASN B 418 -4.51 -36.97 -14.10
N VAL B 419 -3.53 -36.87 -13.20
CA VAL B 419 -3.57 -35.93 -12.10
C VAL B 419 -2.30 -35.09 -12.14
N SER B 420 -2.46 -33.78 -12.00
CA SER B 420 -1.35 -32.83 -12.08
C SER B 420 -1.23 -32.06 -10.78
N GLU B 421 -0.02 -31.59 -10.50
CA GLU B 421 0.29 -30.90 -9.25
C GLU B 421 -0.09 -29.44 -9.26
N ALA B 422 -0.64 -28.92 -10.36
CA ALA B 422 -1.18 -27.56 -10.37
C ALA B 422 -2.63 -27.48 -10.81
N THR B 423 -3.17 -28.51 -11.46
CA THR B 423 -4.54 -28.52 -11.91
C THR B 423 -5.46 -29.24 -10.91
N ASP B 424 -5.20 -30.52 -10.66
CA ASP B 424 -6.06 -31.30 -9.79
C ASP B 424 -5.84 -30.99 -8.31
N TYR B 425 -4.60 -30.70 -7.91
CA TYR B 425 -4.30 -30.48 -6.51
C TYR B 425 -3.12 -29.52 -6.40
N SER B 426 -2.95 -28.96 -5.20
CA SER B 426 -1.78 -28.17 -4.86
C SER B 426 -1.36 -28.51 -3.45
N VAL B 427 -0.07 -28.33 -3.15
CA VAL B 427 0.46 -28.68 -1.84
C VAL B 427 1.22 -27.49 -1.25
N LEU B 428 1.10 -27.34 0.07
CA LEU B 428 1.86 -26.37 0.85
C LEU B 428 2.37 -27.10 2.09
N GLU B 429 3.60 -26.76 2.51
CA GLU B 429 4.18 -27.50 3.62
C GLU B 429 3.98 -26.81 4.96
N ASN B 430 3.95 -25.48 5.01
CA ASN B 430 3.78 -24.73 6.25
C ASN B 430 2.76 -23.61 6.05
N ALA B 431 1.65 -23.94 5.39
CA ALA B 431 0.63 -22.93 5.12
C ALA B 431 0.11 -22.33 6.42
N ARG B 432 -0.11 -21.02 6.40
CA ARG B 432 -0.58 -20.29 7.57
C ARG B 432 -2.08 -20.01 7.45
N LYS B 433 -2.78 -20.18 8.57
CA LYS B 433 -4.21 -19.93 8.59
C LYS B 433 -4.45 -18.44 8.77
N LEU B 434 -5.30 -17.87 7.91
CA LEU B 434 -5.59 -16.46 7.98
C LEU B 434 -6.41 -16.15 9.23
N THR B 435 -6.04 -15.06 9.90
CA THR B 435 -6.79 -14.59 11.05
C THR B 435 -8.11 -13.99 10.59
N THR B 436 -9.12 -14.05 11.47
CA THR B 436 -10.45 -13.55 11.12
C THR B 436 -10.43 -12.07 10.76
N ASN B 437 -9.41 -11.33 11.21
CA ASN B 437 -9.27 -9.93 10.81
C ASN B 437 -8.75 -9.76 9.39
N GLU B 438 -8.23 -10.82 8.78
CA GLU B 438 -7.64 -10.73 7.44
C GLU B 438 -8.62 -11.04 6.33
N TYR B 439 -9.87 -11.38 6.66
CA TYR B 439 -10.86 -11.68 5.64
C TYR B 439 -12.25 -11.53 6.22
N THR B 440 -13.22 -11.38 5.32
CA THR B 440 -14.63 -11.43 5.65
C THR B 440 -15.31 -12.39 4.68
N PHE B 441 -16.55 -12.74 4.97
CA PHE B 441 -17.28 -13.63 4.07
C PHE B 441 -18.78 -13.34 4.17
N ASN B 442 -19.48 -13.69 3.10
CA ASN B 442 -20.93 -13.58 3.07
C ASN B 442 -21.52 -14.90 3.54
N PRO B 443 -22.13 -14.96 4.72
CA PRO B 443 -22.66 -16.25 5.22
C PRO B 443 -23.78 -16.81 4.37
N GLN B 444 -24.47 -15.99 3.59
CA GLN B 444 -25.59 -16.45 2.77
C GLN B 444 -25.20 -16.76 1.33
N LEU B 445 -24.33 -15.94 0.73
CA LEU B 445 -23.97 -16.10 -0.67
C LEU B 445 -22.69 -16.90 -0.87
N GLY B 446 -22.02 -17.30 0.21
CA GLY B 446 -20.91 -18.22 0.13
C GLY B 446 -19.68 -17.74 -0.63
N TYR B 447 -19.22 -16.52 -0.36
CA TYR B 447 -17.97 -16.04 -0.94
C TYR B 447 -17.19 -15.29 0.12
N ILE B 448 -15.89 -15.15 -0.13
CA ILE B 448 -14.96 -14.52 0.82
C ILE B 448 -14.26 -13.35 0.15
N SER B 449 -13.88 -12.38 0.97
CA SER B 449 -13.13 -11.21 0.54
C SER B 449 -11.92 -11.06 1.45
N LEU B 450 -10.74 -11.02 0.87
CA LEU B 450 -9.50 -10.92 1.63
C LEU B 450 -9.09 -9.46 1.82
N GLN B 451 -8.38 -9.18 2.90
CA GLN B 451 -7.77 -7.86 3.07
C GLN B 451 -6.63 -7.67 2.07
N GLN B 452 -5.78 -8.68 1.91
CA GLN B 452 -4.67 -8.64 0.97
C GLN B 452 -5.03 -9.48 -0.25
N ARG B 453 -4.92 -8.88 -1.43
CA ARG B 453 -5.25 -9.59 -2.66
C ARG B 453 -4.08 -10.45 -3.11
N LEU B 454 -4.40 -11.55 -3.79
CA LEU B 454 -3.39 -12.51 -4.24
C LEU B 454 -3.12 -12.29 -5.73
N ALA B 455 -2.29 -11.30 -6.02
CA ALA B 455 -1.89 -11.00 -7.38
C ALA B 455 -0.64 -11.76 -7.82
N ASN B 456 -0.23 -12.77 -7.05
CA ASN B 456 0.99 -13.52 -7.30
C ASN B 456 0.62 -15.01 -7.30
N ASP B 457 1.64 -15.86 -7.22
CA ASP B 457 1.48 -17.30 -7.27
C ASP B 457 0.97 -17.90 -5.96
N GLU B 458 0.36 -17.10 -5.09
CA GLU B 458 -0.14 -17.60 -3.81
C GLU B 458 -1.20 -18.68 -4.03
N ILE B 459 -1.26 -19.62 -3.09
CA ILE B 459 -2.25 -20.68 -3.10
C ILE B 459 -3.28 -20.38 -2.03
N LEU B 460 -4.56 -20.44 -2.41
CA LEU B 460 -5.66 -20.19 -1.50
C LEU B 460 -6.43 -21.49 -1.28
N ALA B 461 -6.56 -21.91 -0.03
CA ALA B 461 -7.29 -23.11 0.33
C ALA B 461 -8.27 -22.78 1.44
N VAL B 462 -9.40 -23.48 1.46
CA VAL B 462 -10.43 -23.21 2.45
C VAL B 462 -11.00 -24.53 2.98
N ALA B 463 -11.56 -24.43 4.19
CA ALA B 463 -12.43 -25.45 4.75
C ALA B 463 -13.61 -24.73 5.39
N PHE B 464 -14.83 -25.12 5.04
CA PHE B 464 -15.99 -24.43 5.58
C PHE B 464 -17.11 -25.41 5.84
N GLU B 465 -17.90 -25.10 6.86
CA GLU B 465 -19.12 -25.82 7.16
C GLU B 465 -20.27 -24.83 7.27
N TYR B 466 -21.41 -25.22 6.72
CA TYR B 466 -22.58 -24.37 6.65
C TYR B 466 -23.83 -25.20 6.96
N THR B 467 -24.90 -24.49 7.31
CA THR B 467 -26.16 -25.12 7.67
C THR B 467 -27.26 -24.67 6.72
N VAL B 468 -27.96 -25.65 6.14
CA VAL B 468 -29.17 -25.42 5.38
C VAL B 468 -30.31 -26.01 6.19
N GLY B 469 -31.06 -25.15 6.88
CA GLY B 469 -32.08 -25.64 7.78
C GLY B 469 -31.45 -26.48 8.88
N GLY B 470 -31.94 -27.70 9.04
CA GLY B 470 -31.39 -28.64 9.99
C GLY B 470 -30.25 -29.48 9.47
N LYS B 471 -29.83 -29.28 8.22
CA LYS B 471 -28.76 -30.06 7.63
C LYS B 471 -27.44 -29.29 7.71
N VAL B 472 -26.36 -30.03 7.97
CA VAL B 472 -25.02 -29.45 8.08
C VAL B 472 -24.14 -30.07 7.01
N TYR B 473 -23.44 -29.24 6.25
CA TYR B 473 -22.54 -29.69 5.20
C TYR B 473 -21.14 -29.13 5.44
N GLN B 474 -20.13 -29.95 5.22
CA GLN B 474 -18.74 -29.56 5.35
C GLN B 474 -18.00 -29.93 4.08
N VAL B 475 -17.09 -29.05 3.64
CA VAL B 475 -16.41 -29.22 2.37
C VAL B 475 -14.92 -29.47 2.53
N GLY B 476 -14.25 -28.80 3.45
CA GLY B 476 -12.82 -28.99 3.65
C GLY B 476 -12.52 -29.95 4.77
N GLU B 477 -11.50 -29.61 5.56
CA GLU B 477 -11.11 -30.43 6.71
C GLU B 477 -10.54 -29.47 7.75
N PHE B 478 -11.28 -29.25 8.84
CA PHE B 478 -10.87 -28.30 9.84
C PHE B 478 -9.73 -28.86 10.69
N GLY B 479 -9.05 -27.96 11.41
CA GLY B 479 -8.03 -28.38 12.33
C GLY B 479 -8.55 -29.13 13.54
N SER B 480 -9.86 -29.05 13.80
CA SER B 480 -10.47 -29.72 14.93
C SER B 480 -10.92 -31.14 14.60
N ASP B 481 -11.24 -31.41 13.34
CA ASP B 481 -11.69 -32.73 12.92
C ASP B 481 -10.74 -33.40 11.92
N GLY B 482 -9.70 -32.69 11.49
CA GLY B 482 -8.75 -33.27 10.55
C GLY B 482 -7.74 -34.18 11.23
N VAL B 483 -6.93 -34.83 10.39
CA VAL B 483 -5.90 -35.71 10.91
C VAL B 483 -4.89 -34.90 11.73
N ASP B 484 -4.20 -35.60 12.62
CA ASP B 484 -3.17 -34.98 13.44
C ASP B 484 -2.00 -34.52 12.58
N ALA B 485 -1.37 -33.43 13.01
CA ALA B 485 -0.24 -32.89 12.24
C ALA B 485 0.92 -33.87 12.20
N THR B 486 1.23 -34.49 13.33
CA THR B 486 2.36 -35.42 13.40
C THR B 486 1.98 -36.66 14.19
N VAL B 487 2.51 -37.80 13.74
CA VAL B 487 2.40 -39.07 14.44
C VAL B 487 3.81 -39.64 14.55
N VAL B 488 4.23 -39.98 15.76
CA VAL B 488 5.59 -40.43 16.03
C VAL B 488 5.53 -41.88 16.51
N THR B 489 6.32 -42.74 15.87
CA THR B 489 6.42 -44.14 16.25
C THR B 489 7.83 -44.43 16.74
N GLY B 490 7.93 -44.95 17.96
CA GLY B 490 9.22 -45.26 18.55
C GLY B 490 9.47 -44.47 19.82
N ASN B 491 10.57 -44.83 20.47
CA ASN B 491 10.94 -44.25 21.76
C ASN B 491 12.15 -43.33 21.70
N ASN B 492 13.11 -43.58 20.81
CA ASN B 492 14.32 -42.78 20.72
C ASN B 492 14.60 -42.45 19.26
N SER B 493 15.34 -41.36 19.05
CA SER B 493 15.50 -40.77 17.72
C SER B 493 16.20 -41.70 16.73
N SER B 494 16.89 -42.74 17.21
CA SER B 494 17.57 -43.63 16.29
C SER B 494 16.58 -44.49 15.50
N ASN B 495 15.44 -44.80 16.10
CA ASN B 495 14.45 -45.68 15.46
C ASN B 495 13.07 -45.02 15.34
N GLN B 496 12.94 -43.75 15.67
CA GLN B 496 11.65 -43.07 15.53
C GLN B 496 11.30 -42.83 14.07
N ALA B 497 10.01 -42.89 13.77
CA ALA B 497 9.46 -42.55 12.47
C ALA B 497 8.47 -41.43 12.65
N ILE B 498 8.64 -40.35 11.88
CA ILE B 498 7.78 -39.17 11.94
C ILE B 498 6.86 -39.20 10.72
N ILE B 499 5.56 -39.05 10.98
CA ILE B 499 4.54 -39.03 9.93
C ILE B 499 3.86 -37.68 10.01
N THR B 500 4.17 -36.80 9.06
CA THR B 500 3.55 -35.48 8.98
C THR B 500 2.39 -35.57 7.99
N GLN B 501 1.19 -35.26 8.47
CA GLN B 501 -0.02 -35.46 7.68
C GLN B 501 -0.63 -34.12 7.28
N SER B 502 -1.20 -34.09 6.09
CA SER B 502 -1.73 -32.87 5.49
C SER B 502 -3.24 -32.85 5.59
N LEU B 503 -3.79 -31.65 5.79
CA LEU B 503 -5.23 -31.46 5.73
C LEU B 503 -5.70 -31.38 4.29
N VAL B 504 -6.85 -31.96 4.01
CA VAL B 504 -7.45 -31.93 2.68
C VAL B 504 -8.43 -30.75 2.63
N LEU B 505 -8.08 -29.72 1.88
CA LEU B 505 -8.87 -28.51 1.76
C LEU B 505 -9.36 -28.34 0.33
N LYS B 506 -10.17 -27.31 0.11
CA LYS B 506 -10.64 -26.99 -1.23
C LYS B 506 -9.84 -25.82 -1.80
N MET B 507 -9.40 -25.95 -3.03
CA MET B 507 -8.57 -24.96 -3.69
C MET B 507 -9.45 -23.87 -4.30
N LEU B 508 -9.20 -22.62 -3.91
CA LEU B 508 -9.85 -21.46 -4.52
C LEU B 508 -8.94 -20.75 -5.52
N LYS B 509 -7.64 -20.69 -5.26
CA LYS B 509 -6.67 -20.14 -6.19
C LYS B 509 -5.49 -21.10 -6.27
N SER B 510 -5.03 -21.36 -7.50
CA SER B 510 -3.98 -22.33 -7.72
C SER B 510 -2.60 -21.68 -7.73
N ASN B 511 -1.58 -22.51 -7.61
CA ASN B 511 -0.20 -22.03 -7.69
C ASN B 511 0.09 -21.48 -9.08
N LEU B 512 -0.36 -22.17 -10.12
CA LEU B 512 -0.20 -21.73 -11.50
C LEU B 512 -1.56 -21.32 -12.04
N THR B 513 -1.63 -20.13 -12.63
CA THR B 513 -2.88 -19.62 -13.15
C THR B 513 -3.26 -20.35 -14.44
N ASN B 514 -4.52 -20.79 -14.51
CA ASN B 514 -5.04 -21.44 -15.71
C ASN B 514 -6.50 -21.03 -15.85
N VAL B 515 -6.76 -20.08 -16.75
CA VAL B 515 -8.10 -19.53 -16.91
C VAL B 515 -9.09 -20.52 -17.50
N LYS B 516 -8.62 -21.66 -18.00
CA LYS B 516 -9.50 -22.68 -18.55
C LYS B 516 -10.00 -23.67 -17.51
N ASN B 517 -9.50 -23.61 -16.27
CA ASN B 517 -9.99 -24.49 -15.22
C ASN B 517 -11.12 -23.82 -14.44
N PRO B 518 -12.04 -24.61 -13.90
CA PRO B 518 -13.14 -24.04 -13.10
C PRO B 518 -12.68 -23.30 -11.86
N VAL B 519 -11.47 -23.57 -11.34
CA VAL B 519 -10.99 -22.84 -10.18
C VAL B 519 -10.80 -21.36 -10.51
N TRP B 520 -10.51 -21.06 -11.78
CA TRP B 520 -10.43 -19.66 -12.20
C TRP B 520 -11.77 -18.97 -12.08
N ASN B 521 -12.87 -19.71 -12.32
CA ASN B 521 -14.20 -19.14 -12.21
C ASN B 521 -14.60 -18.84 -10.77
N LEU B 522 -13.87 -19.39 -9.78
CA LEU B 522 -14.20 -19.11 -8.39
C LEU B 522 -13.84 -17.68 -8.00
N MET B 523 -12.90 -17.07 -8.71
CA MET B 523 -12.54 -15.68 -8.45
C MET B 523 -13.64 -14.77 -8.97
N MET B 524 -14.16 -13.92 -8.10
CA MET B 524 -15.27 -13.05 -8.46
C MET B 524 -14.78 -11.85 -9.26
N LYS B 525 -15.54 -11.50 -10.30
CA LYS B 525 -15.22 -10.36 -11.16
C LYS B 525 -16.37 -9.36 -11.22
N ASN B 526 -17.30 -9.42 -10.27
CA ASN B 526 -18.43 -8.51 -10.21
C ASN B 526 -18.34 -7.57 -9.02
N VAL B 527 -17.20 -7.52 -8.33
CA VAL B 527 -17.00 -6.66 -7.17
C VAL B 527 -16.07 -5.53 -7.58
N TYR B 528 -16.50 -4.29 -7.33
CA TYR B 528 -15.75 -3.10 -7.69
C TYR B 528 -15.47 -2.28 -6.44
N GLN B 529 -14.19 -1.95 -6.22
CA GLN B 529 -13.79 -1.18 -5.06
C GLN B 529 -13.90 0.30 -5.38
N ILE B 530 -14.76 1.00 -4.64
CA ILE B 530 -14.88 2.45 -4.78
C ILE B 530 -13.62 3.07 -4.18
N PRO B 531 -12.88 3.87 -4.95
CA PRO B 531 -11.58 4.38 -4.47
C PRO B 531 -11.74 5.31 -3.29
N GLN B 532 -10.89 5.10 -2.28
CA GLN B 532 -10.82 5.95 -1.08
C GLN B 532 -12.13 5.95 -0.30
N ALA B 533 -12.95 4.91 -0.48
CA ALA B 533 -14.23 4.80 0.20
C ALA B 533 -14.09 3.82 1.36
N TYR B 534 -14.53 4.25 2.54
CA TYR B 534 -14.46 3.43 3.75
C TYR B 534 -15.81 3.15 4.38
N GLN B 535 -16.68 4.15 4.48
CA GLN B 535 -17.94 4.03 5.20
C GLN B 535 -19.08 4.60 4.37
N ILE B 536 -19.17 4.18 3.10
CA ILE B 536 -20.25 4.63 2.24
C ILE B 536 -21.60 4.27 2.86
N LYS B 537 -22.52 5.22 2.82
CA LYS B 537 -23.85 5.02 3.41
C LYS B 537 -24.90 5.53 2.42
N GLN B 538 -26.13 5.07 2.62
CA GLN B 538 -27.24 5.54 1.80
C GLN B 538 -27.46 7.04 2.03
N ASP B 539 -27.99 7.69 0.99
CA ASP B 539 -28.17 9.14 0.92
C ASP B 539 -26.83 9.84 0.73
N ASP B 540 -25.74 9.08 0.79
CA ASP B 540 -24.39 9.59 0.60
C ASP B 540 -23.64 8.75 -0.41
N PHE B 541 -24.35 8.14 -1.36
CA PHE B 541 -23.72 7.30 -2.37
C PHE B 541 -24.61 7.24 -3.59
N ARG B 542 -24.12 7.72 -4.72
CA ARG B 542 -24.81 7.65 -6.00
C ARG B 542 -23.95 6.87 -6.98
N LEU B 543 -24.58 5.97 -7.73
CA LEU B 543 -23.90 5.14 -8.71
C LEU B 543 -24.77 5.02 -9.96
N ASN B 544 -24.17 5.20 -11.13
CA ASN B 544 -24.86 5.05 -12.39
C ASN B 544 -23.97 4.28 -13.35
N ILE B 545 -24.59 3.59 -14.31
CA ILE B 545 -23.89 2.86 -15.35
C ILE B 545 -24.16 3.59 -16.67
N LEU B 546 -23.10 3.96 -17.37
CA LEU B 546 -23.21 4.68 -18.63
C LEU B 546 -22.41 3.94 -19.70
N TYR B 547 -22.74 4.23 -20.95
CA TYR B 547 -22.02 3.66 -22.09
C TYR B 547 -21.33 4.80 -22.83
N THR B 548 -20.00 4.82 -22.77
CA THR B 548 -19.20 5.89 -23.36
C THR B 548 -18.70 5.42 -24.72
N ASP B 549 -19.34 5.92 -25.78
CA ASP B 549 -18.95 5.57 -27.16
C ASP B 549 -19.33 6.71 -28.09
N PRO B 550 -18.60 7.83 -28.03
CA PRO B 550 -17.51 8.13 -27.08
C PRO B 550 -17.98 8.94 -25.87
N SER B 551 -19.24 9.40 -25.91
CA SER B 551 -19.82 10.24 -24.88
C SER B 551 -20.60 9.42 -23.87
N PRO B 552 -20.71 9.89 -22.63
CA PRO B 552 -21.45 9.12 -21.61
C PRO B 552 -22.94 9.10 -21.87
N ILE B 553 -23.45 7.95 -22.32
CA ILE B 553 -24.87 7.76 -22.58
C ILE B 553 -25.33 6.59 -21.71
N ASN B 554 -26.41 6.80 -20.96
CA ASN B 554 -26.88 5.83 -19.98
C ASN B 554 -28.02 4.95 -20.52
N TYR B 555 -28.00 4.67 -21.82
CA TYR B 555 -28.85 3.63 -22.40
C TYR B 555 -28.10 3.06 -23.59
N ILE B 556 -28.62 1.95 -24.12
CA ILE B 556 -27.94 1.17 -25.14
C ILE B 556 -28.81 1.14 -26.39
N THR B 557 -28.19 1.48 -27.53
CA THR B 557 -28.84 1.44 -28.84
C THR B 557 -28.43 0.19 -29.61
N PRO B 558 -29.34 -0.41 -30.37
CA PRO B 558 -28.97 -1.58 -31.17
C PRO B 558 -28.05 -1.19 -32.32
N VAL B 559 -27.25 -2.16 -32.76
CA VAL B 559 -26.36 -1.95 -33.89
C VAL B 559 -27.19 -1.71 -35.15
N GLN B 560 -26.70 -0.82 -36.01
CA GLN B 560 -27.43 -0.46 -37.22
C GLN B 560 -27.69 -1.70 -38.07
N GLY B 561 -28.91 -1.81 -38.58
CA GLY B 561 -29.34 -2.98 -39.32
C GLY B 561 -29.87 -4.11 -38.47
N SER B 562 -30.06 -3.89 -37.17
CA SER B 562 -30.57 -4.91 -36.28
C SER B 562 -31.38 -4.24 -35.18
N SER B 563 -31.97 -5.06 -34.32
CA SER B 563 -32.79 -4.55 -33.23
C SER B 563 -32.71 -5.52 -32.05
N PHE B 564 -33.08 -5.01 -30.88
CA PHE B 564 -33.10 -5.80 -29.68
C PHE B 564 -34.21 -6.85 -29.76
N PRO B 565 -34.10 -7.95 -29.01
CA PRO B 565 -35.08 -9.03 -29.11
C PRO B 565 -36.50 -8.52 -28.85
N PRO B 566 -37.47 -8.96 -29.66
CA PRO B 566 -38.82 -8.44 -29.53
C PRO B 566 -39.58 -9.05 -28.36
N ASN B 567 -40.51 -8.26 -27.83
CA ASN B 567 -41.35 -8.67 -26.71
C ASN B 567 -40.57 -9.26 -25.54
N PRO B 568 -39.69 -8.48 -24.91
CA PRO B 568 -38.92 -8.99 -23.78
C PRO B 568 -39.72 -8.96 -22.49
N ALA B 569 -39.22 -9.71 -21.51
CA ALA B 569 -39.81 -9.68 -20.18
C ALA B 569 -39.56 -8.32 -19.53
N PRO B 570 -40.41 -7.91 -18.59
CA PRO B 570 -40.21 -6.61 -17.95
C PRO B 570 -38.87 -6.46 -17.27
N ASP B 571 -38.30 -7.55 -16.75
CA ASP B 571 -36.98 -7.53 -16.14
C ASP B 571 -35.85 -7.69 -17.15
N SER B 572 -36.17 -7.81 -18.43
CA SER B 572 -35.16 -8.01 -19.47
C SER B 572 -35.24 -6.92 -20.55
N LYS B 573 -35.80 -5.76 -20.22
CA LYS B 573 -35.87 -4.67 -21.19
C LYS B 573 -34.49 -4.13 -21.48
N VAL B 574 -34.19 -3.91 -22.77
CA VAL B 574 -32.94 -3.31 -23.20
C VAL B 574 -33.16 -2.01 -23.96
N GLU B 575 -34.17 -1.96 -24.82
CA GLU B 575 -34.42 -0.79 -25.65
C GLU B 575 -34.93 0.36 -24.79
N GLN B 576 -34.24 1.51 -24.88
CA GLN B 576 -34.63 2.73 -24.18
C GLN B 576 -34.74 2.50 -22.67
N THR B 577 -33.85 1.66 -22.15
CA THR B 577 -33.85 1.30 -20.74
C THR B 577 -32.58 1.82 -20.08
N PRO B 578 -32.66 2.46 -18.92
CA PRO B 578 -31.45 2.88 -18.22
C PRO B 578 -30.59 1.69 -17.86
N LEU B 579 -29.28 1.90 -17.84
CA LEU B 579 -28.34 0.79 -17.65
C LEU B 579 -28.33 0.26 -16.23
N LEU B 580 -28.85 1.02 -15.26
CA LEU B 580 -29.02 0.46 -13.92
C LEU B 580 -30.05 -0.66 -13.93
N ASN B 581 -31.11 -0.51 -14.72
CA ASN B 581 -32.09 -1.57 -14.87
C ASN B 581 -31.60 -2.70 -15.76
N VAL B 582 -30.78 -2.39 -16.76
CA VAL B 582 -30.26 -3.40 -17.67
C VAL B 582 -29.36 -4.38 -16.92
N PHE B 583 -28.51 -3.88 -16.02
CA PHE B 583 -27.59 -4.70 -15.27
C PHE B 583 -28.13 -5.07 -13.90
N ASN B 584 -29.45 -5.03 -13.71
CA ASN B 584 -30.12 -5.53 -12.51
C ASN B 584 -29.60 -4.86 -11.25
N LEU B 585 -29.42 -3.54 -11.31
CA LEU B 585 -29.01 -2.76 -10.14
C LEU B 585 -30.06 -1.74 -9.73
N ASP B 586 -31.27 -1.79 -10.32
CA ASP B 586 -32.33 -0.86 -9.96
C ASP B 586 -33.66 -1.58 -10.14
N ARG B 587 -34.16 -2.15 -9.05
CA ARG B 587 -35.51 -2.70 -9.02
C ARG B 587 -36.28 -2.29 -7.77
N LEU B 588 -35.67 -1.55 -6.86
CA LEU B 588 -36.29 -1.14 -5.61
C LEU B 588 -36.33 0.37 -5.52
N ASN B 589 -37.18 0.87 -4.63
CA ASN B 589 -37.29 2.29 -4.36
C ASN B 589 -36.36 2.66 -3.20
N TYR B 590 -36.55 3.85 -2.64
CA TYR B 590 -35.71 4.30 -1.53
C TYR B 590 -35.73 3.32 -0.36
N ASN B 591 -36.91 2.80 -0.02
CA ASN B 591 -37.05 1.92 1.13
C ASN B 591 -36.87 0.45 0.78
N ASN B 592 -36.15 0.16 -0.30
CA ASN B 592 -35.87 -1.20 -0.77
C ASN B 592 -37.12 -1.99 -1.09
N ASP B 593 -38.25 -1.31 -1.29
CA ASP B 593 -39.44 -2.00 -1.74
C ASP B 593 -39.45 -2.10 -3.27
N PRO B 594 -39.87 -3.23 -3.82
CA PRO B 594 -39.86 -3.39 -5.28
C PRO B 594 -40.73 -2.35 -5.97
N GLN B 595 -40.26 -1.88 -7.12
CA GLN B 595 -40.98 -0.92 -7.95
C GLN B 595 -40.96 -1.42 -9.38
N ALA B 596 -41.92 -0.95 -10.17
CA ALA B 596 -42.12 -1.47 -11.53
C ALA B 596 -40.84 -1.33 -12.35
N GLY B 597 -40.44 -0.10 -12.63
CA GLY B 597 -39.21 0.17 -13.34
C GLY B 597 -38.07 0.67 -12.49
N GLY B 598 -38.18 0.58 -11.17
CA GLY B 598 -37.19 1.14 -10.27
C GLY B 598 -37.38 2.62 -10.09
N ASP B 599 -36.67 3.17 -9.12
CA ASP B 599 -36.72 4.60 -8.83
C ASP B 599 -35.63 5.39 -9.53
N GLY B 600 -34.81 4.73 -10.35
CA GLY B 600 -33.74 5.41 -11.04
C GLY B 600 -32.44 5.52 -10.27
N PHE B 601 -32.37 4.93 -9.07
CA PHE B 601 -31.17 5.00 -8.24
C PHE B 601 -30.64 3.59 -7.97
N PHE B 602 -29.33 3.52 -7.78
CA PHE B 602 -28.69 2.24 -7.45
C PHE B 602 -29.27 1.66 -6.17
N ASP B 603 -29.51 0.35 -6.20
CA ASP B 603 -30.09 -0.35 -5.05
C ASP B 603 -29.01 -0.54 -3.98
N TYR B 604 -29.24 0.01 -2.81
CA TYR B 604 -28.26 0.00 -1.71
C TYR B 604 -28.71 -1.04 -0.69
N ILE B 605 -28.22 -2.27 -0.83
CA ILE B 605 -28.45 -3.34 0.12
C ILE B 605 -27.11 -3.70 0.75
N PRO B 606 -26.93 -3.45 2.05
CA PRO B 606 -25.61 -3.67 2.67
C PRO B 606 -25.15 -5.13 2.67
N GLY B 607 -26.00 -6.08 2.31
CA GLY B 607 -25.59 -7.47 2.30
C GLY B 607 -25.53 -8.09 0.93
N VAL B 608 -26.06 -7.41 -0.08
CA VAL B 608 -26.16 -7.95 -1.44
C VAL B 608 -25.33 -7.13 -2.43
N THR B 609 -25.62 -5.83 -2.54
CA THR B 609 -25.01 -4.99 -3.57
C THR B 609 -23.94 -4.06 -3.03
N VAL B 610 -23.77 -3.95 -1.72
CA VAL B 610 -22.86 -2.98 -1.11
C VAL B 610 -22.09 -3.66 0.01
N ASP B 611 -20.79 -3.36 0.09
CA ASP B 611 -19.98 -3.68 1.26
C ASP B 611 -19.70 -2.37 1.97
N VAL B 612 -20.42 -2.13 3.07
CA VAL B 612 -20.39 -0.82 3.72
C VAL B 612 -19.01 -0.56 4.33
N GLN B 613 -18.47 -1.55 5.04
CA GLN B 613 -17.24 -1.33 5.80
C GLN B 613 -16.04 -1.10 4.88
N ASN B 614 -16.10 -1.59 3.65
CA ASN B 614 -14.97 -1.48 2.74
C ASN B 614 -15.29 -0.70 1.47
N GLY B 615 -16.51 -0.15 1.34
CA GLY B 615 -16.84 0.67 0.19
C GLY B 615 -16.77 -0.06 -1.13
N ARG B 616 -17.37 -1.24 -1.20
CA ARG B 616 -17.36 -2.07 -2.41
C ARG B 616 -18.78 -2.24 -2.94
N VAL B 617 -18.91 -2.24 -4.26
CA VAL B 617 -20.18 -2.45 -4.94
C VAL B 617 -20.14 -3.81 -5.62
N ILE B 618 -21.13 -4.66 -5.32
CA ILE B 618 -21.21 -6.00 -5.86
C ILE B 618 -22.45 -6.10 -6.72
N PHE B 619 -22.27 -6.54 -7.96
CA PHE B 619 -23.42 -6.72 -8.85
C PHE B 619 -24.22 -7.95 -8.43
N THR B 620 -25.52 -7.90 -8.73
CA THR B 620 -26.40 -9.02 -8.38
C THR B 620 -26.18 -10.24 -9.25
N THR B 621 -25.39 -10.12 -10.31
CA THR B 621 -25.01 -11.25 -11.15
C THR B 621 -23.50 -11.38 -11.13
N LYS B 622 -23.02 -12.61 -11.34
CA LYS B 622 -21.57 -12.84 -11.27
C LYS B 622 -20.86 -12.32 -12.51
N GLU B 623 -21.55 -12.25 -13.64
CA GLU B 623 -20.99 -11.71 -14.88
C GLU B 623 -21.97 -10.72 -15.49
N PRO B 624 -22.11 -9.53 -14.88
CA PRO B 624 -23.09 -8.55 -15.39
C PRO B 624 -22.82 -8.11 -16.81
N PHE B 625 -21.56 -7.88 -17.17
CA PHE B 625 -21.21 -7.46 -18.52
C PHE B 625 -20.90 -8.64 -19.43
N GLY B 626 -21.12 -9.86 -18.95
CA GLY B 626 -20.91 -11.05 -19.74
C GLY B 626 -22.20 -11.76 -20.08
N GLU B 627 -22.52 -12.80 -19.31
CA GLU B 627 -23.69 -13.63 -19.63
C GLU B 627 -25.00 -12.89 -19.39
N LEU B 628 -25.03 -11.93 -18.47
CA LEU B 628 -26.28 -11.20 -18.22
C LEU B 628 -26.70 -10.38 -19.42
N ILE B 629 -25.79 -9.55 -19.95
CA ILE B 629 -26.11 -8.75 -21.13
C ILE B 629 -26.29 -9.66 -22.34
N PHE B 630 -25.61 -10.80 -22.38
CA PHE B 630 -25.82 -11.76 -23.46
C PHE B 630 -27.24 -12.29 -23.44
N ASN B 631 -27.76 -12.61 -22.25
CA ASN B 631 -29.14 -13.09 -22.14
C ASN B 631 -30.14 -11.99 -22.42
N LYS B 632 -29.81 -10.74 -22.07
CA LYS B 632 -30.69 -9.63 -22.41
C LYS B 632 -30.80 -9.46 -23.93
N LEU B 633 -29.71 -9.70 -24.65
CA LEU B 633 -29.67 -9.50 -26.10
C LEU B 633 -29.89 -10.80 -26.87
N GLN B 634 -30.18 -11.90 -26.20
CA GLN B 634 -30.34 -13.18 -26.89
C GLN B 634 -31.63 -13.21 -27.68
N THR B 635 -31.54 -13.62 -28.95
CA THR B 635 -32.70 -13.70 -29.82
C THR B 635 -33.16 -15.13 -30.11
N GLY B 636 -32.33 -16.13 -29.82
CA GLY B 636 -32.71 -17.51 -30.09
C GLY B 636 -31.77 -18.47 -29.39
N ALA B 637 -32.15 -19.75 -29.45
CA ALA B 637 -31.38 -20.80 -28.81
C ALA B 637 -30.10 -21.14 -29.55
N GLY B 638 -29.92 -20.64 -30.78
CA GLY B 638 -28.71 -20.89 -31.53
C GLY B 638 -27.50 -20.10 -31.08
N GLU B 639 -27.71 -19.13 -30.20
CA GLU B 639 -26.61 -18.31 -29.67
C GLU B 639 -26.21 -18.86 -28.30
N SER B 640 -24.95 -19.24 -28.16
CA SER B 640 -24.41 -19.76 -26.91
C SER B 640 -23.39 -18.76 -26.37
N TYR B 641 -23.47 -18.49 -25.07
CA TYR B 641 -22.57 -17.51 -24.47
C TYR B 641 -21.12 -17.98 -24.51
N ASN B 642 -20.88 -19.29 -24.45
CA ASN B 642 -19.53 -19.83 -24.47
C ASN B 642 -18.97 -19.99 -25.88
N ASP B 643 -19.76 -19.70 -26.90
CA ASP B 643 -19.31 -19.77 -28.30
C ASP B 643 -19.44 -18.40 -28.94
N PRO B 644 -18.37 -17.60 -28.97
CA PRO B 644 -18.49 -16.24 -29.51
C PRO B 644 -18.84 -16.18 -30.98
N THR B 645 -18.61 -17.26 -31.73
CA THR B 645 -18.92 -17.25 -33.16
C THR B 645 -20.41 -17.25 -33.45
N THR B 646 -21.25 -17.49 -32.45
CA THR B 646 -22.70 -17.56 -32.64
C THR B 646 -23.41 -16.28 -32.22
N TYR B 647 -22.67 -15.21 -31.91
CA TYR B 647 -23.29 -13.97 -31.47
C TYR B 647 -24.03 -13.31 -32.63
N ASN B 648 -25.04 -12.51 -32.29
CA ASN B 648 -26.00 -11.97 -33.26
C ASN B 648 -25.76 -10.50 -33.57
N ALA B 649 -24.50 -10.07 -33.56
CA ALA B 649 -24.07 -8.74 -33.98
C ALA B 649 -24.49 -7.65 -32.99
N ASN B 650 -25.30 -8.02 -32.01
CA ASN B 650 -25.54 -7.17 -30.83
C ASN B 650 -24.79 -7.67 -29.62
N GLN B 651 -24.66 -8.99 -29.48
CA GLN B 651 -23.73 -9.56 -28.52
C GLN B 651 -22.28 -9.40 -28.94
N GLN B 652 -22.04 -9.23 -30.25
CA GLN B 652 -20.69 -8.97 -30.74
C GLN B 652 -20.16 -7.61 -30.28
N LYS B 653 -21.05 -6.65 -30.00
CA LYS B 653 -20.66 -5.32 -29.58
C LYS B 653 -20.69 -5.11 -28.07
N TYR B 654 -21.69 -5.67 -27.38
CA TYR B 654 -21.94 -5.31 -26.00
C TYR B 654 -21.54 -6.36 -24.98
N VAL B 655 -21.33 -7.60 -25.40
CA VAL B 655 -20.97 -8.68 -24.47
C VAL B 655 -19.45 -8.73 -24.37
N PHE B 656 -18.93 -8.32 -23.22
CA PHE B 656 -17.49 -8.35 -22.96
C PHE B 656 -17.19 -9.60 -22.16
N ARG B 657 -17.12 -10.72 -22.88
CA ARG B 657 -16.91 -12.02 -22.25
C ARG B 657 -15.46 -12.20 -21.80
N ASN B 658 -14.51 -11.54 -22.46
CA ASN B 658 -13.11 -11.76 -22.18
C ASN B 658 -12.68 -11.24 -20.81
N MET B 659 -13.46 -10.37 -20.18
CA MET B 659 -13.11 -9.96 -18.82
C MET B 659 -13.42 -11.03 -17.79
N TYR B 660 -14.12 -12.09 -18.17
CA TYR B 660 -14.43 -13.19 -17.28
C TYR B 660 -13.73 -14.49 -17.65
N ARG B 661 -13.48 -14.71 -18.95
CA ARG B 661 -12.76 -15.88 -19.42
C ARG B 661 -11.27 -15.63 -19.57
N ASN B 662 -10.80 -14.41 -19.34
CA ASN B 662 -9.40 -14.06 -19.48
C ASN B 662 -9.00 -13.11 -18.35
N THR B 663 -7.70 -13.00 -18.14
CA THR B 663 -7.18 -12.06 -17.15
C THR B 663 -7.36 -10.62 -17.64
N GLN B 664 -7.22 -9.69 -16.71
CA GLN B 664 -7.40 -8.27 -17.05
C GLN B 664 -6.36 -7.82 -18.07
N ALA B 665 -5.11 -8.24 -17.89
CA ALA B 665 -4.09 -7.96 -18.91
C ALA B 665 -4.43 -8.65 -20.22
N GLY B 666 -4.92 -9.88 -20.15
CA GLY B 666 -5.37 -10.55 -21.37
C GLY B 666 -6.60 -9.92 -21.97
N ALA B 667 -7.53 -9.47 -21.12
CA ALA B 667 -8.73 -8.79 -21.61
C ALA B 667 -8.43 -7.42 -22.20
N LEU B 668 -7.25 -6.85 -21.89
CA LEU B 668 -6.84 -5.60 -22.52
C LEU B 668 -6.76 -5.73 -24.03
N GLN B 669 -6.53 -6.94 -24.55
CA GLN B 669 -6.48 -7.18 -25.98
C GLN B 669 -7.84 -7.06 -26.64
N ASP B 670 -8.93 -7.02 -25.87
CA ASP B 670 -10.28 -6.80 -26.40
C ASP B 670 -10.66 -5.35 -26.09
N SER B 671 -10.23 -4.46 -26.98
CA SER B 671 -10.30 -3.03 -26.71
C SER B 671 -11.71 -2.46 -26.89
N ASP B 672 -12.48 -2.98 -27.85
CA ASP B 672 -13.75 -2.37 -28.22
C ASP B 672 -14.88 -2.69 -27.26
N LYS B 673 -14.59 -3.19 -26.07
CA LYS B 673 -15.63 -3.63 -25.15
C LYS B 673 -15.66 -2.89 -23.82
N ASN B 674 -14.55 -2.28 -23.41
CA ASN B 674 -14.48 -1.62 -22.10
C ASN B 674 -15.09 -0.21 -22.17
N LYS B 675 -16.35 -0.17 -22.60
CA LYS B 675 -17.07 1.08 -22.77
C LYS B 675 -18.08 1.36 -21.68
N PHE B 676 -18.37 0.40 -20.81
CA PHE B 676 -19.31 0.60 -19.71
C PHE B 676 -18.59 1.24 -18.54
N LEU B 677 -19.15 2.32 -18.02
CA LEU B 677 -18.53 3.15 -17.01
C LEU B 677 -19.44 3.22 -15.79
N LEU B 678 -18.90 2.82 -14.64
CA LEU B 678 -19.56 3.00 -13.35
C LEU B 678 -19.14 4.37 -12.83
N ARG B 679 -20.03 5.35 -12.94
CA ARG B 679 -19.75 6.72 -12.56
C ARG B 679 -20.62 7.09 -11.36
N GLY B 680 -20.00 7.64 -10.33
CA GLY B 680 -20.78 7.99 -9.17
C GLY B 680 -20.02 8.90 -8.23
N LYS B 681 -20.62 9.08 -7.05
CA LYS B 681 -20.01 9.92 -6.03
C LYS B 681 -20.45 9.44 -4.65
N TYR B 682 -19.71 9.88 -3.64
CA TYR B 682 -20.06 9.61 -2.26
C TYR B 682 -19.61 10.76 -1.39
N LYS B 683 -20.32 10.96 -0.27
CA LYS B 683 -20.03 12.05 0.64
C LYS B 683 -19.21 11.52 1.81
N SER B 684 -18.03 12.08 2.00
CA SER B 684 -17.16 11.75 3.12
C SER B 684 -17.24 12.89 4.13
N SER B 685 -17.76 12.59 5.33
CA SER B 685 -17.90 13.58 6.39
C SER B 685 -17.01 13.25 7.58
N GLY B 686 -17.17 12.06 8.16
CA GLY B 686 -16.37 11.67 9.31
C GLY B 686 -16.81 12.37 10.58
N SER B 687 -16.60 13.69 10.64
CA SER B 687 -16.99 14.51 11.77
C SER B 687 -17.72 15.74 11.25
N ASN B 688 -18.11 16.62 12.17
CA ASN B 688 -18.80 17.84 11.80
C ASN B 688 -17.83 18.82 11.15
N GLY B 689 -18.30 19.52 10.13
CA GLY B 689 -17.48 20.46 9.40
C GLY B 689 -16.99 19.90 8.08
N ILE B 690 -16.71 20.79 7.13
CA ILE B 690 -16.26 20.40 5.81
C ILE B 690 -14.75 20.18 5.86
N PRO B 691 -14.26 18.98 5.55
CA PRO B 691 -12.81 18.76 5.47
C PRO B 691 -12.25 19.30 4.16
N ILE B 692 -11.47 20.38 4.26
CA ILE B 692 -10.95 21.06 3.08
C ILE B 692 -9.67 20.37 2.62
N GLY B 693 -9.31 19.27 3.27
CA GLY B 693 -8.15 18.49 2.86
C GLY B 693 -6.83 19.22 3.01
N ALA B 694 -6.70 20.06 4.02
CA ALA B 694 -5.46 20.77 4.27
C ALA B 694 -5.43 21.24 5.72
N PHE B 695 -4.23 21.47 6.23
CA PHE B 695 -4.04 21.87 7.61
C PHE B 695 -3.13 23.09 7.68
N ASN B 696 -3.41 23.96 8.65
CA ASN B 696 -2.66 25.20 8.86
C ASN B 696 -2.57 26.02 7.58
N VAL B 697 -3.74 26.29 7.00
CA VAL B 697 -3.82 27.02 5.73
C VAL B 697 -3.70 28.51 6.01
N PRO B 698 -3.22 29.31 5.06
CA PRO B 698 -3.14 30.76 5.29
C PRO B 698 -4.51 31.36 5.53
N GLN B 699 -4.57 32.32 6.44
CA GLN B 699 -5.82 33.00 6.75
C GLN B 699 -6.21 33.94 5.61
N GLY B 700 -7.51 33.98 5.32
CA GLY B 700 -8.02 34.79 4.23
C GLY B 700 -7.94 34.16 2.87
N SER B 701 -7.41 32.95 2.75
CA SER B 701 -7.29 32.26 1.47
C SER B 701 -8.48 31.36 1.18
N VAL B 702 -9.43 31.25 2.09
CA VAL B 702 -10.59 30.37 1.92
C VAL B 702 -11.73 31.18 1.32
N VAL B 703 -12.26 30.72 0.20
CA VAL B 703 -13.41 31.34 -0.46
C VAL B 703 -14.50 30.29 -0.60
N VAL B 704 -15.69 30.62 -0.11
CA VAL B 704 -16.82 29.69 -0.10
C VAL B 704 -17.92 30.25 -1.00
N THR B 705 -18.34 29.46 -1.97
CA THR B 705 -19.40 29.83 -2.90
C THR B 705 -20.55 28.84 -2.76
N ALA B 706 -21.74 29.34 -2.42
CA ALA B 706 -22.88 28.47 -2.18
C ALA B 706 -23.58 28.09 -3.48
N ALA B 707 -24.16 29.08 -4.16
CA ALA B 707 -24.92 28.83 -5.39
C ALA B 707 -24.57 29.90 -6.42
N GLY B 708 -23.28 30.18 -6.58
CA GLY B 708 -22.81 31.25 -7.43
C GLY B 708 -22.55 32.56 -6.70
N ARG B 709 -22.87 32.63 -5.41
CA ARG B 709 -22.61 33.81 -4.61
C ARG B 709 -21.55 33.48 -3.55
N VAL B 710 -20.59 34.39 -3.38
CA VAL B 710 -19.54 34.20 -2.39
C VAL B 710 -20.09 34.52 -1.01
N LEU B 711 -19.88 33.61 -0.07
CA LEU B 711 -20.37 33.79 1.29
C LEU B 711 -19.44 34.72 2.08
N VAL B 712 -19.90 35.09 3.26
CA VAL B 712 -19.17 35.98 4.15
C VAL B 712 -18.48 35.15 5.23
N GLU B 713 -17.20 35.40 5.45
CA GLU B 713 -16.40 34.60 6.37
C GLU B 713 -16.83 34.74 7.83
N GLY B 714 -17.66 35.71 8.16
CA GLY B 714 -18.07 35.89 9.53
C GLY B 714 -19.52 35.53 9.80
N ILE B 715 -20.37 35.58 8.78
CA ILE B 715 -21.81 35.36 8.92
C ILE B 715 -22.21 33.98 8.39
N ASP B 716 -21.98 33.73 7.10
CA ASP B 716 -22.49 32.51 6.48
C ASP B 716 -21.69 31.27 6.86
N TYR B 717 -20.44 31.41 7.28
CA TYR B 717 -19.63 30.26 7.61
C TYR B 717 -18.49 30.70 8.53
N SER B 718 -17.84 29.70 9.12
CA SER B 718 -16.66 29.89 9.97
C SER B 718 -15.59 28.90 9.55
N VAL B 719 -14.34 29.29 9.76
CA VAL B 719 -13.19 28.49 9.34
C VAL B 719 -12.34 28.18 10.56
N ASP B 720 -12.06 26.89 10.77
CA ASP B 720 -11.07 26.43 11.73
C ASP B 720 -9.80 26.17 10.94
N TYR B 721 -8.86 27.12 11.02
CA TYR B 721 -7.67 27.06 10.17
C TYR B 721 -6.71 25.98 10.62
N GLN B 722 -6.56 25.79 11.93
CA GLN B 722 -5.63 24.78 12.44
C GLN B 722 -6.05 23.38 12.03
N LEU B 723 -7.35 23.07 12.16
CA LEU B 723 -7.86 21.74 11.84
C LEU B 723 -8.38 21.63 10.41
N GLY B 724 -8.37 22.73 9.65
CA GLY B 724 -8.83 22.68 8.28
C GLY B 724 -10.29 22.35 8.12
N ARG B 725 -11.14 23.01 8.90
CA ARG B 725 -12.58 22.78 8.86
C ARG B 725 -13.31 24.02 8.40
N VAL B 726 -14.42 23.80 7.68
CA VAL B 726 -15.33 24.88 7.30
C VAL B 726 -16.73 24.48 7.77
N GLN B 727 -17.32 25.31 8.63
CA GLN B 727 -18.64 25.06 9.19
C GLN B 727 -19.61 26.10 8.63
N ILE B 728 -20.65 25.63 7.96
CA ILE B 728 -21.64 26.52 7.36
C ILE B 728 -22.59 26.97 8.46
N LEU B 729 -22.58 28.26 8.77
CA LEU B 729 -23.42 28.82 9.83
C LEU B 729 -24.76 29.31 9.32
N ASP B 730 -25.01 29.28 8.02
CA ASP B 730 -26.28 29.73 7.47
C ASP B 730 -27.31 28.62 7.63
N PRO B 731 -28.40 28.84 8.38
CA PRO B 731 -29.41 27.77 8.53
C PRO B 731 -30.07 27.37 7.22
N SER B 732 -30.26 28.31 6.29
CA SER B 732 -30.90 27.98 5.03
C SER B 732 -30.02 27.08 4.18
N LEU B 733 -28.71 27.30 4.20
CA LEU B 733 -27.80 26.51 3.37
C LEU B 733 -27.59 25.11 3.94
N GLN B 734 -27.71 24.95 5.25
CA GLN B 734 -27.50 23.63 5.86
C GLN B 734 -28.55 22.65 5.40
N ALA B 735 -29.82 23.05 5.42
CA ALA B 735 -30.92 22.22 4.92
C ALA B 735 -31.28 22.62 3.49
N SER B 736 -30.30 22.53 2.61
CA SER B 736 -30.49 22.99 1.23
C SER B 736 -30.11 21.92 0.21
N ASN B 737 -29.17 21.04 0.56
CA ASN B 737 -28.62 20.04 -0.35
C ASN B 737 -27.95 20.68 -1.57
N THR B 738 -27.48 21.92 -1.42
CA THR B 738 -26.84 22.69 -2.48
C THR B 738 -25.33 22.45 -2.46
N PRO B 739 -24.72 22.15 -3.61
CA PRO B 739 -23.26 21.98 -3.62
C PRO B 739 -22.55 23.28 -3.27
N ILE B 740 -21.67 23.20 -2.27
CA ILE B 740 -20.92 24.35 -1.77
C ILE B 740 -19.46 24.15 -2.16
N GLU B 741 -18.89 25.13 -2.84
CA GLU B 741 -17.51 25.04 -3.32
C GLU B 741 -16.61 25.82 -2.36
N VAL B 742 -15.60 25.13 -1.84
CA VAL B 742 -14.59 25.75 -0.98
C VAL B 742 -13.26 25.73 -1.72
N SER B 743 -12.74 26.91 -2.04
CA SER B 743 -11.48 27.06 -2.73
C SER B 743 -10.49 27.71 -1.77
N LEU B 744 -9.44 26.99 -1.42
CA LEU B 744 -8.43 27.47 -0.49
C LEU B 744 -7.06 27.39 -1.14
N GLU B 745 -6.06 27.93 -0.45
CA GLU B 745 -4.67 27.82 -0.85
C GLU B 745 -3.95 26.97 0.19
N ASN B 746 -3.46 25.80 -0.21
CA ASN B 746 -2.70 24.93 0.67
C ASN B 746 -1.22 25.02 0.31
N ASN B 747 -0.40 25.31 1.32
CA ASN B 747 1.03 25.48 1.14
C ASN B 747 1.84 24.27 1.56
N SER B 748 1.18 23.13 1.82
CA SER B 748 1.87 21.86 2.04
C SER B 748 2.11 21.18 0.68
N ILE B 749 2.76 21.93 -0.21
CA ILE B 749 3.01 21.50 -1.58
C ILE B 749 4.28 20.66 -1.62
N PHE B 750 4.22 19.53 -2.30
CA PHE B 750 5.34 18.62 -2.42
C PHE B 750 5.54 18.27 -3.89
N GLY B 751 6.77 18.40 -4.37
CA GLY B 751 7.07 18.08 -5.75
C GLY B 751 6.37 18.95 -6.76
N GLN B 752 6.29 20.24 -6.50
CA GLN B 752 5.67 21.19 -7.41
C GLN B 752 6.71 22.13 -8.00
N GLN B 753 6.47 22.54 -9.24
CA GLN B 753 7.38 23.45 -9.93
C GLN B 753 7.36 24.82 -9.27
N THR B 754 8.48 25.52 -9.37
CA THR B 754 8.56 26.89 -8.85
C THR B 754 7.71 27.81 -9.71
N ARG B 755 6.75 28.47 -9.08
CA ARG B 755 5.86 29.39 -9.78
C ARG B 755 6.15 30.82 -9.34
N ARG B 756 6.36 31.69 -10.31
CA ARG B 756 6.58 33.11 -10.09
C ARG B 756 5.26 33.85 -10.26
N PHE B 757 4.91 34.65 -9.26
CA PHE B 757 3.68 35.42 -9.22
C PHE B 757 4.04 36.89 -9.17
N MET B 758 3.66 37.64 -10.20
CA MET B 758 3.98 39.05 -10.28
C MET B 758 2.77 39.82 -10.74
N GLY B 759 2.79 41.13 -10.52
CA GLY B 759 1.74 41.98 -11.04
C GLY B 759 1.43 43.11 -10.09
N PHE B 760 0.53 43.98 -10.55
CA PHE B 760 0.19 45.20 -9.83
C PHE B 760 -1.32 45.31 -9.72
N ASN B 761 -1.75 46.24 -8.86
CA ASN B 761 -3.16 46.49 -8.62
C ASN B 761 -3.35 47.98 -8.36
N ILE B 762 -4.20 48.62 -9.16
CA ILE B 762 -4.53 50.03 -9.01
C ILE B 762 -5.83 50.13 -8.23
N GLU B 763 -5.92 51.14 -7.36
CA GLU B 763 -7.06 51.30 -6.47
C GLU B 763 -7.52 52.77 -6.46
N HIS B 764 -7.75 53.32 -7.65
CA HIS B 764 -8.15 54.72 -7.74
C HIS B 764 -9.48 54.94 -7.04
N LYS B 765 -9.63 56.14 -6.46
CA LYS B 765 -10.79 56.49 -5.65
C LYS B 765 -11.45 57.71 -6.26
N ILE B 766 -12.55 57.49 -7.00
CA ILE B 766 -13.23 58.60 -7.67
C ILE B 766 -13.86 59.54 -6.65
N SER B 767 -14.55 58.98 -5.66
CA SER B 767 -15.15 59.74 -4.58
C SER B 767 -15.06 58.92 -3.31
N ASP B 768 -15.64 59.45 -2.23
CA ASP B 768 -15.60 58.75 -0.95
C ASP B 768 -16.37 57.43 -0.98
N LYS B 769 -17.19 57.20 -2.00
CA LYS B 769 -17.99 55.98 -2.10
C LYS B 769 -17.97 55.45 -3.52
N PHE B 770 -16.81 55.49 -4.17
CA PHE B 770 -16.68 54.95 -5.52
C PHE B 770 -15.21 54.67 -5.80
N VAL B 771 -14.89 53.40 -6.08
CA VAL B 771 -13.51 52.95 -6.24
C VAL B 771 -13.39 52.18 -7.54
N ILE B 772 -12.30 52.40 -8.27
CA ILE B 772 -12.02 51.72 -9.53
C ILE B 772 -10.67 51.01 -9.41
N GLY B 773 -10.65 49.73 -9.77
CA GLY B 773 -9.46 48.91 -9.67
C GLY B 773 -9.05 48.35 -11.02
N GLY B 774 -7.74 48.19 -11.20
CA GLY B 774 -7.16 47.80 -12.47
C GLY B 774 -6.19 46.64 -12.39
N THR B 775 -6.53 45.62 -11.60
CA THR B 775 -5.61 44.55 -11.27
C THR B 775 -5.05 43.86 -12.52
N TYR B 776 -3.74 43.62 -12.52
CA TYR B 776 -3.03 42.84 -13.53
C TYR B 776 -2.11 41.87 -12.82
N LEU B 777 -2.10 40.61 -13.26
CA LEU B 777 -1.31 39.57 -12.62
C LEU B 777 -0.79 38.60 -13.68
N LYS B 778 0.35 37.99 -13.37
CA LYS B 778 0.98 36.99 -14.23
C LYS B 778 1.57 35.91 -13.33
N MET B 779 1.29 34.64 -13.68
CA MET B 779 1.85 33.50 -12.97
C MET B 779 2.53 32.59 -13.99
N THR B 780 3.83 32.39 -13.80
CA THR B 780 4.63 31.53 -14.67
C THR B 780 5.14 30.34 -13.88
N GLU B 781 5.28 29.19 -14.55
CA GLU B 781 5.81 27.99 -13.92
C GLU B 781 7.14 27.64 -14.56
N ARG B 782 8.07 27.14 -13.73
CA ARG B 782 9.40 26.76 -14.19
C ARG B 782 9.51 25.25 -14.17
N PRO B 783 9.45 24.59 -15.33
CA PRO B 783 9.51 23.12 -15.34
C PRO B 783 10.87 22.60 -14.89
N PHE B 784 10.85 21.40 -14.32
CA PHE B 784 12.09 20.76 -13.87
C PHE B 784 13.05 20.52 -15.04
N THR B 785 12.52 20.01 -16.15
CA THR B 785 13.30 19.74 -17.35
C THR B 785 12.74 20.56 -18.52
N GLN B 786 13.31 20.33 -19.70
CA GLN B 786 12.86 21.01 -20.91
C GLN B 786 11.82 20.19 -21.68
N LYS B 787 11.42 19.03 -21.17
CA LYS B 787 10.33 18.25 -21.73
C LYS B 787 9.21 18.19 -20.69
N SER B 788 8.00 18.56 -21.10
CA SER B 788 6.83 18.47 -20.25
C SER B 788 5.97 17.30 -20.70
N THR B 789 5.83 16.30 -19.83
CA THR B 789 4.98 15.16 -20.13
C THR B 789 3.51 15.53 -19.89
N TYR B 790 2.62 14.74 -20.47
CA TYR B 790 1.19 14.98 -20.31
C TYR B 790 0.80 14.86 -18.85
N GLY B 791 0.10 15.88 -18.34
CA GLY B 791 -0.31 15.90 -16.95
C GLY B 791 0.60 16.75 -16.09
N GLN B 792 1.91 16.65 -16.31
CA GLN B 792 2.89 17.49 -15.61
C GLN B 792 3.30 18.66 -16.49
N GLU B 793 2.34 19.52 -16.79
CA GLU B 793 2.54 20.66 -17.67
C GLU B 793 2.72 21.94 -16.86
N SER B 794 3.30 22.94 -17.50
CA SER B 794 3.58 24.24 -16.89
C SER B 794 2.79 25.33 -17.59
N VAL B 795 2.36 26.33 -16.84
CA VAL B 795 1.55 27.42 -17.36
C VAL B 795 2.32 28.72 -17.28
N ASN B 796 1.94 29.66 -18.14
CA ASN B 796 2.49 31.01 -18.22
C ASN B 796 1.34 32.02 -18.31
N ASN B 797 0.38 31.89 -17.40
CA ASN B 797 -0.89 32.56 -17.55
C ASN B 797 -0.82 34.03 -17.13
N THR B 798 -1.66 34.84 -17.76
CA THR B 798 -1.82 36.26 -17.40
C THR B 798 -3.31 36.54 -17.23
N ILE B 799 -3.66 37.33 -16.22
CA ILE B 799 -5.05 37.73 -16.02
C ILE B 799 -5.08 39.21 -15.64
N PHE B 800 -5.92 39.98 -16.33
CA PHE B 800 -6.05 41.40 -16.03
C PHE B 800 -7.51 41.79 -16.04
N GLY B 801 -7.89 42.66 -15.09
CA GLY B 801 -9.29 43.03 -14.97
C GLY B 801 -9.47 44.44 -14.47
N PHE B 802 -10.71 44.92 -14.64
CA PHE B 802 -11.13 46.22 -14.14
C PHE B 802 -12.39 46.03 -13.31
N ASN B 803 -12.40 46.64 -12.12
CA ASN B 803 -13.50 46.48 -11.18
C ASN B 803 -13.95 47.84 -10.68
N GLY B 804 -15.19 47.89 -10.22
CA GLY B 804 -15.77 49.10 -9.65
C GLY B 804 -16.65 48.81 -8.46
N ASN B 805 -16.49 49.59 -7.40
CA ASN B 805 -17.26 49.42 -6.17
C ASN B 805 -17.93 50.74 -5.82
N TYR B 806 -19.19 50.67 -5.43
CA TYR B 806 -19.96 51.87 -5.10
C TYR B 806 -20.91 51.51 -3.96
N SER B 807 -20.62 52.00 -2.75
CA SER B 807 -21.41 51.70 -1.56
C SER B 807 -21.95 53.01 -1.01
N THR B 808 -23.28 53.11 -0.93
CA THR B 808 -23.95 54.32 -0.48
C THR B 808 -24.97 53.98 0.60
N GLU B 809 -25.43 55.03 1.28
CA GLU B 809 -26.47 54.92 2.29
C GLU B 809 -27.78 55.45 1.71
N VAL B 810 -28.85 54.68 1.86
CA VAL B 810 -30.14 55.04 1.28
C VAL B 810 -31.16 55.27 2.39
N PRO B 811 -31.38 56.51 2.82
CA PRO B 811 -32.41 56.77 3.83
C PRO B 811 -33.82 56.48 3.35
N PHE B 812 -34.04 56.41 2.03
CA PHE B 812 -35.38 56.14 1.51
C PHE B 812 -35.87 54.76 1.94
N LEU B 813 -34.98 53.76 1.91
CA LEU B 813 -35.37 52.43 2.34
C LEU B 813 -35.71 52.42 3.83
N THR B 814 -34.94 53.14 4.64
CA THR B 814 -35.24 53.23 6.07
C THR B 814 -36.59 53.89 6.30
N ARG B 815 -36.89 54.97 5.57
CA ARG B 815 -38.18 55.63 5.71
C ARG B 815 -39.32 54.72 5.28
N LEU B 816 -39.12 53.96 4.20
CA LEU B 816 -40.12 52.99 3.76
C LEU B 816 -40.35 51.92 4.82
N ALA B 817 -39.28 51.44 5.45
CA ALA B 817 -39.41 50.45 6.50
C ALA B 817 -40.16 51.01 7.70
N ASN B 818 -39.91 52.27 8.03
CA ASN B 818 -40.63 52.91 9.14
C ASN B 818 -42.12 53.04 8.84
N LYS B 819 -42.52 52.99 7.57
CA LYS B 819 -43.94 53.02 7.21
C LYS B 819 -44.62 51.68 7.43
N LEU B 820 -43.86 50.62 7.71
CA LEU B 820 -44.44 49.31 7.95
C LEU B 820 -45.20 49.30 9.29
N PRO B 821 -46.15 48.37 9.46
CA PRO B 821 -47.02 48.40 10.64
C PRO B 821 -46.32 48.52 11.99
N ASN B 822 -45.40 47.60 12.28
CA ASN B 822 -44.78 47.53 13.60
C ASN B 822 -43.26 47.64 13.52
N ILE B 823 -42.75 48.54 12.68
CA ILE B 823 -41.32 48.78 12.56
C ILE B 823 -41.05 50.23 12.93
N ASP B 824 -40.20 50.44 13.92
CA ASP B 824 -39.81 51.77 14.36
C ASP B 824 -38.30 51.84 14.62
N THR B 825 -37.52 51.25 13.73
CA THR B 825 -36.08 51.19 13.90
C THR B 825 -35.41 52.39 13.24
N ASP B 826 -34.18 52.66 13.67
CA ASP B 826 -33.39 53.77 13.15
C ASP B 826 -32.06 53.33 12.56
N VAL B 827 -31.84 52.03 12.38
CA VAL B 827 -30.60 51.54 11.79
C VAL B 827 -30.57 51.91 10.31
N PRO B 828 -29.46 52.45 9.80
CA PRO B 828 -29.42 52.89 8.41
C PRO B 828 -29.52 51.74 7.42
N SER B 829 -30.06 52.04 6.25
CA SER B 829 -30.17 51.10 5.15
C SER B 829 -29.12 51.44 4.09
N ASN B 830 -28.49 50.41 3.53
CA ASN B 830 -27.33 50.60 2.68
C ASN B 830 -27.51 49.87 1.35
N LEU B 831 -26.83 50.39 0.33
CA LEU B 831 -26.77 49.78 -1.00
C LEU B 831 -25.32 49.67 -1.41
N SER B 832 -25.01 48.61 -2.18
CA SER B 832 -23.66 48.41 -2.67
C SER B 832 -23.70 47.71 -4.01
N ILE B 833 -22.99 48.26 -5.00
CA ILE B 833 -22.89 47.70 -6.33
C ILE B 833 -21.42 47.45 -6.62
N ARG B 834 -21.09 46.20 -6.97
CA ARG B 834 -19.72 45.79 -7.26
C ARG B 834 -19.70 45.12 -8.63
N GLY B 835 -19.13 45.79 -9.62
CA GLY B 835 -18.97 45.23 -10.95
C GLY B 835 -17.51 44.85 -11.17
N GLU B 836 -17.28 43.86 -12.02
CA GLU B 836 -15.92 43.45 -12.30
C GLU B 836 -15.87 42.72 -13.63
N VAL B 837 -14.82 42.97 -14.41
CA VAL B 837 -14.55 42.28 -15.66
C VAL B 837 -13.11 41.80 -15.63
N ALA B 838 -12.88 40.57 -16.07
CA ALA B 838 -11.55 39.99 -16.10
C ALA B 838 -11.32 39.30 -17.44
N PHE B 839 -10.06 39.35 -17.89
CA PHE B 839 -9.64 38.71 -19.13
C PHE B 839 -8.44 37.83 -18.81
N LEU B 840 -8.50 36.58 -19.28
CA LEU B 840 -7.43 35.62 -19.07
C LEU B 840 -6.75 35.32 -20.41
N ARG B 841 -5.46 35.58 -20.49
CA ARG B 841 -4.63 35.20 -21.63
C ARG B 841 -3.65 34.14 -21.17
N PRO B 842 -3.90 32.86 -21.44
CA PRO B 842 -2.98 31.80 -21.03
C PRO B 842 -1.89 31.57 -22.06
N ASP B 843 -0.87 30.83 -21.64
CA ASP B 843 0.25 30.47 -22.51
C ASP B 843 1.05 29.38 -21.81
N ALA B 844 2.08 28.90 -22.50
CA ALA B 844 3.05 27.96 -21.97
C ALA B 844 4.42 28.63 -21.88
N PRO B 845 5.21 28.29 -20.88
CA PRO B 845 6.52 28.94 -20.73
C PRO B 845 7.43 28.65 -21.93
N LYS B 846 8.28 29.63 -22.25
CA LYS B 846 9.19 29.48 -23.37
C LYS B 846 10.21 28.37 -23.15
N ALA B 847 10.47 28.01 -21.89
CA ALA B 847 11.44 26.95 -21.60
C ALA B 847 10.98 25.61 -22.17
N SER B 848 9.70 25.29 -22.01
CA SER B 848 9.16 24.01 -22.49
C SER B 848 8.59 24.13 -23.91
N ASP B 849 9.39 24.65 -24.83
CA ASP B 849 9.03 24.73 -26.23
C ASP B 849 10.01 23.93 -27.06
N PHE B 850 9.49 23.18 -28.03
CA PHE B 850 10.30 22.41 -28.97
C PHE B 850 10.14 23.05 -30.34
N GLN B 851 11.24 23.63 -30.85
CA GLN B 851 11.25 24.29 -32.16
C GLN B 851 10.23 25.42 -32.23
N GLY B 852 10.11 26.17 -31.13
CA GLY B 852 9.29 27.36 -31.10
C GLY B 852 7.82 27.15 -30.85
N GLU B 853 7.38 25.93 -30.54
CA GLU B 853 5.98 25.64 -30.29
C GLU B 853 5.80 25.07 -28.89
N ALA B 854 4.66 25.36 -28.28
CA ALA B 854 4.33 24.81 -26.97
C ALA B 854 4.10 23.32 -27.11
N THR B 855 4.98 22.53 -26.51
CA THR B 855 5.03 21.09 -26.74
C THR B 855 4.67 20.33 -25.46
N ILE B 856 3.76 19.36 -25.59
CA ILE B 856 3.42 18.44 -24.52
C ILE B 856 3.65 17.03 -25.05
N TYR B 857 4.47 16.25 -24.35
CA TYR B 857 4.89 14.94 -24.82
C TYR B 857 3.89 13.89 -24.35
N VAL B 858 3.14 13.32 -25.29
CA VAL B 858 2.29 12.18 -24.97
C VAL B 858 3.14 11.00 -24.54
N ASP B 859 4.21 10.73 -25.31
CA ASP B 859 5.17 9.70 -24.93
C ASP B 859 6.50 10.02 -25.61
N ASP B 860 7.48 10.46 -24.83
CA ASP B 860 8.85 10.64 -25.31
C ASP B 860 9.66 9.36 -25.19
N PHE B 861 9.07 8.30 -24.61
CA PHE B 861 9.57 6.93 -24.59
C PHE B 861 10.76 6.70 -23.66
N GLU B 862 11.06 7.63 -22.75
CA GLU B 862 12.12 7.40 -21.78
C GLU B 862 11.61 6.76 -20.49
N GLY B 863 10.30 6.60 -20.33
CA GLY B 863 9.75 6.00 -19.14
C GLY B 863 9.42 4.54 -19.30
N SER B 864 9.50 4.04 -20.53
CA SER B 864 9.21 2.64 -20.82
C SER B 864 10.43 1.78 -20.53
N GLN B 865 10.22 0.47 -20.62
CA GLN B 865 11.29 -0.53 -20.51
C GLN B 865 12.02 -0.44 -19.16
N SER B 866 11.28 -0.70 -18.09
CA SER B 866 11.90 -0.88 -16.79
C SER B 866 12.55 -2.26 -16.71
N THR B 867 13.48 -2.39 -15.77
CA THR B 867 14.30 -3.59 -15.67
C THR B 867 14.23 -4.17 -14.26
N ILE B 868 14.42 -5.48 -14.17
CA ILE B 868 14.56 -6.19 -12.90
C ILE B 868 15.90 -6.88 -12.92
N ASP B 869 16.76 -6.55 -11.94
CA ASP B 869 18.14 -6.98 -11.97
C ASP B 869 18.28 -8.42 -11.49
N MET B 870 18.94 -9.25 -12.32
CA MET B 870 19.14 -10.66 -12.04
C MET B 870 20.59 -11.02 -11.72
N ARG B 871 21.52 -10.08 -11.82
CA ARG B 871 22.94 -10.40 -11.71
C ARG B 871 23.45 -10.35 -10.27
N SER B 872 22.56 -10.51 -9.29
CA SER B 872 22.97 -10.60 -7.89
C SER B 872 23.44 -12.02 -7.60
N ALA B 873 24.73 -12.16 -7.26
CA ALA B 873 25.34 -13.48 -7.18
C ALA B 873 24.71 -14.34 -6.11
N TYR B 874 24.46 -13.78 -4.93
CA TYR B 874 23.95 -14.58 -3.82
C TYR B 874 22.52 -15.06 -4.04
N ALA B 875 21.80 -14.46 -4.99
CA ALA B 875 20.43 -14.88 -5.28
C ALA B 875 20.38 -16.17 -6.11
N TRP B 876 21.50 -16.62 -6.65
CA TRP B 876 21.55 -17.83 -7.45
C TRP B 876 22.07 -19.00 -6.61
N SER B 877 21.55 -20.18 -6.90
CA SER B 877 21.94 -21.40 -6.21
C SER B 877 22.15 -22.50 -7.25
N LEU B 878 22.65 -23.65 -6.78
CA LEU B 878 22.86 -24.78 -7.66
C LEU B 878 21.54 -25.24 -8.27
N ALA B 879 21.54 -25.50 -9.57
CA ALA B 879 20.33 -25.82 -10.29
C ALA B 879 20.12 -27.33 -10.37
N SER B 880 18.88 -27.72 -10.61
CA SER B 880 18.55 -29.11 -10.88
C SER B 880 18.91 -29.45 -12.32
N THR B 881 19.00 -30.74 -12.60
CA THR B 881 19.39 -31.18 -13.92
C THR B 881 18.29 -30.84 -14.93
N PRO B 882 18.61 -30.13 -16.01
CA PRO B 882 17.58 -29.65 -16.92
C PRO B 882 17.31 -30.61 -18.07
N PHE B 883 16.12 -30.42 -18.67
CA PHE B 883 15.80 -31.00 -19.96
C PHE B 883 16.14 -29.99 -21.05
N ILE B 884 16.59 -30.49 -22.20
CA ILE B 884 17.19 -29.62 -23.22
C ILE B 884 16.31 -29.47 -24.45
N THR B 885 15.38 -30.38 -24.71
CA THR B 885 14.46 -30.18 -25.81
C THR B 885 13.01 -30.35 -25.40
N SER B 886 12.71 -31.32 -24.54
CA SER B 886 11.35 -31.58 -24.10
C SER B 886 11.41 -32.38 -22.80
N ILE B 887 10.24 -32.64 -22.21
CA ILE B 887 10.17 -33.40 -20.98
C ILE B 887 10.55 -34.86 -21.19
N ASN B 888 10.58 -35.33 -22.44
CA ASN B 888 10.91 -36.70 -22.77
C ASN B 888 12.35 -36.87 -23.24
N ASP B 889 13.16 -35.82 -23.13
CA ASP B 889 14.53 -35.84 -23.65
C ASP B 889 15.50 -36.14 -22.51
N ASN B 890 16.19 -37.26 -22.61
CA ASN B 890 17.13 -37.72 -21.58
C ASN B 890 18.57 -37.38 -21.97
N THR B 891 18.87 -36.08 -22.02
CA THR B 891 20.21 -35.65 -22.44
C THR B 891 21.18 -35.61 -21.26
N PHE B 892 20.87 -34.81 -20.24
CA PHE B 892 21.72 -34.68 -19.07
C PHE B 892 21.32 -35.62 -17.93
N ASN B 893 20.55 -36.67 -18.25
CA ASN B 893 20.07 -37.64 -17.26
C ASN B 893 19.11 -36.98 -16.27
N ALA B 894 18.31 -36.03 -16.76
CA ALA B 894 17.32 -35.38 -15.91
C ALA B 894 16.17 -36.32 -15.57
N ASN B 895 15.91 -37.33 -16.39
CA ASN B 895 14.85 -38.30 -16.13
C ASN B 895 15.30 -39.44 -15.25
N SER B 896 16.57 -39.50 -14.87
CA SER B 896 17.08 -40.58 -14.05
C SER B 896 16.62 -40.42 -12.61
N ASN B 897 16.27 -41.54 -11.97
CA ASN B 897 15.88 -41.57 -10.57
C ASN B 897 16.98 -42.10 -9.66
N THR B 898 18.20 -42.22 -10.18
CA THR B 898 19.35 -42.72 -9.44
C THR B 898 20.42 -41.64 -9.38
N LEU B 899 21.60 -42.01 -8.90
CA LEU B 899 22.72 -41.07 -8.87
C LEU B 899 23.13 -40.61 -10.27
N GLU B 900 22.77 -41.37 -11.30
CA GLU B 900 23.07 -40.98 -12.67
C GLU B 900 22.43 -39.64 -13.02
N TYR B 901 21.39 -39.25 -12.27
CA TYR B 901 20.77 -37.94 -12.47
C TYR B 901 21.78 -36.81 -12.36
N GLY B 902 22.84 -36.99 -11.56
CA GLY B 902 23.84 -35.95 -11.42
C GLY B 902 25.15 -36.25 -12.12
N PHE B 903 25.14 -37.17 -13.08
CA PHE B 903 26.38 -37.61 -13.71
C PHE B 903 26.94 -36.60 -14.71
N LYS B 904 26.11 -35.71 -15.22
CA LYS B 904 26.53 -34.79 -16.27
C LYS B 904 26.79 -33.38 -15.78
N ARG B 905 26.89 -33.18 -14.46
CA ARG B 905 27.09 -31.86 -13.89
C ARG B 905 28.58 -31.56 -13.80
N ALA B 906 29.07 -30.66 -14.64
CA ALA B 906 30.42 -30.17 -14.56
C ALA B 906 30.49 -28.99 -13.60
N LYS B 907 31.71 -28.54 -13.29
CA LYS B 907 31.86 -27.56 -12.23
C LYS B 907 31.50 -26.16 -12.74
N LEU B 908 30.84 -25.39 -11.89
CA LEU B 908 30.48 -24.02 -12.24
C LEU B 908 30.50 -23.16 -10.99
N SER B 909 31.23 -22.06 -11.05
CA SER B 909 31.28 -21.09 -9.97
C SER B 909 30.68 -19.78 -10.44
N TRP B 910 29.79 -19.21 -9.64
CA TRP B 910 29.15 -17.93 -9.94
C TRP B 910 29.43 -16.97 -8.81
N TYR B 911 29.91 -15.78 -9.14
CA TYR B 911 30.40 -14.88 -8.10
C TYR B 911 30.42 -13.45 -8.64
N THR B 912 30.72 -12.53 -7.73
CA THR B 912 31.14 -11.18 -8.08
C THR B 912 32.48 -10.94 -7.41
N ILE B 913 33.49 -10.59 -8.21
CA ILE B 913 34.83 -10.42 -7.66
C ILE B 913 34.81 -9.34 -6.60
N ASP B 914 35.27 -9.70 -5.41
CA ASP B 914 35.13 -8.80 -4.27
C ASP B 914 36.08 -7.61 -4.44
N PRO B 915 35.65 -6.41 -4.02
CA PRO B 915 36.51 -5.22 -4.21
C PRO B 915 37.80 -5.27 -3.41
N VAL B 916 37.99 -6.25 -2.53
CA VAL B 916 39.25 -6.35 -1.80
C VAL B 916 40.40 -6.68 -2.76
N PHE B 917 40.11 -7.38 -3.85
CA PHE B 917 41.16 -7.73 -4.79
C PHE B 917 41.72 -6.50 -5.51
N TYR B 918 40.87 -5.50 -5.75
CA TYR B 918 41.28 -4.31 -6.50
C TYR B 918 41.77 -3.18 -5.61
N SER B 919 41.21 -3.03 -4.41
CA SER B 919 41.55 -1.89 -3.55
C SER B 919 42.71 -2.21 -2.61
N SER B 920 42.54 -3.21 -1.75
CA SER B 920 43.56 -3.61 -0.80
C SER B 920 44.08 -4.99 -1.21
N LYS B 921 45.08 -4.99 -2.09
CA LYS B 921 45.65 -6.17 -2.73
C LYS B 921 45.96 -7.26 -1.71
N PRO B 922 45.23 -8.38 -1.75
CA PRO B 922 45.54 -9.49 -0.85
C PRO B 922 46.84 -10.18 -1.22
N SER B 923 47.43 -10.84 -0.24
CA SER B 923 48.68 -11.55 -0.46
C SER B 923 48.49 -12.70 -1.43
N GLY B 924 49.45 -12.86 -2.34
CA GLY B 924 49.37 -13.89 -3.36
C GLY B 924 48.73 -13.45 -4.66
N ILE B 925 48.16 -12.25 -4.72
CA ILE B 925 47.52 -11.73 -5.91
C ILE B 925 48.40 -10.63 -6.48
N SER B 926 48.78 -10.77 -7.75
CA SER B 926 49.63 -9.81 -8.43
C SER B 926 48.79 -8.94 -9.36
N ASN B 927 49.43 -7.89 -9.90
CA ASN B 927 48.75 -7.04 -10.87
C ASN B 927 48.46 -7.78 -12.16
N ASP B 928 49.27 -8.78 -12.50
CA ASP B 928 48.97 -9.61 -13.66
C ASP B 928 47.73 -10.45 -13.45
N ASP B 929 47.41 -10.77 -12.18
CA ASP B 929 46.20 -11.52 -11.88
C ASP B 929 44.94 -10.66 -12.03
N LEU B 930 45.08 -9.34 -12.06
CA LEU B 930 43.94 -8.44 -12.15
C LEU B 930 43.77 -7.82 -13.53
N SER B 931 44.54 -8.28 -14.53
CA SER B 931 44.41 -7.80 -15.90
C SER B 931 44.34 -9.01 -16.83
N LEU B 932 43.14 -9.56 -16.99
CA LEU B 932 42.94 -10.70 -17.87
C LEU B 932 41.65 -10.64 -18.69
N ASN B 933 40.84 -9.60 -18.52
CA ASN B 933 39.53 -9.45 -19.17
C ASN B 933 38.52 -10.43 -18.58
N THR B 934 39.00 -11.32 -17.70
CA THR B 934 38.13 -12.19 -16.91
C THR B 934 38.23 -11.89 -15.42
N THR B 935 39.24 -11.13 -14.99
CA THR B 935 39.41 -10.72 -13.61
C THR B 935 39.45 -9.22 -13.42
N ARG B 936 39.66 -8.44 -14.48
CA ARG B 936 39.88 -7.01 -14.34
C ARG B 936 38.59 -6.29 -13.92
N ARG B 937 38.77 -5.20 -13.19
CA ARG B 937 37.63 -4.41 -12.74
C ARG B 937 37.04 -3.63 -13.91
N ILE B 938 35.72 -3.71 -14.08
CA ILE B 938 35.02 -3.03 -15.15
C ILE B 938 34.47 -1.71 -14.62
N TYR B 939 34.75 -0.64 -15.34
CA TYR B 939 34.24 0.68 -15.00
C TYR B 939 33.06 1.04 -15.91
N SER B 940 32.13 1.82 -15.34
CA SER B 940 30.94 2.20 -16.10
C SER B 940 31.29 3.03 -17.32
N ARG B 941 32.39 3.78 -17.27
CA ARG B 941 32.81 4.57 -18.41
C ARG B 941 33.17 3.72 -19.63
N GLU B 942 33.41 2.43 -19.43
CA GLU B 942 33.71 1.54 -20.54
C GLU B 942 32.43 0.96 -21.14
N LEU B 943 31.57 0.38 -20.30
CA LEU B 943 30.33 -0.20 -20.79
C LEU B 943 29.28 0.86 -21.11
N TYR B 944 29.24 1.95 -20.36
CA TYR B 944 28.28 3.03 -20.56
C TYR B 944 29.03 4.35 -20.66
N PRO B 945 29.69 4.61 -21.79
CA PRO B 945 30.46 5.86 -21.93
C PRO B 945 29.59 7.11 -21.91
N ASN B 946 28.31 7.00 -22.27
CA ASN B 946 27.43 8.16 -22.34
C ASN B 946 26.63 8.39 -21.06
N THR B 947 26.79 7.54 -20.06
CA THR B 947 26.03 7.67 -18.82
C THR B 947 26.80 8.55 -17.84
N ASP B 948 26.09 9.48 -17.20
CA ASP B 948 26.65 10.37 -16.21
C ASP B 948 26.39 9.80 -14.82
N ILE B 949 27.43 9.71 -14.01
CA ILE B 949 27.35 9.19 -12.65
C ILE B 949 27.62 10.33 -11.68
N ALA B 950 26.76 10.47 -10.67
CA ALA B 950 26.97 11.46 -9.64
C ALA B 950 28.28 11.20 -8.91
N GLN B 951 29.02 12.28 -8.63
CA GLN B 951 30.31 12.15 -7.97
C GLN B 951 30.13 11.62 -6.56
N GLY B 952 30.99 10.68 -6.17
CA GLY B 952 30.90 10.02 -4.90
C GLY B 952 30.11 8.72 -4.92
N GLN B 953 29.48 8.39 -6.04
CA GLN B 953 28.69 7.18 -6.18
C GLN B 953 29.55 6.07 -6.78
N ILE B 954 28.91 4.97 -7.15
CA ILE B 954 29.61 3.80 -7.66
C ILE B 954 29.92 4.02 -9.14
N GLN B 955 31.20 4.01 -9.49
CA GLN B 955 31.65 4.15 -10.86
C GLN B 955 32.06 2.83 -11.50
N VAL B 956 31.91 1.71 -10.79
CA VAL B 956 32.32 0.41 -11.29
C VAL B 956 31.09 -0.43 -11.56
N VAL B 957 31.25 -1.40 -12.45
CA VAL B 957 30.19 -2.35 -12.78
C VAL B 957 30.51 -3.67 -12.10
N ASN B 958 29.60 -4.14 -11.25
CA ASN B 958 29.78 -5.39 -10.53
C ASN B 958 29.20 -6.51 -11.39
N THR B 959 30.02 -7.03 -12.30
CA THR B 959 29.57 -8.07 -13.20
C THR B 959 29.35 -9.38 -12.46
N LEU B 960 28.42 -10.18 -12.98
CA LEU B 960 28.20 -11.53 -12.46
C LEU B 960 29.04 -12.49 -13.29
N ASP B 961 30.10 -13.03 -12.67
CA ASP B 961 31.04 -13.89 -13.38
C ASP B 961 30.68 -15.35 -13.15
N LEU B 962 30.57 -16.10 -14.24
CA LEU B 962 30.32 -17.53 -14.22
C LEU B 962 31.52 -18.21 -14.87
N THR B 963 32.32 -18.88 -14.05
CA THR B 963 33.45 -19.67 -14.54
C THR B 963 33.01 -21.13 -14.60
N TYR B 964 33.03 -21.70 -15.80
CA TYR B 964 32.53 -23.04 -16.06
C TYR B 964 33.70 -23.94 -16.44
N TYR B 965 33.87 -25.02 -15.68
CA TYR B 965 34.86 -26.05 -15.97
C TYR B 965 34.11 -27.29 -16.44
N PRO B 966 34.05 -27.55 -17.75
CA PRO B 966 33.37 -28.76 -18.23
C PRO B 966 34.18 -30.03 -18.03
N GLY B 967 35.49 -29.94 -17.87
CA GLY B 967 36.32 -31.09 -17.61
C GLY B 967 36.52 -31.42 -16.15
N GLU B 968 35.85 -30.71 -15.25
CA GLU B 968 35.99 -30.91 -13.82
C GLU B 968 34.66 -31.37 -13.23
N ARG B 969 34.73 -32.27 -12.27
CA ARG B 969 33.53 -32.86 -11.68
C ARG B 969 32.78 -31.83 -10.85
N GLY B 970 31.47 -31.77 -11.04
CA GLY B 970 30.62 -30.87 -10.31
C GLY B 970 30.18 -31.44 -8.98
N PRO B 971 29.45 -30.66 -8.20
CA PRO B 971 28.99 -31.14 -6.89
C PRO B 971 28.04 -32.33 -7.03
N TYR B 972 28.18 -33.26 -6.09
CA TYR B 972 27.30 -34.43 -5.99
C TYR B 972 27.28 -35.24 -7.28
N ASN B 973 28.41 -35.29 -7.98
CA ASN B 973 28.55 -36.07 -9.19
C ASN B 973 29.33 -37.34 -8.87
N ASN B 974 28.72 -38.49 -9.11
CA ASN B 974 29.32 -39.78 -8.80
C ASN B 974 29.56 -40.59 -10.07
N ASN B 975 29.93 -39.92 -11.15
CA ASN B 975 30.19 -40.60 -12.41
C ASN B 975 31.45 -41.44 -12.30
N PRO B 976 31.38 -42.76 -12.48
CA PRO B 976 32.61 -43.57 -12.42
C PRO B 976 33.64 -43.18 -13.46
N SER B 977 33.21 -42.75 -14.64
CA SER B 977 34.11 -42.32 -15.70
C SER B 977 33.67 -40.93 -16.14
N PHE B 978 34.17 -39.90 -15.45
CA PHE B 978 33.88 -38.52 -15.79
C PHE B 978 34.97 -37.88 -16.64
N GLY B 979 36.24 -38.18 -16.35
CA GLY B 979 37.33 -37.66 -17.16
C GLY B 979 37.52 -38.36 -18.48
N ALA B 980 36.87 -39.51 -18.66
CA ALA B 980 36.95 -40.25 -19.92
C ALA B 980 35.80 -39.92 -20.87
N SER B 981 34.93 -38.99 -20.50
CA SER B 981 33.81 -38.59 -21.33
C SER B 981 34.09 -37.25 -22.00
N ASN B 982 33.21 -36.88 -22.92
CA ASN B 982 33.36 -35.62 -23.65
C ASN B 982 32.95 -34.46 -22.76
N PRO B 983 33.82 -33.48 -22.51
CA PRO B 983 33.42 -32.35 -21.66
C PRO B 983 32.28 -31.52 -22.23
N SER B 984 32.08 -31.53 -23.54
CA SER B 984 31.02 -30.75 -24.15
C SER B 984 29.64 -31.33 -23.88
N ALA B 985 29.55 -32.56 -23.37
CA ALA B 985 28.28 -33.17 -23.04
C ALA B 985 27.82 -32.85 -21.62
N ASN B 986 28.63 -32.15 -20.84
CA ASN B 986 28.29 -31.79 -19.48
C ASN B 986 27.54 -30.46 -19.43
N PHE B 987 27.02 -30.13 -18.26
CA PHE B 987 26.32 -28.86 -18.05
C PHE B 987 26.74 -28.28 -16.71
N GLY B 988 26.64 -26.96 -16.62
CA GLY B 988 26.79 -26.27 -15.34
C GLY B 988 25.76 -25.18 -15.20
N GLY B 989 24.91 -25.25 -14.18
CA GLY B 989 23.72 -24.41 -14.15
C GLY B 989 23.43 -23.84 -12.77
N ILE B 990 22.71 -22.73 -12.79
CA ILE B 990 22.23 -22.08 -11.58
C ILE B 990 20.76 -21.73 -11.77
N MET B 991 20.04 -21.63 -10.66
CA MET B 991 18.62 -21.31 -10.69
C MET B 991 18.33 -20.23 -9.65
N ARG B 992 17.16 -19.61 -9.80
CA ARG B 992 16.82 -18.39 -9.10
C ARG B 992 15.30 -18.29 -9.00
N ALA B 993 14.83 -17.73 -7.89
CA ALA B 993 13.42 -17.44 -7.72
C ALA B 993 13.10 -16.04 -8.20
N LEU B 994 11.94 -15.86 -8.80
CA LEU B 994 11.50 -14.58 -9.32
C LEU B 994 10.44 -14.00 -8.39
N ASN B 995 10.63 -12.73 -8.02
CA ASN B 995 9.70 -12.10 -7.09
C ASN B 995 8.37 -11.77 -7.75
N SER B 996 8.40 -11.37 -9.02
CA SER B 996 7.20 -11.10 -9.78
C SER B 996 6.99 -12.24 -10.77
N THR B 997 5.95 -13.04 -10.52
CA THR B 997 5.72 -14.25 -11.31
C THR B 997 4.76 -14.04 -12.48
N ASN B 998 3.93 -12.99 -12.44
CA ASN B 998 2.98 -12.73 -13.52
C ASN B 998 3.66 -11.89 -14.58
N PHE B 999 4.24 -12.57 -15.57
CA PHE B 999 4.91 -11.86 -16.66
C PHE B 999 3.91 -11.13 -17.54
N GLU B 1000 2.71 -11.70 -17.72
CA GLU B 1000 1.71 -11.06 -18.58
C GLU B 1000 1.24 -9.74 -18.00
N GLN B 1001 0.91 -9.71 -16.70
CA GLN B 1001 0.49 -8.47 -16.07
C GLN B 1001 1.63 -7.46 -16.05
N GLY B 1002 2.84 -7.89 -15.70
CA GLY B 1002 3.98 -7.01 -15.70
C GLY B 1002 4.53 -6.67 -17.07
N ASN B 1003 4.05 -7.36 -18.10
CA ASN B 1003 4.52 -7.16 -19.48
C ASN B 1003 6.03 -7.34 -19.58
N VAL B 1004 6.54 -8.39 -18.95
CA VAL B 1004 7.96 -8.73 -19.05
C VAL B 1004 8.25 -9.08 -20.50
N GLU B 1005 9.03 -8.24 -21.17
CA GLU B 1005 9.15 -8.36 -22.62
C GLU B 1005 10.33 -9.22 -23.06
N TYR B 1006 11.50 -9.08 -22.43
CA TYR B 1006 12.61 -9.92 -22.85
C TYR B 1006 13.63 -10.05 -21.73
N ILE B 1007 14.66 -10.85 -21.99
CA ILE B 1007 15.82 -10.97 -21.13
C ILE B 1007 16.97 -10.25 -21.81
N GLN B 1008 17.50 -9.22 -21.16
CA GLN B 1008 18.57 -8.40 -21.74
C GLN B 1008 19.81 -8.52 -20.88
N PHE B 1009 20.92 -8.92 -21.50
CA PHE B 1009 22.18 -8.97 -20.76
C PHE B 1009 23.33 -8.44 -21.58
N TRP B 1010 24.16 -7.64 -20.92
CA TRP B 1010 25.44 -7.18 -21.45
C TRP B 1010 26.52 -8.12 -20.94
N VAL B 1011 27.23 -8.77 -21.87
CA VAL B 1011 28.21 -9.79 -21.56
C VAL B 1011 29.54 -9.41 -22.21
N LEU B 1012 30.62 -9.93 -21.65
CA LEU B 1012 31.96 -9.69 -22.17
C LEU B 1012 32.37 -10.83 -23.07
N ASP B 1013 32.80 -10.51 -24.28
CA ASP B 1013 33.22 -11.52 -25.24
C ASP B 1013 34.47 -12.24 -24.73
N PRO B 1014 34.43 -13.56 -24.53
CA PRO B 1014 35.57 -14.27 -23.98
C PRO B 1014 36.65 -14.66 -24.99
N TYR B 1015 36.63 -14.09 -26.20
CA TYR B 1015 37.59 -14.46 -27.24
C TYR B 1015 38.40 -13.26 -27.71
N VAL B 1016 38.47 -12.19 -26.92
CA VAL B 1016 39.10 -10.95 -27.34
C VAL B 1016 40.22 -10.53 -26.41
N GLY B 1017 39.99 -10.59 -25.09
CA GLY B 1017 40.92 -10.00 -24.14
C GLY B 1017 42.19 -10.83 -23.95
N ASN B 1018 42.90 -10.50 -22.88
CA ASN B 1018 44.15 -11.19 -22.57
C ASN B 1018 43.89 -12.64 -22.17
N GLY B 1019 42.95 -12.87 -21.27
CA GLY B 1019 42.58 -14.21 -20.87
C GLY B 1019 41.53 -14.80 -21.79
N GLU B 1020 41.71 -14.62 -23.09
CA GLU B 1020 40.74 -15.09 -24.06
C GLU B 1020 40.75 -16.62 -24.14
N SER B 1021 39.58 -17.18 -24.38
CA SER B 1021 39.45 -18.61 -24.59
C SER B 1021 39.85 -18.97 -26.02
N PRO B 1022 40.29 -20.21 -26.26
CA PRO B 1022 40.60 -20.63 -27.62
C PRO B 1022 39.35 -20.57 -28.50
N ALA B 1023 39.57 -20.29 -29.78
CA ALA B 1023 38.46 -20.15 -30.72
C ALA B 1023 37.66 -21.44 -30.85
N THR B 1024 38.29 -22.59 -30.59
CA THR B 1024 37.59 -23.86 -30.66
C THR B 1024 36.65 -24.10 -29.48
N ASN B 1025 36.70 -23.25 -28.45
CA ASN B 1025 35.87 -23.42 -27.27
C ASN B 1025 34.57 -22.65 -27.46
N ALA B 1026 33.70 -23.19 -28.30
CA ALA B 1026 32.36 -22.66 -28.51
C ALA B 1026 31.37 -23.45 -27.66
N GLY B 1027 30.24 -22.84 -27.38
CA GLY B 1027 29.25 -23.50 -26.55
C GLY B 1027 27.89 -22.84 -26.63
N LYS B 1028 27.04 -23.18 -25.68
CA LYS B 1028 25.70 -22.61 -25.61
C LYS B 1028 25.37 -22.26 -24.16
N ILE B 1029 24.60 -21.19 -24.01
CA ILE B 1029 24.04 -20.80 -22.72
C ILE B 1029 22.52 -20.85 -22.86
N TYR B 1030 21.88 -21.64 -22.00
CA TYR B 1030 20.45 -21.85 -22.03
C TYR B 1030 19.80 -21.15 -20.85
N PHE B 1031 18.64 -20.55 -21.11
CA PHE B 1031 17.79 -19.93 -20.10
C PHE B 1031 16.46 -20.65 -20.07
N ASN B 1032 15.96 -20.90 -18.86
CA ASN B 1032 14.67 -21.55 -18.64
C ASN B 1032 13.83 -20.65 -17.76
N LEU B 1033 12.59 -20.40 -18.18
CA LEU B 1033 11.67 -19.54 -17.45
C LEU B 1033 10.39 -20.29 -17.18
N GLY B 1034 10.01 -20.40 -15.91
CA GLY B 1034 8.75 -21.06 -15.58
C GLY B 1034 8.83 -21.85 -14.29
N GLU B 1035 8.09 -22.96 -14.23
CA GLU B 1035 8.08 -23.80 -13.04
C GLU B 1035 9.19 -24.83 -13.20
N ILE B 1036 10.26 -24.68 -12.42
CA ILE B 1036 11.43 -25.54 -12.48
C ILE B 1036 11.58 -26.22 -11.14
N SER B 1037 11.92 -27.51 -11.17
CA SER B 1037 11.99 -28.31 -9.94
C SER B 1037 13.04 -27.75 -9.00
N GLU B 1038 12.65 -27.58 -7.73
CA GLU B 1038 13.58 -27.19 -6.69
C GLU B 1038 14.35 -28.36 -6.12
N ASP B 1039 14.01 -29.58 -6.50
CA ASP B 1039 14.69 -30.79 -6.04
C ASP B 1039 16.03 -30.88 -6.78
N VAL B 1040 17.03 -30.19 -6.23
CA VAL B 1040 18.36 -30.17 -6.85
C VAL B 1040 18.96 -31.58 -6.87
N LEU B 1041 18.87 -32.28 -5.74
CA LEU B 1041 19.23 -33.69 -5.65
C LEU B 1041 17.93 -34.48 -5.71
N LYS B 1042 17.64 -35.04 -6.88
CA LYS B 1042 16.32 -35.59 -7.18
C LYS B 1042 16.08 -36.85 -6.38
N ASP B 1043 15.34 -36.72 -5.28
CA ASP B 1043 14.89 -37.88 -4.52
C ASP B 1043 13.46 -37.75 -4.02
N GLY B 1044 12.75 -36.68 -4.38
CA GLY B 1044 11.40 -36.45 -3.91
C GLY B 1044 11.29 -35.85 -2.52
N ARG B 1045 12.41 -35.56 -1.87
CA ARG B 1045 12.43 -35.04 -0.51
C ARG B 1045 13.13 -33.69 -0.47
N LYS B 1046 12.65 -32.82 0.41
CA LYS B 1046 13.22 -31.48 0.54
C LYS B 1046 14.33 -31.50 1.58
N GLN B 1047 15.55 -31.26 1.13
CA GLN B 1047 16.70 -31.17 2.03
C GLN B 1047 16.78 -29.78 2.64
N TYR B 1048 16.93 -29.72 3.95
CA TYR B 1048 17.29 -28.50 4.66
C TYR B 1048 18.30 -28.88 5.74
N GLU B 1049 19.48 -28.25 5.70
CA GLU B 1049 20.58 -28.68 6.54
C GLU B 1049 20.53 -28.10 7.95
N ASN B 1050 19.56 -27.24 8.25
CA ASN B 1050 19.39 -26.77 9.61
C ASN B 1050 18.63 -27.77 10.48
N GLY B 1051 18.08 -28.83 9.88
CA GLY B 1051 17.42 -29.88 10.61
C GLY B 1051 18.24 -31.14 10.79
N LEU B 1052 19.48 -31.16 10.31
CA LEU B 1052 20.35 -32.31 10.46
C LEU B 1052 21.02 -32.30 11.83
N GLY B 1053 21.68 -33.41 12.15
CA GLY B 1053 22.36 -33.54 13.41
C GLY B 1053 22.38 -34.97 13.92
N PRO B 1054 23.27 -35.24 14.88
CA PRO B 1054 23.37 -36.62 15.40
C PRO B 1054 22.14 -37.05 16.18
N ASP B 1055 21.45 -36.13 16.84
CA ASP B 1055 20.30 -36.45 17.68
C ASP B 1055 18.97 -36.17 16.99
N GLN B 1056 18.97 -35.84 15.72
CA GLN B 1056 17.75 -35.57 14.97
C GLN B 1056 17.31 -36.82 14.22
N VAL B 1057 16.00 -36.93 13.99
CA VAL B 1057 15.43 -38.08 13.30
C VAL B 1057 15.61 -37.89 11.80
N MET B 1058 16.22 -38.88 11.16
CA MET B 1058 16.40 -38.90 9.71
C MET B 1058 15.38 -39.82 9.06
N VAL B 1059 15.32 -39.75 7.72
CA VAL B 1059 14.51 -40.71 6.99
C VAL B 1059 15.07 -42.10 7.22
N ASN B 1060 14.21 -43.03 7.64
CA ASN B 1060 14.69 -44.32 8.12
C ASN B 1060 15.48 -45.09 7.06
N PRO B 1061 15.02 -45.21 5.81
CA PRO B 1061 15.96 -45.61 4.75
C PRO B 1061 16.61 -44.39 4.13
N GLN B 1062 17.93 -44.46 3.98
CA GLN B 1062 18.68 -43.30 3.54
C GLN B 1062 18.36 -42.99 2.08
N PRO B 1063 17.95 -41.75 1.75
CA PRO B 1063 17.37 -41.43 0.44
C PRO B 1063 18.37 -41.09 -0.67
N LEU B 1064 19.29 -42.01 -0.94
CA LEU B 1064 20.01 -42.07 -2.20
C LEU B 1064 21.04 -40.95 -2.38
N TRP B 1065 21.05 -39.97 -1.47
CA TRP B 1065 22.00 -38.88 -1.54
C TRP B 1065 22.66 -38.56 -0.22
N GLY B 1066 22.23 -39.15 0.88
CA GLY B 1066 22.74 -38.87 2.20
C GLY B 1066 21.60 -38.74 3.18
N ASP B 1067 21.85 -38.06 4.29
CA ASP B 1067 20.86 -37.93 5.34
C ASP B 1067 19.88 -36.81 5.01
N VAL B 1068 18.59 -37.10 5.14
CA VAL B 1068 17.52 -36.12 4.97
C VAL B 1068 16.73 -36.10 6.28
N PRO B 1069 16.57 -34.94 6.92
CA PRO B 1069 15.80 -34.90 8.17
C PRO B 1069 14.36 -35.31 7.95
N ALA B 1070 13.83 -36.12 8.86
CA ALA B 1070 12.45 -36.58 8.76
C ALA B 1070 11.46 -35.60 9.37
N SER B 1071 11.94 -34.65 10.16
CA SER B 1071 11.05 -33.66 10.78
C SER B 1071 10.58 -32.63 9.75
N GLN B 1072 9.44 -32.02 10.04
CA GLN B 1072 8.93 -30.94 9.21
C GLN B 1072 9.71 -29.66 9.49
N SER B 1073 10.21 -29.04 8.42
CA SER B 1073 10.96 -27.81 8.58
C SER B 1073 10.04 -26.67 9.03
N LEU B 1074 10.56 -25.82 9.91
CA LEU B 1074 9.82 -24.68 10.42
C LEU B 1074 10.44 -23.35 9.98
N ILE B 1075 11.70 -23.12 10.30
CA ILE B 1075 12.41 -21.90 9.94
C ILE B 1075 13.73 -22.29 9.31
N TYR B 1076 14.07 -21.66 8.18
CA TYR B 1076 15.34 -21.92 7.50
C TYR B 1076 16.40 -21.03 8.16
N ALA B 1077 16.86 -21.47 9.32
CA ALA B 1077 17.87 -20.74 10.07
C ALA B 1077 18.68 -21.69 10.93
N PHE B 1078 19.97 -21.41 11.05
CA PHE B 1078 20.83 -22.11 11.99
C PHE B 1078 20.71 -21.53 13.39
N ASP B 1079 21.28 -22.22 14.36
CA ASP B 1079 21.47 -21.68 15.69
C ASP B 1079 22.89 -21.12 15.77
N THR B 1080 23.21 -20.43 16.86
CA THR B 1080 24.52 -19.82 17.04
C THR B 1080 25.56 -20.80 17.58
N ASN B 1081 25.14 -21.94 18.10
CA ASN B 1081 26.05 -22.90 18.69
C ASN B 1081 27.00 -23.46 17.63
N PRO B 1082 28.32 -23.30 17.78
CA PRO B 1082 29.24 -23.79 16.74
C PRO B 1082 29.19 -25.30 16.54
N ASP B 1083 28.92 -26.09 17.57
CA ASP B 1083 28.90 -27.54 17.42
C ASP B 1083 27.73 -27.99 16.55
N ASN B 1084 26.54 -27.46 16.80
CA ASN B 1084 25.40 -27.75 15.95
C ASN B 1084 25.65 -27.27 14.52
N ARG B 1085 26.31 -26.12 14.37
CA ARG B 1085 26.62 -25.63 13.04
C ARG B 1085 27.56 -26.58 12.31
N LYS B 1086 28.57 -27.10 13.01
CA LYS B 1086 29.47 -28.08 12.39
C LYS B 1086 28.71 -29.35 12.00
N ASN B 1087 27.79 -29.79 12.86
CA ASN B 1087 27.02 -30.99 12.55
C ASN B 1087 25.98 -30.77 11.46
N GLN B 1088 25.60 -29.51 11.20
CA GLN B 1088 24.50 -29.19 10.28
C GLN B 1088 24.98 -28.71 8.92
N ASP B 1089 25.93 -27.76 8.89
CA ASP B 1089 26.38 -27.17 7.63
C ASP B 1089 27.27 -28.17 6.90
N VAL B 1090 26.62 -29.12 6.23
CA VAL B 1090 27.33 -30.22 5.60
C VAL B 1090 26.94 -30.33 4.13
N GLY B 1091 26.16 -29.38 3.64
CA GLY B 1091 25.78 -29.34 2.24
C GLY B 1091 24.43 -30.00 1.99
N LEU B 1092 24.03 -29.96 0.71
CA LEU B 1092 22.74 -30.50 0.30
C LEU B 1092 22.69 -32.02 0.42
N ASP B 1093 23.83 -32.70 0.42
CA ASP B 1093 23.82 -34.16 0.55
C ASP B 1093 23.51 -34.61 1.97
N GLY B 1094 23.77 -33.78 2.96
CA GLY B 1094 23.51 -34.14 4.34
C GLY B 1094 24.58 -34.98 4.99
N LEU B 1095 25.78 -35.06 4.42
CA LEU B 1095 26.85 -35.86 5.00
C LEU B 1095 28.08 -34.98 5.27
N PRO B 1096 28.73 -35.16 6.42
CA PRO B 1096 29.82 -34.24 6.80
C PRO B 1096 31.18 -34.59 6.24
N SER B 1097 31.24 -34.92 4.95
CA SER B 1097 32.47 -35.13 4.17
C SER B 1097 33.28 -36.32 4.62
N SER B 1098 32.89 -36.99 5.71
CA SER B 1098 33.53 -38.24 6.14
C SER B 1098 32.66 -39.45 5.88
N ARG B 1099 31.34 -39.27 5.80
CA ARG B 1099 30.41 -40.32 5.45
C ARG B 1099 29.96 -40.21 4.00
N GLU B 1100 30.56 -39.31 3.22
CA GLU B 1100 30.19 -39.13 1.83
C GLU B 1100 30.70 -40.26 0.95
N GLY B 1101 31.70 -41.02 1.39
CA GLY B 1101 32.22 -42.11 0.60
C GLY B 1101 31.28 -43.29 0.51
N SER B 1102 30.32 -43.40 1.41
CA SER B 1102 29.35 -44.49 1.33
C SER B 1102 28.35 -44.27 0.21
N ILE B 1103 28.06 -43.01 -0.13
CA ILE B 1103 27.13 -42.70 -1.20
C ILE B 1103 27.86 -42.47 -2.51
N TYR B 1104 28.92 -41.66 -2.50
CA TYR B 1104 29.69 -41.35 -3.70
C TYR B 1104 30.91 -42.27 -3.71
N THR B 1105 30.66 -43.53 -4.10
CA THR B 1105 31.65 -44.59 -3.95
C THR B 1105 32.79 -44.48 -4.95
N ASN B 1106 32.58 -43.80 -6.08
CA ASN B 1106 33.64 -43.69 -7.09
C ASN B 1106 34.68 -42.66 -6.74
N TYR B 1107 34.49 -41.89 -5.66
CA TYR B 1107 35.45 -40.89 -5.23
C TYR B 1107 35.63 -40.91 -3.71
N ALA B 1108 35.39 -42.08 -3.09
CA ALA B 1108 35.53 -42.21 -1.65
C ALA B 1108 36.97 -42.01 -1.18
N GLY B 1109 37.95 -42.19 -2.07
CA GLY B 1109 39.34 -41.98 -1.70
C GLY B 1109 39.77 -40.55 -1.60
N GLU B 1110 38.92 -39.61 -2.00
CA GLU B 1110 39.23 -38.20 -1.94
C GLU B 1110 38.83 -37.62 -0.58
N ALA B 1111 39.35 -36.43 -0.29
CA ALA B 1111 38.97 -35.75 0.94
C ALA B 1111 37.55 -35.22 0.87
N ASP B 1112 37.05 -34.94 -0.33
CA ASP B 1112 35.70 -34.42 -0.55
C ASP B 1112 35.05 -35.28 -1.63
N PRO B 1113 34.52 -36.46 -1.26
CA PRO B 1113 33.91 -37.33 -2.27
C PRO B 1113 32.75 -36.69 -3.02
N ALA B 1114 31.93 -35.88 -2.34
CA ALA B 1114 30.79 -35.25 -3.00
C ALA B 1114 31.17 -34.03 -3.82
N GLY B 1115 32.37 -33.49 -3.63
CA GLY B 1115 32.77 -32.30 -4.34
C GLY B 1115 31.96 -31.07 -4.00
N ASP B 1116 31.54 -30.93 -2.74
CA ASP B 1116 30.70 -29.81 -2.32
C ASP B 1116 31.33 -29.01 -1.18
N ASP B 1117 32.63 -29.13 -0.98
CA ASP B 1117 33.30 -28.39 0.09
C ASP B 1117 33.44 -26.92 -0.32
N TYR B 1118 33.27 -26.04 0.66
CA TYR B 1118 33.36 -24.60 0.44
C TYR B 1118 34.72 -24.09 0.89
N THR B 1119 35.25 -23.14 0.12
CA THR B 1119 36.50 -22.47 0.47
C THR B 1119 36.33 -20.97 0.28
N TYR B 1120 36.72 -20.20 1.29
CA TYR B 1120 36.72 -18.75 1.19
C TYR B 1120 37.71 -18.31 0.12
N TYR B 1121 37.37 -17.22 -0.57
CA TYR B 1121 38.24 -16.76 -1.65
C TYR B 1121 39.54 -16.16 -1.12
N LEU B 1122 39.54 -15.67 0.12
CA LEU B 1122 40.79 -15.24 0.74
C LEU B 1122 41.51 -16.37 1.46
N ASN B 1123 40.87 -17.53 1.60
CA ASN B 1123 41.49 -18.71 2.19
C ASN B 1123 42.10 -19.64 1.15
N ALA B 1124 41.95 -19.34 -0.13
CA ALA B 1124 42.47 -20.16 -1.19
C ALA B 1124 43.77 -19.56 -1.74
N ASP B 1125 44.30 -20.15 -2.80
CA ASP B 1125 45.53 -19.69 -3.42
C ASP B 1125 45.37 -19.69 -4.93
N GLY B 1126 46.18 -18.88 -5.60
CA GLY B 1126 46.15 -18.75 -7.03
C GLY B 1126 45.60 -17.43 -7.49
N GLY B 1127 45.10 -17.41 -8.72
CA GLY B 1127 44.48 -16.23 -9.28
C GLY B 1127 43.08 -16.02 -8.76
N VAL B 1128 42.42 -15.00 -9.31
CA VAL B 1128 41.08 -14.65 -8.84
C VAL B 1128 40.10 -15.78 -9.13
N LEU B 1129 40.18 -16.36 -10.33
CA LEU B 1129 39.29 -17.47 -10.68
C LEU B 1129 39.59 -18.71 -9.86
N GLU B 1130 40.86 -18.95 -9.54
CA GLU B 1130 41.22 -20.10 -8.72
C GLU B 1130 40.66 -19.97 -7.31
N ARG B 1131 40.65 -18.76 -6.75
CA ARG B 1131 40.18 -18.55 -5.39
C ARG B 1131 38.67 -18.61 -5.26
N TYR B 1132 37.93 -18.38 -6.35
CA TYR B 1132 36.48 -18.47 -6.34
C TYR B 1132 35.98 -19.83 -6.83
N LYS B 1133 36.89 -20.79 -7.06
CA LYS B 1133 36.51 -22.07 -7.64
C LYS B 1133 35.55 -22.82 -6.73
N ASN B 1134 35.82 -22.83 -5.42
CA ASN B 1134 35.00 -23.54 -4.45
C ASN B 1134 34.23 -22.58 -3.54
N TYR B 1135 33.94 -21.38 -4.04
CA TYR B 1135 33.23 -20.38 -3.25
C TYR B 1135 31.73 -20.64 -3.18
N ASN B 1136 31.20 -21.52 -4.02
CA ASN B 1136 29.78 -21.85 -4.00
C ASN B 1136 29.50 -23.20 -3.38
N GLY B 1137 30.49 -23.81 -2.72
CA GLY B 1137 30.24 -25.06 -2.03
C GLY B 1137 29.25 -24.88 -0.89
N THR B 1138 28.40 -25.89 -0.69
CA THR B 1138 27.35 -25.81 0.32
C THR B 1138 27.77 -26.39 1.66
N GLU B 1139 28.94 -27.00 1.76
CA GLU B 1139 29.42 -27.60 3.00
C GLU B 1139 30.51 -26.71 3.59
N GLY B 1140 30.29 -26.24 4.82
CA GLY B 1140 31.23 -25.37 5.47
C GLY B 1140 31.11 -23.91 5.11
N ASN B 1141 30.03 -23.51 4.44
CA ASN B 1141 29.84 -22.14 3.98
C ASN B 1141 29.02 -21.30 4.96
N SER B 1142 28.77 -21.79 6.17
CA SER B 1142 27.96 -21.06 7.15
C SER B 1142 28.64 -21.07 8.51
N ALA B 1143 29.94 -20.76 8.53
CA ALA B 1143 30.67 -20.71 9.79
C ALA B 1143 30.08 -19.64 10.71
N VAL B 1144 30.03 -19.96 12.00
CA VAL B 1144 29.40 -19.05 12.96
C VAL B 1144 30.18 -17.75 13.06
N SER B 1145 31.50 -17.85 13.17
CA SER B 1145 32.34 -16.68 13.41
C SER B 1145 32.77 -16.06 12.09
N ILE B 1146 32.59 -14.74 11.98
CA ILE B 1146 33.06 -14.01 10.81
C ILE B 1146 34.58 -13.89 10.77
N ASN B 1147 35.25 -14.20 11.88
CA ASN B 1147 36.71 -14.19 11.93
C ASN B 1147 37.31 -15.54 11.59
N ASP B 1148 36.49 -16.53 11.25
CA ASP B 1148 36.98 -17.82 10.79
C ASP B 1148 37.82 -17.61 9.53
N PRO B 1149 39.01 -18.21 9.45
CA PRO B 1149 39.78 -18.13 8.19
C PRO B 1149 39.00 -18.60 6.98
N ASN B 1150 38.09 -19.57 7.15
CA ASN B 1150 37.14 -19.94 6.11
C ASN B 1150 35.85 -19.16 6.38
N ARG B 1151 35.85 -17.90 5.96
CA ARG B 1151 34.71 -17.02 6.21
C ARG B 1151 33.47 -17.56 5.50
N GLY B 1152 32.31 -17.40 6.16
CA GLY B 1152 31.13 -18.14 5.76
C GLY B 1152 30.66 -17.84 4.34
N SER B 1153 30.45 -16.56 4.05
CA SER B 1153 29.81 -16.00 2.85
C SER B 1153 28.29 -16.15 2.89
N THR B 1154 27.72 -16.83 3.86
CA THR B 1154 26.28 -16.90 4.05
C THR B 1154 26.01 -17.44 5.44
N THR B 1155 24.84 -17.10 5.97
CA THR B 1155 24.39 -17.62 7.25
C THR B 1155 23.16 -18.52 7.12
N LEU B 1156 22.53 -18.57 5.96
CA LEU B 1156 21.33 -19.35 5.78
C LEU B 1156 21.67 -20.80 5.46
N PRO B 1157 20.94 -21.76 6.00
CA PRO B 1157 21.12 -23.15 5.60
C PRO B 1157 20.75 -23.36 4.15
N ASP B 1158 21.42 -24.33 3.52
CA ASP B 1158 21.15 -24.67 2.13
C ASP B 1158 19.92 -25.57 2.08
N VAL B 1159 18.87 -25.09 1.42
CA VAL B 1159 17.58 -25.76 1.38
C VAL B 1159 17.17 -25.95 -0.06
N GLU B 1160 16.52 -27.08 -0.36
CA GLU B 1160 15.97 -27.30 -1.68
C GLU B 1160 14.62 -26.61 -1.83
N ASP B 1161 14.60 -25.32 -1.51
CA ASP B 1161 13.40 -24.49 -1.63
C ASP B 1161 13.88 -23.06 -1.87
N ILE B 1162 13.67 -22.55 -3.08
CA ILE B 1162 14.36 -21.35 -3.53
C ILE B 1162 13.45 -20.13 -3.39
N ASN B 1163 12.16 -20.33 -3.57
CA ASN B 1163 11.19 -19.23 -3.47
C ASN B 1163 10.70 -19.00 -2.04
N ARG B 1164 11.24 -19.75 -1.08
CA ARG B 1164 10.99 -19.51 0.34
C ARG B 1164 9.51 -19.62 0.70
N ASP B 1165 8.81 -20.55 0.06
CA ASP B 1165 7.41 -20.83 0.36
C ASP B 1165 7.25 -22.08 1.21
N ASN B 1166 8.34 -22.62 1.76
CA ASN B 1166 8.42 -23.81 2.59
C ASN B 1166 8.14 -25.09 1.82
N THR B 1167 7.79 -25.02 0.54
CA THR B 1167 7.42 -26.18 -0.25
C THR B 1167 8.43 -26.37 -1.38
N MET B 1168 8.80 -27.63 -1.63
CA MET B 1168 9.73 -27.98 -2.70
C MET B 1168 8.93 -28.34 -3.94
N SER B 1169 9.11 -27.58 -5.01
CA SER B 1169 8.41 -27.83 -6.26
C SER B 1169 9.15 -28.87 -7.09
N THR B 1170 8.39 -29.77 -7.71
CA THR B 1170 8.96 -30.82 -8.55
C THR B 1170 8.46 -30.76 -9.99
N ILE B 1171 7.76 -29.70 -10.37
CA ILE B 1171 7.23 -29.57 -11.73
C ILE B 1171 8.29 -28.94 -12.63
N ASN B 1172 8.28 -29.35 -13.90
CA ASN B 1172 9.30 -28.97 -14.87
C ASN B 1172 8.64 -28.39 -16.13
N ALA B 1173 7.72 -27.47 -15.94
CA ALA B 1173 7.00 -26.83 -17.05
C ALA B 1173 7.58 -25.44 -17.27
N TYR B 1174 8.44 -25.30 -18.27
CA TYR B 1174 9.10 -24.02 -18.51
C TYR B 1174 9.35 -23.83 -20.00
N TYR B 1175 9.73 -22.59 -20.34
CA TYR B 1175 10.14 -22.21 -21.68
C TYR B 1175 11.66 -22.15 -21.72
N GLU B 1176 12.22 -22.51 -22.87
CA GLU B 1176 13.67 -22.62 -23.03
C GLU B 1176 14.13 -21.73 -24.18
N TYR B 1177 15.14 -20.91 -23.89
CA TYR B 1177 15.81 -20.02 -24.83
C TYR B 1177 17.29 -20.38 -24.83
N SER B 1178 17.98 -20.08 -25.91
CA SER B 1178 19.39 -20.44 -25.99
C SER B 1178 20.16 -19.43 -26.83
N ILE B 1179 21.39 -19.15 -26.41
CA ILE B 1179 22.32 -18.33 -27.18
C ILE B 1179 23.61 -19.11 -27.40
N ASP B 1180 24.17 -18.95 -28.59
CA ASP B 1180 25.48 -19.53 -28.88
C ASP B 1180 26.58 -18.63 -28.36
N VAL B 1181 27.72 -19.25 -28.05
CA VAL B 1181 28.93 -18.54 -27.63
C VAL B 1181 30.02 -18.99 -28.59
N LYS B 1182 30.37 -18.12 -29.54
CA LYS B 1182 31.32 -18.37 -30.61
C LYS B 1182 32.26 -17.19 -30.73
N PRO B 1183 33.48 -17.42 -31.25
CA PRO B 1183 34.45 -16.32 -31.37
C PRO B 1183 33.99 -15.17 -32.27
N GLY B 1184 33.23 -15.44 -33.33
CA GLY B 1184 32.94 -14.42 -34.31
C GLY B 1184 31.49 -13.98 -34.39
N MET B 1185 30.84 -13.80 -33.24
CA MET B 1185 29.44 -13.41 -33.23
C MET B 1185 29.27 -11.97 -33.67
N GLN B 1186 28.19 -11.70 -34.40
CA GLN B 1186 27.88 -10.39 -34.94
C GLN B 1186 26.44 -10.02 -34.64
N VAL B 1187 26.12 -8.73 -34.82
CA VAL B 1187 24.77 -8.25 -34.59
C VAL B 1187 23.83 -8.75 -35.68
N GLY B 1188 22.58 -9.00 -35.31
CA GLY B 1188 21.56 -9.44 -36.22
C GLY B 1188 21.17 -10.90 -36.09
N GLU B 1189 22.01 -11.70 -35.44
CA GLU B 1189 21.70 -13.10 -35.17
C GLU B 1189 22.08 -13.42 -33.74
N ASN B 1190 21.62 -14.58 -33.27
CA ASN B 1190 21.91 -15.06 -31.91
C ASN B 1190 21.40 -14.08 -30.86
N TYR B 1191 20.30 -13.40 -31.15
CA TYR B 1191 19.68 -12.43 -30.25
C TYR B 1191 20.60 -11.25 -29.92
N ILE B 1192 21.61 -11.00 -30.76
CA ILE B 1192 22.55 -9.92 -30.51
C ILE B 1192 21.96 -8.62 -31.06
N THR B 1193 21.92 -7.59 -30.22
CA THR B 1193 21.39 -6.30 -30.60
C THR B 1193 22.43 -5.19 -30.65
N ASP B 1194 23.58 -5.37 -29.99
CA ASP B 1194 24.59 -4.32 -29.94
C ASP B 1194 25.94 -4.95 -29.63
N ILE B 1195 26.99 -4.37 -30.21
CA ILE B 1195 28.37 -4.75 -29.92
C ILE B 1195 29.18 -3.48 -29.74
N ARG B 1196 29.80 -3.33 -28.59
CA ARG B 1196 30.69 -2.21 -28.29
C ARG B 1196 32.11 -2.74 -28.17
N GLU B 1197 32.98 -2.33 -29.08
CA GLU B 1197 34.37 -2.74 -29.08
C GLU B 1197 35.21 -1.67 -28.40
N VAL B 1198 35.91 -2.06 -27.33
CA VAL B 1198 36.76 -1.16 -26.57
C VAL B 1198 38.21 -1.50 -26.92
N THR B 1199 38.98 -0.49 -27.32
CA THR B 1199 40.30 -0.72 -27.90
C THR B 1199 41.40 -0.59 -26.85
N ASN B 1200 41.46 0.54 -26.15
CA ASN B 1200 42.55 0.87 -25.24
C ASN B 1200 42.04 0.80 -23.80
N VAL B 1201 42.15 -0.38 -23.20
CA VAL B 1201 41.78 -0.60 -21.80
C VAL B 1201 43.04 -0.48 -20.96
N ASP B 1202 43.02 0.43 -19.98
CA ASP B 1202 44.14 0.57 -19.06
C ASP B 1202 44.12 -0.56 -18.04
N LEU B 1203 45.25 -1.23 -17.87
CA LEU B 1203 45.33 -2.39 -17.00
C LEU B 1203 46.19 -2.08 -15.78
N PRO B 1204 45.95 -2.77 -14.65
CA PRO B 1204 46.76 -2.51 -13.46
C PRO B 1204 48.23 -2.86 -13.62
N ASN B 1205 48.58 -3.73 -14.58
CA ASN B 1205 49.98 -4.09 -14.81
C ASN B 1205 50.70 -3.15 -15.75
N GLY B 1206 50.02 -2.09 -16.22
CA GLY B 1206 50.62 -1.13 -17.12
C GLY B 1206 50.42 -1.41 -18.59
N GLY B 1207 49.87 -2.56 -18.95
CA GLY B 1207 49.60 -2.90 -20.33
C GLY B 1207 48.23 -2.45 -20.79
N THR B 1208 47.88 -2.88 -21.99
CA THR B 1208 46.59 -2.59 -22.59
C THR B 1208 46.01 -3.84 -23.21
N THR B 1209 44.68 -3.89 -23.30
CA THR B 1209 43.98 -5.05 -23.85
C THR B 1209 42.76 -4.58 -24.62
N ASN B 1210 42.28 -5.46 -25.49
CA ASN B 1210 41.06 -5.23 -26.26
C ASN B 1210 39.89 -5.95 -25.60
N ALA B 1211 38.71 -5.36 -25.70
CA ALA B 1211 37.51 -5.92 -25.11
C ALA B 1211 36.35 -5.77 -26.08
N ARG B 1212 35.35 -6.62 -25.91
CA ARG B 1212 34.15 -6.59 -26.76
C ARG B 1212 32.94 -6.91 -25.88
N TRP B 1213 32.04 -5.94 -25.73
CA TRP B 1213 30.81 -6.14 -25.01
C TRP B 1213 29.68 -6.43 -25.99
N ILE B 1214 28.92 -7.49 -25.71
CA ILE B 1214 27.82 -7.91 -26.56
C ILE B 1214 26.54 -7.82 -25.76
N GLN B 1215 25.53 -7.18 -26.36
CA GLN B 1215 24.21 -7.06 -25.75
C GLN B 1215 23.28 -8.08 -26.38
N PHE B 1216 22.69 -8.93 -25.55
CA PHE B 1216 21.69 -9.90 -26.00
C PHE B 1216 20.33 -9.48 -25.48
N LYS B 1217 19.33 -9.57 -26.35
CA LYS B 1217 17.93 -9.35 -25.98
C LYS B 1217 17.14 -10.54 -26.50
N ILE B 1218 16.88 -11.51 -25.62
CA ILE B 1218 16.12 -12.71 -25.97
C ILE B 1218 14.65 -12.41 -25.69
N PRO B 1219 13.79 -12.36 -26.71
CA PRO B 1219 12.37 -12.07 -26.47
C PRO B 1219 11.70 -13.21 -25.70
N VAL B 1220 11.05 -12.86 -24.60
CA VAL B 1220 10.42 -13.86 -23.75
C VAL B 1220 9.26 -14.52 -24.48
N SER B 1221 8.53 -13.75 -25.29
CA SER B 1221 7.34 -14.25 -25.98
C SER B 1221 7.66 -15.23 -27.11
N GLN B 1222 8.93 -15.49 -27.40
CA GLN B 1222 9.33 -16.40 -28.47
C GLN B 1222 10.27 -17.46 -27.91
N PRO B 1223 9.76 -18.41 -27.13
CA PRO B 1223 10.61 -19.48 -26.62
C PRO B 1223 11.15 -20.35 -27.75
N GLN B 1224 12.39 -20.81 -27.57
CA GLN B 1224 12.95 -21.75 -28.54
C GLN B 1224 12.34 -23.14 -28.36
N ASN B 1225 12.03 -23.52 -27.13
CA ASN B 1225 11.41 -24.81 -26.87
C ASN B 1225 10.49 -24.69 -25.66
N THR B 1226 9.62 -25.67 -25.49
CA THR B 1226 8.72 -25.75 -24.35
C THR B 1226 8.86 -27.12 -23.72
N ILE B 1227 9.31 -27.16 -22.46
CA ILE B 1227 9.43 -28.41 -21.72
C ILE B 1227 8.26 -28.50 -20.75
N GLY B 1228 7.55 -29.62 -20.79
CA GLY B 1228 6.36 -29.78 -19.96
C GLY B 1228 5.16 -29.08 -20.55
N ASN B 1229 4.16 -28.89 -19.71
CA ASN B 1229 2.89 -28.28 -20.11
C ASN B 1229 2.81 -26.87 -19.52
N ILE B 1230 3.33 -25.90 -20.27
CA ILE B 1230 3.19 -24.49 -19.95
C ILE B 1230 2.76 -23.77 -21.22
N THR B 1231 1.69 -22.98 -21.12
CA THR B 1231 1.08 -22.36 -22.29
C THR B 1231 0.98 -20.84 -22.22
N ASP B 1232 1.28 -20.23 -21.08
CA ASP B 1232 1.22 -18.78 -20.93
C ASP B 1232 2.34 -18.33 -20.03
N PHE B 1233 2.38 -17.02 -19.76
CA PHE B 1233 3.42 -16.42 -18.92
C PHE B 1233 2.85 -15.83 -17.65
N ARG B 1234 1.68 -16.30 -17.21
CA ARG B 1234 1.05 -15.74 -16.02
C ARG B 1234 1.65 -16.27 -14.72
N SER B 1235 2.38 -17.40 -14.78
CA SER B 1235 3.04 -17.97 -13.60
C SER B 1235 4.46 -18.37 -14.00
N ILE B 1236 5.39 -17.43 -13.86
CA ILE B 1236 6.81 -17.67 -14.12
C ILE B 1236 7.53 -17.48 -12.80
N ARG B 1237 7.77 -18.57 -12.08
CA ARG B 1237 8.29 -18.49 -10.72
C ARG B 1237 9.79 -18.70 -10.62
N PHE B 1238 10.41 -19.37 -11.59
CA PHE B 1238 11.81 -19.72 -11.51
C PHE B 1238 12.53 -19.38 -12.82
N MET B 1239 13.78 -18.96 -12.69
CA MET B 1239 14.65 -18.69 -13.82
C MET B 1239 15.95 -19.46 -13.63
N ARG B 1240 16.34 -20.23 -14.64
CA ARG B 1240 17.56 -21.02 -14.60
C ARG B 1240 18.43 -20.65 -15.80
N MET B 1241 19.74 -20.63 -15.61
CA MET B 1241 20.63 -20.56 -16.75
C MET B 1241 21.77 -21.55 -16.57
N PHE B 1242 22.08 -22.27 -17.64
CA PHE B 1242 23.16 -23.23 -17.60
C PHE B 1242 23.99 -23.17 -18.88
N MET B 1243 25.29 -23.38 -18.71
CA MET B 1243 26.26 -23.41 -19.80
C MET B 1243 26.56 -24.86 -20.16
N THR B 1244 26.64 -25.13 -21.46
CA THR B 1244 26.95 -26.47 -21.94
C THR B 1244 27.66 -26.37 -23.28
N GLY B 1245 28.19 -27.49 -23.75
CA GLY B 1245 28.81 -27.57 -25.06
C GLY B 1245 30.23 -27.06 -25.12
N PHE B 1246 30.79 -26.58 -24.02
CA PHE B 1246 32.14 -26.06 -24.01
C PHE B 1246 33.14 -27.19 -23.75
N ASN B 1247 34.33 -27.05 -24.34
CA ASN B 1247 35.38 -28.05 -24.18
C ASN B 1247 36.30 -27.75 -23.01
N SER B 1248 36.61 -26.48 -22.78
CA SER B 1248 37.55 -26.11 -21.72
C SER B 1248 36.96 -25.04 -20.81
N GLN B 1249 37.76 -24.54 -19.88
CA GLN B 1249 37.30 -23.53 -18.93
C GLN B 1249 36.83 -22.29 -19.66
N MET B 1250 35.65 -21.79 -19.30
CA MET B 1250 35.04 -20.65 -19.97
C MET B 1250 34.49 -19.68 -18.94
N THR B 1251 34.88 -18.43 -19.03
CA THR B 1251 34.44 -17.39 -18.12
C THR B 1251 33.48 -16.45 -18.85
N VAL B 1252 32.25 -16.36 -18.36
CA VAL B 1252 31.23 -15.48 -18.91
C VAL B 1252 30.91 -14.43 -17.86
N ARG B 1253 31.21 -13.17 -18.17
CA ARG B 1253 30.98 -12.07 -17.24
C ARG B 1253 29.79 -11.25 -17.73
N PHE B 1254 28.73 -11.22 -16.93
CA PHE B 1254 27.54 -10.44 -17.23
C PHE B 1254 27.72 -9.05 -16.65
N GLY B 1255 28.06 -8.09 -17.52
CA GLY B 1255 28.07 -6.71 -17.09
C GLY B 1255 26.69 -6.17 -16.80
N ALA B 1256 25.65 -6.78 -17.37
CA ALA B 1256 24.29 -6.49 -17.00
C ALA B 1256 23.45 -7.73 -17.27
N LEU B 1257 22.45 -7.96 -16.42
CA LEU B 1257 21.55 -9.09 -16.59
C LEU B 1257 20.20 -8.70 -16.00
N ASP B 1258 19.20 -8.53 -16.87
CA ASP B 1258 17.92 -7.97 -16.44
C ASP B 1258 16.78 -8.68 -17.15
N LEU B 1259 15.65 -8.75 -16.45
CA LEU B 1259 14.36 -9.03 -17.07
C LEU B 1259 13.72 -7.69 -17.40
N VAL B 1260 13.56 -7.40 -18.68
CA VAL B 1260 13.08 -6.10 -19.14
C VAL B 1260 11.60 -6.20 -19.45
N ARG B 1261 10.82 -5.33 -18.83
CA ARG B 1261 9.38 -5.23 -19.02
C ARG B 1261 9.04 -3.85 -19.57
N GLY B 1262 8.08 -3.81 -20.48
CA GLY B 1262 7.74 -2.57 -21.15
C GLY B 1262 6.35 -2.04 -20.86
N GLU B 1263 6.17 -0.73 -21.04
CA GLU B 1263 4.85 -0.13 -20.92
C GLU B 1263 3.97 -0.38 -22.13
N TRP B 1264 4.57 -0.46 -23.31
CA TRP B 1264 3.82 -0.70 -24.54
C TRP B 1264 3.62 -2.20 -24.72
N ARG B 1265 2.36 -2.63 -24.74
CA ARG B 1265 2.03 -4.04 -24.83
C ARG B 1265 1.94 -4.48 -26.29
N ARG B 1266 2.47 -5.66 -26.57
CA ARG B 1266 2.40 -6.23 -27.91
C ARG B 1266 0.96 -6.60 -28.23
N TYR B 1267 0.43 -6.01 -29.30
CA TYR B 1267 -0.96 -6.24 -29.66
C TYR B 1267 -1.10 -7.57 -30.39
N THR B 1268 -1.80 -8.51 -29.78
CA THR B 1268 -2.11 -9.79 -30.42
C THR B 1268 -3.54 -9.74 -30.95
N GLY B 1269 -3.76 -10.36 -32.08
CA GLY B 1269 -5.01 -10.21 -32.79
C GLY B 1269 -4.82 -9.44 -34.08
N THR B 1270 -5.65 -9.76 -35.06
CA THR B 1270 -5.46 -9.21 -36.40
C THR B 1270 -5.88 -7.74 -36.46
N LEU B 1271 -5.04 -6.94 -37.12
CA LEU B 1271 -5.39 -5.59 -37.52
C LEU B 1271 -5.87 -5.52 -38.96
N ASP B 1272 -5.88 -6.65 -39.66
CA ASP B 1272 -6.38 -6.74 -41.03
C ASP B 1272 -7.35 -7.90 -41.14
N ALA B 1273 -8.44 -7.69 -41.88
CA ALA B 1273 -9.45 -8.72 -42.04
C ALA B 1273 -9.09 -9.76 -43.09
N ASN B 1274 -8.05 -9.52 -43.89
CA ASN B 1274 -7.64 -10.48 -44.89
C ASN B 1274 -6.90 -11.67 -44.30
N ASP B 1275 -6.33 -11.51 -43.10
CA ASP B 1275 -5.56 -12.57 -42.47
C ASP B 1275 -6.42 -13.40 -41.51
N GLN B 1276 -6.98 -12.74 -40.50
CA GLN B 1276 -7.94 -13.33 -39.56
C GLN B 1276 -7.38 -14.52 -38.78
N ASN B 1277 -6.06 -14.75 -38.83
CA ASN B 1277 -5.40 -15.76 -38.02
C ASN B 1277 -4.08 -15.20 -37.53
N PRO B 1278 -4.11 -14.37 -36.48
CA PRO B 1278 -2.89 -13.66 -36.06
C PRO B 1278 -1.77 -14.58 -35.57
N ASP B 1279 -2.11 -15.70 -34.93
CA ASP B 1279 -1.09 -16.57 -34.37
C ASP B 1279 -0.53 -17.52 -35.41
N ASP B 1280 -0.05 -16.97 -36.53
CA ASP B 1280 0.47 -17.78 -37.63
C ASP B 1280 1.45 -16.92 -38.43
N ASP B 1281 1.78 -17.38 -39.63
CA ASP B 1281 2.58 -16.66 -40.62
C ASP B 1281 4.06 -16.60 -40.25
N GLY B 1282 4.41 -17.07 -39.06
CA GLY B 1282 5.81 -17.15 -38.67
C GLY B 1282 6.54 -15.82 -38.69
N VAL B 1283 5.89 -14.75 -38.26
CA VAL B 1283 6.46 -13.42 -38.26
C VAL B 1283 6.95 -13.12 -36.84
N GLU B 1284 8.26 -12.97 -36.68
CA GLU B 1284 8.82 -12.57 -35.39
C GLU B 1284 8.70 -11.06 -35.25
N PHE B 1285 7.85 -10.64 -34.33
CA PHE B 1285 7.55 -9.24 -34.07
C PHE B 1285 8.01 -8.90 -32.66
N ASP B 1286 9.04 -8.05 -32.58
CA ASP B 1286 9.64 -7.68 -31.29
C ASP B 1286 9.51 -6.18 -31.07
N VAL B 1287 9.36 -5.80 -29.81
CA VAL B 1287 9.37 -4.40 -29.42
C VAL B 1287 10.32 -4.22 -28.25
N ALA B 1288 11.18 -3.22 -28.33
CA ALA B 1288 12.20 -2.95 -27.34
C ALA B 1288 12.46 -1.45 -27.33
N ALA B 1289 13.59 -1.05 -26.75
CA ALA B 1289 13.97 0.35 -26.70
C ALA B 1289 15.41 0.51 -27.17
N VAL B 1290 15.68 1.66 -27.79
CA VAL B 1290 17.01 2.03 -28.23
C VAL B 1290 17.41 3.30 -27.49
N ASN B 1291 18.63 3.31 -26.97
CA ASN B 1291 19.10 4.31 -26.02
C ASN B 1291 20.34 5.02 -26.55
N ILE B 1292 20.53 6.25 -26.06
CA ILE B 1292 21.80 6.94 -26.29
C ILE B 1292 22.87 6.47 -25.31
N GLN B 1293 22.46 5.85 -24.20
CA GLN B 1293 23.40 5.36 -23.20
C GLN B 1293 23.82 3.92 -23.43
N GLU B 1294 23.08 3.17 -24.24
CA GLU B 1294 23.37 1.77 -24.49
C GLU B 1294 23.51 1.40 -25.95
N ASN B 1295 22.91 2.15 -26.87
CA ASN B 1295 22.89 1.79 -28.29
C ASN B 1295 23.56 2.84 -29.15
N GLY B 1296 24.60 3.49 -28.63
CA GLY B 1296 25.35 4.45 -29.43
C GLY B 1296 26.28 3.84 -30.44
N THR B 1297 26.46 2.52 -30.41
CA THR B 1297 27.33 1.81 -31.34
C THR B 1297 26.58 0.69 -32.06
N LYS B 1298 25.30 0.90 -32.33
CA LYS B 1298 24.48 -0.12 -32.96
C LYS B 1298 24.95 -0.39 -34.39
N CYS B 1299 24.82 -1.66 -34.81
CA CYS B 1299 25.47 -2.08 -36.05
C CYS B 1299 24.84 -1.44 -37.29
N PRO B 1300 23.52 -1.60 -37.57
CA PRO B 1300 22.98 -1.01 -38.80
C PRO B 1300 23.07 0.50 -38.78
N VAL B 1301 22.44 1.11 -37.79
CA VAL B 1301 22.51 2.55 -37.57
C VAL B 1301 22.71 2.78 -36.08
N ASN B 1302 23.73 3.55 -35.71
CA ASN B 1302 23.90 3.95 -34.32
C ASN B 1302 22.74 4.84 -33.91
N TYR B 1303 22.31 4.70 -32.66
CA TYR B 1303 21.22 5.54 -32.17
C TYR B 1303 21.70 6.96 -31.92
N VAL B 1304 20.98 7.91 -32.49
CA VAL B 1304 21.21 9.34 -32.24
C VAL B 1304 19.86 9.97 -31.97
N MET B 1305 19.90 11.10 -31.26
CA MET B 1305 18.67 11.83 -30.99
C MET B 1305 18.13 12.45 -32.27
N PRO B 1306 16.82 12.63 -32.37
CA PRO B 1306 16.27 13.33 -33.53
C PRO B 1306 16.80 14.76 -33.57
N PRO B 1307 16.94 15.32 -34.77
CA PRO B 1307 17.49 16.68 -34.87
C PRO B 1307 16.67 17.68 -34.07
N GLY B 1308 17.36 18.46 -33.24
CA GLY B 1308 16.72 19.41 -32.36
C GLY B 1308 16.36 18.87 -30.99
N VAL B 1309 16.50 17.57 -30.75
CA VAL B 1309 16.17 16.96 -29.48
C VAL B 1309 17.43 16.93 -28.61
N GLN B 1310 17.30 17.39 -27.37
CA GLN B 1310 18.40 17.45 -26.43
C GLN B 1310 18.10 16.55 -25.23
N ARG B 1311 19.16 16.18 -24.52
CA ARG B 1311 19.00 15.36 -23.32
C ARG B 1311 18.61 16.23 -22.13
N GLU B 1312 17.70 15.70 -21.31
CA GLU B 1312 17.32 16.39 -20.09
C GLU B 1312 18.49 16.43 -19.12
N GLN B 1313 18.60 17.54 -18.38
CA GLN B 1313 19.69 17.74 -17.43
C GLN B 1313 19.11 17.96 -16.04
N LEU B 1314 19.58 17.17 -15.08
CA LEU B 1314 19.14 17.27 -13.69
C LEU B 1314 20.35 17.45 -12.79
N TYR B 1315 20.09 17.62 -11.50
CA TYR B 1315 21.13 17.79 -10.50
C TYR B 1315 21.03 16.65 -9.50
N ASN B 1316 22.00 15.74 -9.52
CA ASN B 1316 21.97 14.60 -8.60
C ASN B 1316 22.53 15.00 -7.24
N ASN B 1317 23.81 15.36 -7.17
CA ASN B 1317 24.44 15.93 -5.98
C ASN B 1317 25.43 16.99 -6.48
N ASN B 1318 24.95 18.22 -6.61
CA ASN B 1318 25.75 19.35 -7.11
C ASN B 1318 26.41 19.05 -8.45
N THR B 1319 25.95 18.01 -9.15
CA THR B 1319 26.50 17.60 -10.43
C THR B 1319 25.40 17.57 -11.47
N VAL B 1320 25.73 17.97 -12.70
CA VAL B 1320 24.77 17.97 -13.78
C VAL B 1320 24.78 16.58 -14.44
N ILE B 1321 23.64 15.90 -14.38
CA ILE B 1321 23.47 14.57 -14.94
C ILE B 1321 22.61 14.70 -16.19
N ASN B 1322 23.15 14.28 -17.33
CA ASN B 1322 22.38 14.22 -18.56
C ASN B 1322 21.47 13.00 -18.52
N GLN B 1323 20.18 13.22 -18.76
CA GLN B 1323 19.23 12.12 -18.70
C GLN B 1323 19.25 11.32 -19.99
N ASN B 1324 18.83 10.06 -19.88
CA ASN B 1324 18.81 9.17 -21.03
C ASN B 1324 17.76 9.60 -22.04
N GLU B 1325 18.06 9.37 -23.32
CA GLU B 1325 17.12 9.60 -24.41
C GLU B 1325 16.81 8.27 -25.07
N GLN B 1326 15.52 7.95 -25.21
CA GLN B 1326 15.09 6.62 -25.60
C GLN B 1326 14.07 6.71 -26.73
N ALA B 1327 14.08 5.69 -27.59
CA ALA B 1327 13.08 5.54 -28.63
C ALA B 1327 12.55 4.12 -28.61
N LEU B 1328 11.29 3.96 -29.03
CA LEU B 1328 10.64 2.66 -29.08
C LEU B 1328 10.99 1.98 -30.40
N ALA B 1329 11.61 0.80 -30.32
CA ALA B 1329 12.07 0.08 -31.51
C ALA B 1329 11.14 -1.09 -31.77
N VAL B 1330 10.74 -1.25 -33.03
CA VAL B 1330 9.85 -2.32 -33.47
C VAL B 1330 10.55 -3.07 -34.59
N ARG B 1331 10.80 -4.36 -34.38
CA ARG B 1331 11.49 -5.19 -35.34
C ARG B 1331 10.54 -6.24 -35.91
N ILE B 1332 10.48 -6.33 -37.24
CA ILE B 1332 9.70 -7.32 -37.95
C ILE B 1332 10.67 -8.18 -38.75
N GLY B 1333 10.71 -9.48 -38.44
CA GLY B 1333 11.66 -10.35 -39.10
C GLY B 1333 11.13 -11.76 -39.26
N GLY B 1334 11.97 -12.61 -39.82
CA GLY B 1334 11.62 -13.99 -40.10
C GLY B 1334 10.95 -14.16 -41.44
N ALA B 1335 9.63 -14.36 -41.43
CA ALA B 1335 8.88 -14.47 -42.67
C ALA B 1335 8.56 -13.11 -43.28
N GLY B 1336 8.33 -12.10 -42.44
CA GLY B 1336 8.02 -10.76 -42.92
C GLY B 1336 6.52 -10.53 -43.01
N LEU B 1337 6.15 -9.25 -43.05
CA LEU B 1337 4.75 -8.88 -43.14
C LEU B 1337 4.20 -9.16 -44.53
N GLN B 1338 2.95 -9.60 -44.58
CA GLN B 1338 2.26 -9.78 -45.84
C GLN B 1338 1.88 -8.42 -46.41
N TYR B 1339 1.15 -8.43 -47.54
CA TYR B 1339 0.91 -7.20 -48.28
C TYR B 1339 0.17 -6.17 -47.43
N GLN B 1340 -0.92 -6.57 -46.78
CA GLN B 1340 -1.70 -5.66 -45.97
C GLN B 1340 -1.60 -5.91 -44.48
N ASP B 1341 -0.85 -6.93 -44.06
CA ASP B 1341 -0.73 -7.23 -42.64
C ASP B 1341 0.05 -6.14 -41.92
N SER B 1342 -0.25 -5.97 -40.64
CA SER B 1342 0.42 -4.97 -39.81
C SER B 1342 0.66 -5.53 -38.43
N ARG B 1343 1.70 -5.04 -37.79
CA ARG B 1343 2.02 -5.41 -36.41
C ARG B 1343 2.25 -4.14 -35.61
N ALA B 1344 1.69 -4.11 -34.40
CA ALA B 1344 1.66 -2.87 -33.63
C ALA B 1344 1.73 -3.16 -32.14
N VAL B 1345 2.11 -2.13 -31.39
CA VAL B 1345 2.07 -2.15 -29.93
C VAL B 1345 1.11 -1.06 -29.48
N PHE B 1346 0.55 -1.24 -28.28
CA PHE B 1346 -0.50 -0.36 -27.81
C PHE B 1346 -0.29 -0.01 -26.34
N LYS B 1347 -1.06 0.97 -25.89
CA LYS B 1347 -0.98 1.49 -24.54
C LYS B 1347 -2.32 2.09 -24.16
N ASN B 1348 -2.65 1.99 -22.88
CA ASN B 1348 -3.89 2.57 -22.34
C ASN B 1348 -3.55 3.89 -21.66
N VAL B 1349 -4.21 4.96 -22.09
CA VAL B 1349 -3.90 6.31 -21.66
C VAL B 1349 -5.20 7.06 -21.39
N SER B 1350 -5.07 8.32 -20.98
CA SER B 1350 -6.19 9.26 -20.87
C SER B 1350 -5.63 10.62 -21.29
N VAL B 1351 -5.73 10.93 -22.58
CA VAL B 1351 -5.09 12.09 -23.17
C VAL B 1351 -6.16 12.97 -23.81
N ASP B 1352 -6.17 14.25 -23.45
CA ASP B 1352 -7.02 15.26 -24.05
C ASP B 1352 -6.14 16.16 -24.90
N MET B 1353 -6.34 16.14 -26.22
CA MET B 1353 -5.56 16.95 -27.14
C MET B 1353 -6.43 17.97 -27.88
N ARG B 1354 -7.43 18.53 -27.19
CA ARG B 1354 -8.31 19.51 -27.82
C ARG B 1354 -7.77 20.93 -27.74
N GLN B 1355 -6.76 21.19 -26.92
CA GLN B 1355 -6.16 22.51 -26.81
C GLN B 1355 -4.89 22.67 -27.63
N TYR B 1356 -4.48 21.63 -28.36
CA TYR B 1356 -3.27 21.67 -29.16
C TYR B 1356 -3.62 21.41 -30.62
N LYS B 1357 -2.95 22.13 -31.52
CA LYS B 1357 -3.28 22.07 -32.93
C LYS B 1357 -2.55 20.97 -33.68
N LYS B 1358 -1.37 20.57 -33.23
CA LYS B 1358 -0.54 19.63 -33.97
C LYS B 1358 -0.21 18.41 -33.12
N LEU B 1359 -0.11 17.28 -33.78
CA LEU B 1359 0.41 16.05 -33.20
C LEU B 1359 1.64 15.65 -34.01
N LYS B 1360 2.80 15.59 -33.35
CA LYS B 1360 4.05 15.38 -34.04
C LYS B 1360 4.77 14.16 -33.47
N MET B 1361 5.59 13.54 -34.31
CA MET B 1361 6.27 12.32 -33.89
C MET B 1361 7.34 11.95 -34.91
N PHE B 1362 8.48 11.48 -34.41
CA PHE B 1362 9.62 11.11 -35.24
C PHE B 1362 9.58 9.62 -35.55
N LEU B 1363 9.81 9.27 -36.81
CA LEU B 1363 9.87 7.88 -37.24
C LEU B 1363 11.15 7.64 -38.02
N HIS B 1364 11.72 6.45 -37.83
CA HIS B 1364 12.94 6.03 -38.52
C HIS B 1364 12.75 4.60 -39.00
N ALA B 1365 13.28 4.30 -40.19
CA ALA B 1365 13.16 2.96 -40.77
C ALA B 1365 14.52 2.48 -41.24
N GLU B 1366 14.80 1.19 -41.01
CA GLU B 1366 16.05 0.60 -41.46
C GLU B 1366 15.82 -0.87 -41.76
N SER B 1367 16.71 -1.43 -42.59
CA SER B 1367 16.65 -2.83 -42.97
C SER B 1367 17.37 -3.70 -41.94
N LEU B 1368 16.89 -4.93 -41.80
CA LEU B 1368 17.54 -5.87 -40.88
C LEU B 1368 18.85 -6.36 -41.50
N PRO B 1369 19.90 -6.52 -40.69
CA PRO B 1369 21.15 -7.08 -41.21
C PRO B 1369 20.99 -8.52 -41.66
N ASN B 1370 21.73 -8.87 -42.71
CA ASN B 1370 21.72 -10.22 -43.29
C ASN B 1370 20.34 -10.62 -43.77
N GLN B 1371 19.54 -9.64 -44.20
CA GLN B 1371 18.20 -9.86 -44.69
C GLN B 1371 18.01 -9.00 -45.94
N PRO B 1372 17.05 -9.33 -46.79
CA PRO B 1372 16.78 -8.50 -47.97
C PRO B 1372 16.45 -7.06 -47.57
N THR B 1373 16.96 -6.12 -48.34
CA THR B 1373 16.89 -4.71 -47.98
C THR B 1373 15.44 -4.22 -48.02
N LEU B 1374 15.12 -3.30 -47.10
CA LEU B 1374 13.83 -2.65 -47.08
C LEU B 1374 13.90 -1.38 -47.95
N GLU B 1375 12.99 -1.29 -48.92
CA GLU B 1375 12.98 -0.17 -49.84
C GLU B 1375 12.06 0.94 -49.32
N ASP B 1376 12.19 2.11 -49.93
CA ASP B 1376 11.39 3.26 -49.52
C ASP B 1376 9.93 3.05 -49.87
N ASP B 1377 9.06 3.57 -49.00
CA ASP B 1377 7.61 3.55 -49.16
C ASP B 1377 7.03 2.14 -49.13
N GLU B 1378 7.81 1.13 -48.71
CA GLU B 1378 7.30 -0.21 -48.55
C GLU B 1378 6.72 -0.43 -47.16
N MET B 1379 7.42 0.03 -46.12
CA MET B 1379 6.93 0.00 -44.76
C MET B 1379 6.23 1.31 -44.45
N VAL B 1380 5.12 1.23 -43.74
CA VAL B 1380 4.31 2.39 -43.38
C VAL B 1380 4.16 2.43 -41.88
N GLY B 1381 4.54 3.55 -41.26
CA GLY B 1381 4.35 3.73 -39.83
C GLY B 1381 3.01 4.38 -39.58
N PHE B 1382 2.25 3.82 -38.64
CA PHE B 1382 0.92 4.33 -38.37
C PHE B 1382 0.69 4.50 -36.87
N ILE B 1383 -0.08 5.53 -36.55
CA ILE B 1383 -0.59 5.76 -35.21
C ILE B 1383 -2.10 5.58 -35.27
N ARG B 1384 -2.62 4.66 -34.45
CA ARG B 1384 -4.06 4.42 -34.35
C ARG B 1384 -4.47 4.74 -32.92
N PHE B 1385 -5.28 5.80 -32.76
CA PHE B 1385 -5.64 6.22 -31.42
C PHE B 1385 -7.13 6.51 -31.35
N GLY B 1386 -7.71 6.25 -30.18
CA GLY B 1386 -9.13 6.44 -29.99
C GLY B 1386 -9.62 5.66 -28.77
N ASN B 1387 -10.89 5.25 -28.83
CA ASN B 1387 -11.46 4.48 -27.73
C ASN B 1387 -11.14 3.01 -27.83
N ASP B 1388 -10.64 2.54 -28.97
CA ASP B 1388 -10.25 1.15 -29.16
C ASP B 1388 -9.41 1.08 -30.44
N PHE B 1389 -9.06 -0.14 -30.83
CA PHE B 1389 -8.24 -0.37 -32.00
C PHE B 1389 -8.96 -1.08 -33.13
N THR B 1390 -10.22 -1.47 -32.92
CA THR B 1390 -10.97 -2.23 -33.92
C THR B 1390 -12.29 -1.59 -34.32
N GLN B 1391 -12.79 -0.62 -33.58
CA GLN B 1391 -14.08 -0.06 -33.94
C GLN B 1391 -14.08 1.47 -34.05
N ASN B 1392 -13.38 2.17 -33.16
CA ASN B 1392 -13.49 3.63 -33.06
C ASN B 1392 -12.09 4.20 -32.93
N PHE B 1393 -11.50 4.66 -34.04
CA PHE B 1393 -10.14 5.14 -33.98
C PHE B 1393 -9.85 6.07 -35.16
N TYR B 1394 -8.93 7.00 -34.93
CA TYR B 1394 -8.23 7.70 -36.01
C TYR B 1394 -6.96 6.92 -36.35
N GLN B 1395 -6.69 6.79 -37.64
CA GLN B 1395 -5.46 6.18 -38.12
C GLN B 1395 -4.69 7.21 -38.96
N VAL B 1396 -3.41 7.39 -38.62
CA VAL B 1396 -2.53 8.30 -39.32
C VAL B 1396 -1.36 7.48 -39.82
N GLU B 1397 -1.20 7.40 -41.14
CA GLU B 1397 -0.22 6.55 -41.79
C GLU B 1397 0.80 7.38 -42.54
N ILE B 1398 2.03 6.88 -42.60
CA ILE B 1398 3.06 7.55 -43.39
C ILE B 1398 3.98 6.50 -43.99
N PRO B 1399 4.16 6.48 -45.32
CA PRO B 1399 5.19 5.64 -45.90
C PRO B 1399 6.56 6.06 -45.41
N LEU B 1400 7.43 5.07 -45.16
CA LEU B 1400 8.70 5.30 -44.49
C LEU B 1400 9.84 5.26 -45.50
N LYS B 1401 10.67 6.30 -45.48
CA LYS B 1401 11.92 6.27 -46.22
C LYS B 1401 12.97 5.55 -45.38
N VAL B 1402 13.70 4.63 -45.99
CA VAL B 1402 14.61 3.75 -45.27
C VAL B 1402 15.99 4.39 -45.24
N THR B 1403 16.59 4.42 -44.06
CA THR B 1403 17.95 4.94 -43.92
C THR B 1403 18.94 3.98 -44.59
N LYS B 1404 19.74 4.51 -45.50
CA LYS B 1404 20.68 3.67 -46.24
C LYS B 1404 21.80 3.20 -45.33
N THR B 1405 22.10 1.91 -45.37
CA THR B 1405 23.15 1.29 -44.57
C THR B 1405 24.14 0.59 -45.49
N GLY B 1406 25.09 -0.10 -44.88
CA GLY B 1406 26.10 -0.82 -45.64
C GLY B 1406 27.50 -0.32 -45.36
N GLY B 1407 27.64 0.99 -45.18
CA GLY B 1407 28.94 1.58 -44.91
C GLY B 1407 29.20 1.77 -43.43
N SER B 1408 29.53 3.01 -43.05
CA SER B 1408 29.80 3.31 -41.65
C SER B 1408 28.54 3.18 -40.80
N CYS B 1409 28.72 2.78 -39.55
CA CYS B 1409 27.58 2.64 -38.64
C CYS B 1409 27.08 4.01 -38.15
N SER B 1410 27.95 5.00 -38.10
CA SER B 1410 27.59 6.33 -37.62
C SER B 1410 26.95 7.11 -38.77
N ILE B 1411 25.68 7.49 -38.59
CA ILE B 1411 24.92 8.22 -39.58
C ILE B 1411 24.37 9.49 -38.93
N SER B 1412 24.37 10.59 -39.66
CA SER B 1412 23.99 11.88 -39.11
C SER B 1412 22.53 11.86 -38.66
N PRO B 1413 22.20 12.58 -37.59
CA PRO B 1413 20.81 12.58 -37.11
C PRO B 1413 19.80 13.07 -38.13
N ASP B 1414 20.18 14.01 -38.99
CA ASP B 1414 19.26 14.50 -40.02
C ASP B 1414 18.93 13.41 -41.04
N LEU B 1415 19.79 12.39 -41.15
CA LEU B 1415 19.55 11.30 -42.08
C LEU B 1415 19.01 10.05 -41.38
N VAL B 1416 19.27 9.90 -40.08
CA VAL B 1416 18.64 8.83 -39.32
C VAL B 1416 17.16 9.13 -39.10
N TRP B 1417 16.85 10.37 -38.71
CA TRP B 1417 15.48 10.82 -38.54
C TRP B 1417 15.18 11.84 -39.63
N MET B 1418 14.78 11.33 -40.79
CA MET B 1418 14.45 12.20 -41.92
C MET B 1418 13.16 12.96 -41.64
N ASP B 1419 13.11 14.21 -42.09
CA ASP B 1419 11.89 15.00 -41.96
C ASP B 1419 10.77 14.44 -42.83
N ASP B 1420 11.10 13.70 -43.88
CA ASP B 1420 10.07 13.07 -44.70
C ASP B 1420 9.34 11.97 -43.95
N ASN B 1421 9.97 11.40 -42.93
CA ASN B 1421 9.36 10.35 -42.12
C ASN B 1421 8.69 10.87 -40.85
N SER B 1422 8.74 12.18 -40.61
CA SER B 1422 8.17 12.74 -39.40
C SER B 1422 6.68 13.02 -39.58
N ILE B 1423 5.87 12.47 -38.68
CA ILE B 1423 4.44 12.73 -38.70
C ILE B 1423 4.18 14.09 -38.07
N ASP B 1424 3.51 14.97 -38.81
CA ASP B 1424 3.13 16.31 -38.34
C ASP B 1424 1.68 16.51 -38.76
N LEU B 1425 0.75 16.15 -37.88
CA LEU B 1425 -0.67 16.10 -38.19
C LEU B 1425 -1.38 17.31 -37.59
N ALA B 1426 -2.22 17.95 -38.40
CA ALA B 1426 -3.15 18.96 -37.91
C ALA B 1426 -4.44 18.27 -37.48
N LEU B 1427 -4.87 18.53 -36.24
CA LEU B 1427 -6.04 17.84 -35.71
C LEU B 1427 -7.34 18.33 -36.35
N ASP B 1428 -7.37 19.54 -36.89
CA ASP B 1428 -8.54 19.98 -37.63
C ASP B 1428 -8.75 19.15 -38.88
N LEU B 1429 -7.68 18.55 -39.42
CA LEU B 1429 -7.83 17.59 -40.50
C LEU B 1429 -8.61 16.36 -40.02
N LEU B 1430 -8.31 15.89 -38.81
CA LEU B 1430 -9.08 14.79 -38.24
C LEU B 1430 -10.53 15.19 -38.02
N THR B 1431 -10.76 16.42 -37.55
CA THR B 1431 -12.13 16.88 -37.35
C THR B 1431 -12.90 16.91 -38.67
N ARG B 1432 -12.26 17.40 -39.74
CA ARG B 1432 -12.92 17.45 -41.04
C ARG B 1432 -13.14 16.05 -41.60
N MET B 1433 -12.19 15.14 -41.36
CA MET B 1433 -12.40 13.74 -41.73
C MET B 1433 -13.60 13.15 -41.02
N LYS B 1434 -13.74 13.45 -39.72
CA LYS B 1434 -14.88 12.95 -38.96
C LYS B 1434 -16.19 13.51 -39.51
N ILE B 1435 -16.22 14.80 -39.81
CA ILE B 1435 -17.42 15.42 -40.34
C ILE B 1435 -17.79 14.82 -41.69
N LYS B 1436 -16.79 14.61 -42.56
CA LYS B 1436 -17.04 14.01 -43.86
C LYS B 1436 -17.52 12.57 -43.73
N ALA B 1437 -16.92 11.80 -42.83
CA ALA B 1437 -17.31 10.41 -42.65
C ALA B 1437 -18.65 10.25 -41.96
N MET B 1438 -19.15 11.32 -41.32
CA MET B 1438 -20.52 11.28 -40.80
C MET B 1438 -21.53 10.95 -41.88
N SER B 1439 -21.27 11.37 -43.12
CA SER B 1439 -22.16 11.11 -44.23
C SER B 1439 -21.83 9.83 -44.99
N ILE B 1440 -20.84 9.07 -44.53
CA ILE B 1440 -20.44 7.83 -45.18
C ILE B 1440 -21.06 6.65 -44.43
N ASP B 1441 -21.75 5.79 -45.17
CA ASP B 1441 -22.42 4.65 -44.56
C ASP B 1441 -21.40 3.67 -43.99
N ILE B 1442 -21.82 2.93 -42.96
CA ILE B 1442 -20.96 1.93 -42.36
C ILE B 1442 -20.67 0.80 -43.35
N ASN B 1443 -21.67 0.44 -44.16
CA ASN B 1443 -21.52 -0.59 -45.18
C ASN B 1443 -21.21 0.00 -46.55
N SER B 1444 -20.76 1.25 -46.61
CA SER B 1444 -20.47 1.89 -47.89
C SER B 1444 -19.26 1.24 -48.57
N SER B 1445 -19.24 1.31 -49.90
CA SER B 1445 -18.12 0.77 -50.65
C SER B 1445 -16.85 1.60 -50.49
N LYS B 1446 -16.97 2.83 -50.02
CA LYS B 1446 -15.79 3.65 -49.78
C LYS B 1446 -14.97 3.15 -48.60
N ARG B 1447 -15.60 2.45 -47.66
CA ARG B 1447 -14.87 1.83 -46.57
C ARG B 1447 -14.06 0.64 -47.09
N ASP B 1448 -13.03 0.27 -46.32
CA ASP B 1448 -12.19 -0.86 -46.67
C ASP B 1448 -12.79 -2.15 -46.10
N VAL B 1449 -12.05 -3.25 -46.21
CA VAL B 1449 -12.48 -4.50 -45.61
C VAL B 1449 -12.51 -4.39 -44.09
N ASN B 1450 -11.70 -3.47 -43.54
CA ASN B 1450 -11.65 -3.23 -42.10
C ASN B 1450 -12.62 -2.15 -41.65
N GLY B 1451 -13.38 -1.55 -42.58
CA GLY B 1451 -14.33 -0.52 -42.23
C GLY B 1451 -13.74 0.86 -42.05
N ILE B 1452 -12.45 1.05 -42.35
CA ILE B 1452 -11.81 2.34 -42.21
C ILE B 1452 -12.10 3.17 -43.46
N TYR B 1453 -12.49 4.43 -43.25
CA TYR B 1453 -12.79 5.36 -44.34
C TYR B 1453 -11.56 6.24 -44.58
N TYR B 1454 -10.94 6.08 -45.75
CA TYR B 1454 -9.82 6.92 -46.13
C TYR B 1454 -10.29 7.94 -47.16
N PRO B 1455 -10.30 9.24 -46.83
CA PRO B 1455 -10.68 10.24 -47.85
C PRO B 1455 -9.79 10.24 -49.07
N ASP B 1456 -8.51 9.89 -48.92
CA ASP B 1456 -7.62 9.85 -50.07
C ASP B 1456 -8.05 8.80 -51.09
N ASN B 1457 -8.72 7.75 -50.64
CA ASN B 1457 -9.22 6.69 -51.53
C ASN B 1457 -10.62 6.98 -52.05
N ASP B 1458 -11.21 8.12 -51.70
CA ASP B 1458 -12.55 8.47 -52.15
C ASP B 1458 -12.46 9.17 -53.49
N PRO B 1459 -13.00 8.61 -54.57
CA PRO B 1459 -12.98 9.32 -55.86
C PRO B 1459 -13.92 10.50 -55.92
N ASP B 1460 -14.93 10.56 -55.06
CA ASP B 1460 -15.92 11.63 -55.08
C ASP B 1460 -15.55 12.79 -54.16
N LEU B 1461 -14.40 12.75 -53.51
CA LEU B 1461 -13.97 13.80 -52.60
C LEU B 1461 -12.76 14.52 -53.18
N GLU B 1462 -12.79 15.85 -53.12
CA GLU B 1462 -11.72 16.69 -53.62
C GLU B 1462 -10.81 17.11 -52.46
N GLY B 1463 -9.50 16.90 -52.64
CA GLY B 1463 -8.53 17.24 -51.62
C GLY B 1463 -8.15 16.12 -50.69
N GLY B 1464 -8.91 15.03 -50.67
CA GLY B 1464 -8.59 13.92 -49.78
C GLY B 1464 -8.67 14.34 -48.32
N ASP B 1465 -7.69 13.90 -47.55
CA ASP B 1465 -7.61 14.24 -46.13
C ASP B 1465 -6.93 15.57 -45.87
N GLY B 1466 -6.44 16.24 -46.91
CA GLY B 1466 -5.80 17.53 -46.75
C GLY B 1466 -4.34 17.49 -46.40
N ASP B 1467 -3.73 16.32 -46.31
CA ASP B 1467 -2.30 16.17 -46.02
C ASP B 1467 -1.66 15.40 -47.16
N GLY B 1468 -0.66 16.02 -47.81
CA GLY B 1468 0.00 15.39 -48.92
C GLY B 1468 0.96 14.27 -48.54
N LYS B 1469 1.41 14.24 -47.28
CA LYS B 1469 2.36 13.24 -46.83
C LYS B 1469 1.71 12.15 -45.98
N LEU B 1470 0.72 12.48 -45.17
CA LEU B 1470 0.04 11.53 -44.31
C LEU B 1470 -1.22 10.99 -44.97
N THR B 1471 -1.57 9.76 -44.62
CA THR B 1471 -2.82 9.14 -45.05
C THR B 1471 -3.70 8.98 -43.82
N LEU B 1472 -4.88 9.56 -43.86
CA LEU B 1472 -5.75 9.63 -42.69
C LEU B 1472 -6.98 8.75 -42.89
N GLY B 1473 -7.39 8.07 -41.82
CA GLY B 1473 -8.56 7.23 -41.86
C GLY B 1473 -9.32 7.28 -40.55
N ILE B 1474 -10.60 6.97 -40.63
CA ILE B 1474 -11.49 7.00 -39.47
C ILE B 1474 -12.56 5.93 -39.66
N LYS B 1475 -12.92 5.26 -38.56
CA LYS B 1475 -13.89 4.16 -38.62
C LYS B 1475 -15.17 4.45 -37.85
N GLY B 1476 -15.09 4.72 -36.55
CA GLY B 1476 -16.27 4.62 -35.71
C GLY B 1476 -16.58 5.75 -34.76
N ASN B 1477 -16.38 6.99 -35.16
CA ASN B 1477 -16.65 8.13 -34.28
C ASN B 1477 -15.73 8.05 -33.05
N PRO B 1478 -14.42 8.24 -33.21
CA PRO B 1478 -13.54 8.31 -32.04
C PRO B 1478 -13.54 9.69 -31.41
N ASN B 1479 -12.68 9.90 -30.43
CA ASN B 1479 -12.67 11.15 -29.67
C ASN B 1479 -11.24 11.41 -29.20
N PHE B 1480 -10.58 12.41 -29.79
CA PHE B 1480 -9.28 12.81 -29.27
C PHE B 1480 -9.38 13.77 -28.09
N GLY B 1481 -10.59 14.18 -27.71
CA GLY B 1481 -10.76 14.88 -26.46
C GLY B 1481 -10.58 14.00 -25.25
N LEU B 1482 -10.69 12.69 -25.43
CA LEU B 1482 -10.33 11.72 -24.38
C LEU B 1482 -9.83 10.47 -25.09
N VAL B 1483 -8.52 10.39 -25.27
CA VAL B 1483 -7.88 9.24 -25.91
C VAL B 1483 -7.62 8.19 -24.84
N ARG B 1484 -8.27 7.03 -24.98
CA ARG B 1484 -8.11 5.94 -24.03
C ARG B 1484 -7.16 4.87 -24.53
N ASN B 1485 -6.91 4.82 -25.83
CA ASN B 1485 -6.14 3.75 -26.44
C ASN B 1485 -5.22 4.35 -27.51
N LEU B 1486 -3.93 4.09 -27.39
CA LEU B 1486 -2.92 4.65 -28.30
C LEU B 1486 -2.07 3.51 -28.84
N MET B 1487 -1.95 3.42 -30.16
CA MET B 1487 -1.23 2.33 -30.80
C MET B 1487 -0.27 2.88 -31.83
N VAL B 1488 0.94 2.33 -31.87
CA VAL B 1488 1.91 2.64 -32.91
C VAL B 1488 2.34 1.32 -33.55
N GLY B 1489 2.41 1.32 -34.88
CA GLY B 1489 2.73 0.08 -35.55
C GLY B 1489 3.25 0.28 -36.96
N VAL B 1490 3.54 -0.84 -37.61
CA VAL B 1490 4.06 -0.87 -38.96
C VAL B 1490 3.17 -1.77 -39.82
N LYS B 1491 2.82 -1.27 -40.99
CA LYS B 1491 2.08 -1.99 -42.02
C LYS B 1491 2.93 -2.07 -43.27
N SER B 1492 2.52 -2.92 -44.21
CA SER B 1492 3.25 -3.13 -45.44
C SER B 1492 2.46 -2.59 -46.64
N ARG B 1493 3.20 -2.25 -47.70
CA ARG B 1493 2.59 -1.85 -48.95
C ARG B 1493 3.21 -2.54 -50.16
N ALA B 1494 4.17 -3.43 -49.97
CA ALA B 1494 4.78 -4.17 -51.07
C ALA B 1494 3.85 -5.30 -51.49
N ASP B 1495 3.42 -5.28 -52.74
CA ASP B 1495 2.43 -6.23 -53.22
C ASP B 1495 2.92 -7.68 -53.15
N HIS B 1496 3.92 -8.00 -53.97
CA HIS B 1496 4.49 -9.36 -54.01
C HIS B 1496 5.80 -9.42 -53.25
N LYS B 1497 5.74 -9.17 -51.95
CA LYS B 1497 6.96 -9.15 -51.14
C LYS B 1497 6.59 -9.23 -49.68
N ASP B 1498 7.47 -9.85 -48.89
CA ASP B 1498 7.37 -9.88 -47.43
C ASP B 1498 8.52 -9.04 -46.89
N ILE B 1499 8.20 -7.88 -46.33
CA ILE B 1499 9.21 -6.91 -45.94
C ILE B 1499 9.60 -7.13 -44.49
N LYS B 1500 10.88 -6.91 -44.19
CA LYS B 1500 11.43 -7.05 -42.85
C LYS B 1500 12.24 -5.81 -42.54
N GLY B 1501 12.24 -5.38 -41.28
CA GLY B 1501 13.01 -4.22 -40.91
C GLY B 1501 12.69 -3.76 -39.51
N GLU B 1502 13.41 -2.73 -39.09
CA GLU B 1502 13.25 -2.15 -37.76
C GLU B 1502 12.89 -0.68 -37.88
N VAL B 1503 11.90 -0.26 -37.10
CA VAL B 1503 11.37 1.09 -37.12
C VAL B 1503 11.46 1.67 -35.72
N TRP B 1504 12.02 2.87 -35.62
CA TRP B 1504 12.12 3.58 -34.35
C TRP B 1504 11.05 4.67 -34.29
N PHE B 1505 10.41 4.79 -33.13
CA PHE B 1505 9.41 5.80 -32.85
C PHE B 1505 9.94 6.68 -31.72
N ASN B 1506 9.86 7.99 -31.89
CA ASN B 1506 10.43 8.88 -30.90
C ASN B 1506 9.57 10.13 -30.74
N GLU B 1507 9.51 10.63 -29.50
CA GLU B 1507 8.97 11.95 -29.18
C GLU B 1507 7.58 12.17 -29.77
N LEU B 1508 6.63 11.36 -29.33
CA LEU B 1508 5.22 11.56 -29.67
C LEU B 1508 4.67 12.68 -28.80
N ARG B 1509 4.37 13.82 -29.41
CA ARG B 1509 4.10 15.04 -28.66
C ARG B 1509 2.94 15.81 -29.29
N LEU B 1510 2.36 16.69 -28.48
CA LEU B 1510 1.37 17.66 -28.92
C LEU B 1510 2.01 19.03 -28.98
N ALA B 1511 1.61 19.82 -29.98
CA ALA B 1511 2.24 21.12 -30.22
C ALA B 1511 1.19 22.13 -30.67
N ASP B 1512 1.61 23.40 -30.70
CA ASP B 1512 0.78 24.52 -31.13
C ASP B 1512 -0.47 24.65 -30.24
N LEU B 1513 -0.21 24.95 -28.98
CA LEU B 1513 -1.28 25.18 -28.02
C LEU B 1513 -2.16 26.34 -28.46
N GLU B 1514 -3.48 26.13 -28.38
CA GLU B 1514 -4.45 27.19 -28.63
C GLU B 1514 -4.59 28.02 -27.35
N ASN B 1515 -4.15 29.28 -27.41
CA ASN B 1515 -4.05 30.10 -26.20
C ASN B 1515 -4.90 31.36 -26.29
N LYS B 1516 -6.02 31.30 -27.02
CA LYS B 1516 -6.99 32.38 -26.96
C LYS B 1516 -7.57 32.46 -25.56
N GLY B 1517 -7.63 33.66 -25.00
CA GLY B 1517 -8.06 33.85 -23.64
C GLY B 1517 -9.56 33.70 -23.47
N GLY B 1518 -10.06 34.30 -22.40
CA GLY B 1518 -11.48 34.27 -22.12
C GLY B 1518 -11.87 35.47 -21.28
N MET B 1519 -13.16 35.78 -21.30
CA MET B 1519 -13.72 36.92 -20.58
C MET B 1519 -14.60 36.44 -19.45
N ALA B 1520 -14.73 37.28 -18.43
CA ALA B 1520 -15.65 37.03 -17.33
C ALA B 1520 -16.13 38.35 -16.77
N ALA B 1521 -17.40 38.41 -16.42
CA ALA B 1521 -17.98 39.58 -15.79
C ALA B 1521 -18.85 39.15 -14.63
N ILE B 1522 -18.79 39.90 -13.54
CA ILE B 1522 -19.59 39.63 -12.36
C ILE B 1522 -20.16 40.94 -11.83
N LEU B 1523 -21.44 40.91 -11.44
CA LEU B 1523 -22.13 42.06 -10.90
C LEU B 1523 -22.83 41.64 -9.62
N ASN B 1524 -22.59 42.39 -8.54
CA ASN B 1524 -23.18 42.10 -7.24
C ASN B 1524 -23.91 43.33 -6.75
N VAL B 1525 -25.16 43.15 -6.33
CA VAL B 1525 -25.98 44.19 -5.73
C VAL B 1525 -26.39 43.70 -4.35
N ASP B 1526 -25.80 44.30 -3.32
CA ASP B 1526 -26.06 43.91 -1.94
C ASP B 1526 -26.66 45.11 -1.21
N THR B 1527 -27.89 44.95 -0.73
CA THR B 1527 -28.58 46.02 -0.02
C THR B 1527 -29.20 45.49 1.26
N ASN B 1528 -29.21 46.34 2.27
CA ASN B 1528 -29.93 46.07 3.51
C ASN B 1528 -30.88 47.22 3.81
N MET B 1529 -32.00 46.88 4.44
CA MET B 1529 -33.12 47.80 4.64
C MET B 1529 -33.56 47.69 6.10
N ALA B 1530 -33.04 48.61 6.91
CA ALA B 1530 -33.47 48.84 8.30
C ALA B 1530 -33.67 47.55 9.07
N ASP B 1531 -32.59 46.75 9.12
CA ASP B 1531 -32.47 45.48 9.83
C ASP B 1531 -33.71 44.60 9.65
N PHE B 1532 -34.40 44.78 8.54
CA PHE B 1532 -35.60 44.03 8.20
C PHE B 1532 -35.50 43.30 6.87
N ALA B 1533 -34.86 43.91 5.87
CA ALA B 1533 -34.70 43.27 4.57
C ALA B 1533 -33.23 43.20 4.20
N THR B 1534 -32.88 42.15 3.46
CA THR B 1534 -31.50 42.00 2.96
C THR B 1534 -31.56 41.29 1.62
N VAL B 1535 -31.17 42.00 0.55
CA VAL B 1535 -31.21 41.47 -0.80
C VAL B 1535 -29.78 41.37 -1.32
N SER B 1536 -29.46 40.24 -1.95
CA SER B 1536 -28.14 40.01 -2.52
C SER B 1536 -28.33 39.36 -3.89
N ALA B 1537 -28.07 40.12 -4.94
CA ALA B 1537 -28.20 39.64 -6.32
C ALA B 1537 -26.81 39.52 -6.93
N THR B 1538 -26.57 38.41 -7.62
CA THR B 1538 -25.28 38.16 -8.26
C THR B 1538 -25.53 37.68 -9.68
N GLY B 1539 -24.79 38.25 -10.63
CA GLY B 1539 -24.87 37.85 -12.01
C GLY B 1539 -23.49 37.67 -12.63
N ARG B 1540 -23.20 36.46 -13.09
CA ARG B 1540 -21.91 36.12 -13.65
C ARG B 1540 -22.07 35.66 -15.09
N LYS B 1541 -21.11 36.04 -15.93
CA LYS B 1541 -21.11 35.66 -17.34
C LYS B 1541 -19.67 35.48 -17.78
N SER B 1542 -19.27 34.23 -18.04
CA SER B 1542 -17.91 33.90 -18.43
C SER B 1542 -17.93 33.21 -19.79
N THR B 1543 -16.91 33.49 -20.60
CA THR B 1543 -16.82 32.96 -21.95
C THR B 1543 -15.89 31.76 -21.99
N ILE B 1544 -15.80 31.14 -23.17
CA ILE B 1544 -14.94 29.98 -23.35
C ILE B 1544 -13.48 30.40 -23.31
N GLY B 1545 -12.67 29.71 -22.50
CA GLY B 1545 -11.27 30.00 -22.37
C GLY B 1545 -10.89 30.68 -21.07
N PHE B 1546 -11.85 31.19 -20.32
CA PHE B 1546 -11.55 31.81 -19.04
C PHE B 1546 -11.19 30.74 -18.00
N GLY B 1547 -10.50 31.19 -16.95
CA GLY B 1547 -10.11 30.29 -15.89
C GLY B 1547 -9.28 31.00 -14.86
N SER B 1548 -8.62 30.22 -14.02
CA SER B 1548 -7.75 30.76 -12.99
C SER B 1548 -6.31 30.84 -13.50
N LEU B 1549 -5.45 31.49 -12.71
CA LEU B 1549 -4.04 31.60 -13.09
C LEU B 1549 -3.37 30.24 -13.10
N GLU B 1550 -3.71 29.38 -12.15
CA GLU B 1550 -3.07 28.08 -12.00
C GLU B 1550 -3.68 26.98 -12.85
N GLN B 1551 -4.76 27.26 -13.57
CA GLN B 1551 -5.43 26.23 -14.36
C GLN B 1551 -4.68 25.96 -15.65
N GLY B 1552 -4.60 24.68 -16.02
CA GLY B 1552 -3.85 24.26 -17.18
C GLY B 1552 -4.68 24.28 -18.45
N ALA B 1553 -4.11 23.69 -19.50
CA ALA B 1553 -4.74 23.72 -20.82
C ALA B 1553 -6.08 22.99 -20.80
N ASN B 1554 -6.14 21.84 -20.15
CA ASN B 1554 -7.37 21.06 -20.07
C ASN B 1554 -8.21 21.37 -18.84
N GLU B 1555 -7.75 22.30 -17.99
CA GLU B 1555 -8.46 22.63 -16.77
C GLU B 1555 -9.27 23.93 -16.87
N ARG B 1556 -9.00 24.76 -17.87
CA ARG B 1556 -9.75 26.01 -18.01
C ARG B 1556 -11.15 25.73 -18.54
N ASP B 1557 -12.01 26.74 -18.43
CA ASP B 1557 -13.43 26.58 -18.73
C ASP B 1557 -13.64 26.45 -20.23
N ARG B 1558 -14.03 25.27 -20.68
CA ARG B 1558 -14.43 25.06 -22.06
C ARG B 1558 -15.95 25.24 -22.23
N GLU B 1559 -16.47 26.34 -21.67
CA GLU B 1559 -17.92 26.53 -21.60
C GLU B 1559 -18.23 28.01 -21.47
N ASP B 1560 -19.37 28.41 -22.03
CA ASP B 1560 -19.96 29.71 -21.77
C ASP B 1560 -20.96 29.57 -20.62
N VAL B 1561 -20.76 30.33 -19.56
CA VAL B 1561 -21.58 30.23 -18.36
C VAL B 1561 -22.30 31.56 -18.15
N GLN B 1562 -23.61 31.49 -17.97
CA GLN B 1562 -24.43 32.66 -17.67
C GLN B 1562 -25.32 32.31 -16.48
N GLN B 1563 -25.02 32.89 -15.32
CA GLN B 1563 -25.63 32.48 -14.07
C GLN B 1563 -26.11 33.69 -13.29
N TYR B 1564 -27.20 33.53 -12.54
CA TYR B 1564 -27.62 34.56 -11.60
C TYR B 1564 -28.22 33.91 -10.38
N ASN B 1565 -28.22 34.67 -9.28
CA ASN B 1565 -28.64 34.17 -7.98
C ASN B 1565 -29.08 35.35 -7.12
N ILE B 1566 -30.34 35.33 -6.69
CA ILE B 1566 -30.91 36.37 -5.83
C ILE B 1566 -31.31 35.74 -4.51
N VAL B 1567 -30.80 36.28 -3.41
CA VAL B 1567 -31.10 35.79 -2.07
C VAL B 1567 -31.71 36.93 -1.28
N THR B 1568 -32.88 36.69 -0.67
CA THR B 1568 -33.61 37.72 0.04
C THR B 1568 -33.96 37.20 1.44
N ASN B 1569 -33.64 38.01 2.45
CA ASN B 1569 -33.91 37.67 3.84
C ASN B 1569 -34.84 38.74 4.43
N LEU B 1570 -35.90 38.29 5.10
CA LEU B 1570 -36.83 39.17 5.79
C LEU B 1570 -36.97 38.75 7.24
N ASN B 1571 -37.10 39.72 8.13
CA ASN B 1571 -37.45 39.47 9.52
C ASN B 1571 -38.93 39.78 9.70
N LEU B 1572 -39.76 38.80 9.32
CA LEU B 1572 -41.20 39.00 9.37
C LEU B 1572 -41.70 39.17 10.80
N GLY B 1573 -40.97 38.64 11.77
CA GLY B 1573 -41.35 38.83 13.17
C GLY B 1573 -41.34 40.29 13.60
N LYS B 1574 -40.57 41.13 12.91
CA LYS B 1574 -40.58 42.56 13.19
C LYS B 1574 -41.82 43.26 12.66
N LEU B 1575 -42.57 42.62 11.76
CA LEU B 1575 -43.84 43.17 11.31
C LEU B 1575 -44.92 43.11 12.39
N LEU B 1576 -44.70 42.34 13.45
CA LEU B 1576 -45.54 42.16 14.63
C LEU B 1576 -45.01 42.98 15.79
N PRO B 1577 -45.87 43.45 16.68
CA PRO B 1577 -45.41 44.27 17.80
C PRO B 1577 -44.42 43.52 18.69
N LYS B 1578 -43.45 44.25 19.22
CA LYS B 1578 -42.39 43.65 20.02
C LYS B 1578 -42.86 43.20 21.39
N LYS B 1579 -44.08 43.54 21.80
CA LYS B 1579 -44.57 43.12 23.11
C LYS B 1579 -44.61 41.60 23.23
N TRP B 1580 -45.10 40.93 22.19
CA TRP B 1580 -45.07 39.47 22.10
C TRP B 1580 -44.12 39.11 20.96
N GLY B 1581 -42.84 39.01 21.29
CA GLY B 1581 -41.79 38.79 20.31
C GLY B 1581 -41.89 37.48 19.56
N ILE B 1582 -41.83 37.57 18.23
CA ILE B 1582 -41.84 36.40 17.36
C ILE B 1582 -40.58 36.44 16.50
N ASN B 1583 -39.83 35.36 16.48
CA ASN B 1583 -38.65 35.22 15.63
C ASN B 1583 -39.05 34.41 14.41
N LEU B 1584 -39.41 35.11 13.33
CA LEU B 1584 -39.92 34.49 12.11
C LEU B 1584 -39.10 34.98 10.93
N PRO B 1585 -37.90 34.41 10.72
CA PRO B 1585 -37.10 34.79 9.56
C PRO B 1585 -37.55 34.03 8.32
N PHE B 1586 -37.55 34.74 7.19
CA PHE B 1586 -37.97 34.18 5.90
C PHE B 1586 -36.85 34.36 4.89
N ASN B 1587 -36.42 33.27 4.29
CA ASN B 1587 -35.34 33.29 3.31
C ASN B 1587 -35.87 32.77 1.98
N TYR B 1588 -35.59 33.51 0.91
CA TYR B 1588 -36.01 33.12 -0.44
C TYR B 1588 -34.81 33.27 -1.36
N ALA B 1589 -34.31 32.16 -1.88
CA ALA B 1589 -33.15 32.16 -2.76
C ALA B 1589 -33.54 31.54 -4.08
N ILE B 1590 -33.53 32.34 -5.14
CA ILE B 1590 -33.80 31.88 -6.49
C ILE B 1590 -32.51 32.01 -7.29
N GLY B 1591 -32.38 31.21 -8.33
CA GLY B 1591 -31.24 31.37 -9.21
C GLY B 1591 -31.26 30.34 -10.32
N GLU B 1592 -30.44 30.60 -11.34
CA GLU B 1592 -30.30 29.63 -12.41
C GLU B 1592 -29.04 29.94 -13.21
N GLU B 1593 -28.47 28.88 -13.80
CA GLU B 1593 -27.30 28.97 -14.65
C GLU B 1593 -27.53 28.22 -15.96
N VAL B 1594 -26.99 28.77 -17.03
CA VAL B 1594 -27.02 28.18 -18.36
C VAL B 1594 -25.60 28.01 -18.85
N ILE B 1595 -25.26 26.80 -19.30
CA ILE B 1595 -23.91 26.46 -19.72
C ILE B 1595 -23.97 25.94 -21.15
N THR B 1596 -23.21 26.58 -22.03
CA THR B 1596 -23.07 26.15 -23.43
C THR B 1596 -21.67 25.60 -23.64
N PRO B 1597 -21.50 24.31 -23.88
CA PRO B 1597 -20.14 23.77 -24.02
C PRO B 1597 -19.47 24.25 -25.30
N GLU B 1598 -18.14 24.34 -25.23
CA GLU B 1598 -17.37 24.64 -26.44
C GLU B 1598 -17.49 23.53 -27.47
N TYR B 1599 -17.43 22.29 -27.02
CA TYR B 1599 -17.51 21.13 -27.90
C TYR B 1599 -18.87 20.47 -27.75
N ASP B 1600 -19.40 19.95 -28.86
CA ASP B 1600 -20.66 19.25 -28.81
C ASP B 1600 -20.52 18.01 -27.93
N PRO B 1601 -21.43 17.79 -26.97
CA PRO B 1601 -21.30 16.61 -26.12
C PRO B 1601 -21.31 15.30 -26.89
N PHE B 1602 -22.01 15.25 -28.03
CA PHE B 1602 -21.83 14.13 -28.95
C PHE B 1602 -20.59 14.35 -29.79
N ASN B 1603 -19.84 13.26 -30.00
CA ASN B 1603 -18.58 13.18 -30.73
C ASN B 1603 -17.45 13.81 -29.92
N GLN B 1604 -17.79 14.60 -28.91
CA GLN B 1604 -16.90 14.98 -27.81
C GLN B 1604 -15.63 15.73 -28.26
N ASP B 1605 -15.45 15.92 -29.57
CA ASP B 1605 -14.21 16.54 -30.04
C ASP B 1605 -14.43 17.49 -31.21
N ILE B 1606 -15.66 17.85 -31.53
CA ILE B 1606 -15.97 18.79 -32.60
C ILE B 1606 -16.62 20.01 -31.99
N LYS B 1607 -16.20 21.19 -32.43
CA LYS B 1607 -16.77 22.43 -31.92
C LYS B 1607 -18.26 22.48 -32.16
N LEU B 1608 -18.99 22.98 -31.17
CA LEU B 1608 -20.45 23.02 -31.26
C LEU B 1608 -20.91 23.87 -32.44
N ASP B 1609 -20.32 25.06 -32.60
CA ASP B 1609 -20.69 25.93 -33.71
C ASP B 1609 -20.32 25.30 -35.05
N GLN B 1610 -19.15 24.66 -35.13
CA GLN B 1610 -18.74 24.03 -36.38
C GLN B 1610 -19.67 22.89 -36.75
N LEU B 1611 -20.09 22.09 -35.77
CA LEU B 1611 -21.05 21.02 -36.04
C LEU B 1611 -22.39 21.59 -36.46
N ILE B 1612 -22.82 22.69 -35.83
CA ILE B 1612 -24.09 23.30 -36.19
C ILE B 1612 -24.07 23.82 -37.63
N ARG B 1613 -22.96 24.47 -38.03
CA ARG B 1613 -22.89 25.04 -39.37
C ARG B 1613 -22.92 23.95 -40.44
N GLU B 1614 -22.14 22.89 -40.25
CA GLU B 1614 -22.02 21.83 -41.25
C GLU B 1614 -22.97 20.67 -40.94
N THR B 1615 -24.26 20.99 -40.89
CA THR B 1615 -25.31 20.01 -40.64
C THR B 1615 -26.33 19.91 -41.76
N THR B 1616 -26.78 21.05 -42.30
CA THR B 1616 -27.73 21.09 -43.41
C THR B 1616 -29.01 20.30 -43.11
N ASP B 1617 -29.50 20.44 -41.88
CA ASP B 1617 -30.77 19.83 -41.49
C ASP B 1617 -31.27 20.57 -40.25
N GLN B 1618 -32.41 21.27 -40.38
CA GLN B 1618 -32.87 22.13 -39.31
C GLN B 1618 -33.21 21.34 -38.05
N ALA B 1619 -33.84 20.18 -38.21
CA ALA B 1619 -34.18 19.35 -37.06
C ALA B 1619 -32.92 18.91 -36.31
N GLU B 1620 -31.89 18.48 -37.05
CA GLU B 1620 -30.65 18.06 -36.42
C GLU B 1620 -29.96 19.23 -35.72
N LYS B 1621 -29.97 20.41 -36.35
CA LYS B 1621 -29.39 21.59 -35.70
C LYS B 1621 -30.12 21.93 -34.41
N ASP B 1622 -31.45 21.87 -34.43
CA ASP B 1622 -32.22 22.13 -33.22
C ASP B 1622 -31.90 21.10 -32.14
N ASN B 1623 -31.80 19.83 -32.52
CA ASN B 1623 -31.47 18.79 -31.55
C ASN B 1623 -30.09 19.03 -30.95
N ILE B 1624 -29.11 19.38 -31.79
CA ILE B 1624 -27.76 19.62 -31.28
C ILE B 1624 -27.74 20.79 -30.31
N ARG B 1625 -28.35 21.92 -30.71
CA ARG B 1625 -28.35 23.08 -29.83
C ARG B 1625 -29.06 22.81 -28.51
N THR B 1626 -30.21 22.13 -28.56
CA THR B 1626 -30.97 21.90 -27.34
C THR B 1626 -30.28 20.89 -26.43
N ARG B 1627 -29.73 19.82 -26.99
CA ARG B 1627 -29.07 18.82 -26.17
C ARG B 1627 -27.73 19.29 -25.62
N ALA B 1628 -27.10 20.28 -26.28
CA ALA B 1628 -25.83 20.78 -25.78
C ALA B 1628 -26.00 21.58 -24.49
N ILE B 1629 -27.11 22.31 -24.35
CA ILE B 1629 -27.27 23.24 -23.25
C ILE B 1629 -27.40 22.49 -21.93
N ASP B 1630 -26.72 22.99 -20.91
CA ASP B 1630 -26.84 22.51 -19.53
C ASP B 1630 -27.50 23.60 -18.72
N TYR B 1631 -28.77 23.41 -18.39
CA TYR B 1631 -29.56 24.41 -17.67
C TYR B 1631 -29.89 23.89 -16.28
N THR B 1632 -29.62 24.71 -15.28
CA THR B 1632 -29.92 24.39 -13.88
C THR B 1632 -30.64 25.57 -13.25
N LYS B 1633 -31.62 25.28 -12.41
CA LYS B 1633 -32.40 26.30 -11.72
C LYS B 1633 -32.69 25.82 -10.30
N ARG B 1634 -32.43 26.68 -9.32
CA ARG B 1634 -32.63 26.35 -7.92
C ARG B 1634 -33.54 27.39 -7.26
N LYS B 1635 -34.40 26.91 -6.37
CA LYS B 1635 -35.29 27.75 -5.59
C LYS B 1635 -35.36 27.20 -4.17
N SER B 1636 -35.31 28.09 -3.18
CA SER B 1636 -35.33 27.67 -1.79
C SER B 1636 -36.15 28.66 -0.98
N ILE B 1637 -37.09 28.12 -0.20
CA ILE B 1637 -37.94 28.89 0.70
C ILE B 1637 -37.75 28.35 2.10
N ASN B 1638 -37.31 29.21 3.02
CA ASN B 1638 -36.92 28.78 4.36
C ASN B 1638 -37.65 29.61 5.41
N PHE B 1639 -38.26 28.91 6.36
CA PHE B 1639 -38.91 29.40 7.56
C PHE B 1639 -38.35 28.69 8.78
N ILE B 1640 -37.03 28.70 8.92
CA ILE B 1640 -36.34 27.99 9.99
C ILE B 1640 -36.23 28.91 11.21
N GLY B 1641 -36.53 28.35 12.38
CA GLY B 1641 -36.34 29.10 13.61
C GLY B 1641 -37.56 29.82 14.12
N VAL B 1642 -38.75 29.41 13.72
CA VAL B 1642 -39.98 30.08 14.14
C VAL B 1642 -40.20 29.77 15.62
N ARG B 1643 -39.98 30.76 16.48
CA ARG B 1643 -40.17 30.59 17.91
C ARG B 1643 -40.69 31.89 18.51
N LYS B 1644 -41.30 31.78 19.68
CA LYS B 1644 -41.73 32.93 20.45
C LYS B 1644 -40.77 33.09 21.63
N ASP B 1645 -40.12 34.25 21.70
CA ASP B 1645 -39.14 34.48 22.75
C ASP B 1645 -39.83 34.67 24.10
N ARG B 1646 -39.13 34.28 25.16
CA ARG B 1646 -39.65 34.42 26.50
C ARG B 1646 -39.81 35.89 26.88
N ALA B 1647 -40.85 36.18 27.65
CA ALA B 1647 -41.08 37.53 28.14
C ALA B 1647 -40.00 37.89 29.16
N PRO B 1648 -39.73 39.19 29.35
CA PRO B 1648 -38.70 39.58 30.33
C PRO B 1648 -38.96 39.07 31.72
N GLU B 1649 -40.22 38.98 32.15
CA GLU B 1649 -40.58 38.43 33.46
C GLU B 1649 -41.81 37.54 33.24
N GLN B 1650 -41.57 36.26 33.00
CA GLN B 1650 -42.63 35.29 32.76
C GLN B 1650 -42.29 33.99 33.45
N LYS B 1651 -43.28 33.40 34.11
CA LYS B 1651 -43.09 32.12 34.78
C LYS B 1651 -43.16 31.00 33.75
N PRO B 1652 -42.12 30.17 33.62
CA PRO B 1652 -42.16 29.08 32.65
C PRO B 1652 -43.28 28.10 32.97
N HIS B 1653 -43.91 27.57 31.91
CA HIS B 1653 -45.01 26.64 32.05
C HIS B 1653 -44.86 25.53 31.01
N VAL B 1654 -45.39 24.36 31.34
CA VAL B 1654 -45.29 23.21 30.44
C VAL B 1654 -46.11 23.44 29.18
N TYR B 1655 -47.25 24.11 29.28
CA TYR B 1655 -48.12 24.35 28.15
C TYR B 1655 -47.76 25.63 27.39
N ASP B 1656 -46.69 26.30 27.77
CA ASP B 1656 -46.29 27.54 27.11
C ASP B 1656 -45.92 27.27 25.65
N ILE B 1657 -46.26 28.23 24.78
CA ILE B 1657 -45.89 28.13 23.36
C ILE B 1657 -44.44 28.50 23.13
N GLU B 1658 -43.79 29.13 24.12
CA GLU B 1658 -42.38 29.51 23.98
C GLU B 1658 -41.44 28.31 23.93
N ASN B 1659 -41.94 27.12 24.27
CA ASN B 1659 -41.11 25.92 24.23
C ASN B 1659 -41.06 25.26 22.85
N PHE B 1660 -41.80 25.79 21.88
CA PHE B 1660 -41.89 25.21 20.56
C PHE B 1660 -41.02 25.98 19.57
N THR B 1661 -40.46 25.24 18.62
CA THR B 1661 -39.67 25.81 17.53
C THR B 1661 -40.11 25.16 16.22
N PHE B 1662 -40.19 25.97 15.16
CA PHE B 1662 -40.66 25.49 13.86
C PHE B 1662 -39.62 25.79 12.79
N SER B 1663 -39.41 24.83 11.89
CA SER B 1663 -38.44 24.99 10.81
C SER B 1663 -39.04 24.39 9.55
N GLN B 1664 -39.31 25.23 8.56
CA GLN B 1664 -39.79 24.78 7.26
C GLN B 1664 -38.71 25.01 6.21
N SER B 1665 -38.52 24.03 5.34
CA SER B 1665 -37.55 24.17 4.25
C SER B 1665 -38.14 23.58 2.99
N TYR B 1666 -38.03 24.30 1.87
CA TYR B 1666 -38.46 23.82 0.57
C TYR B 1666 -37.36 24.11 -0.43
N ASN B 1667 -36.88 23.07 -1.11
CA ASN B 1667 -35.84 23.19 -2.11
C ASN B 1667 -36.31 22.54 -3.41
N GLN B 1668 -36.19 23.27 -4.51
CA GLN B 1668 -36.57 22.76 -5.82
C GLN B 1668 -35.43 22.98 -6.79
N VAL B 1669 -35.11 21.95 -7.56
CA VAL B 1669 -34.05 21.99 -8.56
C VAL B 1669 -34.62 21.47 -9.88
N GLU B 1670 -34.55 22.31 -10.90
CA GLU B 1670 -34.89 21.95 -12.27
C GLU B 1670 -33.61 21.85 -13.08
N ARG B 1671 -33.49 20.82 -13.90
CA ARG B 1671 -32.28 20.65 -14.69
C ARG B 1671 -32.62 20.03 -16.05
N HIS B 1672 -31.78 20.33 -17.03
CA HIS B 1672 -31.78 19.58 -18.28
C HIS B 1672 -30.45 19.77 -18.98
N ASP B 1673 -29.83 18.67 -19.39
CA ASP B 1673 -28.50 18.73 -19.99
C ASP B 1673 -28.39 17.59 -21.00
N TYR B 1674 -27.16 17.26 -21.39
CA TYR B 1674 -26.93 16.21 -22.38
C TYR B 1674 -27.37 14.84 -21.88
N GLU B 1675 -27.43 14.62 -20.57
CA GLU B 1675 -27.81 13.32 -20.03
C GLU B 1675 -29.28 13.24 -19.65
N VAL B 1676 -29.90 14.34 -19.23
CA VAL B 1676 -31.30 14.35 -18.82
C VAL B 1676 -32.05 15.37 -19.66
N ALA B 1677 -33.17 14.95 -20.23
CA ALA B 1677 -34.06 15.88 -20.92
C ALA B 1677 -34.87 16.71 -19.94
N ASP B 1678 -35.15 16.16 -18.76
CA ASP B 1678 -35.88 16.86 -17.72
C ASP B 1678 -35.51 16.24 -16.38
N TYR B 1679 -35.25 17.10 -15.39
CA TYR B 1679 -34.86 16.65 -14.06
C TYR B 1679 -35.53 17.54 -13.03
N GLU B 1680 -36.37 16.93 -12.20
CA GLU B 1680 -37.05 17.59 -11.09
C GLU B 1680 -36.54 17.02 -9.78
N ASP B 1681 -36.27 17.90 -8.81
CA ASP B 1681 -35.82 17.46 -7.49
C ASP B 1681 -36.46 18.39 -6.46
N GLU B 1682 -37.47 17.89 -5.77
CA GLU B 1682 -38.17 18.63 -4.73
C GLU B 1682 -37.89 18.02 -3.37
N GLN B 1683 -37.72 18.87 -2.36
CA GLN B 1683 -37.41 18.41 -1.01
C GLN B 1683 -38.07 19.36 -0.02
N SER B 1684 -39.01 18.84 0.76
CA SER B 1684 -39.72 19.62 1.77
C SER B 1684 -39.49 19.00 3.14
N ASN B 1685 -39.02 19.80 4.09
CA ASN B 1685 -38.75 19.35 5.44
C ASN B 1685 -39.46 20.26 6.43
N SER B 1686 -40.35 19.69 7.24
CA SER B 1686 -41.06 20.42 8.29
C SER B 1686 -40.68 19.82 9.63
N ALA B 1687 -40.15 20.64 10.52
CA ALA B 1687 -39.69 20.18 11.83
C ALA B 1687 -40.33 21.01 12.93
N VAL B 1688 -40.93 20.33 13.89
CA VAL B 1688 -41.47 20.94 15.09
C VAL B 1688 -40.73 20.36 16.28
N ASN B 1689 -40.11 21.22 17.08
CA ASN B 1689 -39.30 20.81 18.22
C ASN B 1689 -39.90 21.35 19.50
N TYR B 1690 -40.03 20.49 20.51
CA TYR B 1690 -40.55 20.84 21.82
C TYR B 1690 -39.56 20.38 22.88
N ALA B 1691 -39.24 21.28 23.81
CA ALA B 1691 -38.27 20.98 24.86
C ALA B 1691 -38.59 21.81 26.10
N TYR B 1692 -38.94 21.13 27.18
CA TYR B 1692 -39.20 21.78 28.46
C TYR B 1692 -38.44 21.08 29.56
N THR B 1693 -37.92 21.85 30.51
CA THR B 1693 -37.26 21.31 31.69
C THR B 1693 -37.99 21.83 32.93
N PHE B 1694 -38.18 20.96 33.91
CA PHE B 1694 -38.86 21.33 35.14
C PHE B 1694 -37.87 21.84 36.18
N GLN B 1695 -38.38 22.69 37.07
CA GLN B 1695 -37.58 23.26 38.14
C GLN B 1695 -38.26 23.03 39.48
N PRO B 1696 -37.48 22.89 40.57
CA PRO B 1696 -38.05 22.68 41.90
C PRO B 1696 -38.74 23.93 42.45
N ASN B 1721 -43.27 4.32 47.27
CA ASN B 1721 -43.68 5.64 46.79
C ASN B 1721 -42.47 6.54 46.56
N PHE B 1722 -42.51 7.30 45.46
CA PHE B 1722 -41.42 8.21 45.12
C PHE B 1722 -41.97 9.29 44.20
N ASN B 1723 -41.10 10.24 43.86
CA ASN B 1723 -41.49 11.35 43.01
C ASN B 1723 -41.84 10.86 41.62
N TYR B 1724 -42.88 11.46 41.03
CA TYR B 1724 -43.32 11.13 39.68
C TYR B 1724 -43.29 12.32 38.75
N LEU B 1725 -42.65 13.42 39.14
CA LEU B 1725 -42.57 14.61 38.30
C LEU B 1725 -41.33 14.52 37.41
N PRO B 1726 -41.49 14.48 36.09
CA PRO B 1726 -40.32 14.45 35.21
C PRO B 1726 -39.47 15.70 35.36
N SER B 1727 -38.15 15.51 35.28
CA SER B 1727 -37.23 16.65 35.35
C SER B 1727 -37.25 17.44 34.04
N ASN B 1728 -37.26 16.74 32.91
CA ASN B 1728 -37.29 17.40 31.61
C ASN B 1728 -38.06 16.52 30.63
N ILE B 1729 -38.69 17.16 29.65
CA ILE B 1729 -39.43 16.47 28.60
C ILE B 1729 -38.98 17.04 27.26
N SER B 1730 -38.62 16.15 26.34
CA SER B 1730 -38.22 16.55 24.99
C SER B 1730 -39.04 15.78 23.98
N PHE B 1731 -39.35 16.44 22.87
CA PHE B 1731 -40.15 15.84 21.81
C PHE B 1731 -40.05 16.66 20.54
N ASN B 1732 -39.68 16.02 19.43
CA ASN B 1732 -39.59 16.72 18.15
C ASN B 1732 -40.16 15.83 17.05
N THR B 1733 -40.65 16.48 16.00
CA THR B 1733 -41.29 15.79 14.89
C THR B 1733 -40.71 16.33 13.58
N ASN B 1734 -40.62 15.44 12.59
CA ASN B 1734 -40.04 15.79 11.30
C ASN B 1734 -40.91 15.20 10.19
N ILE B 1735 -41.12 15.99 9.14
CA ILE B 1735 -41.84 15.55 7.95
C ILE B 1735 -40.91 15.83 6.76
N LEU B 1736 -40.20 14.80 6.30
CA LEU B 1736 -39.25 14.94 5.21
C LEU B 1736 -39.85 14.28 3.96
N ARG B 1737 -39.99 15.07 2.90
CA ARG B 1737 -40.51 14.60 1.63
C ARG B 1737 -39.52 14.96 0.54
N GLN B 1738 -39.04 13.96 -0.20
CA GLN B 1738 -38.12 14.16 -1.30
C GLN B 1738 -38.71 13.52 -2.55
N SER B 1739 -38.90 14.32 -3.59
CA SER B 1739 -39.42 13.86 -4.87
C SER B 1739 -38.42 14.19 -5.96
N ASN B 1740 -38.01 13.17 -6.72
CA ASN B 1740 -37.00 13.34 -7.76
C ASN B 1740 -37.50 12.66 -9.03
N ARG B 1741 -37.80 13.46 -10.04
CA ARG B 1741 -38.20 12.96 -11.35
C ARG B 1741 -37.02 13.10 -12.30
N GLN B 1742 -36.67 12.01 -12.98
CA GLN B 1742 -35.47 11.96 -13.81
C GLN B 1742 -35.83 11.30 -15.14
N GLN B 1743 -35.81 12.09 -16.21
CA GLN B 1743 -36.08 11.60 -17.56
C GLN B 1743 -34.82 11.75 -18.39
N PHE B 1744 -34.26 10.63 -18.84
CA PHE B 1744 -33.08 10.66 -19.69
C PHE B 1744 -33.48 10.88 -21.14
N ARG B 1745 -32.63 11.59 -21.88
CA ARG B 1745 -32.94 11.98 -23.24
C ARG B 1745 -32.43 10.97 -24.26
N GLU B 1746 -33.11 10.92 -25.40
CA GLU B 1746 -32.56 10.31 -26.61
C GLU B 1746 -31.67 11.35 -27.28
N VAL B 1747 -30.36 11.12 -27.25
CA VAL B 1747 -29.44 12.09 -27.84
C VAL B 1747 -29.59 12.12 -29.36
N GLU B 1748 -30.02 11.01 -29.96
CA GLU B 1748 -30.13 10.95 -31.42
C GLU B 1748 -31.24 11.88 -31.92
N VAL B 1749 -32.45 11.75 -31.35
CA VAL B 1749 -33.59 12.53 -31.78
C VAL B 1749 -34.39 12.97 -30.55
N GLU B 1750 -35.04 14.12 -30.66
CA GLU B 1750 -35.95 14.60 -29.62
C GLU B 1750 -37.39 14.25 -29.97
N GLY B 1751 -37.63 12.96 -30.16
CA GLY B 1751 -38.95 12.49 -30.54
C GLY B 1751 -39.73 11.86 -29.42
N ILE B 1752 -39.09 11.00 -28.64
CA ILE B 1752 -39.76 10.27 -27.57
C ILE B 1752 -39.07 10.53 -26.24
N GLY B 1753 -37.81 10.14 -26.13
CA GLY B 1753 -37.11 10.18 -24.86
C GLY B 1753 -37.35 8.93 -24.04
N LEU B 1754 -36.72 8.88 -22.88
CA LEU B 1754 -36.89 7.76 -21.98
C LEU B 1754 -38.09 7.98 -21.06
N ASP B 1755 -38.60 6.88 -20.52
CA ASP B 1755 -39.68 6.97 -19.55
C ASP B 1755 -39.18 7.59 -18.25
N PRO B 1756 -39.89 8.56 -17.69
CA PRO B 1756 -39.43 9.21 -16.45
C PRO B 1756 -39.36 8.23 -15.30
N LEU B 1757 -38.37 8.43 -14.43
CA LEU B 1757 -38.17 7.62 -13.25
C LEU B 1757 -38.39 8.48 -12.01
N TYR B 1758 -39.17 7.97 -11.07
CA TYR B 1758 -39.56 8.72 -9.89
C TYR B 1758 -38.99 8.07 -8.63
N ARG B 1759 -38.26 8.86 -7.85
CA ARG B 1759 -37.86 8.47 -6.51
C ARG B 1759 -38.58 9.35 -5.51
N ARG B 1760 -39.31 8.74 -4.58
CA ARG B 1760 -40.04 9.48 -3.56
C ARG B 1760 -39.66 8.93 -2.19
N ASN B 1761 -39.35 9.84 -1.27
CA ASN B 1761 -38.86 9.52 0.06
C ASN B 1761 -39.68 10.24 1.11
N PHE B 1762 -41.01 10.12 1.00
CA PHE B 1762 -41.90 10.74 1.98
C PHE B 1762 -41.74 10.04 3.32
N ALA B 1763 -41.43 10.81 4.36
CA ALA B 1763 -41.15 10.24 5.67
C ALA B 1763 -41.80 11.10 6.75
N PHE B 1764 -42.06 10.48 7.90
CA PHE B 1764 -42.59 11.16 9.08
C PHE B 1764 -41.84 10.61 10.28
N ASN B 1765 -41.06 11.47 10.94
CA ASN B 1765 -40.23 11.06 12.05
C ASN B 1765 -40.62 11.80 13.31
N TYR B 1766 -40.59 11.10 14.44
CA TYR B 1766 -40.85 11.74 15.73
C TYR B 1766 -40.12 10.97 16.81
N GLN B 1767 -39.35 11.69 17.62
CA GLN B 1767 -38.71 11.09 18.79
C GLN B 1767 -38.97 11.96 20.01
N TYR B 1768 -39.19 11.31 21.13
CA TYR B 1768 -39.47 11.97 22.39
C TYR B 1768 -38.60 11.37 23.48
N GLY B 1769 -38.48 12.09 24.58
CA GLY B 1769 -37.67 11.63 25.69
C GLY B 1769 -37.98 12.41 26.95
N PHE B 1770 -37.77 11.74 28.08
CA PHE B 1770 -38.08 12.33 29.37
C PHE B 1770 -37.36 11.57 30.48
N GLY B 1771 -36.96 12.31 31.50
CA GLY B 1771 -36.22 11.74 32.62
C GLY B 1771 -36.95 11.94 33.94
N PHE B 1772 -36.79 10.97 34.83
CA PHE B 1772 -37.32 11.02 36.19
C PHE B 1772 -36.18 10.98 37.19
N ASN B 1773 -36.40 11.64 38.32
CA ASN B 1773 -35.50 11.62 39.47
C ASN B 1773 -36.28 11.12 40.68
N LEU B 1774 -36.96 9.98 40.51
CA LEU B 1774 -37.86 9.39 41.49
C LEU B 1774 -37.32 9.48 42.91
N THR B 1775 -36.03 9.24 43.07
CA THR B 1775 -35.37 9.30 44.37
C THR B 1775 -34.04 10.03 44.16
N LYS B 1776 -33.47 10.53 45.26
CA LYS B 1776 -32.19 11.20 45.18
C LYS B 1776 -31.09 10.30 44.61
N SER B 1777 -31.27 8.99 44.67
CA SER B 1777 -30.37 8.03 44.07
C SER B 1777 -30.83 7.57 42.69
N LEU B 1778 -32.12 7.30 42.53
CA LEU B 1778 -32.63 6.80 41.26
C LEU B 1778 -32.59 7.87 40.18
N LYS B 1779 -32.51 7.42 38.93
CA LYS B 1779 -32.57 8.30 37.77
C LYS B 1779 -32.97 7.46 36.57
N LEU B 1780 -34.08 7.82 35.92
CA LEU B 1780 -34.68 6.99 34.88
C LEU B 1780 -34.88 7.82 33.62
N ASN B 1781 -34.03 7.64 32.62
CA ASN B 1781 -34.12 8.36 31.37
C ASN B 1781 -34.70 7.46 30.29
N TYR B 1782 -35.83 7.86 29.71
CA TYR B 1782 -36.48 7.09 28.66
C TYR B 1782 -36.52 7.91 27.38
N SER B 1783 -36.37 7.23 26.25
CA SER B 1783 -36.46 7.89 24.95
C SER B 1783 -36.99 6.91 23.93
N ALA B 1784 -37.71 7.43 22.94
CA ALA B 1784 -38.28 6.60 21.89
C ALA B 1784 -38.29 7.37 20.58
N THR B 1785 -37.74 6.75 19.53
CA THR B 1785 -37.67 7.32 18.19
C THR B 1785 -38.51 6.46 17.26
N SER B 1786 -39.23 7.10 16.34
CA SER B 1786 -40.06 6.37 15.39
C SER B 1786 -39.95 7.04 14.02
N ASN B 1787 -39.73 6.22 13.00
CA ASN B 1787 -39.69 6.63 11.61
C ASN B 1787 -40.76 5.87 10.84
N ASN B 1788 -41.61 6.60 10.13
CA ASN B 1788 -42.66 6.01 9.30
C ASN B 1788 -42.48 6.48 7.86
N ILE B 1789 -42.86 5.63 6.92
CA ILE B 1789 -42.76 5.93 5.50
C ILE B 1789 -44.16 6.08 4.93
N VAL B 1790 -44.39 7.17 4.20
CA VAL B 1790 -45.69 7.46 3.61
C VAL B 1790 -45.67 6.93 2.17
N ARG B 1791 -46.62 6.05 1.86
CA ARG B 1791 -46.68 5.37 0.58
C ARG B 1791 -47.99 5.64 -0.13
N ASN B 1792 -48.44 6.89 -0.12
CA ASN B 1792 -49.67 7.27 -0.80
C ASN B 1792 -49.48 7.50 -2.30
N PHE B 1793 -48.24 7.45 -2.80
CA PHE B 1793 -47.97 7.68 -4.20
C PHE B 1793 -47.91 6.38 -5.01
N LEU B 1794 -48.18 5.25 -4.38
CA LEU B 1794 -48.09 3.95 -5.03
C LEU B 1794 -49.48 3.38 -5.29
N ASN B 1795 -49.59 2.64 -6.38
CA ASN B 1795 -50.83 1.95 -6.73
C ASN B 1795 -50.92 0.65 -5.92
N ASP B 1796 -51.93 -0.17 -6.23
CA ASP B 1796 -52.02 -1.48 -5.58
C ASP B 1796 -50.81 -2.33 -5.90
N ASP B 1797 -50.37 -2.32 -7.16
CA ASP B 1797 -49.13 -2.98 -7.54
C ASP B 1797 -47.95 -2.07 -7.20
N ASN B 1798 -46.76 -2.48 -7.65
CA ASN B 1798 -45.54 -1.73 -7.39
C ASN B 1798 -45.27 -0.71 -8.50
N SER B 1799 -46.28 0.12 -8.78
CA SER B 1799 -46.22 1.10 -9.85
C SER B 1799 -46.43 2.49 -9.27
N PRO B 1800 -45.45 3.40 -9.37
CA PRO B 1800 -45.66 4.76 -8.89
C PRO B 1800 -46.65 5.52 -9.75
N LYS B 1801 -47.24 6.55 -9.16
CA LYS B 1801 -48.22 7.39 -9.83
C LYS B 1801 -47.53 8.67 -10.32
N GLU B 1802 -47.59 8.91 -11.62
CA GLU B 1802 -46.93 10.09 -12.19
C GLU B 1802 -47.58 11.38 -11.72
N ASP B 1803 -48.92 11.43 -11.72
CA ASP B 1803 -49.66 12.64 -11.37
C ASP B 1803 -49.81 12.75 -9.86
N PHE B 1804 -48.69 13.07 -9.21
CA PHE B 1804 -48.65 13.20 -7.76
C PHE B 1804 -47.97 14.50 -7.38
N ASN B 1805 -48.50 15.16 -6.35
CA ASN B 1805 -47.94 16.39 -5.83
C ASN B 1805 -47.27 16.12 -4.49
N ILE B 1806 -46.17 16.84 -4.22
CA ILE B 1806 -45.46 16.67 -2.96
C ILE B 1806 -46.27 17.18 -1.78
N TRP B 1807 -47.27 18.04 -2.04
CA TRP B 1807 -48.14 18.56 -0.99
C TRP B 1807 -49.51 17.87 -0.99
N ASP B 1808 -49.59 16.63 -1.48
CA ASP B 1808 -50.87 15.96 -1.61
C ASP B 1808 -51.52 15.75 -0.25
N ASP B 1809 -50.90 14.94 0.60
CA ASP B 1809 -51.36 14.71 1.97
C ASP B 1809 -50.16 14.93 2.88
N TYR B 1810 -49.92 16.19 3.25
CA TYR B 1810 -48.71 16.53 3.99
C TYR B 1810 -48.76 16.02 5.42
N LEU B 1811 -49.89 16.22 6.10
CA LEU B 1811 -50.04 15.79 7.49
C LEU B 1811 -50.57 14.37 7.58
N ASP B 1812 -49.90 13.45 6.90
CA ASP B 1812 -50.27 12.05 6.88
C ASP B 1812 -49.19 11.23 7.59
N ILE B 1813 -49.59 10.45 8.57
CA ILE B 1813 -48.68 9.53 9.26
C ILE B 1813 -48.72 8.20 8.53
N GLY B 1814 -47.58 7.77 8.00
CA GLY B 1814 -47.51 6.54 7.24
C GLY B 1814 -47.41 5.32 8.12
N THR B 1815 -47.26 4.17 7.46
CA THR B 1815 -47.06 2.94 8.20
C THR B 1815 -45.70 2.95 8.88
N PRO B 1816 -45.58 2.39 10.08
CA PRO B 1816 -44.30 2.38 10.78
C PRO B 1816 -43.23 1.66 9.98
N ASN B 1817 -42.02 2.21 10.02
CA ASN B 1817 -40.87 1.63 9.34
C ASN B 1817 -39.74 1.26 10.30
N GLN B 1818 -39.53 2.05 11.35
CA GLN B 1818 -38.51 1.75 12.35
C GLN B 1818 -38.95 2.35 13.67
N HIS B 1819 -38.65 1.65 14.76
CA HIS B 1819 -39.03 2.14 16.09
C HIS B 1819 -38.00 1.68 17.10
N ALA B 1820 -37.34 2.62 17.77
CA ALA B 1820 -36.32 2.32 18.75
C ALA B 1820 -36.71 2.90 20.11
N GLN B 1821 -36.41 2.15 21.17
CA GLN B 1821 -36.62 2.61 22.53
C GLN B 1821 -35.34 2.41 23.32
N GLN B 1822 -35.00 3.40 24.15
CA GLN B 1822 -33.86 3.33 25.04
C GLN B 1822 -34.29 3.71 26.45
N LEU B 1823 -33.80 2.97 27.43
CA LEU B 1823 -34.18 3.19 28.83
C LEU B 1823 -32.96 3.01 29.71
N VAL B 1824 -32.64 4.03 30.51
CA VAL B 1824 -31.45 4.02 31.36
C VAL B 1824 -31.89 4.20 32.80
N LEU B 1825 -31.45 3.27 33.66
CA LEU B 1825 -31.66 3.35 35.10
C LEU B 1825 -30.32 3.49 35.81
N ASN B 1826 -30.23 4.47 36.71
CA ASN B 1826 -29.09 4.64 37.58
C ASN B 1826 -29.59 4.61 39.02
N TYR B 1827 -28.95 3.79 39.85
CA TYR B 1827 -29.39 3.60 41.23
C TYR B 1827 -28.17 3.52 42.12
N ASP B 1828 -28.06 4.46 43.05
CA ASP B 1828 -26.94 4.48 43.98
C ASP B 1828 -27.11 3.52 45.15
N ILE B 1829 -28.27 2.88 45.27
CA ILE B 1829 -28.55 1.87 46.29
C ILE B 1829 -28.20 2.42 47.67
N PRO B 1830 -29.02 3.31 48.24
CA PRO B 1830 -28.68 3.92 49.53
C PRO B 1830 -28.72 2.91 50.67
N ILE B 1831 -27.80 1.95 50.65
CA ILE B 1831 -27.70 0.96 51.72
C ILE B 1831 -27.07 1.54 52.97
N ASN B 1832 -26.51 2.75 52.89
CA ASN B 1832 -25.90 3.40 54.04
C ASN B 1832 -26.91 3.79 55.11
N LYS B 1833 -28.21 3.72 54.80
CA LYS B 1833 -29.22 4.00 55.82
C LYS B 1833 -29.12 3.04 56.99
N ILE B 1834 -28.91 1.76 56.71
CA ILE B 1834 -28.70 0.76 57.75
C ILE B 1834 -27.31 0.96 58.34
N PRO B 1835 -27.19 1.16 59.65
CA PRO B 1835 -25.86 1.40 60.22
C PRO B 1835 -25.08 0.11 60.46
N ILE B 1836 -25.10 -0.79 59.49
CA ILE B 1836 -24.30 -2.01 59.52
C ILE B 1836 -23.51 -2.09 58.22
N PHE B 1837 -24.04 -1.48 57.17
CA PHE B 1837 -23.45 -1.48 55.84
C PHE B 1837 -23.21 -0.06 55.35
N GLY B 1838 -22.69 0.80 56.23
CA GLY B 1838 -22.44 2.19 55.87
C GLY B 1838 -21.23 2.42 55.00
N PHE B 1839 -20.42 1.38 54.77
CA PHE B 1839 -19.23 1.50 53.94
C PHE B 1839 -19.45 1.08 52.50
N VAL B 1840 -20.53 0.37 52.20
CA VAL B 1840 -20.81 -0.07 50.84
C VAL B 1840 -21.15 1.14 49.98
N LYS B 1841 -20.59 1.17 48.78
CA LYS B 1841 -20.77 2.26 47.82
C LYS B 1841 -21.27 1.71 46.49
N ALA B 1842 -22.30 0.87 46.56
CA ALA B 1842 -22.84 0.21 45.37
C ALA B 1842 -23.44 1.22 44.40
N SER B 1843 -23.48 0.82 43.14
CA SER B 1843 -24.00 1.67 42.07
C SER B 1843 -24.38 0.76 40.91
N TYR B 1844 -25.67 0.75 40.56
CA TYR B 1844 -26.21 -0.12 39.53
C TYR B 1844 -26.67 0.72 38.35
N SER B 1845 -26.29 0.30 37.15
CA SER B 1845 -26.70 0.94 35.91
C SER B 1845 -27.30 -0.10 34.99
N TYR B 1846 -28.42 0.24 34.36
CA TYR B 1846 -29.14 -0.70 33.49
C TYR B 1846 -29.60 0.06 32.25
N THR B 1847 -28.99 -0.24 31.12
CA THR B 1847 -29.39 0.32 29.83
C THR B 1847 -30.08 -0.75 29.02
N ALA B 1848 -31.29 -0.46 28.54
CA ALA B 1848 -32.09 -1.39 27.78
C ALA B 1848 -32.45 -0.75 26.44
N ASP B 1849 -32.20 -1.47 25.36
CA ASP B 1849 -32.50 -1.00 24.02
C ASP B 1849 -33.41 -2.01 23.33
N TYR B 1850 -34.43 -1.48 22.65
CA TYR B 1850 -35.34 -2.28 21.84
C TYR B 1850 -35.45 -1.63 20.46
N MET B 1851 -35.52 -2.46 19.42
CA MET B 1851 -35.63 -1.93 18.07
C MET B 1851 -36.54 -2.83 17.25
N TRP B 1852 -37.41 -2.21 16.46
CA TRP B 1852 -38.26 -2.92 15.51
C TRP B 1852 -38.02 -2.32 14.13
N GLN B 1853 -37.64 -3.17 13.18
CA GLN B 1853 -37.34 -2.76 11.82
C GLN B 1853 -38.28 -3.46 10.86
N ARG B 1854 -38.98 -2.67 10.04
CA ARG B 1854 -39.88 -3.22 9.04
C ARG B 1854 -39.08 -3.81 7.89
N SER B 1855 -39.42 -5.04 7.50
CA SER B 1855 -38.75 -5.68 6.38
C SER B 1855 -39.22 -5.09 5.07
N SER B 1856 -38.40 -5.27 4.04
CA SER B 1856 -38.75 -4.81 2.71
C SER B 1856 -39.97 -5.57 2.19
N THR B 1857 -40.68 -4.94 1.25
CA THR B 1857 -41.86 -5.57 0.67
C THR B 1857 -41.52 -6.86 -0.06
N ALA B 1858 -40.26 -7.05 -0.46
CA ALA B 1858 -39.83 -8.32 -1.02
C ALA B 1858 -39.92 -9.46 -0.01
N PHE B 1859 -39.92 -9.13 1.29
CA PHE B 1859 -40.07 -10.11 2.35
C PHE B 1859 -41.50 -10.24 2.84
N SER B 1860 -42.17 -9.11 3.10
CA SER B 1860 -43.51 -9.14 3.68
C SER B 1860 -44.56 -9.68 2.72
N GLU B 1861 -44.30 -9.63 1.42
CA GLU B 1861 -45.18 -10.20 0.41
C GLU B 1861 -44.38 -11.04 -0.58
N TYR B 1862 -43.50 -11.88 -0.06
CA TYR B 1862 -42.74 -12.78 -0.90
C TYR B 1862 -43.66 -13.84 -1.52
N GLU B 1863 -43.42 -14.15 -2.79
CA GLU B 1863 -44.25 -15.08 -3.54
C GLU B 1863 -43.38 -16.23 -4.04
N ASP B 1864 -43.80 -17.46 -3.72
CA ASP B 1864 -43.13 -18.63 -4.22
C ASP B 1864 -43.41 -18.81 -5.72
N PRO B 1865 -42.59 -19.61 -6.41
CA PRO B 1865 -42.95 -19.99 -7.79
C PRO B 1865 -44.27 -20.72 -7.87
N ASN B 1866 -44.70 -21.38 -6.78
CA ASN B 1866 -46.01 -22.02 -6.72
C ASN B 1866 -47.14 -21.01 -6.75
N GLY B 1867 -46.87 -19.73 -6.52
CA GLY B 1867 -47.87 -18.69 -6.52
C GLY B 1867 -48.34 -18.25 -5.15
N THR B 1868 -48.11 -19.07 -4.12
CA THR B 1868 -48.51 -18.70 -2.77
C THR B 1868 -47.65 -17.55 -2.25
N VAL B 1869 -48.23 -16.78 -1.34
CA VAL B 1869 -47.61 -15.58 -0.78
C VAL B 1869 -47.40 -15.78 0.70
N TYR B 1870 -46.17 -15.56 1.17
CA TYR B 1870 -45.81 -15.66 2.57
C TYR B 1870 -45.39 -14.32 3.12
N ASP B 1871 -45.68 -14.10 4.40
CA ASP B 1871 -45.21 -12.93 5.13
C ASP B 1871 -43.99 -13.33 5.94
N LEU B 1872 -42.81 -12.86 5.53
CA LEU B 1872 -41.58 -13.21 6.21
C LEU B 1872 -41.34 -12.40 7.48
N GLY B 1873 -42.18 -11.40 7.75
CA GLY B 1873 -42.12 -10.69 9.01
C GLY B 1873 -41.01 -9.65 9.07
N ASN B 1874 -41.05 -8.87 10.14
CA ASN B 1874 -40.08 -7.82 10.40
C ASN B 1874 -38.98 -8.37 11.32
N THR B 1875 -38.13 -7.48 11.82
CA THR B 1875 -37.03 -7.86 12.70
C THR B 1875 -37.11 -7.11 14.01
N ILE B 1876 -36.83 -7.79 15.12
CA ILE B 1876 -36.77 -7.15 16.43
C ILE B 1876 -35.43 -7.44 17.07
N GLN B 1877 -34.86 -6.41 17.69
CA GLN B 1877 -33.56 -6.47 18.35
C GLN B 1877 -33.71 -6.01 19.79
N ASN B 1878 -32.95 -6.65 20.68
CA ASN B 1878 -32.97 -6.35 22.11
C ASN B 1878 -31.53 -6.22 22.58
N SER B 1879 -31.32 -5.43 23.64
CA SER B 1879 -29.98 -5.25 24.16
C SER B 1879 -30.02 -4.80 25.61
N ASN B 1880 -29.13 -5.38 26.43
CA ASN B 1880 -28.93 -4.98 27.81
C ASN B 1880 -27.49 -4.56 28.04
N SER B 1881 -27.31 -3.66 29.00
CA SER B 1881 -25.98 -3.13 29.36
C SER B 1881 -25.82 -3.07 30.88
N ASN B 1882 -26.16 -4.17 31.56
CA ASN B 1882 -26.05 -4.23 33.01
C ASN B 1882 -24.64 -3.87 33.48
N THR B 1883 -24.57 -3.11 34.57
CA THR B 1883 -23.30 -2.71 35.15
C THR B 1883 -23.48 -2.54 36.66
N LEU B 1884 -22.52 -3.03 37.43
CA LEU B 1884 -22.54 -2.91 38.88
C LEU B 1884 -21.16 -2.52 39.36
N THR B 1885 -21.10 -1.54 40.26
CA THR B 1885 -19.84 -1.06 40.81
C THR B 1885 -19.95 -0.97 42.33
N THR B 1886 -19.02 -1.60 43.03
CA THR B 1886 -19.02 -1.60 44.49
C THR B 1886 -17.62 -1.28 44.99
N THR B 1887 -17.52 -0.31 45.91
CA THR B 1887 -16.24 0.01 46.53
C THR B 1887 -15.97 -0.83 47.77
N LEU B 1888 -16.98 -0.99 48.62
CA LEU B 1888 -16.94 -1.88 49.78
C LEU B 1888 -15.67 -1.64 50.61
N ASN B 1889 -15.63 -0.44 51.19
CA ASN B 1889 -14.50 -0.03 52.02
C ASN B 1889 -14.48 -0.89 53.28
N MET B 1890 -13.50 -1.79 53.38
CA MET B 1890 -13.42 -2.68 54.53
C MET B 1890 -13.16 -1.93 55.82
N ASN B 1891 -12.65 -0.70 55.74
CA ASN B 1891 -12.49 0.13 56.92
C ASN B 1891 -13.86 0.59 57.43
N THR B 1892 -13.91 0.91 58.72
CA THR B 1892 -15.14 1.34 59.39
C THR B 1892 -16.27 0.34 59.20
N VAL B 1941 -6.74 -9.66 62.87
CA VAL B 1941 -5.62 -9.91 61.98
C VAL B 1941 -6.06 -9.75 60.53
N LEU B 1942 -7.37 -9.71 60.31
CA LEU B 1942 -7.94 -9.57 58.98
C LEU B 1942 -8.23 -8.11 58.62
N THR B 1943 -7.88 -7.17 59.50
CA THR B 1943 -8.09 -5.75 59.22
C THR B 1943 -7.12 -5.19 58.19
N SER B 1944 -6.25 -6.02 57.61
CA SER B 1944 -5.30 -5.55 56.60
C SER B 1944 -6.03 -5.04 55.36
N ILE B 1945 -7.09 -5.74 54.94
CA ILE B 1945 -7.84 -5.34 53.76
C ILE B 1945 -8.50 -3.99 54.01
N LYS B 1946 -8.38 -3.08 53.05
CA LYS B 1946 -8.94 -1.74 53.16
C LYS B 1946 -10.11 -1.50 52.21
N ASN B 1947 -9.93 -1.75 50.92
CA ASN B 1947 -10.97 -1.56 49.92
C ASN B 1947 -11.07 -2.80 49.05
N VAL B 1948 -12.29 -3.15 48.66
CA VAL B 1948 -12.55 -4.28 47.76
C VAL B 1948 -13.41 -3.74 46.62
N GLN B 1949 -12.75 -3.30 45.55
CA GLN B 1949 -13.46 -2.73 44.40
C GLN B 1949 -13.93 -3.86 43.49
N ILE B 1950 -15.24 -3.91 43.25
CA ILE B 1950 -15.86 -4.96 42.44
C ILE B 1950 -16.60 -4.30 41.29
N ASN B 1951 -16.20 -4.62 40.07
CA ASN B 1951 -16.87 -4.16 38.86
C ASN B 1951 -17.42 -5.36 38.11
N TYR B 1952 -18.70 -5.30 37.74
CA TYR B 1952 -19.35 -6.38 37.03
C TYR B 1952 -20.21 -5.79 35.92
N THR B 1953 -19.79 -6.02 34.67
CA THR B 1953 -20.53 -5.58 33.50
C THR B 1953 -21.13 -6.80 32.81
N LYS B 1954 -22.38 -6.66 32.36
CA LYS B 1954 -23.08 -7.76 31.69
C LYS B 1954 -23.88 -7.19 30.52
N ASN B 1955 -23.34 -7.34 29.32
CA ASN B 1955 -24.05 -6.98 28.10
C ASN B 1955 -24.83 -8.18 27.58
N SER B 1956 -26.00 -7.91 26.99
CA SER B 1956 -26.81 -8.95 26.41
C SER B 1956 -27.52 -8.39 25.18
N GLY B 1957 -27.94 -9.28 24.30
CA GLY B 1957 -28.63 -8.87 23.10
C GLY B 1957 -29.33 -10.03 22.43
N THR B 1958 -30.43 -9.73 21.76
CA THR B 1958 -31.24 -10.74 21.09
C THR B 1958 -31.76 -10.18 19.78
N VAL B 1959 -31.59 -10.95 18.70
CA VAL B 1959 -32.14 -10.61 17.39
C VAL B 1959 -33.07 -11.74 16.99
N LEU B 1960 -34.35 -11.41 16.79
CA LEU B 1960 -35.38 -12.37 16.43
C LEU B 1960 -36.01 -11.96 15.11
N PRO B 1961 -35.58 -12.54 13.99
CA PRO B 1961 -36.19 -12.21 12.71
C PRO B 1961 -37.50 -12.98 12.50
N GLY B 1962 -38.22 -12.59 11.45
CA GLY B 1962 -39.49 -13.22 11.15
C GLY B 1962 -40.62 -12.82 12.07
N TYR B 1963 -40.51 -11.68 12.75
CA TYR B 1963 -41.52 -11.21 13.70
C TYR B 1963 -42.57 -10.44 12.91
N THR B 1964 -43.67 -11.12 12.57
CA THR B 1964 -44.65 -10.57 11.63
C THR B 1964 -45.33 -9.28 12.12
N PRO B 1965 -45.83 -9.17 13.35
CA PRO B 1965 -46.70 -8.03 13.67
C PRO B 1965 -45.94 -6.71 13.70
N SER B 1966 -46.70 -5.64 13.55
CA SER B 1966 -46.15 -4.29 13.49
C SER B 1966 -46.17 -3.65 14.88
N VAL B 1967 -45.88 -2.36 14.94
CA VAL B 1967 -45.82 -1.63 16.21
C VAL B 1967 -46.85 -0.50 16.18
N GLY B 1968 -47.13 0.03 17.36
CA GLY B 1968 -48.06 1.14 17.50
C GLY B 1968 -47.37 2.49 17.39
N PHE B 1969 -48.17 3.54 17.57
CA PHE B 1969 -47.63 4.89 17.47
C PHE B 1969 -46.67 5.19 18.62
N LEU B 1970 -47.04 4.82 19.84
CA LEU B 1970 -46.21 5.06 21.01
C LEU B 1970 -45.23 3.92 21.29
N GLY B 1971 -45.28 2.85 20.51
CA GLY B 1971 -44.43 1.69 20.75
C GLY B 1971 -45.21 0.40 20.75
N THR B 1972 -44.72 -0.60 21.48
CA THR B 1972 -45.41 -1.88 21.53
C THR B 1972 -44.96 -2.65 22.77
N SER B 1973 -45.75 -3.67 23.12
CA SER B 1973 -45.37 -4.66 24.13
C SER B 1973 -45.83 -6.04 23.68
N LYS B 1974 -45.98 -6.24 22.38
CA LYS B 1974 -46.58 -7.47 21.86
C LYS B 1974 -45.79 -8.72 22.18
N PRO B 1975 -44.45 -8.79 21.97
CA PRO B 1975 -43.72 -10.02 22.32
C PRO B 1975 -43.80 -10.29 23.82
N SER B 1976 -43.34 -9.32 24.60
CA SER B 1976 -43.46 -9.30 26.05
C SER B 1976 -43.00 -7.94 26.53
N LEU B 1977 -43.59 -7.48 27.63
CA LEU B 1977 -43.20 -6.19 28.18
C LEU B 1977 -41.75 -6.20 28.63
N GLY B 1978 -41.24 -7.36 29.06
CA GLY B 1978 -39.84 -7.46 29.43
C GLY B 1978 -38.90 -7.34 28.23
N PHE B 1979 -39.29 -7.94 27.10
CA PHE B 1979 -38.43 -7.90 25.91
C PHE B 1979 -38.22 -6.47 25.43
N VAL B 1980 -39.27 -5.65 25.49
CA VAL B 1980 -39.14 -4.25 25.10
C VAL B 1980 -38.17 -3.53 26.03
N PHE B 1981 -38.06 -3.97 27.28
CA PHE B 1981 -37.12 -3.40 28.23
C PHE B 1981 -35.95 -4.33 28.53
N GLY B 1982 -35.75 -5.36 27.71
CA GLY B 1982 -34.56 -6.18 27.80
C GLY B 1982 -34.60 -7.32 28.80
N SER B 1983 -35.60 -8.19 28.69
CA SER B 1983 -35.70 -9.32 29.61
C SER B 1983 -34.70 -10.41 29.26
N GLN B 1984 -34.43 -10.62 27.97
CA GLN B 1984 -33.59 -11.70 27.44
C GLN B 1984 -34.16 -13.08 27.72
N ASP B 1985 -35.37 -13.16 28.27
CA ASP B 1985 -36.01 -14.45 28.48
C ASP B 1985 -36.48 -15.03 27.16
N ASP B 1986 -36.83 -16.32 27.18
CA ASP B 1986 -37.23 -17.02 25.97
C ASP B 1986 -38.56 -16.49 25.49
N VAL B 1987 -38.55 -15.83 24.33
CA VAL B 1987 -39.76 -15.37 23.67
C VAL B 1987 -40.02 -16.08 22.35
N ARG B 1988 -39.10 -16.95 21.91
CA ARG B 1988 -39.28 -17.65 20.65
C ARG B 1988 -40.50 -18.57 20.69
N TYR B 1989 -40.56 -19.43 21.71
CA TYR B 1989 -41.64 -20.40 21.78
C TYR B 1989 -42.98 -19.72 22.03
N GLU B 1990 -43.00 -18.69 22.88
CA GLU B 1990 -44.22 -17.94 23.12
C GLU B 1990 -44.69 -17.25 21.85
N ALA B 1991 -43.76 -16.64 21.11
CA ALA B 1991 -44.13 -15.98 19.85
C ALA B 1991 -44.67 -16.97 18.84
N ALA B 1992 -44.06 -18.15 18.75
CA ALA B 1992 -44.55 -19.18 17.84
C ALA B 1992 -45.94 -19.66 18.24
N LYS B 1993 -46.16 -19.85 19.55
CA LYS B 1993 -47.46 -20.33 20.02
C LYS B 1993 -48.55 -19.31 19.75
N ARG B 1994 -48.27 -18.02 20.03
CA ARG B 1994 -49.26 -16.98 19.76
C ARG B 1994 -49.45 -16.71 18.28
N GLY B 1995 -48.58 -17.25 17.42
CA GLY B 1995 -48.79 -17.20 16.00
C GLY B 1995 -48.27 -15.99 15.28
N TRP B 1996 -47.37 -15.21 15.88
CA TRP B 1996 -46.78 -14.06 15.21
C TRP B 1996 -45.31 -14.29 14.85
N LEU B 1997 -45.00 -15.52 14.42
CA LEU B 1997 -43.75 -15.82 13.73
C LEU B 1997 -44.08 -16.27 12.32
N THR B 1998 -43.09 -16.17 11.43
CA THR B 1998 -43.33 -16.45 10.02
C THR B 1998 -43.68 -17.92 9.82
N THR B 1999 -44.62 -18.18 8.91
CA THR B 1999 -45.04 -19.52 8.57
C THR B 1999 -44.24 -20.12 7.41
N TYR B 2000 -43.30 -19.37 6.84
CA TYR B 2000 -42.45 -19.90 5.79
C TYR B 2000 -41.59 -21.03 6.34
N GLN B 2001 -41.51 -22.13 5.60
CA GLN B 2001 -40.82 -23.32 6.06
C GLN B 2001 -39.36 -23.37 5.59
N ASP B 2002 -38.88 -22.36 4.89
CA ASP B 2002 -37.50 -22.27 4.44
C ASP B 2002 -36.88 -20.95 4.85
N PHE B 2003 -37.23 -20.49 6.06
CA PHE B 2003 -36.76 -19.19 6.54
C PHE B 2003 -35.25 -19.24 6.77
N ASN B 2004 -34.52 -18.37 6.08
CA ASN B 2004 -33.06 -18.39 6.11
C ASN B 2004 -32.45 -17.44 7.12
N GLN B 2005 -33.27 -16.64 7.82
CA GLN B 2005 -32.75 -15.73 8.82
C GLN B 2005 -32.65 -16.45 10.17
N SER B 2006 -31.62 -16.12 10.93
CA SER B 2006 -31.24 -16.85 12.13
C SER B 2006 -31.53 -16.04 13.39
N PHE B 2007 -32.22 -16.66 14.34
CA PHE B 2007 -32.29 -16.12 15.69
C PHE B 2007 -30.89 -16.09 16.30
N THR B 2008 -30.55 -14.96 16.93
CA THR B 2008 -29.20 -14.74 17.44
C THR B 2008 -29.27 -14.18 18.85
N GLN B 2009 -28.35 -14.62 19.71
CA GLN B 2009 -28.20 -14.09 21.05
C GLN B 2009 -26.73 -13.82 21.34
N VAL B 2010 -26.46 -12.71 22.01
CA VAL B 2010 -25.12 -12.31 22.40
C VAL B 2010 -25.11 -12.04 23.91
N SER B 2011 -24.02 -12.43 24.57
CA SER B 2011 -23.85 -12.18 25.99
C SER B 2011 -22.39 -11.94 26.29
N ASN B 2012 -22.12 -11.00 27.20
CA ASN B 2012 -20.76 -10.66 27.60
C ASN B 2012 -20.76 -10.41 29.10
N LYS B 2013 -19.85 -11.08 29.82
CA LYS B 2013 -19.66 -10.89 31.24
C LYS B 2013 -18.23 -10.44 31.48
N LEU B 2014 -18.07 -9.39 32.30
CA LEU B 2014 -16.75 -8.87 32.66
C LEU B 2014 -16.73 -8.62 34.16
N LEU B 2015 -15.78 -9.25 34.84
CA LEU B 2015 -15.59 -9.12 36.28
C LEU B 2015 -14.19 -8.58 36.54
N LYS B 2016 -14.11 -7.54 37.36
CA LYS B 2016 -12.91 -6.71 37.56
C LYS B 2016 -12.65 -6.49 39.04
N VAL B 2017 -12.64 -7.57 39.83
CA VAL B 2017 -12.48 -7.44 41.27
C VAL B 2017 -11.11 -6.86 41.59
N THR B 2018 -11.07 -5.93 42.55
CA THR B 2018 -9.82 -5.33 43.00
C THR B 2018 -9.84 -5.21 44.51
N ALA B 2019 -8.67 -5.31 45.12
CA ALA B 2019 -8.57 -5.24 46.58
C ALA B 2019 -7.22 -4.66 46.98
N ASN B 2020 -7.18 -4.09 48.18
CA ASN B 2020 -5.97 -3.51 48.75
C ASN B 2020 -5.72 -4.11 50.13
N ILE B 2021 -4.45 -4.37 50.43
CA ILE B 2021 -4.02 -4.99 51.69
C ILE B 2021 -2.83 -4.22 52.22
N ASP B 2022 -2.80 -4.02 53.54
CA ASP B 2022 -1.79 -3.22 54.23
C ASP B 2022 -1.19 -4.02 55.40
N LEU B 2023 -0.73 -5.23 55.10
CA LEU B 2023 -0.19 -6.12 56.13
C LEU B 2023 0.86 -5.43 57.00
N LEU B 2024 1.70 -4.60 56.39
CA LEU B 2024 2.69 -3.85 57.14
C LEU B 2024 2.51 -2.35 56.88
N PRO B 2025 2.94 -1.50 57.82
CA PRO B 2025 2.74 -0.05 57.62
C PRO B 2025 3.40 0.49 56.37
N ASP B 2026 4.54 -0.06 55.96
CA ASP B 2026 5.23 0.38 54.76
C ASP B 2026 5.23 -0.70 53.67
N LEU B 2027 4.16 -1.49 53.60
CA LEU B 2027 4.01 -2.55 52.61
C LEU B 2027 2.60 -2.51 52.06
N LYS B 2028 2.48 -2.17 50.78
CA LYS B 2028 1.19 -2.05 50.10
C LYS B 2028 1.03 -3.20 49.11
N VAL B 2029 -0.12 -3.88 49.17
CA VAL B 2029 -0.42 -4.99 48.28
C VAL B 2029 -1.71 -4.68 47.54
N ASP B 2030 -1.68 -4.84 46.22
CA ASP B 2030 -2.87 -4.69 45.38
C ASP B 2030 -3.16 -6.01 44.71
N LEU B 2031 -4.39 -6.51 44.87
CA LEU B 2031 -4.82 -7.76 44.28
C LEU B 2031 -5.88 -7.48 43.22
N SER B 2032 -5.82 -8.23 42.12
CA SER B 2032 -6.73 -8.08 41.00
C SER B 2032 -7.27 -9.44 40.58
N MET B 2033 -8.50 -9.44 40.09
CA MET B 2033 -9.16 -10.65 39.61
C MET B 2033 -9.97 -10.27 38.38
N ASP B 2034 -9.66 -10.89 37.25
CA ASP B 2034 -10.27 -10.55 35.98
C ASP B 2034 -10.94 -11.78 35.38
N ARG B 2035 -12.13 -11.59 34.82
CA ARG B 2035 -12.81 -12.71 34.16
C ARG B 2035 -13.73 -12.17 33.08
N SER B 2036 -13.43 -12.48 31.83
CA SER B 2036 -14.25 -12.12 30.69
C SER B 2036 -14.79 -13.38 30.03
N TYR B 2037 -16.08 -13.35 29.68
CA TYR B 2037 -16.72 -14.48 29.01
C TYR B 2037 -17.74 -13.94 28.02
N SER B 2038 -17.49 -14.16 26.73
CA SER B 2038 -18.39 -13.75 25.67
C SER B 2038 -18.95 -14.98 24.98
N GLU B 2039 -20.25 -14.97 24.72
CA GLU B 2039 -20.94 -16.12 24.15
C GLU B 2039 -21.95 -15.65 23.11
N ASN B 2040 -21.83 -16.18 21.89
CA ASN B 2040 -22.77 -15.93 20.80
C ASN B 2040 -23.44 -17.25 20.44
N THR B 2041 -24.77 -17.24 20.37
CA THR B 2041 -25.54 -18.39 19.92
C THR B 2041 -26.35 -17.99 18.70
N SER B 2042 -26.34 -18.85 17.69
CA SER B 2042 -27.08 -18.60 16.46
C SER B 2042 -27.79 -19.87 16.02
N GLU B 2043 -29.01 -19.70 15.51
CA GLU B 2043 -29.78 -20.88 15.10
C GLU B 2043 -30.80 -20.46 14.05
N GLN B 2044 -31.09 -21.36 13.13
CA GLN B 2044 -32.24 -21.15 12.27
C GLN B 2044 -33.47 -21.74 12.93
N TYR B 2045 -34.65 -21.49 12.35
CA TYR B 2045 -35.85 -22.01 12.98
C TYR B 2045 -36.96 -22.18 11.97
N SER B 2046 -37.95 -22.98 12.36
CA SER B 2046 -39.19 -23.11 11.63
C SER B 2046 -40.35 -23.08 12.62
N VAL B 2047 -41.56 -22.91 12.09
CA VAL B 2047 -42.78 -23.00 12.88
C VAL B 2047 -43.62 -24.11 12.28
N ASP B 2048 -43.95 -25.11 13.09
CA ASP B 2048 -44.75 -26.23 12.61
C ASP B 2048 -46.12 -25.73 12.17
N PRO B 2049 -46.56 -26.07 10.95
CA PRO B 2049 -47.90 -25.63 10.51
C PRO B 2049 -49.01 -26.08 11.43
N SER B 2050 -48.87 -27.25 12.04
CA SER B 2050 -49.81 -27.72 13.04
C SER B 2050 -49.22 -27.55 14.43
N THR B 2051 -50.05 -27.07 15.36
CA THR B 2051 -49.75 -26.80 16.76
C THR B 2051 -48.87 -25.57 16.96
N ASN B 2052 -48.38 -24.95 15.88
CA ASN B 2052 -47.59 -23.72 15.94
C ASN B 2052 -46.43 -23.84 16.94
N GLU B 2053 -45.62 -24.87 16.75
CA GLU B 2053 -44.52 -25.18 17.66
C GLU B 2053 -43.20 -24.71 17.05
N TYR B 2054 -42.39 -24.05 17.86
CA TYR B 2054 -41.09 -23.55 17.42
C TYR B 2054 -40.13 -24.72 17.26
N LYS B 2055 -39.46 -24.78 16.11
CA LYS B 2055 -38.51 -25.86 15.82
C LYS B 2055 -37.13 -25.27 15.59
N PRO B 2056 -36.19 -25.44 16.52
CA PRO B 2056 -34.81 -25.00 16.27
C PRO B 2056 -34.16 -25.84 15.18
N LEU B 2057 -33.21 -25.22 14.49
CA LEU B 2057 -32.53 -25.86 13.35
C LEU B 2057 -31.06 -25.47 13.40
N SER B 2058 -30.21 -26.48 13.60
CA SER B 2058 -28.76 -26.32 13.61
C SER B 2058 -28.27 -25.18 14.51
N PRO B 2059 -28.57 -25.22 15.82
CA PRO B 2059 -28.03 -24.20 16.72
C PRO B 2059 -26.54 -24.42 16.93
N TYR B 2060 -25.80 -23.32 17.03
CA TYR B 2060 -24.37 -23.39 17.30
C TYR B 2060 -23.97 -22.20 18.15
N THR B 2061 -22.84 -22.37 18.84
CA THR B 2061 -22.34 -21.39 19.80
C THR B 2061 -20.87 -21.16 19.56
N TYR B 2062 -20.42 -19.94 19.83
CA TYR B 2062 -19.00 -19.61 19.85
C TYR B 2062 -18.78 -18.50 20.87
N GLY B 2063 -17.54 -18.09 21.04
CA GLY B 2063 -17.29 -17.00 21.95
C GLY B 2063 -15.82 -16.92 22.37
N MET B 2064 -15.60 -16.20 23.46
CA MET B 2064 -14.28 -15.90 23.99
C MET B 2064 -14.27 -16.14 25.50
N PHE B 2065 -13.11 -16.49 26.03
CA PHE B 2065 -12.96 -16.66 27.46
C PHE B 2065 -11.59 -16.15 27.90
N SER B 2066 -11.54 -15.57 29.10
CA SER B 2066 -10.27 -15.12 29.67
C SER B 2066 -10.44 -15.04 31.17
N ILE B 2067 -9.42 -15.49 31.91
CA ILE B 2067 -9.49 -15.43 33.37
C ILE B 2067 -8.09 -15.25 33.92
N SER B 2068 -7.98 -14.42 34.95
CA SER B 2068 -6.70 -14.21 35.62
C SER B 2068 -6.36 -15.43 36.46
N THR B 2069 -5.15 -15.95 36.30
CA THR B 2069 -4.71 -17.15 36.99
C THR B 2069 -3.36 -16.87 37.64
N VAL B 2070 -2.80 -17.89 38.28
CA VAL B 2070 -1.45 -17.84 38.85
C VAL B 2070 -0.69 -19.04 38.35
N MET B 2071 0.45 -18.80 37.70
CA MET B 2071 1.30 -19.85 37.16
C MET B 2071 2.75 -19.62 37.54
N ILE B 2072 2.97 -18.98 38.69
CA ILE B 2072 4.31 -18.68 39.18
C ILE B 2072 5.05 -19.91 39.68
N LYS B 2073 4.35 -21.03 39.89
CA LYS B 2073 5.00 -22.23 40.39
C LYS B 2073 5.98 -22.81 39.39
N THR B 2074 5.87 -22.45 38.11
CA THR B 2074 6.78 -22.90 37.07
C THR B 2074 7.49 -21.73 36.38
N ALA B 2075 7.40 -20.53 36.94
CA ALA B 2075 7.95 -19.36 36.27
C ALA B 2075 9.48 -19.40 36.22
N PHE B 2076 10.11 -19.83 37.30
CA PHE B 2076 11.57 -19.81 37.40
C PHE B 2076 12.22 -21.14 37.07
N SER B 2077 11.43 -22.13 36.66
CA SER B 2077 12.02 -23.37 36.16
C SER B 2077 12.71 -23.12 34.82
N PRO B 2078 13.95 -23.59 34.65
CA PRO B 2078 14.67 -23.32 33.40
C PRO B 2078 14.05 -24.09 32.25
N SER B 2079 13.85 -23.39 31.13
CA SER B 2079 13.25 -23.98 29.94
C SER B 2079 13.94 -23.41 28.70
N ASP B 2080 14.58 -24.29 27.92
CA ASP B 2080 15.28 -23.88 26.72
C ASP B 2080 15.20 -25.02 25.71
N GLU B 2081 16.08 -24.97 24.71
CA GLU B 2081 16.07 -25.97 23.64
C GLU B 2081 16.40 -27.37 24.13
N THR B 2082 17.06 -27.50 25.28
CA THR B 2082 17.56 -28.79 25.73
C THR B 2082 16.84 -29.36 26.94
N GLN B 2083 16.12 -28.54 27.70
CA GLN B 2083 15.45 -29.03 28.89
C GLN B 2083 14.27 -28.13 29.24
N SER B 2084 13.21 -28.74 29.75
CA SER B 2084 12.07 -28.00 30.28
C SER B 2084 11.30 -28.92 31.21
N ALA B 2085 11.36 -28.64 32.51
CA ALA B 2085 10.64 -29.48 33.48
C ALA B 2085 9.14 -29.36 33.30
N ALA B 2086 8.65 -28.15 33.02
CA ALA B 2086 7.23 -27.96 32.81
C ALA B 2086 6.74 -28.69 31.56
N PHE B 2087 7.54 -28.71 30.50
CA PHE B 2087 7.15 -29.45 29.31
C PHE B 2087 7.20 -30.96 29.54
N ASP B 2088 8.14 -31.42 30.37
CA ASP B 2088 8.14 -32.83 30.76
C ASP B 2088 6.88 -33.19 31.54
N ASP B 2089 6.46 -32.30 32.44
CA ASP B 2089 5.20 -32.50 33.15
C ASP B 2089 4.02 -32.51 32.19
N PHE B 2090 4.06 -31.65 31.16
CA PHE B 2090 3.01 -31.63 30.16
C PHE B 2090 2.95 -32.96 29.42
N ARG B 2091 4.12 -33.50 29.07
CA ARG B 2091 4.17 -34.81 28.43
C ARG B 2091 3.63 -35.90 29.34
N SER B 2092 3.96 -35.84 30.65
CA SER B 2092 3.59 -36.91 31.56
C SER B 2092 2.11 -36.88 31.91
N ASN B 2093 1.53 -35.68 32.04
CA ASN B 2093 0.16 -35.55 32.50
C ASN B 2093 -0.87 -36.07 31.49
N ARG B 2094 -0.47 -36.30 30.24
CA ARG B 2094 -1.42 -36.73 29.23
C ARG B 2094 -2.06 -38.05 29.60
N LEU B 2095 -1.26 -39.02 30.05
CA LEU B 2095 -1.81 -40.33 30.40
C LEU B 2095 -2.70 -40.26 31.64
N ILE B 2096 -2.32 -39.44 32.62
CA ILE B 2096 -3.13 -39.29 33.82
C ILE B 2096 -4.49 -38.70 33.48
N ILE B 2097 -4.49 -37.64 32.66
CA ILE B 2097 -5.74 -37.00 32.26
C ILE B 2097 -6.57 -37.96 31.41
N ALA B 2098 -5.93 -38.72 30.54
CA ALA B 2098 -6.66 -39.69 29.71
C ALA B 2098 -7.31 -40.76 30.58
N ASN B 2099 -6.59 -41.24 31.60
CA ASN B 2099 -7.17 -42.24 32.49
C ASN B 2099 -8.34 -41.68 33.28
N ARG B 2100 -8.21 -40.44 33.76
CA ARG B 2100 -9.32 -39.81 34.48
C ARG B 2100 -10.54 -39.65 33.57
N LEU B 2101 -10.32 -39.22 32.33
CA LEU B 2101 -11.43 -39.03 31.40
C LEU B 2101 -12.06 -40.38 31.03
N ALA B 2102 -11.24 -41.42 30.90
CA ALA B 2102 -11.79 -42.75 30.61
C ALA B 2102 -12.62 -43.27 31.76
N GLU B 2103 -12.16 -43.07 33.01
CA GLU B 2103 -12.96 -43.46 34.16
C GLU B 2103 -14.26 -42.66 34.21
N GLY B 2104 -14.20 -41.39 33.81
CA GLY B 2104 -15.43 -40.62 33.70
C GLY B 2104 -16.36 -41.15 32.62
N HIS B 2105 -15.80 -41.65 31.52
CA HIS B 2105 -16.61 -42.16 30.41
C HIS B 2105 -17.00 -43.61 30.64
N TYR B 2106 -16.02 -44.50 30.77
CA TYR B 2106 -16.29 -45.88 31.16
C TYR B 2106 -16.39 -45.94 32.69
N GLY B 2107 -17.56 -46.28 33.19
CA GLY B 2107 -17.86 -46.11 34.60
C GLY B 2107 -17.33 -47.20 35.52
N SER B 2108 -16.10 -47.66 35.27
CA SER B 2108 -15.37 -48.53 36.18
C SER B 2108 -16.03 -49.89 36.35
N GLY B 2109 -17.17 -50.11 35.70
CA GLY B 2109 -17.81 -51.42 35.74
C GLY B 2109 -17.15 -52.46 34.85
N VAL B 2110 -16.40 -52.01 33.85
CA VAL B 2110 -15.64 -52.89 32.97
C VAL B 2110 -14.23 -52.34 32.86
N ALA B 2111 -13.30 -53.21 32.46
CA ALA B 2111 -11.93 -52.77 32.22
C ALA B 2111 -11.91 -51.76 31.08
N ILE B 2112 -11.15 -50.69 31.27
CA ILE B 2112 -11.08 -49.61 30.29
C ILE B 2112 -10.40 -50.14 29.03
N PRO B 2113 -11.06 -50.08 27.88
CA PRO B 2113 -10.41 -50.54 26.64
C PRO B 2113 -9.26 -49.62 26.25
N ARG B 2114 -8.16 -50.23 25.84
CA ARG B 2114 -6.95 -49.51 25.51
C ARG B 2114 -6.43 -49.98 24.15
N TYR B 2115 -5.52 -49.19 23.57
CA TYR B 2115 -5.06 -49.46 22.22
C TYR B 2115 -4.13 -50.67 22.14
N GLY B 2116 -3.70 -51.23 23.26
CA GLY B 2116 -2.77 -52.33 23.24
C GLY B 2116 -3.31 -53.67 23.68
N ASP B 2117 -4.55 -53.69 24.18
CA ASP B 2117 -5.11 -54.94 24.70
C ASP B 2117 -5.60 -55.83 23.56
N ALA B 2118 -6.12 -57.00 23.94
CA ALA B 2118 -6.57 -57.97 22.95
C ALA B 2118 -7.79 -57.48 22.18
N ASN B 2119 -8.72 -56.80 22.85
CA ASN B 2119 -9.93 -56.35 22.17
C ASN B 2119 -9.64 -55.27 21.13
N ASN B 2120 -8.54 -54.52 21.31
CA ASN B 2120 -8.13 -53.49 20.36
C ASN B 2120 -6.66 -53.70 20.02
N PRO B 2121 -6.34 -54.74 19.25
CA PRO B 2121 -4.94 -55.03 18.95
C PRO B 2121 -4.35 -54.04 17.96
N ILE B 2122 -3.02 -53.98 17.96
CA ILE B 2122 -2.30 -53.16 16.99
C ILE B 2122 -2.50 -53.79 15.61
N PRO B 2123 -3.01 -53.03 14.63
CA PRO B 2123 -3.28 -53.63 13.32
C PRO B 2123 -2.02 -53.88 12.51
N ALA B 2124 -2.19 -54.37 11.28
CA ALA B 2124 -1.05 -54.59 10.41
C ALA B 2124 -0.52 -53.25 9.88
N GLU B 2125 0.66 -53.29 9.29
CA GLU B 2125 1.31 -52.09 8.78
C GLU B 2125 0.55 -51.44 7.63
N THR B 2126 -0.40 -52.15 7.02
CA THR B 2126 -1.18 -51.57 5.92
C THR B 2126 -2.35 -50.74 6.43
N ASP B 2127 -2.88 -51.07 7.60
CA ASP B 2127 -4.02 -50.34 8.15
C ASP B 2127 -3.61 -48.89 8.42
N PRO B 2128 -4.41 -47.90 8.00
CA PRO B 2128 -4.06 -46.50 8.29
C PRO B 2128 -3.98 -46.18 9.77
N ASN B 2129 -4.62 -46.96 10.64
CA ASN B 2129 -4.60 -46.72 12.07
C ASN B 2129 -3.43 -47.41 12.76
N TYR B 2130 -2.52 -48.03 12.01
CA TYR B 2130 -1.38 -48.70 12.61
C TYR B 2130 -0.50 -47.70 13.36
N ALA B 2131 -0.19 -46.57 12.73
CA ALA B 2131 0.64 -45.56 13.38
C ALA B 2131 -0.07 -44.96 14.59
N VAL B 2132 -1.37 -44.68 14.46
CA VAL B 2132 -2.13 -44.11 15.57
C VAL B 2132 -2.19 -45.09 16.73
N TYR B 2133 -2.44 -46.36 16.45
CA TYR B 2133 -2.52 -47.36 17.51
C TYR B 2133 -1.17 -47.60 18.17
N THR B 2134 -0.09 -47.56 17.37
CA THR B 2134 1.24 -47.80 17.92
C THR B 2134 1.74 -46.61 18.73
N ALA B 2135 1.37 -45.39 18.34
CA ALA B 2135 1.90 -44.21 19.01
C ALA B 2135 1.51 -44.14 20.47
N ASN B 2136 0.39 -44.75 20.85
CA ASN B 2136 -0.08 -44.74 22.25
C ASN B 2136 -0.82 -46.06 22.51
N GLN B 2137 -0.11 -47.02 23.09
CA GLN B 2137 -0.67 -48.34 23.30
C GLN B 2137 -1.48 -48.44 24.59
N GLY B 2138 -1.01 -47.79 25.65
CA GLY B 2138 -1.67 -47.87 26.94
C GLY B 2138 -2.77 -46.86 27.18
N TYR B 2139 -3.06 -45.99 26.21
CA TYR B 2139 -4.08 -44.97 26.38
C TYR B 2139 -5.48 -45.55 26.10
N PRO B 2140 -6.52 -44.97 26.69
CA PRO B 2140 -7.88 -45.41 26.38
C PRO B 2140 -8.24 -45.12 24.94
N ILE B 2141 -9.24 -45.87 24.45
CA ILE B 2141 -9.57 -45.84 23.03
C ILE B 2141 -9.98 -44.44 22.58
N GLY B 2142 -10.87 -43.80 23.35
CA GLY B 2142 -11.36 -42.51 22.94
C GLY B 2142 -10.51 -41.32 23.33
N TYR B 2143 -9.44 -41.53 24.10
CA TYR B 2143 -8.62 -40.45 24.64
C TYR B 2143 -7.16 -40.73 24.30
N THR B 2144 -6.71 -40.16 23.19
CA THR B 2144 -5.33 -40.33 22.74
C THR B 2144 -4.46 -39.20 23.29
N LYS B 2145 -3.18 -39.22 22.91
CA LYS B 2145 -2.27 -38.13 23.28
C LYS B 2145 -2.62 -36.83 22.55
N SER B 2146 -3.28 -36.91 21.41
CA SER B 2146 -3.61 -35.74 20.60
C SER B 2146 -5.03 -35.22 20.85
N ASN B 2147 -5.76 -35.83 21.79
CA ASN B 2147 -7.11 -35.35 22.09
C ASN B 2147 -7.05 -34.00 22.78
N GLN B 2148 -7.88 -33.06 22.31
CA GLN B 2148 -7.92 -31.74 22.91
C GLN B 2148 -8.33 -31.80 24.38
N ALA B 2149 -9.34 -32.61 24.69
CA ALA B 2149 -9.81 -32.76 26.06
C ALA B 2149 -8.78 -33.44 26.95
N VAL B 2150 -7.79 -34.11 26.36
CA VAL B 2150 -6.74 -34.75 27.13
C VAL B 2150 -5.58 -33.80 27.40
N LEU B 2151 -5.11 -33.10 26.38
CA LEU B 2151 -3.90 -32.30 26.51
C LEU B 2151 -4.17 -30.84 26.86
N LEU B 2152 -5.43 -30.41 26.92
CA LEU B 2152 -5.67 -29.05 27.41
C LEU B 2152 -5.58 -29.01 28.94
N PRO B 2153 -6.32 -29.85 29.67
CA PRO B 2153 -6.11 -29.88 31.13
C PRO B 2153 -4.71 -30.30 31.52
N ALA B 2154 -4.07 -31.19 30.73
CA ALA B 2154 -2.68 -31.54 31.01
C ALA B 2154 -1.78 -30.33 30.87
N PHE B 2155 -1.97 -29.53 29.83
CA PHE B 2155 -1.20 -28.31 29.65
C PHE B 2155 -1.40 -27.35 30.81
N LEU B 2156 -2.66 -27.14 31.19
CA LEU B 2156 -2.95 -26.21 32.28
C LEU B 2156 -2.36 -26.69 33.60
N ALA B 2157 -2.48 -27.98 33.91
CA ALA B 2157 -1.93 -28.52 35.15
C ALA B 2157 -0.42 -28.45 35.15
N ALA B 2158 0.22 -28.72 34.02
CA ALA B 2158 1.68 -28.71 33.95
C ALA B 2158 2.22 -27.29 34.12
N TYR B 2159 1.62 -26.32 33.45
CA TYR B 2159 2.17 -24.96 33.49
C TYR B 2159 1.55 -24.08 34.57
N THR B 2160 0.62 -24.61 35.36
CA THR B 2160 0.18 -23.94 36.58
C THR B 2160 0.74 -24.56 37.84
N GLY B 2161 1.50 -25.64 37.73
CA GLY B 2161 2.06 -26.33 38.87
C GLY B 2161 1.12 -27.28 39.58
N SER B 2162 -0.10 -27.45 39.08
CA SER B 2162 -1.07 -28.32 39.73
C SER B 2162 -0.76 -29.79 39.45
N ASP B 2163 -1.43 -30.66 40.19
CA ASP B 2163 -1.27 -32.10 40.05
C ASP B 2163 -2.37 -32.64 39.14
N ALA B 2164 -1.97 -33.38 38.10
CA ALA B 2164 -2.92 -33.87 37.11
C ALA B 2164 -3.90 -34.88 37.71
N SER B 2165 -3.56 -35.51 38.83
CA SER B 2165 -4.47 -36.48 39.44
C SER B 2165 -5.70 -35.81 40.03
N SER B 2166 -5.64 -34.52 40.32
CA SER B 2166 -6.78 -33.81 40.89
C SER B 2166 -7.05 -32.46 40.24
N SER B 2167 -6.32 -32.09 39.19
CA SER B 2167 -6.56 -30.81 38.54
C SER B 2167 -7.88 -30.84 37.77
N SER B 2168 -8.39 -29.64 37.50
CA SER B 2168 -9.67 -29.52 36.80
C SER B 2168 -9.52 -29.94 35.35
N THR B 2169 -10.44 -30.78 34.89
CA THR B 2169 -10.49 -31.18 33.49
C THR B 2169 -11.44 -30.32 32.65
N ASN B 2170 -12.02 -29.29 33.25
CA ASN B 2170 -12.96 -28.43 32.54
C ASN B 2170 -12.22 -27.44 31.65
N ILE B 2171 -12.89 -27.04 30.57
CA ILE B 2171 -12.31 -26.07 29.65
C ILE B 2171 -12.25 -24.68 30.30
N PHE B 2172 -13.31 -24.28 30.98
CA PHE B 2172 -13.42 -22.95 31.56
C PHE B 2172 -13.18 -22.99 33.06
N ARG B 2173 -12.77 -21.85 33.61
CA ARG B 2173 -12.56 -21.67 35.04
C ARG B 2173 -13.60 -20.72 35.60
N SER B 2174 -14.02 -20.99 36.84
CA SER B 2174 -15.05 -20.21 37.50
C SER B 2174 -14.50 -19.13 38.43
N PHE B 2175 -13.48 -19.45 39.21
CA PHE B 2175 -12.95 -18.52 40.20
C PHE B 2175 -11.62 -17.95 39.73
N PRO B 2176 -11.54 -16.64 39.44
CA PRO B 2176 -10.24 -16.07 39.05
C PRO B 2176 -9.26 -16.11 40.21
N ILE B 2177 -7.99 -16.33 39.87
CA ILE B 2177 -6.90 -16.36 40.84
C ILE B 2177 -6.25 -14.99 40.86
N PRO B 2178 -6.12 -14.35 42.03
CA PRO B 2178 -5.64 -12.96 42.06
C PRO B 2178 -4.21 -12.81 41.54
N ASN B 2179 -3.98 -11.72 40.82
CA ASN B 2179 -2.65 -11.25 40.48
C ASN B 2179 -2.30 -10.09 41.39
N TRP B 2180 -1.00 -9.86 41.60
CA TRP B 2180 -0.62 -9.00 42.72
C TRP B 2180 0.43 -7.97 42.32
N SER B 2181 0.43 -6.87 43.08
CA SER B 2181 1.44 -5.82 42.97
C SER B 2181 1.85 -5.41 44.38
N ILE B 2182 3.13 -5.54 44.69
CA ILE B 2182 3.66 -5.30 46.03
C ILE B 2182 4.63 -4.13 45.97
N LYS B 2183 4.42 -3.14 46.84
CA LYS B 2183 5.34 -2.03 47.04
C LYS B 2183 5.81 -2.04 48.48
N TYR B 2184 7.11 -1.80 48.68
CA TYR B 2184 7.72 -1.91 50.00
C TYR B 2184 8.71 -0.77 50.19
N ASN B 2185 8.28 0.29 50.86
CA ASN B 2185 9.17 1.33 51.36
C ASN B 2185 9.52 1.07 52.83
N GLY B 2186 10.01 -0.13 53.13
CA GLY B 2186 10.17 -0.55 54.51
C GLY B 2186 11.59 -0.60 55.01
N LEU B 2187 12.54 -0.98 54.13
CA LEU B 2187 13.92 -1.08 54.56
C LEU B 2187 14.51 0.26 54.97
N MET B 2188 14.12 1.36 54.31
CA MET B 2188 14.58 2.68 54.70
C MET B 2188 14.24 3.01 56.14
N ARG B 2189 13.18 2.41 56.68
CA ARG B 2189 12.80 2.65 58.07
C ARG B 2189 13.74 1.97 59.06
N TYR B 2190 14.50 0.95 58.63
CA TYR B 2190 15.32 0.20 59.57
C TYR B 2190 16.47 1.03 60.12
N LYS B 2191 17.45 1.34 59.26
CA LYS B 2191 18.58 2.15 59.71
C LYS B 2191 19.01 3.18 58.67
N TYR B 2192 18.30 3.32 57.55
CA TYR B 2192 18.75 4.14 56.45
C TYR B 2192 18.44 5.63 56.61
N PHE B 2193 17.99 6.05 57.80
CA PHE B 2193 17.76 7.47 58.03
C PHE B 2193 19.05 8.27 57.89
N LYS B 2194 20.14 7.77 58.47
CA LYS B 2194 21.45 8.40 58.37
C LYS B 2194 22.50 7.46 57.78
N ASP B 2195 22.06 6.45 57.03
CA ASP B 2195 22.95 5.47 56.43
C ASP B 2195 23.21 5.76 54.96
N LYS B 2196 23.32 7.04 54.61
CA LYS B 2196 23.61 7.55 53.27
C LYS B 2196 22.49 7.30 52.28
N PHE B 2197 21.30 6.88 52.72
CA PHE B 2197 20.15 6.68 51.86
C PHE B 2197 19.10 7.74 52.16
N LYS B 2198 18.62 8.42 51.12
CA LYS B 2198 17.50 9.33 51.27
C LYS B 2198 16.21 8.82 50.65
N ARG B 2199 16.26 7.65 50.00
CA ARG B 2199 15.08 7.02 49.44
C ARG B 2199 15.41 5.56 49.16
N PHE B 2200 14.41 4.69 49.35
CA PHE B 2200 14.56 3.28 49.07
C PHE B 2200 13.18 2.67 48.93
N SER B 2201 12.97 1.89 47.87
CA SER B 2201 11.67 1.27 47.63
C SER B 2201 11.87 0.04 46.77
N LEU B 2202 11.11 -1.01 47.08
CA LEU B 2202 11.08 -2.24 46.29
C LEU B 2202 9.70 -2.38 45.67
N GLN B 2203 9.67 -2.84 44.41
CA GLN B 2203 8.42 -3.03 43.70
C GLN B 2203 8.45 -4.38 43.00
N HIS B 2204 7.31 -5.07 43.01
CA HIS B 2204 7.17 -6.36 42.35
C HIS B 2204 5.76 -6.46 41.80
N ASN B 2205 5.64 -7.01 40.59
CA ASN B 2205 4.34 -7.22 39.98
C ASN B 2205 4.26 -8.64 39.42
N TYR B 2206 3.06 -9.21 39.47
CA TYR B 2206 2.77 -10.49 38.84
C TYR B 2206 1.37 -10.42 38.26
N ARG B 2207 1.26 -10.68 36.96
CA ARG B 2207 -0.03 -10.74 36.28
C ARG B 2207 -0.02 -11.90 35.32
N ALA B 2208 -0.94 -12.84 35.51
CA ALA B 2208 -1.06 -14.01 34.64
C ALA B 2208 -2.50 -14.18 34.20
N SER B 2209 -2.68 -14.60 32.96
CA SER B 2209 -4.00 -14.80 32.37
C SER B 2209 -4.01 -16.07 31.52
N TYR B 2210 -5.15 -16.75 31.55
CA TYR B 2210 -5.42 -17.91 30.72
C TYR B 2210 -6.58 -17.57 29.81
N THR B 2211 -6.37 -17.67 28.50
CA THR B 2211 -7.28 -17.13 27.51
C THR B 2211 -7.59 -18.14 26.43
N ILE B 2212 -8.86 -18.25 26.06
CA ILE B 2212 -9.32 -18.96 24.88
C ILE B 2212 -9.87 -17.90 23.93
N ASN B 2213 -9.14 -17.66 22.84
CA ASN B 2213 -9.51 -16.57 21.94
C ASN B 2213 -10.81 -16.88 21.20
N GLN B 2214 -11.04 -18.14 20.85
CA GLN B 2214 -12.27 -18.49 20.14
C GLN B 2214 -12.58 -19.96 20.40
N PHE B 2215 -13.54 -20.22 21.27
CA PHE B 2215 -14.13 -21.55 21.40
C PHE B 2215 -15.47 -21.56 20.67
N ARG B 2216 -15.90 -22.76 20.29
CA ARG B 2216 -17.18 -22.89 19.61
C ARG B 2216 -17.72 -24.30 19.80
N SER B 2217 -19.04 -24.43 19.60
CA SER B 2217 -19.68 -25.73 19.66
C SER B 2217 -19.29 -26.57 18.45
N ASN B 2218 -19.42 -27.88 18.60
CA ASN B 2218 -19.04 -28.83 17.57
C ASN B 2218 -20.30 -29.49 17.02
N PHE B 2219 -20.49 -29.40 15.71
CA PHE B 2219 -21.62 -30.08 15.07
C PHE B 2219 -21.41 -31.59 15.00
N ASP B 2220 -20.17 -32.05 15.13
CA ASP B 2220 -19.90 -33.48 15.14
C ASP B 2220 -20.26 -34.13 16.48
N TYR B 2221 -20.47 -33.32 17.52
CA TYR B 2221 -20.90 -33.81 18.83
C TYR B 2221 -22.42 -33.80 18.83
N ASN B 2222 -23.01 -34.92 18.44
CA ASN B 2222 -24.45 -35.01 18.26
C ASN B 2222 -24.93 -36.36 18.79
N SER B 2223 -26.17 -36.70 18.47
CA SER B 2223 -26.80 -37.93 18.95
C SER B 2223 -26.54 -39.12 18.06
N SER B 2224 -25.85 -38.94 16.93
CA SER B 2224 -25.57 -40.04 16.03
C SER B 2224 -24.61 -41.03 16.70
N PRO B 2225 -24.64 -42.30 16.29
CA PRO B 2225 -23.69 -43.28 16.87
C PRO B 2225 -22.24 -42.95 16.59
N LYS B 2226 -21.95 -42.15 15.57
CA LYS B 2226 -20.58 -41.76 15.26
C LYS B 2226 -20.02 -40.92 16.40
N VAL B 2227 -19.07 -41.48 17.14
CA VAL B 2227 -18.53 -40.83 18.33
C VAL B 2227 -17.04 -40.55 18.22
N GLN B 2228 -16.34 -41.11 17.24
CA GLN B 2228 -14.90 -40.95 17.10
C GLN B 2228 -14.56 -40.29 15.78
N ASP B 2229 -13.51 -39.49 15.78
CA ASP B 2229 -13.07 -38.80 14.57
C ASP B 2229 -12.02 -39.64 13.85
N VAL B 2230 -11.36 -39.03 12.85
CA VAL B 2230 -10.36 -39.74 12.05
C VAL B 2230 -9.17 -40.16 12.90
N ASN B 2231 -8.89 -39.45 13.99
CA ASN B 2231 -7.80 -39.78 14.90
C ASN B 2231 -8.23 -40.72 16.02
N THR B 2232 -9.40 -41.35 15.88
CA THR B 2232 -9.98 -42.24 16.90
C THR B 2232 -10.23 -41.53 18.22
N ASN B 2233 -10.32 -40.20 18.20
CA ASN B 2233 -10.62 -39.42 19.38
C ASN B 2233 -12.11 -39.20 19.51
N PHE B 2234 -12.62 -39.25 20.75
CA PHE B 2234 -14.00 -38.90 20.98
C PHE B 2234 -14.25 -37.44 20.62
N TYR B 2235 -15.39 -37.17 20.01
CA TYR B 2235 -15.75 -35.81 19.64
C TYR B 2235 -15.96 -34.97 20.90
N ASN B 2236 -15.45 -33.75 20.88
CA ASN B 2236 -15.55 -32.84 22.01
C ASN B 2236 -16.73 -31.89 21.82
N GLU B 2237 -17.36 -31.55 22.95
CA GLU B 2237 -18.51 -30.65 22.90
C GLU B 2237 -18.10 -29.24 22.49
N ILE B 2238 -17.02 -28.73 23.08
CA ILE B 2238 -16.50 -27.40 22.78
C ILE B 2238 -15.09 -27.54 22.24
N ILE B 2239 -14.82 -26.88 21.11
CA ILE B 2239 -13.53 -26.97 20.44
C ILE B 2239 -12.98 -25.57 20.25
N MET B 2240 -11.66 -25.43 20.43
CA MET B 2240 -10.97 -24.18 20.18
C MET B 2240 -9.66 -24.49 19.46
N SER B 2241 -9.14 -23.48 18.75
CA SER B 2241 -7.91 -23.67 18.00
C SER B 2241 -6.68 -23.49 18.87
N ASN B 2242 -6.69 -22.49 19.76
CA ASN B 2242 -5.52 -22.16 20.55
C ASN B 2242 -5.93 -21.83 21.98
N VAL B 2243 -5.02 -22.08 22.91
CA VAL B 2243 -5.15 -21.62 24.28
C VAL B 2243 -3.86 -20.90 24.68
N ASN B 2244 -4.00 -19.78 25.37
CA ASN B 2244 -2.87 -18.92 25.71
C ASN B 2244 -2.70 -18.83 27.22
N LEU B 2245 -1.48 -19.03 27.68
CA LEU B 2245 -1.09 -18.79 29.06
C LEU B 2245 -0.05 -17.68 29.04
N VAL B 2246 -0.43 -16.49 29.51
CA VAL B 2246 0.43 -15.32 29.52
C VAL B 2246 0.80 -15.00 30.95
N GLU B 2247 2.09 -14.88 31.22
CA GLU B 2247 2.61 -14.57 32.55
C GLU B 2247 3.56 -13.39 32.42
N GLN B 2248 3.47 -12.44 33.35
CA GLN B 2248 4.33 -11.26 33.24
C GLN B 2248 4.64 -10.74 34.64
N PHE B 2249 5.92 -10.75 34.99
CA PHE B 2249 6.46 -9.99 36.11
C PHE B 2249 6.92 -8.66 35.55
N SER B 2250 6.13 -7.61 35.78
CA SER B 2250 6.38 -6.28 35.21
C SER B 2250 6.28 -5.24 36.32
N PRO B 2251 7.33 -5.08 37.13
CA PRO B 2251 8.60 -5.80 37.02
C PRO B 2251 8.71 -7.00 37.95
N LEU B 2252 9.64 -7.91 37.65
CA LEU B 2252 9.96 -8.95 38.62
C LEU B 2252 10.54 -8.35 39.88
N ILE B 2253 11.36 -7.31 39.75
CA ILE B 2253 11.88 -6.57 40.89
C ILE B 2253 12.25 -5.18 40.43
N ARG B 2254 12.10 -4.20 41.32
CA ARG B 2254 12.50 -2.83 41.03
C ARG B 2254 13.08 -2.22 42.30
N MET B 2255 14.38 -1.97 42.28
CA MET B 2255 15.09 -1.31 43.39
C MET B 2255 15.39 0.13 42.96
N ASP B 2256 14.68 1.08 43.54
CA ASP B 2256 14.84 2.49 43.22
C ASP B 2256 15.29 3.21 44.50
N PHE B 2257 16.60 3.47 44.60
CA PHE B 2257 17.15 4.07 45.81
C PHE B 2257 18.06 5.24 45.46
N GLU B 2258 17.94 6.32 46.22
CA GLU B 2258 18.78 7.50 46.05
C GLU B 2258 19.69 7.62 47.26
N LEU B 2259 20.97 7.81 47.01
CA LEU B 2259 21.94 8.01 48.09
C LEU B 2259 22.03 9.48 48.45
N LYS B 2260 22.56 9.75 49.65
CA LYS B 2260 22.75 11.12 50.09
C LYS B 2260 23.84 11.84 49.33
N SER B 2261 24.65 11.11 48.56
CA SER B 2261 25.66 11.70 47.69
C SER B 2261 25.13 12.02 46.30
N SER B 2262 23.82 12.23 46.18
CA SER B 2262 23.13 12.56 44.93
C SER B 2262 23.21 11.45 43.89
N LEU B 2263 23.60 10.25 44.29
CA LEU B 2263 23.65 9.11 43.39
C LEU B 2263 22.35 8.33 43.51
N ARG B 2264 21.56 8.30 42.45
CA ARG B 2264 20.30 7.56 42.42
C ARG B 2264 20.43 6.39 41.45
N VAL B 2265 19.95 5.23 41.87
CA VAL B 2265 20.02 4.00 41.08
C VAL B 2265 18.63 3.39 41.00
N LEU B 2266 18.19 3.12 39.78
CA LEU B 2266 16.91 2.45 39.52
C LEU B 2266 17.22 1.19 38.72
N SER B 2267 17.15 0.04 39.39
CA SER B 2267 17.34 -1.26 38.75
C SER B 2267 16.00 -1.96 38.64
N GLU B 2268 15.81 -2.70 37.55
CA GLU B 2268 14.52 -3.29 37.24
C GLU B 2268 14.72 -4.57 36.46
N ILE B 2269 14.17 -5.67 36.96
CA ILE B 2269 14.16 -6.96 36.27
C ILE B 2269 12.72 -7.27 35.91
N LYS B 2270 12.47 -7.51 34.62
CA LYS B 2270 11.16 -7.84 34.09
C LYS B 2270 11.22 -9.17 33.38
N LYS B 2271 10.15 -9.97 33.49
CA LYS B 2271 10.11 -11.30 32.93
C LYS B 2271 8.73 -11.56 32.33
N ASP B 2272 8.68 -12.40 31.30
CA ASP B 2272 7.38 -12.75 30.74
C ASP B 2272 7.46 -14.07 29.98
N ARG B 2273 6.33 -14.79 29.98
CA ARG B 2273 6.11 -15.98 29.18
C ARG B 2273 4.79 -15.84 28.44
N ALA B 2274 4.74 -16.38 27.23
CA ALA B 2274 3.60 -16.23 26.34
C ALA B 2274 3.22 -17.57 25.72
N LEU B 2275 3.07 -18.60 26.56
CA LEU B 2275 2.81 -19.94 26.04
C LEU B 2275 1.51 -19.98 25.24
N SER B 2276 1.55 -20.66 24.09
CA SER B 2276 0.37 -20.85 23.27
C SER B 2276 0.34 -22.31 22.81
N MET B 2277 -0.70 -23.03 23.22
CA MET B 2277 -0.90 -24.41 22.79
C MET B 2277 -1.87 -24.41 21.63
N SER B 2278 -1.46 -24.97 20.50
CA SER B 2278 -2.28 -25.01 19.29
C SER B 2278 -2.74 -26.44 19.05
N PHE B 2279 -4.05 -26.63 18.99
CA PHE B 2279 -4.66 -27.92 18.73
C PHE B 2279 -4.79 -28.23 17.25
N ASP B 2280 -4.59 -27.23 16.38
CA ASP B 2280 -4.56 -27.48 14.95
C ASP B 2280 -3.38 -28.37 14.58
N ASN B 2281 -2.21 -28.12 15.16
CA ASN B 2281 -1.03 -28.94 14.96
C ASN B 2281 -0.50 -29.53 16.26
N ASN B 2282 -1.19 -29.31 17.39
CA ASN B 2282 -0.78 -29.84 18.68
C ASN B 2282 0.65 -29.45 19.04
N LEU B 2283 0.95 -28.17 18.85
CA LEU B 2283 2.30 -27.66 19.06
C LEU B 2283 2.29 -26.59 20.15
N LEU B 2284 3.39 -26.51 20.90
CA LEU B 2284 3.51 -25.52 21.97
C LEU B 2284 4.50 -24.44 21.55
N THR B 2285 4.02 -23.20 21.42
CA THR B 2285 4.87 -22.07 21.08
C THR B 2285 5.09 -21.24 22.33
N GLU B 2286 6.30 -21.27 22.85
CA GLU B 2286 6.66 -20.58 24.09
C GLU B 2286 7.52 -19.38 23.75
N VAL B 2287 7.05 -18.18 24.09
CA VAL B 2287 7.79 -16.95 23.88
C VAL B 2287 8.19 -16.44 25.26
N LYS B 2288 9.49 -16.46 25.54
CA LYS B 2288 10.02 -16.00 26.81
C LYS B 2288 10.79 -14.70 26.63
N GLY B 2289 10.72 -13.84 27.63
CA GLY B 2289 11.40 -12.57 27.57
C GLY B 2289 11.93 -12.13 28.92
N MET B 2290 13.17 -11.64 28.92
CA MET B 2290 13.84 -11.14 30.11
C MET B 2290 14.39 -9.76 29.80
N GLU B 2291 14.30 -8.85 30.77
CA GLU B 2291 14.78 -7.48 30.57
C GLU B 2291 15.39 -6.96 31.85
N TYR B 2292 16.67 -6.58 31.80
CA TYR B 2292 17.35 -5.92 32.90
C TYR B 2292 17.57 -4.46 32.51
N ILE B 2293 17.17 -3.55 33.40
CA ILE B 2293 17.32 -2.12 33.19
C ILE B 2293 18.04 -1.55 34.40
N ILE B 2294 19.06 -0.73 34.16
CA ILE B 2294 19.85 -0.11 35.21
C ILE B 2294 19.99 1.36 34.88
N GLY B 2295 19.65 2.22 35.83
CA GLY B 2295 19.77 3.65 35.63
C GLY B 2295 20.50 4.35 36.76
N LEU B 2296 21.63 4.96 36.45
CA LEU B 2296 22.42 5.73 37.41
C LEU B 2296 22.30 7.22 37.13
N GLY B 2297 22.20 8.00 38.19
CA GLY B 2297 22.21 9.44 38.09
C GLY B 2297 23.10 10.06 39.15
N TYR B 2298 24.06 10.87 38.73
CA TYR B 2298 25.02 11.47 39.65
C TYR B 2298 25.22 12.93 39.28
N ARG B 2299 25.65 13.72 40.27
CA ARG B 2299 25.91 15.14 40.09
C ARG B 2299 27.24 15.49 40.78
N PHE B 2300 28.30 15.61 39.98
CA PHE B 2300 29.55 16.15 40.49
C PHE B 2300 29.38 17.63 40.80
N LYS B 2301 29.72 18.00 42.03
CA LYS B 2301 29.43 19.34 42.55
C LYS B 2301 30.64 20.23 42.40
N ASP B 2302 30.42 21.42 41.84
CA ASP B 2302 31.43 22.47 41.73
C ASP B 2302 32.68 21.98 40.99
N VAL B 2303 32.47 21.57 39.74
CA VAL B 2303 33.57 21.19 38.86
C VAL B 2303 34.09 22.46 38.21
N ILE B 2304 35.41 22.68 38.29
CA ILE B 2304 36.04 23.90 37.79
C ILE B 2304 36.79 23.57 36.51
N PHE B 2305 36.51 24.35 35.47
CA PHE B 2305 37.15 24.15 34.17
C PHE B 2305 38.47 24.90 34.10
N ILE B 2316 37.76 30.04 37.15
CA ILE B 2316 36.87 31.15 36.83
C ILE B 2316 35.51 30.60 36.40
N ILE B 2317 35.50 29.40 35.82
CA ILE B 2317 34.29 28.72 35.40
C ILE B 2317 34.10 27.51 36.30
N LYS B 2318 32.96 27.46 36.99
CA LYS B 2318 32.67 26.39 37.94
C LYS B 2318 31.19 26.06 37.87
N SER B 2319 30.88 24.81 37.57
CA SER B 2319 29.49 24.37 37.47
C SER B 2319 29.41 22.88 37.70
N ASP B 2320 28.19 22.41 37.97
CA ASP B 2320 27.96 21.00 38.24
C ASP B 2320 28.05 20.17 36.96
N ILE B 2321 28.37 18.90 37.12
CA ILE B 2321 28.37 17.93 36.02
C ILE B 2321 27.29 16.90 36.32
N ASN B 2322 26.29 16.81 35.43
CA ASN B 2322 25.17 15.89 35.63
C ASN B 2322 25.35 14.69 34.71
N ILE B 2323 25.50 13.50 35.30
CA ILE B 2323 25.75 12.28 34.54
C ILE B 2323 24.55 11.34 34.70
N LYS B 2324 24.05 10.86 33.57
CA LYS B 2324 22.99 9.85 33.52
C LYS B 2324 23.48 8.67 32.71
N ALA B 2325 23.36 7.47 33.28
CA ALA B 2325 23.73 6.22 32.63
C ALA B 2325 22.51 5.32 32.56
N ASP B 2326 22.24 4.78 31.38
CA ASP B 2326 21.10 3.90 31.16
C ASP B 2326 21.59 2.64 30.46
N PHE B 2327 21.61 1.53 31.18
CA PHE B 2327 21.98 0.22 30.63
C PHE B 2327 20.73 -0.64 30.51
N SER B 2328 20.63 -1.34 29.39
CA SER B 2328 19.50 -2.24 29.15
C SER B 2328 20.02 -3.53 28.54
N LEU B 2329 19.39 -4.64 28.90
CA LEU B 2329 19.72 -5.95 28.35
C LEU B 2329 18.42 -6.72 28.18
N ARG B 2330 18.03 -6.95 26.93
CA ARG B 2330 16.77 -7.59 26.60
C ARG B 2330 17.05 -8.88 25.85
N ASN B 2331 16.58 -10.00 26.40
CA ASN B 2331 16.63 -11.30 25.77
C ASN B 2331 15.21 -11.74 25.43
N ASN B 2332 15.02 -12.23 24.21
CA ASN B 2332 13.73 -12.74 23.77
C ASN B 2332 13.96 -14.04 23.03
N GLU B 2333 13.10 -15.03 23.27
CA GLU B 2333 13.26 -16.34 22.69
C GLU B 2333 11.89 -16.91 22.32
N THR B 2334 11.82 -17.60 21.19
CA THR B 2334 10.60 -18.25 20.73
C THR B 2334 10.92 -19.69 20.40
N LEU B 2335 10.31 -20.62 21.13
CA LEU B 2335 10.52 -22.04 20.96
C LEU B 2335 9.24 -22.70 20.48
N VAL B 2336 9.37 -23.68 19.60
CA VAL B 2336 8.25 -24.50 19.17
C VAL B 2336 8.54 -25.94 19.58
N ARG B 2337 7.67 -26.49 20.41
CA ARG B 2337 7.87 -27.78 21.04
C ARG B 2337 6.84 -28.78 20.51
N TYR B 2338 7.34 -29.96 20.12
CA TYR B 2338 6.53 -31.10 19.75
C TYR B 2338 6.36 -32.00 20.98
N LEU B 2339 5.14 -32.49 21.19
CA LEU B 2339 4.86 -33.29 22.37
C LEU B 2339 5.39 -34.71 22.26
N ASP B 2340 5.40 -35.30 21.07
CA ASP B 2340 5.67 -36.72 20.93
C ASP B 2340 7.13 -37.06 20.71
N TYR B 2341 7.98 -36.08 20.38
CA TYR B 2341 9.40 -36.34 20.24
C TYR B 2341 10.17 -35.05 20.43
N ASP B 2342 11.46 -35.19 20.75
CA ASP B 2342 12.31 -34.03 21.07
C ASP B 2342 12.63 -33.24 19.81
N ASN B 2343 11.83 -32.23 19.51
CA ASN B 2343 12.02 -31.38 18.34
C ASN B 2343 11.86 -29.91 18.73
N ASN B 2344 12.52 -29.50 19.81
CA ASN B 2344 12.44 -28.12 20.26
C ASN B 2344 13.09 -27.20 19.23
N GLN B 2345 12.27 -26.50 18.47
CA GLN B 2345 12.74 -25.64 17.38
C GLN B 2345 12.86 -24.21 17.87
N LEU B 2346 14.00 -23.58 17.60
CA LEU B 2346 14.22 -22.17 17.94
C LEU B 2346 13.70 -21.34 16.77
N ALA B 2347 12.53 -20.74 16.95
CA ALA B 2347 11.88 -20.03 15.84
C ALA B 2347 12.44 -18.62 15.68
N ALA B 2348 12.58 -17.88 16.77
CA ALA B 2348 13.08 -16.52 16.70
C ALA B 2348 13.78 -16.18 18.00
N GLY B 2349 14.57 -15.12 17.97
CA GLY B 2349 15.31 -14.71 19.15
C GLY B 2349 16.06 -13.41 19.00
N GLN B 2350 16.19 -12.69 20.11
CA GLN B 2350 16.89 -11.42 20.15
C GLN B 2350 17.69 -11.34 21.45
N ASN B 2351 18.83 -10.65 21.38
CA ASN B 2351 19.66 -10.39 22.57
C ASN B 2351 20.35 -9.05 22.35
N ILE B 2352 19.76 -7.98 22.85
CA ILE B 2352 20.26 -6.63 22.63
C ILE B 2352 20.62 -6.02 23.97
N TRP B 2353 21.86 -5.55 24.09
CA TRP B 2353 22.27 -4.79 25.27
C TRP B 2353 22.77 -3.42 24.84
N SER B 2354 22.25 -2.38 25.47
CA SER B 2354 22.54 -1.00 25.10
C SER B 2354 22.98 -0.22 26.33
N LEU B 2355 23.80 0.80 26.09
CA LEU B 2355 24.30 1.67 27.15
C LEU B 2355 24.30 3.10 26.65
N LYS B 2356 23.65 4.00 27.38
CA LYS B 2356 23.58 5.41 27.02
C LYS B 2356 24.14 6.23 28.18
N LEU B 2357 25.29 6.87 27.95
CA LEU B 2357 25.90 7.78 28.90
C LEU B 2357 25.70 9.20 28.42
N THR B 2358 25.31 10.09 29.33
CA THR B 2358 25.20 11.50 29.00
C THR B 2358 25.72 12.34 30.16
N ALA B 2359 26.45 13.39 29.82
CA ALA B 2359 27.08 14.27 30.81
C ALA B 2359 26.83 15.72 30.42
N ASP B 2360 26.12 16.44 31.27
CA ASP B 2360 25.79 17.84 31.05
C ASP B 2360 26.73 18.71 31.87
N TYR B 2361 27.33 19.71 31.21
CA TYR B 2361 28.19 20.70 31.86
C TYR B 2361 27.81 22.07 31.34
N SER B 2362 27.50 22.99 32.25
CA SER B 2362 27.06 24.33 31.89
C SER B 2362 28.24 25.30 31.99
N PHE B 2363 28.70 25.79 30.83
CA PHE B 2363 29.76 26.79 30.82
C PHE B 2363 29.23 28.15 31.25
N SER B 2364 28.00 28.47 30.87
CA SER B 2364 27.41 29.77 31.16
C SER B 2364 25.89 29.61 31.28
N LYS B 2365 25.21 30.75 31.46
CA LYS B 2365 23.76 30.73 31.54
C LYS B 2365 23.12 30.38 30.21
N ASN B 2366 23.85 30.50 29.10
CA ASN B 2366 23.34 30.21 27.77
C ASN B 2366 24.03 29.03 27.09
N LEU B 2367 25.33 28.88 27.27
CA LEU B 2367 26.10 27.84 26.59
C LEU B 2367 26.24 26.63 27.49
N THR B 2368 25.83 25.47 26.98
CA THR B 2368 25.96 24.21 27.69
C THR B 2368 26.50 23.16 26.73
N ALA B 2369 27.20 22.16 27.30
CA ALA B 2369 27.77 21.07 26.54
C ALA B 2369 27.27 19.75 27.08
N ILE B 2370 26.96 18.82 26.19
CA ILE B 2370 26.45 17.51 26.53
C ILE B 2370 27.31 16.46 25.83
N PHE B 2371 28.01 15.65 26.61
CA PHE B 2371 28.74 14.52 26.06
C PHE B 2371 27.84 13.30 26.06
N TYR B 2372 27.65 12.70 24.90
CA TYR B 2372 26.79 11.53 24.76
C TYR B 2372 27.60 10.35 24.22
N TYR B 2373 27.27 9.16 24.70
CA TYR B 2373 27.90 7.92 24.25
C TYR B 2373 26.85 6.83 24.29
N ASP B 2374 26.38 6.42 23.12
CA ASP B 2374 25.44 5.31 22.98
C ASP B 2374 26.16 4.13 22.37
N HIS B 2375 26.03 2.97 22.99
CA HIS B 2375 26.71 1.76 22.54
C HIS B 2375 25.70 0.61 22.65
N SER B 2376 25.24 0.12 21.51
CA SER B 2376 24.26 -0.96 21.47
C SER B 2376 24.83 -2.14 20.69
N PHE B 2377 24.68 -3.33 21.23
CA PHE B 2377 25.12 -4.56 20.58
C PHE B 2377 23.96 -5.54 20.55
N SER B 2378 23.66 -6.05 19.37
CA SER B 2378 22.63 -7.06 19.15
C SER B 2378 23.31 -8.34 18.69
N LYS B 2379 23.28 -9.35 19.56
CA LYS B 2379 23.83 -10.65 19.24
C LYS B 2379 22.82 -11.49 18.47
N ALA B 2380 23.32 -12.35 17.60
CA ALA B 2380 22.46 -13.19 16.79
C ALA B 2380 22.04 -14.44 17.56
N VAL B 2381 20.74 -14.68 17.61
CA VAL B 2381 20.20 -15.89 18.22
C VAL B 2381 19.94 -16.97 17.17
N ILE B 2382 19.33 -16.60 16.05
CA ILE B 2382 19.22 -17.47 14.89
C ILE B 2382 19.92 -16.79 13.72
N SER B 2383 20.35 -17.61 12.77
CA SER B 2383 21.28 -17.15 11.74
C SER B 2383 20.66 -16.15 10.75
N THR B 2384 19.34 -15.98 10.76
CA THR B 2384 18.72 -15.04 9.82
C THR B 2384 19.07 -13.59 10.15
N SER B 2385 19.58 -13.32 11.36
CA SER B 2385 19.96 -11.98 11.77
C SER B 2385 21.45 -11.94 12.06
N PHE B 2386 22.06 -10.79 11.81
CA PHE B 2386 23.48 -10.63 12.03
C PHE B 2386 23.75 -9.80 13.28
N PRO B 2387 24.86 -10.06 13.97
CA PRO B 2387 25.24 -9.19 15.09
C PRO B 2387 25.45 -7.75 14.61
N LEU B 2388 25.02 -6.80 15.43
CA LEU B 2388 25.05 -5.39 15.05
C LEU B 2388 25.60 -4.57 16.20
N THR B 2389 26.65 -3.80 15.95
CA THR B 2389 27.24 -2.90 16.93
C THR B 2389 27.07 -1.48 16.43
N ASN B 2390 26.43 -0.63 17.23
CA ASN B 2390 26.25 0.78 16.92
C ASN B 2390 26.83 1.62 18.06
N ILE B 2391 27.75 2.52 17.75
CA ILE B 2391 28.36 3.41 18.72
C ILE B 2391 28.21 4.84 18.20
N ARG B 2392 27.37 5.62 18.86
CA ARG B 2392 27.22 7.04 18.56
C ARG B 2392 27.78 7.86 19.72
N SER B 2393 28.92 8.51 19.50
CA SER B 2393 29.56 9.24 20.58
C SER B 2393 29.83 10.66 20.11
N GLY B 2394 29.94 11.57 21.07
CA GLY B 2394 30.34 12.91 20.70
C GLY B 2394 29.81 13.94 21.67
N PHE B 2395 29.76 15.18 21.19
CA PHE B 2395 29.38 16.33 22.00
C PHE B 2395 28.25 17.10 21.32
N THR B 2396 27.49 17.82 22.13
CA THR B 2396 26.40 18.67 21.67
C THR B 2396 26.49 20.00 22.39
N LEU B 2397 26.65 21.07 21.63
CA LEU B 2397 26.72 22.42 22.19
C LEU B 2397 25.36 23.10 21.97
N ARG B 2398 24.77 23.60 23.05
CA ARG B 2398 23.50 24.32 22.99
C ARG B 2398 23.69 25.73 23.49
N TYR B 2399 23.19 26.70 22.74
CA TYR B 2399 23.27 28.12 23.10
C TYR B 2399 21.87 28.70 23.06
N ASN B 2400 21.42 29.25 24.18
CA ASN B 2400 20.09 29.82 24.30
C ASN B 2400 20.16 31.35 24.23
N PHE B 2401 19.01 31.95 23.96
CA PHE B 2401 18.93 33.41 23.90
C PHE B 2401 17.82 33.93 24.81
N ASP C 22 -12.77 -36.81 40.61
CA ASP C 22 -13.05 -38.23 40.43
C ASP C 22 -14.32 -38.62 41.18
N GLU C 23 -15.45 -38.54 40.48
CA GLU C 23 -16.77 -38.81 41.05
C GLU C 23 -17.57 -39.70 40.10
N VAL C 24 -16.96 -40.82 39.70
CA VAL C 24 -17.52 -41.67 38.67
C VAL C 24 -18.72 -42.45 39.21
N LYS C 25 -19.49 -43.03 38.29
CA LYS C 25 -20.62 -43.89 38.61
C LYS C 25 -20.39 -45.26 37.99
N ASP C 26 -21.09 -46.27 38.51
CA ASP C 26 -21.11 -47.60 37.90
C ASP C 26 -22.55 -47.93 37.50
N TYR C 27 -22.72 -48.45 36.28
CA TYR C 27 -24.05 -48.70 35.75
C TYR C 27 -24.21 -50.09 35.15
N THR C 28 -23.26 -51.00 35.35
CA THR C 28 -23.35 -52.31 34.70
C THR C 28 -24.52 -53.12 35.25
N ALA C 29 -24.62 -53.24 36.58
CA ALA C 29 -25.70 -54.03 37.17
C ALA C 29 -27.06 -53.39 36.92
N GLU C 30 -27.14 -52.07 37.05
CA GLU C 30 -28.41 -51.38 36.82
C GLU C 30 -28.87 -51.55 35.38
N ASN C 31 -27.97 -51.40 34.42
CA ASN C 31 -28.33 -51.59 33.02
C ASN C 31 -28.73 -53.04 32.76
N GLU C 32 -28.02 -54.00 33.35
CA GLU C 32 -28.36 -55.40 33.13
C GLU C 32 -29.75 -55.72 33.66
N LYS C 33 -30.06 -55.28 34.88
CA LYS C 33 -31.36 -55.57 35.46
C LYS C 33 -32.47 -54.82 34.72
N GLU C 34 -32.19 -53.60 34.26
CA GLU C 34 -33.17 -52.87 33.47
C GLU C 34 -33.46 -53.57 32.16
N ILE C 35 -32.43 -54.11 31.51
CA ILE C 35 -32.62 -54.84 30.26
C ILE C 35 -33.40 -56.12 30.50
N VAL C 36 -33.12 -56.81 31.60
CA VAL C 36 -33.89 -58.01 31.94
C VAL C 36 -35.35 -57.66 32.16
N ASP C 37 -35.62 -56.55 32.86
CA ASP C 37 -37.00 -56.12 33.08
C ASP C 37 -37.68 -55.78 31.76
N TYR C 38 -36.96 -55.09 30.85
CA TYR C 38 -37.55 -54.74 29.56
C TYR C 38 -37.87 -55.99 28.74
N LEU C 39 -36.96 -56.97 28.73
CA LEU C 39 -37.22 -58.23 28.03
C LEU C 39 -38.30 -59.04 28.71
N ALA C 40 -38.55 -58.81 30.00
CA ALA C 40 -39.70 -59.45 30.66
C ALA C 40 -41.01 -58.79 30.25
N GLN C 41 -41.02 -57.46 30.14
CA GLN C 41 -42.25 -56.75 29.77
C GLN C 41 -42.67 -57.08 28.34
N ASN C 42 -41.74 -57.00 27.40
CA ASN C 42 -42.00 -57.34 26.01
C ASN C 42 -41.39 -58.70 25.71
N ASN C 43 -42.21 -59.61 25.17
CA ASN C 43 -41.78 -61.00 25.01
C ASN C 43 -40.77 -61.14 23.89
N LEU C 44 -39.50 -60.86 24.21
CA LEU C 44 -38.40 -60.99 23.26
C LEU C 44 -37.27 -61.77 23.89
N THR C 45 -36.63 -62.61 23.09
CA THR C 45 -35.50 -63.42 23.54
C THR C 45 -34.22 -62.87 22.90
N ALA C 46 -33.26 -62.48 23.74
CA ALA C 46 -32.03 -61.86 23.29
C ALA C 46 -30.83 -62.64 23.80
N GLN C 47 -29.91 -62.97 22.90
CA GLN C 47 -28.66 -63.59 23.29
C GLN C 47 -27.71 -62.55 23.88
N ARG C 48 -26.84 -63.01 24.78
CA ARG C 48 -25.95 -62.12 25.52
C ARG C 48 -24.53 -62.24 25.00
N THR C 49 -23.91 -61.09 24.73
CA THR C 49 -22.50 -61.04 24.41
C THR C 49 -21.69 -60.92 25.71
N ASN C 50 -20.46 -61.44 25.67
CA ASN C 50 -19.61 -61.44 26.86
C ASN C 50 -19.30 -60.04 27.36
N SER C 51 -19.50 -59.02 26.52
CA SER C 51 -19.32 -57.63 26.92
C SER C 51 -20.60 -57.02 27.46
N GLY C 52 -21.69 -57.80 27.56
CA GLY C 52 -22.95 -57.30 28.07
C GLY C 52 -23.93 -56.84 27.03
N LEU C 53 -23.63 -57.01 25.74
CA LEU C 53 -24.53 -56.58 24.68
C LEU C 53 -25.61 -57.62 24.45
N TYR C 54 -26.85 -57.15 24.30
CA TYR C 54 -28.00 -58.00 24.01
C TYR C 54 -28.50 -57.69 22.61
N TYR C 55 -28.59 -58.71 21.76
CA TYR C 55 -28.96 -58.52 20.36
C TYR C 55 -29.97 -59.58 19.93
N ILE C 56 -30.87 -59.16 19.04
CA ILE C 56 -31.86 -60.05 18.43
C ILE C 56 -31.78 -59.86 16.92
N ILE C 57 -31.43 -60.92 16.20
CA ILE C 57 -31.31 -60.87 14.75
C ILE C 57 -32.64 -61.33 14.15
N THR C 58 -33.41 -60.37 13.60
CA THR C 58 -34.69 -60.73 13.00
C THR C 58 -34.49 -61.55 11.73
N LYS C 59 -33.55 -61.16 10.90
CA LYS C 59 -33.24 -61.89 9.67
C LYS C 59 -31.83 -61.52 9.22
N GLU C 60 -31.28 -62.33 8.33
CA GLU C 60 -29.97 -62.10 7.75
C GLU C 60 -30.10 -61.90 6.24
N GLY C 61 -28.96 -61.79 5.56
CA GLY C 61 -28.95 -61.61 4.13
C GLY C 61 -27.87 -62.41 3.44
N SER C 62 -27.11 -61.77 2.56
CA SER C 62 -26.04 -62.43 1.83
C SER C 62 -24.90 -61.47 1.53
N HIS C 90 -18.75 -61.23 6.89
CA HIS C 90 -19.39 -60.16 7.65
C HIS C 90 -18.55 -58.88 7.61
N PRO C 91 -19.21 -57.72 7.77
CA PRO C 91 -18.45 -56.47 7.78
C PRO C 91 -17.42 -56.46 8.90
N THR C 92 -16.25 -55.91 8.60
CA THR C 92 -15.12 -55.93 9.51
C THR C 92 -14.92 -54.55 10.13
N LEU C 93 -13.90 -54.46 10.98
CA LEU C 93 -13.61 -53.20 11.65
C LEU C 93 -13.25 -52.10 10.65
N ASN C 94 -12.77 -52.47 9.47
CA ASN C 94 -12.44 -51.53 8.42
C ASN C 94 -13.39 -51.80 7.25
N SER C 95 -14.56 -51.17 7.31
CA SER C 95 -15.59 -51.37 6.29
C SER C 95 -16.64 -50.29 6.44
N ASN C 96 -17.04 -49.68 5.31
CA ASN C 96 -18.08 -48.67 5.30
C ASN C 96 -19.44 -49.33 5.10
N ILE C 97 -20.39 -49.00 5.96
CA ILE C 97 -21.72 -49.61 5.94
C ILE C 97 -22.76 -48.52 5.76
N THR C 98 -23.95 -48.93 5.33
CA THR C 98 -25.10 -48.04 5.17
C THR C 98 -26.26 -48.59 5.96
N VAL C 99 -26.88 -47.76 6.80
CA VAL C 99 -27.89 -48.22 7.75
C VAL C 99 -29.11 -47.29 7.72
N ILE C 100 -30.25 -47.85 8.12
CA ILE C 100 -31.52 -47.13 8.22
C ILE C 100 -31.99 -47.28 9.67
N TYR C 101 -31.03 -47.28 10.59
CA TYR C 101 -31.28 -47.56 11.99
C TYR C 101 -32.23 -46.54 12.62
N LYS C 102 -32.65 -46.83 13.84
CA LYS C 102 -33.41 -45.91 14.66
C LYS C 102 -33.16 -46.25 16.12
N GLY C 103 -32.83 -45.25 16.93
CA GLY C 103 -32.44 -45.47 18.31
C GLY C 103 -33.31 -44.74 19.32
N TYR C 104 -33.77 -45.48 20.33
CA TYR C 104 -34.70 -44.96 21.33
C TYR C 104 -34.33 -45.48 22.72
N PHE C 105 -35.08 -45.01 23.72
CA PHE C 105 -34.87 -45.36 25.12
C PHE C 105 -35.81 -46.47 25.55
N THR C 106 -35.83 -46.77 26.85
CA THR C 106 -36.78 -47.76 27.36
C THR C 106 -38.21 -47.30 27.20
N ASN C 107 -38.48 -46.03 27.48
CA ASN C 107 -39.84 -45.50 27.43
C ASN C 107 -40.36 -45.32 26.01
N GLY C 108 -39.59 -45.67 25.00
CA GLY C 108 -40.00 -45.51 23.62
C GLY C 108 -39.72 -44.16 23.02
N LYS C 109 -39.17 -43.23 23.79
CA LYS C 109 -38.84 -41.91 23.26
C LYS C 109 -37.62 -42.03 22.36
N VAL C 110 -37.80 -41.82 21.06
CA VAL C 110 -36.71 -41.95 20.11
C VAL C 110 -35.73 -40.82 20.30
N PHE C 111 -34.44 -41.15 20.43
CA PHE C 111 -33.42 -40.13 20.56
C PHE C 111 -32.64 -39.89 19.27
N ASP C 112 -32.67 -40.84 18.32
CA ASP C 112 -32.01 -40.57 17.04
C ASP C 112 -32.71 -41.34 15.92
N GLU C 113 -32.79 -40.71 14.76
CA GLU C 113 -33.62 -41.17 13.66
C GLU C 113 -32.80 -41.19 12.37
N SER C 114 -33.11 -42.18 11.52
CA SER C 114 -32.50 -42.24 10.19
C SER C 114 -33.43 -43.07 9.30
N THR C 115 -34.30 -42.39 8.57
CA THR C 115 -35.22 -43.07 7.65
C THR C 115 -34.57 -43.37 6.30
N GLU C 116 -33.46 -42.73 5.98
CA GLU C 116 -32.73 -42.98 4.74
C GLU C 116 -31.36 -43.56 5.06
N GLY C 117 -30.81 -44.30 4.11
CA GLY C 117 -29.52 -44.92 4.29
C GLY C 117 -28.41 -43.92 4.56
N VAL C 118 -27.74 -44.09 5.70
CA VAL C 118 -26.64 -43.23 6.11
C VAL C 118 -25.38 -44.07 6.20
N SER C 119 -24.25 -43.51 5.77
CA SER C 119 -22.99 -44.22 5.67
C SER C 119 -22.14 -43.96 6.90
N TYR C 120 -21.57 -45.03 7.45
CA TYR C 120 -20.70 -44.96 8.62
C TYR C 120 -19.48 -45.84 8.41
N SER C 121 -18.39 -45.50 9.09
CA SER C 121 -17.15 -46.24 8.95
C SER C 121 -17.09 -47.48 9.82
N LEU C 122 -18.00 -47.61 10.79
CA LEU C 122 -18.14 -48.76 11.68
C LEU C 122 -17.00 -48.81 12.69
N ARG C 123 -15.98 -47.97 12.51
CA ARG C 123 -14.93 -47.81 13.48
C ARG C 123 -15.05 -46.52 14.28
N THR C 124 -15.87 -45.59 13.81
CA THR C 124 -16.14 -44.34 14.50
C THR C 124 -17.40 -44.39 15.36
N LEU C 125 -18.08 -45.52 15.39
CA LEU C 125 -19.36 -45.64 16.07
C LEU C 125 -19.16 -46.11 17.51
N ILE C 126 -20.26 -46.22 18.24
CA ILE C 126 -20.24 -46.68 19.63
C ILE C 126 -19.84 -48.14 19.66
N PRO C 127 -19.26 -48.64 20.76
CA PRO C 127 -18.85 -50.06 20.81
C PRO C 127 -19.99 -51.03 20.58
N GLY C 128 -21.22 -50.69 21.01
CA GLY C 128 -22.34 -51.59 20.79
C GLY C 128 -22.58 -51.89 19.33
N TRP C 129 -22.50 -50.87 18.49
CA TRP C 129 -22.57 -51.10 17.05
C TRP C 129 -21.40 -51.95 16.56
N LYS C 130 -20.20 -51.68 17.09
CA LYS C 130 -19.02 -52.44 16.69
C LYS C 130 -19.17 -53.92 17.00
N GLU C 131 -19.94 -54.27 18.02
CA GLU C 131 -20.18 -55.68 18.33
C GLU C 131 -21.45 -56.23 17.70
N GLY C 132 -22.38 -55.38 17.28
CA GLY C 132 -23.63 -55.87 16.73
C GLY C 132 -23.68 -55.98 15.22
N ILE C 133 -23.12 -54.97 14.53
CA ILE C 133 -23.18 -54.95 13.06
C ILE C 133 -22.46 -56.15 12.43
N PRO C 134 -21.24 -56.55 12.86
CA PRO C 134 -20.55 -57.66 12.18
C PRO C 134 -21.22 -59.01 12.34
N LEU C 135 -22.41 -59.04 12.91
CA LEU C 135 -23.13 -60.28 13.14
C LEU C 135 -24.08 -60.65 11.99
N LEU C 136 -24.08 -59.91 10.88
CA LEU C 136 -25.07 -60.15 9.85
C LEU C 136 -24.61 -59.60 8.49
N LYS C 137 -25.30 -60.02 7.45
CA LYS C 137 -25.06 -59.65 6.07
C LYS C 137 -25.92 -58.46 5.66
N SER C 138 -25.77 -58.02 4.41
CA SER C 138 -26.60 -56.94 3.91
C SER C 138 -28.05 -57.36 3.82
N GLY C 139 -28.95 -56.43 4.15
CA GLY C 139 -30.37 -56.68 4.13
C GLY C 139 -30.93 -57.25 5.41
N GLY C 140 -30.07 -57.69 6.33
CA GLY C 140 -30.55 -58.18 7.60
C GLY C 140 -30.89 -57.06 8.57
N GLU C 141 -31.69 -57.41 9.56
CA GLU C 141 -32.13 -56.45 10.58
C GLU C 141 -31.83 -56.99 11.97
N ILE C 142 -31.34 -56.11 12.84
CA ILE C 142 -30.99 -56.47 14.20
C ILE C 142 -31.59 -55.46 15.16
N GLN C 143 -31.76 -55.90 16.40
CA GLN C 143 -32.19 -55.05 17.50
C GLN C 143 -31.18 -55.18 18.62
N LEU C 144 -30.49 -54.09 18.91
CA LEU C 144 -29.45 -54.03 19.94
C LEU C 144 -30.00 -53.39 21.21
N PHE C 145 -29.44 -53.81 22.34
CA PHE C 145 -29.84 -53.35 23.67
C PHE C 145 -28.62 -52.79 24.39
N VAL C 146 -27.91 -51.89 23.72
CA VAL C 146 -26.58 -51.46 24.15
C VAL C 146 -26.65 -50.85 25.54
N PRO C 147 -25.80 -51.29 26.49
CA PRO C 147 -25.75 -50.63 27.81
C PRO C 147 -25.01 -49.31 27.76
N ALA C 148 -24.82 -48.70 28.93
CA ALA C 148 -24.17 -47.39 28.98
C ALA C 148 -22.69 -47.49 28.62
N HIS C 149 -21.97 -48.44 29.21
CA HIS C 149 -20.53 -48.53 28.99
C HIS C 149 -20.20 -48.87 27.55
N LEU C 150 -21.10 -49.56 26.86
CA LEU C 150 -20.95 -49.83 25.43
C LEU C 150 -21.63 -48.77 24.56
N GLY C 151 -22.27 -47.78 25.17
CA GLY C 151 -22.96 -46.76 24.42
C GLY C 151 -22.28 -45.40 24.52
N TYR C 152 -22.92 -44.46 25.20
CA TYR C 152 -22.38 -43.12 25.37
C TYR C 152 -21.72 -42.90 26.73
N GLY C 153 -21.52 -43.97 27.50
CA GLY C 153 -20.80 -43.88 28.75
C GLY C 153 -21.65 -43.45 29.92
N SER C 154 -20.98 -43.28 31.05
CA SER C 154 -21.65 -42.88 32.29
C SER C 154 -21.93 -41.39 32.39
N ASN C 155 -21.43 -40.60 31.43
CA ASN C 155 -21.69 -39.16 31.42
C ASN C 155 -22.69 -38.75 30.35
N GLY C 156 -22.81 -39.52 29.27
CA GLY C 156 -23.78 -39.22 28.24
C GLY C 156 -23.43 -37.96 27.46
N ASN C 157 -24.45 -37.43 26.80
CA ASN C 157 -24.33 -36.21 26.02
C ASN C 157 -25.66 -35.48 26.07
N LYS C 158 -25.87 -34.53 25.16
CA LYS C 158 -27.14 -33.84 25.07
C LYS C 158 -28.25 -34.83 24.73
N THR C 159 -29.38 -34.73 25.44
CA THR C 159 -30.59 -35.52 25.29
C THR C 159 -30.40 -36.99 25.67
N VAL C 160 -29.20 -37.41 26.01
CA VAL C 160 -28.96 -38.78 26.48
C VAL C 160 -28.28 -38.72 27.84
N PRO C 161 -28.99 -39.00 28.93
CA PRO C 161 -28.37 -38.92 30.26
C PRO C 161 -27.39 -40.05 30.48
N GLY C 162 -26.49 -39.83 31.43
CA GLY C 162 -25.51 -40.85 31.77
C GLY C 162 -26.17 -42.10 32.33
N GLY C 163 -25.58 -43.25 32.01
CA GLY C 163 -26.13 -44.52 32.45
C GLY C 163 -27.47 -44.86 31.85
N ALA C 164 -27.63 -44.64 30.55
CA ALA C 164 -28.89 -44.89 29.85
C ALA C 164 -28.73 -46.08 28.91
N VAL C 165 -29.70 -46.98 28.94
CA VAL C 165 -29.73 -48.12 28.03
C VAL C 165 -30.33 -47.67 26.70
N LEU C 166 -29.73 -48.11 25.60
CA LEU C 166 -30.09 -47.64 24.27
C LEU C 166 -30.59 -48.82 23.45
N ILE C 167 -31.79 -48.70 22.88
CA ILE C 167 -32.36 -49.76 22.05
C ILE C 167 -32.32 -49.29 20.61
N PHE C 168 -31.64 -50.05 19.77
CA PHE C 168 -31.43 -49.71 18.37
C PHE C 168 -32.09 -50.75 17.49
N GLU C 169 -32.76 -50.30 16.43
CA GLU C 169 -33.21 -51.18 15.36
C GLU C 169 -32.47 -50.79 14.09
N ILE C 170 -31.59 -51.67 13.63
CA ILE C 170 -30.65 -51.38 12.55
C ILE C 170 -30.95 -52.30 11.37
N THR C 171 -31.06 -51.71 10.19
CA THR C 171 -31.26 -52.45 8.94
C THR C 171 -30.04 -52.18 8.05
N LEU C 172 -29.09 -53.11 8.05
CA LEU C 172 -27.89 -52.97 7.24
C LEU C 172 -28.23 -53.23 5.78
N VAL C 173 -28.09 -52.21 4.94
CA VAL C 173 -28.48 -52.31 3.54
C VAL C 173 -27.28 -52.36 2.60
N SER C 174 -26.09 -51.97 3.04
CA SER C 174 -24.92 -51.98 2.17
C SER C 174 -23.67 -52.05 3.03
N VAL C 175 -22.67 -52.79 2.53
CA VAL C 175 -21.40 -52.95 3.22
C VAL C 175 -20.31 -52.45 2.28
N ASN C 176 -20.68 -51.46 1.45
CA ASN C 176 -19.73 -50.88 0.50
C ASN C 176 -18.59 -50.18 1.21
N ASP D 21 22.02 24.08 -24.65
CA ASP D 21 22.19 23.59 -23.29
C ASP D 21 23.66 23.52 -22.90
N ILE D 22 23.95 22.75 -21.85
CA ILE D 22 25.32 22.61 -21.38
C ILE D 22 26.10 21.74 -22.37
N GLU D 23 27.24 22.25 -22.82
CA GLU D 23 28.10 21.56 -23.79
C GLU D 23 29.42 21.23 -23.11
N ARG D 24 29.65 19.95 -22.85
CA ARG D 24 30.87 19.44 -22.24
C ARG D 24 31.21 20.16 -20.93
N PRO D 25 30.45 19.91 -19.87
CA PRO D 25 30.81 20.51 -18.57
C PRO D 25 32.06 19.88 -18.00
N ILE D 26 32.72 20.63 -17.12
CA ILE D 26 33.92 20.15 -16.45
C ILE D 26 33.49 19.28 -15.27
N THR D 27 33.90 18.02 -15.28
CA THR D 27 33.57 17.09 -14.21
C THR D 27 34.72 17.01 -13.22
N THR D 28 34.41 17.17 -11.93
CA THR D 28 35.41 17.13 -10.87
C THR D 28 34.85 16.34 -9.70
N GLY D 29 35.75 15.84 -8.85
CA GLY D 29 35.32 15.18 -7.64
C GLY D 29 34.87 16.17 -6.59
N VAL D 30 34.16 15.63 -5.59
CA VAL D 30 33.56 16.36 -4.46
C VAL D 30 33.08 17.76 -4.89
N PRO D 31 32.08 17.85 -5.76
CA PRO D 31 31.61 19.19 -6.20
C PRO D 31 31.02 20.02 -5.08
N PHE D 32 30.66 19.41 -3.95
CA PHE D 32 30.07 20.17 -2.85
C PHE D 32 31.03 21.21 -2.28
N LEU D 33 32.32 21.11 -2.59
CA LEU D 33 33.27 22.14 -2.19
C LEU D 33 32.98 23.47 -2.85
N LEU D 34 32.32 23.48 -4.01
CA LEU D 34 32.03 24.71 -4.73
C LEU D 34 30.74 25.38 -4.29
N VAL D 35 29.91 24.69 -3.49
CA VAL D 35 28.64 25.25 -3.05
C VAL D 35 28.90 26.26 -1.94
N ALA D 36 28.31 27.45 -2.08
CA ALA D 36 28.42 28.46 -1.04
C ALA D 36 27.76 27.95 0.24
N ALA D 37 28.48 28.09 1.35
CA ALA D 37 28.07 27.49 2.61
C ALA D 37 27.58 28.50 3.64
N ASP D 38 27.55 29.79 3.32
CA ASP D 38 27.12 30.81 4.26
C ASP D 38 26.13 31.75 3.61
N ALA D 39 25.29 32.37 4.44
CA ALA D 39 24.22 33.23 3.93
C ALA D 39 24.73 34.59 3.46
N ARG D 40 25.80 35.11 4.07
CA ARG D 40 26.30 36.42 3.68
C ARG D 40 26.78 36.42 2.23
N ALA D 41 27.60 35.44 1.87
CA ALA D 41 28.07 35.35 0.50
C ALA D 41 26.97 34.84 -0.45
N ALA D 42 26.04 34.05 0.08
CA ALA D 42 24.91 33.60 -0.73
C ALA D 42 24.06 34.78 -1.18
N GLY D 43 23.84 35.75 -0.29
CA GLY D 43 23.10 36.95 -0.65
C GLY D 43 23.84 37.86 -1.60
N LEU D 44 25.17 37.71 -1.69
CA LEU D 44 25.99 38.51 -2.59
C LEU D 44 26.30 37.80 -3.90
N GLY D 45 25.43 36.89 -4.33
CA GLY D 45 25.67 36.16 -5.57
C GLY D 45 26.84 35.20 -5.51
N ASP D 46 27.01 34.50 -4.39
CA ASP D 46 28.03 33.46 -4.23
C ASP D 46 29.43 34.00 -4.49
N GLN D 47 29.73 35.15 -3.91
CA GLN D 47 31.09 35.70 -3.98
C GLN D 47 31.50 36.21 -2.61
N GLY D 48 32.76 35.98 -2.26
CA GLY D 48 33.31 36.55 -1.05
C GLY D 48 34.78 36.90 -1.15
N VAL D 49 35.36 36.79 -2.35
CA VAL D 49 36.79 36.93 -2.48
C VAL D 49 37.27 38.37 -2.28
N ALA D 50 36.39 39.35 -2.48
CA ALA D 50 36.78 40.75 -2.35
C ALA D 50 35.82 41.57 -1.51
N THR D 51 34.92 40.93 -0.76
CA THR D 51 34.02 41.65 0.12
C THR D 51 34.75 42.00 1.42
N SER D 52 34.03 42.60 2.35
CA SER D 52 34.61 42.95 3.63
C SER D 52 34.96 41.71 4.44
N SER D 53 35.93 41.86 5.33
CA SER D 53 36.37 40.73 6.15
C SER D 53 35.24 40.28 7.08
N ASP D 54 35.05 38.97 7.16
CA ASP D 54 33.98 38.40 7.98
C ASP D 54 34.40 37.01 8.42
N VAL D 55 33.59 36.43 9.30
CA VAL D 55 33.90 35.12 9.86
C VAL D 55 33.83 34.03 8.80
N PHE D 56 32.92 34.16 7.83
CA PHE D 56 32.76 33.17 6.77
C PHE D 56 33.81 33.29 5.69
N SER D 57 34.85 34.10 5.88
CA SER D 57 35.84 34.35 4.84
C SER D 57 36.91 33.26 4.81
N GLN D 58 36.49 32.00 4.77
CA GLN D 58 37.39 30.86 4.65
C GLN D 58 37.21 30.11 3.34
N GLN D 59 35.97 29.92 2.90
CA GLN D 59 35.72 29.31 1.60
C GLN D 59 36.08 30.25 0.46
N TRP D 60 36.06 31.56 0.72
CA TRP D 60 36.24 32.57 -0.31
C TRP D 60 37.65 33.16 -0.30
N ASN D 61 38.08 33.71 0.83
CA ASN D 61 39.39 34.35 0.91
C ASN D 61 39.88 34.38 2.35
N PRO D 62 40.67 33.40 2.77
CA PRO D 62 41.21 33.45 4.14
C PRO D 62 42.14 34.62 4.39
N ALA D 63 42.67 35.26 3.34
CA ALA D 63 43.68 36.30 3.51
C ALA D 63 43.14 37.53 4.24
N LYS D 64 41.82 37.74 4.23
CA LYS D 64 41.25 38.87 4.96
C LYS D 64 40.95 38.55 6.42
N TYR D 65 41.23 37.33 6.86
CA TYR D 65 41.12 37.03 8.29
C TYR D 65 42.09 37.87 9.10
N ALA D 66 43.21 38.28 8.51
CA ALA D 66 44.12 39.20 9.16
C ALA D 66 43.55 40.61 9.24
N PHE D 67 42.56 40.94 8.42
CA PHE D 67 41.91 42.24 8.44
C PHE D 67 40.65 42.25 9.28
N ALA D 68 40.39 41.19 10.04
CA ALA D 68 39.17 41.10 10.83
C ALA D 68 39.14 42.17 11.91
N GLU D 69 37.96 42.76 12.10
CA GLU D 69 37.80 43.80 13.11
C GLU D 69 37.75 43.23 14.52
N ASP D 70 37.23 42.02 14.68
CA ASP D 70 37.09 41.37 15.98
C ASP D 70 38.16 40.31 16.16
N ALA D 71 38.54 40.09 17.43
CA ALA D 71 39.64 39.18 17.74
C ALA D 71 39.27 37.73 17.45
N GLN D 72 38.11 37.30 17.93
CA GLN D 72 37.71 35.91 17.83
C GLN D 72 36.29 35.83 17.32
N GLY D 73 36.03 34.82 16.49
CA GLY D 73 34.71 34.67 15.92
C GLY D 73 34.38 33.22 15.64
N LEU D 74 33.12 32.87 15.89
CA LEU D 74 32.60 31.54 15.59
C LEU D 74 31.32 31.70 14.79
N SER D 75 31.03 30.73 13.92
CA SER D 75 29.88 30.85 13.05
C SER D 75 29.35 29.49 12.67
N ILE D 76 28.02 29.36 12.70
CA ILE D 76 27.30 28.17 12.28
C ILE D 76 26.36 28.57 11.14
N SER D 77 26.46 27.86 10.02
CA SER D 77 25.68 28.17 8.83
C SER D 77 24.94 26.93 8.37
N TYR D 78 23.73 27.13 7.86
CA TYR D 78 22.82 26.05 7.49
C TYR D 78 22.22 26.35 6.13
N THR D 79 22.38 25.41 5.20
CA THR D 79 21.79 25.48 3.86
C THR D 79 20.94 24.24 3.64
N PRO D 80 19.61 24.33 3.74
CA PRO D 80 18.78 23.14 3.59
C PRO D 80 18.56 22.76 2.14
N TYR D 81 18.51 21.45 1.90
CA TYR D 81 18.13 20.90 0.61
C TYR D 81 16.79 20.20 0.76
N LEU D 82 15.92 20.35 -0.23
CA LEU D 82 14.55 19.85 -0.18
C LEU D 82 13.86 20.34 1.09
N THR D 83 13.74 21.66 1.18
CA THR D 83 13.23 22.30 2.39
C THR D 83 11.84 21.78 2.76
N ASP D 84 10.93 21.71 1.78
CA ASP D 84 9.60 21.19 2.05
C ASP D 84 9.61 19.69 2.30
N LEU D 85 10.34 18.93 1.47
CA LEU D 85 10.27 17.48 1.53
C LEU D 85 10.69 16.94 2.89
N ALA D 86 11.96 17.13 3.24
CA ALA D 86 12.48 16.54 4.47
C ALA D 86 13.66 17.35 4.97
N ASN D 87 13.91 17.26 6.26
CA ASN D 87 15.05 17.91 6.89
C ASN D 87 16.26 16.98 6.84
N ASP D 88 17.34 17.39 7.50
CA ASP D 88 18.54 16.58 7.70
C ASP D 88 19.33 16.40 6.40
N ILE D 89 18.78 16.86 5.29
CA ILE D 89 19.48 16.88 4.00
C ILE D 89 19.95 18.32 3.80
N SER D 90 21.16 18.62 4.23
CA SER D 90 21.60 20.00 4.25
C SER D 90 23.12 20.08 4.25
N LEU D 91 23.61 21.28 3.96
CA LEU D 91 25.02 21.62 4.04
C LEU D 91 25.21 22.56 5.22
N GLY D 92 25.87 22.08 6.27
CA GLY D 92 26.22 22.88 7.41
C GLY D 92 27.68 23.28 7.39
N GLN D 93 27.99 24.38 8.08
CA GLN D 93 29.36 24.85 8.16
C GLN D 93 29.61 25.44 9.54
N VAL D 94 30.78 25.13 10.09
CA VAL D 94 31.24 25.70 11.35
C VAL D 94 32.60 26.33 11.11
N THR D 95 32.71 27.62 11.36
CA THR D 95 33.95 28.34 11.14
C THR D 95 34.37 29.04 12.43
N TYR D 96 35.67 29.06 12.70
CA TYR D 96 36.21 29.71 13.88
C TYR D 96 37.53 30.40 13.51
N TYR D 97 37.58 31.71 13.67
CA TYR D 97 38.80 32.47 13.40
C TYR D 97 39.27 33.16 14.67
N ASN D 98 40.59 33.35 14.75
CA ASN D 98 41.23 33.96 15.92
C ASN D 98 42.47 34.67 15.42
N LYS D 99 42.50 36.00 15.50
CA LYS D 99 43.66 36.78 15.12
C LYS D 99 44.44 37.13 16.38
N ILE D 100 45.61 36.49 16.55
CA ILE D 100 46.39 36.68 17.77
C ILE D 100 47.00 38.07 17.81
N ASN D 101 47.49 38.56 16.67
CA ASN D 101 48.20 39.82 16.58
C ASN D 101 47.44 40.78 15.66
N ASP D 102 48.05 41.95 15.42
CA ASP D 102 47.55 42.87 14.41
C ASP D 102 47.86 42.41 13.00
N ARG D 103 48.68 41.37 12.85
CA ARG D 103 49.25 41.00 11.56
C ARG D 103 48.92 39.59 11.10
N SER D 104 48.45 38.72 11.99
CA SER D 104 48.25 37.31 11.64
C SER D 104 46.97 36.79 12.26
N ALA D 105 46.49 35.67 11.70
CA ALA D 105 45.25 35.04 12.15
C ALA D 105 45.27 33.57 11.82
N PHE D 106 44.72 32.75 12.72
CA PHE D 106 44.52 31.33 12.52
C PHE D 106 43.03 31.07 12.40
N ALA D 107 42.63 30.32 11.37
CA ALA D 107 41.21 30.02 11.17
C ALA D 107 41.04 28.53 10.89
N GLY D 108 39.86 28.03 11.25
CA GLY D 108 39.52 26.63 11.01
C GLY D 108 38.07 26.47 10.63
N SER D 109 37.81 25.76 9.54
CA SER D 109 36.46 25.60 9.01
C SER D 109 36.15 24.12 8.83
N PHE D 110 34.87 23.80 8.93
CA PHE D 110 34.38 22.44 8.77
C PHE D 110 33.06 22.50 8.01
N ARG D 111 33.06 22.02 6.78
CA ARG D 111 31.86 21.94 5.96
C ARG D 111 31.38 20.50 5.91
N TYR D 112 30.07 20.31 6.07
CA TYR D 112 29.49 18.98 6.17
C TYR D 112 28.19 18.95 5.38
N PHE D 113 28.17 18.19 4.29
CA PHE D 113 26.95 17.95 3.52
C PHE D 113 26.44 16.56 3.89
N GLY D 114 25.17 16.49 4.32
CA GLY D 114 24.64 15.24 4.83
C GLY D 114 23.19 15.06 4.46
N PHE D 115 22.79 13.78 4.39
CA PHE D 115 21.42 13.39 4.11
C PHE D 115 20.65 12.99 5.36
N GLY D 116 21.27 13.03 6.52
CA GLY D 116 20.64 12.55 7.73
C GLY D 116 20.69 11.04 7.82
N GLY D 117 19.96 10.52 8.79
CA GLY D 117 19.94 9.08 9.02
C GLY D 117 19.07 8.37 7.99
N ILE D 118 19.57 7.23 7.52
CA ILE D 118 18.86 6.36 6.58
C ILE D 118 18.87 4.95 7.15
N GLU D 119 17.70 4.33 7.22
CA GLU D 119 17.56 3.01 7.81
C GLU D 119 17.57 1.94 6.71
N LEU D 120 18.40 0.92 6.90
CA LEU D 120 18.55 -0.18 5.95
C LEU D 120 17.88 -1.40 6.55
N ARG D 121 16.88 -1.93 5.87
CA ARG D 121 16.10 -3.06 6.38
C ARG D 121 15.78 -4.01 5.23
N GLN D 122 15.93 -5.31 5.51
CA GLN D 122 15.66 -6.33 4.50
C GLN D 122 14.49 -7.25 4.84
N THR D 123 13.97 -7.21 6.07
CA THR D 123 12.88 -8.08 6.48
C THR D 123 11.85 -7.26 7.24
N GLY D 124 10.60 -7.70 7.19
CA GLY D 124 9.48 -6.99 7.80
C GLY D 124 9.33 -7.27 9.29
N ASP D 125 10.39 -7.69 9.97
CA ASP D 125 10.30 -7.97 11.39
C ASP D 125 10.05 -6.69 12.18
N PRO D 126 8.96 -6.58 12.93
CA PRO D 126 8.80 -5.39 13.80
C PRO D 126 9.93 -5.24 14.81
N ASN D 127 10.41 -6.37 15.34
CA ASN D 127 11.56 -6.37 16.27
C ASN D 127 12.77 -6.84 15.47
N GLU D 128 13.51 -5.89 14.93
CA GLU D 128 14.68 -6.21 14.11
C GLU D 128 15.71 -5.09 14.22
N PRO D 129 16.85 -5.32 14.85
CA PRO D 129 17.90 -4.29 14.89
C PRO D 129 18.44 -3.98 13.51
N THR D 130 18.16 -2.78 13.02
CA THR D 130 18.53 -2.38 11.67
C THR D 130 19.72 -1.44 11.69
N ARG D 131 20.31 -1.25 10.52
CA ARG D 131 21.52 -0.45 10.36
C ARG D 131 21.16 0.95 9.89
N GLU D 132 21.56 1.95 10.67
CA GLU D 132 21.35 3.35 10.30
C GLU D 132 22.65 3.93 9.79
N VAL D 133 22.63 4.43 8.56
CA VAL D 133 23.82 4.97 7.91
C VAL D 133 23.53 6.40 7.48
N ASN D 134 24.57 7.24 7.53
CA ASN D 134 24.48 8.64 7.14
C ASN D 134 25.54 8.93 6.08
N PRO D 135 25.19 8.77 4.80
CA PRO D 135 26.12 9.19 3.74
C PRO D 135 26.38 10.69 3.83
N ASN D 136 27.64 11.08 3.67
CA ASN D 136 28.01 12.46 3.89
C ASN D 136 29.25 12.84 3.09
N GLU D 137 29.61 14.12 3.17
CA GLU D 137 30.83 14.62 2.57
C GLU D 137 31.29 15.81 3.39
N PHE D 138 32.47 15.72 4.01
CA PHE D 138 32.92 16.83 4.83
C PHE D 138 34.35 17.22 4.48
N ALA D 139 34.62 18.51 4.64
CA ALA D 139 35.95 19.08 4.44
C ALA D 139 36.32 19.84 5.69
N LEU D 140 37.45 19.47 6.29
CA LEU D 140 37.99 20.15 7.45
C LEU D 140 39.28 20.84 7.04
N ASP D 141 39.33 22.15 7.22
CA ASP D 141 40.47 22.93 6.73
C ASP D 141 40.94 23.91 7.79
N GLY D 142 42.23 24.24 7.72
CA GLY D 142 42.84 25.22 8.60
C GLY D 142 43.73 26.16 7.82
N SER D 143 43.61 27.45 8.09
CA SER D 143 44.30 28.48 7.32
C SER D 143 45.08 29.40 8.24
N TYR D 144 46.25 29.84 7.78
CA TYR D 144 47.04 30.87 8.42
C TYR D 144 47.12 32.07 7.49
N SER D 145 46.74 33.24 8.00
CA SER D 145 46.77 34.48 7.24
C SER D 145 47.77 35.42 7.90
N LEU D 146 48.66 35.99 7.10
CA LEU D 146 49.68 36.91 7.56
C LEU D 146 49.62 38.19 6.74
N LYS D 147 49.59 39.33 7.42
CA LYS D 147 49.53 40.63 6.76
C LYS D 147 50.94 41.05 6.39
N LEU D 148 51.26 41.02 5.09
CA LEU D 148 52.60 41.40 4.65
C LEU D 148 52.81 42.90 4.79
N SER D 149 52.03 43.69 4.06
CA SER D 149 52.09 45.14 4.16
C SER D 149 51.01 45.62 5.12
N GLU D 150 50.83 46.94 5.20
CA GLU D 150 49.76 47.49 6.02
C GLU D 150 48.39 47.35 5.35
N THR D 151 48.36 47.10 4.04
CA THR D 151 47.11 46.99 3.30
C THR D 151 46.99 45.68 2.52
N PHE D 152 47.97 44.78 2.63
CA PHE D 152 47.97 43.53 1.87
C PHE D 152 48.29 42.36 2.80
N SER D 153 47.70 41.21 2.49
CA SER D 153 47.89 40.02 3.30
C SER D 153 47.83 38.78 2.42
N MET D 154 48.54 37.74 2.84
CA MET D 154 48.53 36.43 2.20
C MET D 154 47.95 35.40 3.17
N ALA D 155 47.62 34.23 2.64
CA ALA D 155 47.08 33.16 3.46
C ALA D 155 47.34 31.82 2.80
N VAL D 156 47.69 30.83 3.62
CA VAL D 156 47.88 29.46 3.17
C VAL D 156 46.96 28.56 4.00
N ALA D 157 46.22 27.69 3.30
CA ALA D 157 45.24 26.83 3.95
C ALA D 157 45.47 25.39 3.53
N ALA D 158 45.26 24.48 4.48
CA ALA D 158 45.32 23.04 4.23
C ALA D 158 43.96 22.44 4.51
N ARG D 159 43.43 21.68 3.56
CA ARG D 159 42.10 21.11 3.64
C ARG D 159 42.15 19.61 3.46
N TYR D 160 41.38 18.89 4.27
CA TYR D 160 41.18 17.45 4.13
C TYR D 160 39.73 17.20 3.76
N ILE D 161 39.51 16.50 2.65
CA ILE D 161 38.18 16.22 2.12
C ILE D 161 37.92 14.73 2.24
N ARG D 162 36.75 14.37 2.77
CA ARG D 162 36.36 12.97 2.93
C ARG D 162 34.95 12.80 2.41
N SER D 163 34.74 11.79 1.56
CA SER D 163 33.46 11.50 0.96
C SER D 163 33.02 10.09 1.37
N ASN D 164 31.83 9.99 1.97
CA ASN D 164 31.22 8.75 2.43
C ASN D 164 29.77 8.71 1.99
N LEU D 165 29.53 8.93 0.70
CA LEU D 165 28.19 9.02 0.15
C LEU D 165 27.58 7.67 -0.22
N LYS D 166 28.39 6.63 -0.38
CA LYS D 166 27.88 5.33 -0.79
C LYS D 166 27.68 4.42 0.41
N VAL D 167 26.81 3.43 0.24
CA VAL D 167 26.30 2.60 1.32
C VAL D 167 26.82 1.18 1.14
N ALA D 168 27.30 0.60 2.24
CA ALA D 168 27.90 -0.73 2.19
C ALA D 168 26.82 -1.80 1.99
N THR D 169 26.93 -2.54 0.89
CA THR D 169 26.07 -3.69 0.62
C THR D 169 26.96 -4.80 0.08
N GLU D 170 26.33 -5.86 -0.44
CA GLU D 170 27.10 -6.86 -1.18
C GLU D 170 27.61 -6.25 -2.48
N GLU D 171 28.78 -6.73 -2.92
CA GLU D 171 29.48 -6.28 -4.14
C GLU D 171 29.61 -4.76 -4.21
N ILE D 172 29.49 -4.06 -3.08
CA ILE D 172 29.69 -2.62 -3.02
C ILE D 172 30.43 -2.30 -1.73
N ASP D 173 31.59 -1.66 -1.84
CA ASP D 173 32.37 -1.24 -0.68
C ASP D 173 32.15 0.24 -0.44
N ALA D 174 31.76 0.59 0.79
CA ALA D 174 31.47 1.97 1.15
C ALA D 174 32.64 2.64 1.87
N SER D 175 33.87 2.26 1.53
CA SER D 175 35.03 2.92 2.11
C SER D 175 35.07 4.38 1.65
N ALA D 176 35.30 5.28 2.59
CA ALA D 176 35.33 6.69 2.28
C ALA D 176 36.54 7.05 1.44
N ALA D 177 36.37 8.01 0.56
CA ALA D 177 37.45 8.50 -0.31
C ALA D 177 37.98 9.81 0.25
N GLY D 178 39.28 9.86 0.51
CA GLY D 178 39.87 11.06 1.09
C GLY D 178 40.89 11.72 0.20
N SER D 179 41.14 13.00 0.46
CA SER D 179 42.12 13.75 -0.32
C SER D 179 42.56 14.97 0.48
N PHE D 180 43.66 15.55 0.06
CA PHE D 180 44.21 16.76 0.66
C PHE D 180 44.36 17.84 -0.39
N ALA D 181 44.24 19.09 0.04
CA ALA D 181 44.33 20.22 -0.87
C ALA D 181 44.97 21.39 -0.14
N VAL D 182 45.56 22.30 -0.92
CA VAL D 182 46.18 23.51 -0.40
C VAL D 182 45.58 24.71 -1.11
N ASP D 183 45.38 25.79 -0.36
CA ASP D 183 44.79 27.02 -0.88
C ASP D 183 45.76 28.16 -0.63
N VAL D 184 45.99 28.98 -1.66
CA VAL D 184 46.82 30.18 -1.56
C VAL D 184 45.94 31.36 -1.88
N ALA D 185 45.87 32.31 -0.94
CA ALA D 185 44.95 33.44 -1.07
C ALA D 185 45.68 34.74 -0.78
N GLY D 186 45.21 35.82 -1.40
CA GLY D 186 45.73 37.15 -1.14
C GLY D 186 44.64 38.20 -1.12
N PHE D 187 44.73 39.15 -0.19
CA PHE D 187 43.72 40.17 -0.01
C PHE D 187 44.36 41.52 0.16
N TYR D 188 43.82 42.54 -0.52
CA TYR D 188 44.31 43.90 -0.45
C TYR D 188 43.16 44.82 -0.07
N GLN D 189 43.35 45.64 0.96
CA GLN D 189 42.34 46.55 1.45
C GLN D 189 42.97 47.94 1.59
N SER D 190 42.59 48.85 0.71
CA SER D 190 43.19 50.18 0.70
C SER D 190 42.68 51.01 1.86
N GLU D 191 43.32 52.16 2.07
CA GLU D 191 42.87 53.11 3.06
C GLU D 191 41.61 53.82 2.59
N GLU D 192 40.92 54.44 3.54
CA GLU D 192 39.68 55.16 3.23
C GLU D 192 40.02 56.44 2.46
N ILE D 193 39.70 56.46 1.18
CA ILE D 193 40.10 57.53 0.27
C ILE D 193 38.92 58.46 0.06
N ALA D 194 39.13 59.76 0.29
CA ALA D 194 38.07 60.74 0.13
C ALA D 194 37.88 61.11 -1.33
N TYR D 195 36.62 61.33 -1.71
CA TYR D 195 36.28 61.75 -3.06
C TYR D 195 35.41 63.00 -3.03
N SER D 196 34.87 63.39 -4.18
CA SER D 196 34.09 64.62 -4.26
C SER D 196 32.81 64.52 -3.42
N ASP D 197 32.09 63.40 -3.53
CA ASP D 197 30.80 63.25 -2.87
C ASP D 197 30.81 62.22 -1.74
N PHE D 198 31.86 61.41 -1.63
CA PHE D 198 31.93 60.38 -0.60
C PHE D 198 33.39 60.09 -0.31
N ASN D 199 33.62 59.13 0.59
CA ASN D 199 34.96 58.67 0.94
C ASN D 199 34.95 57.14 0.97
N GLY D 200 35.19 56.53 -0.18
CA GLY D 200 35.09 55.09 -0.34
C GLY D 200 36.37 54.36 0.03
N ARG D 201 36.35 53.05 -0.20
CA ARG D 201 37.48 52.18 0.08
C ARG D 201 37.57 51.10 -0.99
N TRP D 202 38.79 50.77 -1.39
CA TRP D 202 39.03 49.79 -2.44
C TRP D 202 39.48 48.46 -1.84
N ARG D 203 39.03 47.36 -2.45
CA ARG D 203 39.44 46.03 -2.05
C ARG D 203 39.71 45.18 -3.29
N ALA D 204 40.65 44.26 -3.16
CA ALA D 204 40.93 43.28 -4.20
C ALA D 204 41.29 41.96 -3.54
N GLY D 205 41.13 40.88 -4.27
CA GLY D 205 41.43 39.57 -3.72
C GLY D 205 41.62 38.53 -4.80
N PHE D 206 42.46 37.54 -4.50
CA PHE D 206 42.63 36.38 -5.35
C PHE D 206 42.74 35.14 -4.48
N ASN D 207 42.39 34.00 -5.06
CA ASN D 207 42.39 32.73 -4.31
C ASN D 207 42.52 31.59 -5.30
N ILE D 208 43.60 30.82 -5.20
CA ILE D 208 43.76 29.56 -5.92
C ILE D 208 43.59 28.45 -4.90
N GLN D 209 42.52 27.67 -5.05
CA GLN D 209 42.11 26.74 -4.00
C GLN D 209 41.87 25.35 -4.58
N ASN D 210 41.83 24.37 -3.67
CA ASN D 210 41.60 22.96 -3.99
C ASN D 210 42.73 22.42 -4.87
N LEU D 211 43.97 22.69 -4.46
CA LEU D 211 45.15 22.19 -5.15
C LEU D 211 45.64 20.94 -4.41
N GLY D 212 45.47 19.78 -5.04
CA GLY D 212 45.89 18.55 -4.43
C GLY D 212 45.76 17.35 -5.35
N PRO D 213 46.18 16.19 -4.87
CA PRO D 213 46.06 14.97 -5.68
C PRO D 213 44.61 14.60 -5.92
N LYS D 214 44.40 13.83 -6.98
CA LYS D 214 43.06 13.42 -7.37
C LYS D 214 42.46 12.52 -6.29
N ILE D 215 41.13 12.56 -6.19
CA ILE D 215 40.38 11.72 -5.26
C ILE D 215 39.84 10.52 -6.02
N SER D 216 40.13 9.32 -5.53
CA SER D 216 39.69 8.09 -6.15
C SER D 216 38.56 7.50 -5.31
N TYR D 217 37.34 7.55 -5.84
CA TYR D 217 36.20 7.00 -5.12
C TYR D 217 36.20 5.48 -5.10
N ASP D 218 36.84 4.84 -6.07
CA ASP D 218 36.92 3.39 -6.15
C ASP D 218 38.25 2.86 -5.61
N HIS D 219 39.07 3.72 -5.01
CA HIS D 219 40.35 3.31 -4.40
C HIS D 219 41.24 2.60 -5.42
N ASP D 220 41.28 3.11 -6.64
CA ASP D 220 42.07 2.55 -7.71
C ASP D 220 42.87 3.65 -8.39
N ASP D 221 44.13 3.38 -8.69
CA ASP D 221 44.96 4.37 -9.38
C ASP D 221 44.53 4.60 -10.81
N LEU D 222 43.78 3.66 -11.40
CA LEU D 222 43.31 3.82 -12.77
C LEU D 222 42.14 4.80 -12.87
N SER D 223 41.31 4.87 -11.85
CA SER D 223 40.12 5.72 -11.85
C SER D 223 40.28 6.78 -10.76
N ALA D 224 40.45 8.03 -11.18
CA ALA D 224 40.58 9.16 -10.26
C ALA D 224 39.88 10.37 -10.85
N ASN D 225 39.45 11.27 -9.98
CA ASN D 225 38.74 12.48 -10.38
C ASN D 225 39.52 13.71 -9.93
N PHE D 226 39.59 14.71 -10.80
CA PHE D 226 40.25 15.96 -10.46
C PHE D 226 39.56 16.64 -9.28
N LEU D 227 40.36 17.17 -8.37
CA LEU D 227 39.81 18.04 -7.34
C LEU D 227 39.34 19.35 -7.98
N PRO D 228 38.27 19.95 -7.45
CA PRO D 228 37.77 21.19 -8.05
C PRO D 228 38.67 22.38 -7.82
N ALA D 229 39.87 22.35 -8.41
CA ALA D 229 40.79 23.47 -8.29
C ALA D 229 40.18 24.70 -8.92
N ASN D 230 40.21 25.82 -8.19
CA ASN D 230 39.46 27.00 -8.56
C ASN D 230 40.32 28.24 -8.42
N LEU D 231 40.13 29.19 -9.33
CA LEU D 231 40.80 30.49 -9.30
C LEU D 231 39.74 31.57 -9.22
N ARG D 232 39.80 32.39 -8.17
CA ARG D 232 38.80 33.42 -7.90
C ARG D 232 39.52 34.75 -7.78
N VAL D 233 39.20 35.70 -8.65
CA VAL D 233 39.79 37.03 -8.62
C VAL D 233 38.67 38.06 -8.58
N GLY D 234 38.72 38.97 -7.62
CA GLY D 234 37.63 39.90 -7.42
C GLY D 234 38.11 41.25 -6.92
N GLY D 235 37.23 42.22 -7.08
CA GLY D 235 37.51 43.58 -6.63
C GLY D 235 36.22 44.27 -6.22
N GLY D 236 36.34 45.18 -5.27
CA GLY D 236 35.17 45.85 -4.73
C GLY D 236 35.48 47.26 -4.29
N PHE D 237 34.43 48.07 -4.20
CA PHE D 237 34.53 49.45 -3.77
C PHE D 237 33.38 49.80 -2.84
N ASP D 238 33.70 50.54 -1.78
CA ASP D 238 32.71 50.97 -0.80
C ASP D 238 32.52 52.48 -0.91
N PHE D 239 31.28 52.90 -1.13
CA PHE D 239 30.89 54.29 -0.98
C PHE D 239 30.42 54.49 0.45
N ILE D 240 31.08 55.40 1.17
CA ILE D 240 30.78 55.66 2.58
C ILE D 240 30.09 57.01 2.66
N PHE D 241 28.84 57.00 3.12
CA PHE D 241 28.03 58.21 3.26
C PHE D 241 27.76 58.47 4.73
N ASP D 242 28.03 59.71 5.16
CA ASP D 242 27.75 60.20 6.51
C ASP D 242 28.49 59.43 7.59
N ASP D 243 29.45 58.58 7.22
CA ASP D 243 30.26 57.75 8.10
C ASP D 243 29.45 56.66 8.79
N TYR D 244 28.13 56.61 8.58
CA TYR D 244 27.29 55.59 9.17
C TYR D 244 26.56 54.74 8.12
N ASN D 245 26.68 55.08 6.85
CA ASN D 245 26.07 54.32 5.77
C ASN D 245 27.15 53.85 4.81
N LYS D 246 27.03 52.62 4.35
CA LYS D 246 27.99 52.04 3.41
C LYS D 246 27.25 51.39 2.25
N LEU D 247 27.85 51.44 1.07
CA LEU D 247 27.36 50.73 -0.10
C LEU D 247 28.55 50.10 -0.80
N GLY D 248 28.70 48.79 -0.66
CA GLY D 248 29.82 48.11 -1.28
C GLY D 248 29.43 47.31 -2.50
N VAL D 249 30.03 47.61 -3.64
CA VAL D 249 29.81 46.90 -4.89
C VAL D 249 31.03 46.02 -5.16
N SER D 250 30.80 44.74 -5.43
CA SER D 250 31.87 43.78 -5.62
C SER D 250 31.63 42.99 -6.90
N LEU D 251 32.72 42.62 -7.56
CA LEU D 251 32.68 41.82 -8.78
C LEU D 251 33.75 40.75 -8.68
N GLU D 252 33.36 39.50 -8.94
CA GLU D 252 34.25 38.35 -8.84
C GLU D 252 34.17 37.53 -10.12
N LEU D 253 35.34 37.08 -10.59
CA LEU D 253 35.46 36.15 -11.71
C LEU D 253 36.03 34.84 -11.19
N THR D 254 35.42 33.73 -11.59
CA THR D 254 35.79 32.41 -11.13
C THR D 254 36.07 31.51 -12.32
N LYS D 255 37.17 30.78 -12.26
CA LYS D 255 37.52 29.85 -13.32
C LYS D 255 38.02 28.54 -12.72
N LEU D 256 37.47 27.42 -13.20
CA LEU D 256 37.97 26.12 -12.78
C LEU D 256 39.32 25.85 -13.42
N LEU D 257 40.23 25.28 -12.63
CA LEU D 257 41.58 24.96 -13.09
C LEU D 257 41.70 23.50 -13.47
N VAL D 258 40.63 22.94 -14.02
CA VAL D 258 40.58 21.52 -14.39
C VAL D 258 40.40 21.43 -15.90
N PRO D 259 41.13 20.55 -16.59
CA PRO D 259 40.97 20.44 -18.05
C PRO D 259 39.55 20.07 -18.44
N THR D 260 39.10 20.65 -19.55
CA THR D 260 37.77 20.35 -20.07
C THR D 260 37.77 19.02 -20.81
N PRO D 261 36.82 18.13 -20.52
CA PRO D 261 36.77 16.86 -21.23
C PRO D 261 36.55 17.08 -22.71
N PRO D 262 37.12 16.23 -23.56
CA PRO D 262 36.96 16.41 -25.01
C PRO D 262 35.51 16.21 -25.44
N GLY D 263 35.14 16.92 -26.50
CA GLY D 263 33.79 16.89 -27.01
C GLY D 263 33.61 15.90 -28.14
N PRO D 264 33.36 16.42 -29.35
CA PRO D 264 33.16 15.51 -30.50
C PRO D 264 34.38 14.64 -30.78
N GLY D 265 35.55 15.25 -30.97
CA GLY D 265 36.77 14.49 -31.15
C GLY D 265 37.96 15.34 -31.54
N THR D 266 39.11 15.10 -30.92
CA THR D 266 40.35 15.78 -31.24
C THR D 266 41.48 14.76 -31.32
N PRO D 267 41.51 13.93 -32.39
CA PRO D 267 42.54 12.91 -32.54
C PRO D 267 43.93 13.51 -32.76
N SER D 283 38.33 3.82 -35.36
CA SER D 283 36.99 3.85 -35.96
C SER D 283 36.23 5.09 -35.52
N GLN D 284 34.95 4.91 -35.21
CA GLN D 284 34.10 6.02 -34.78
C GLN D 284 34.20 6.24 -33.28
N SER D 285 33.94 5.21 -32.48
CA SER D 285 34.07 5.32 -31.03
C SER D 285 35.51 5.30 -30.57
N GLN D 286 36.43 4.81 -31.40
CA GLN D 286 37.84 4.73 -31.01
C GLN D 286 38.43 6.12 -30.82
N ALA D 287 38.02 7.09 -31.64
CA ALA D 287 38.52 8.46 -31.47
C ALA D 287 38.10 9.02 -30.13
N ASP D 288 36.83 8.84 -29.75
CA ASP D 288 36.36 9.32 -28.45
C ASP D 288 37.06 8.59 -27.31
N GLU D 289 37.27 7.27 -27.47
CA GLU D 289 37.97 6.51 -26.44
C GLU D 289 39.40 7.03 -26.25
N ALA D 290 40.11 7.28 -27.36
CA ALA D 290 41.47 7.80 -27.26
C ALA D 290 41.48 9.19 -26.65
N ASN D 291 40.52 10.04 -27.03
CA ASN D 291 40.46 11.38 -26.45
C ASN D 291 40.23 11.33 -24.94
N TYR D 292 39.31 10.47 -24.49
CA TYR D 292 39.04 10.37 -23.07
C TYR D 292 40.22 9.77 -22.33
N LYS D 293 40.90 8.79 -22.93
CA LYS D 293 42.09 8.21 -22.31
C LYS D 293 43.19 9.25 -22.16
N LYS D 294 43.37 10.09 -23.19
CA LYS D 294 44.35 11.16 -23.09
C LYS D 294 43.96 12.18 -22.03
N TYR D 295 42.67 12.51 -21.94
CA TYR D 295 42.23 13.50 -20.96
C TYR D 295 42.39 12.99 -19.53
N LYS D 296 42.03 11.74 -19.28
CA LYS D 296 42.09 11.21 -17.92
C LYS D 296 43.51 10.89 -17.46
N ASP D 297 44.45 10.75 -18.40
CA ASP D 297 45.85 10.51 -18.05
C ASP D 297 46.63 11.82 -17.98
N ILE D 298 46.12 12.77 -17.20
CA ILE D 298 46.73 14.08 -17.04
C ILE D 298 46.87 14.38 -15.55
N GLY D 299 48.09 14.71 -15.13
CA GLY D 299 48.30 15.08 -13.74
C GLY D 299 47.60 16.38 -13.38
N TRP D 300 47.29 16.53 -12.09
CA TRP D 300 46.59 17.73 -11.65
C TRP D 300 47.47 18.97 -11.78
N VAL D 301 48.77 18.83 -11.49
CA VAL D 301 49.68 19.96 -11.65
C VAL D 301 49.73 20.42 -13.11
N SER D 302 49.84 19.46 -14.02
CA SER D 302 49.76 19.80 -15.44
C SER D 302 48.36 20.24 -15.84
N GLY D 303 47.33 19.68 -15.19
CA GLY D 303 45.97 20.06 -15.50
C GLY D 303 45.65 21.50 -15.17
N ILE D 304 46.29 22.05 -14.13
CA ILE D 304 46.07 23.44 -13.77
C ILE D 304 46.49 24.36 -14.91
N PHE D 305 47.68 24.12 -15.47
CA PHE D 305 48.17 24.95 -16.58
C PHE D 305 47.46 24.62 -17.89
N LYS D 306 47.05 23.37 -18.09
CA LYS D 306 46.37 23.00 -19.32
C LYS D 306 44.97 23.59 -19.41
N SER D 307 44.39 24.01 -18.28
CA SER D 307 43.03 24.55 -18.29
C SER D 307 42.93 25.81 -19.15
N PHE D 308 44.01 26.57 -19.29
CA PHE D 308 44.03 27.77 -20.10
C PHE D 308 44.27 27.36 -21.56
N GLY D 309 43.22 26.86 -22.19
CA GLY D 309 43.31 26.44 -23.58
C GLY D 309 42.67 25.08 -23.84
N ASP D 310 43.48 24.14 -24.33
CA ASP D 310 43.14 22.74 -24.58
C ASP D 310 41.76 22.55 -25.22
N ALA D 311 41.35 23.50 -26.05
CA ALA D 311 40.05 23.47 -26.71
C ALA D 311 40.22 23.95 -28.14
N PRO D 312 39.36 23.51 -29.06
CA PRO D 312 39.43 24.03 -30.43
C PRO D 312 39.22 25.53 -30.52
N GLY D 313 38.41 26.10 -29.63
CA GLY D 313 38.18 27.53 -29.65
C GLY D 313 39.38 28.32 -29.16
N GLY D 314 39.38 29.60 -29.48
CA GLY D 314 40.45 30.51 -29.12
C GLY D 314 40.19 31.25 -27.83
N PHE D 315 40.75 32.46 -27.75
CA PHE D 315 40.59 33.28 -26.54
C PHE D 315 39.14 33.67 -26.33
N SER D 316 38.41 33.96 -27.42
CA SER D 316 37.00 34.30 -27.30
C SER D 316 36.21 33.16 -26.69
N GLU D 317 36.47 31.93 -27.13
CA GLU D 317 35.86 30.77 -26.51
C GLU D 317 36.48 30.43 -25.16
N GLU D 318 37.73 30.84 -24.93
CA GLU D 318 38.34 30.63 -23.62
C GLU D 318 37.67 31.49 -22.55
N LEU D 319 37.19 32.67 -22.93
CA LEU D 319 36.49 33.53 -21.98
C LEU D 319 35.16 32.92 -21.53
N LYS D 320 34.65 31.91 -22.25
CA LYS D 320 33.44 31.24 -21.85
C LYS D 320 33.65 30.36 -20.61
N GLU D 321 34.89 30.07 -20.26
CA GLU D 321 35.18 29.25 -19.09
C GLU D 321 35.06 30.02 -17.78
N ILE D 322 34.92 31.34 -17.83
CA ILE D 322 34.93 32.19 -16.65
C ILE D 322 33.49 32.55 -16.29
N THR D 323 33.12 32.31 -15.03
CA THR D 323 31.85 32.72 -14.48
C THR D 323 32.03 34.02 -13.70
N TYR D 324 30.96 34.80 -13.58
CA TYR D 324 31.09 36.09 -12.92
C TYR D 324 29.94 36.32 -11.95
N SER D 325 30.20 37.20 -10.99
CA SER D 325 29.22 37.55 -9.98
C SER D 325 29.39 39.02 -9.62
N ALA D 326 28.27 39.74 -9.52
CA ALA D 326 28.28 41.15 -9.17
C ALA D 326 27.24 41.41 -8.09
N ALA D 327 27.65 42.08 -7.02
CA ALA D 327 26.75 42.30 -5.89
C ALA D 327 26.91 43.70 -5.33
N ALA D 328 25.86 44.15 -4.64
CA ALA D 328 25.85 45.41 -3.91
C ALA D 328 25.25 45.17 -2.54
N GLU D 329 25.95 45.62 -1.51
CA GLU D 329 25.55 45.42 -0.12
C GLU D 329 25.47 46.77 0.58
N TYR D 330 24.32 47.05 1.18
CA TYR D 330 24.08 48.30 1.89
C TYR D 330 24.13 48.06 3.39
N MET D 331 24.98 48.83 4.08
CA MET D 331 25.19 48.73 5.51
C MET D 331 24.65 49.98 6.19
N TYR D 332 23.78 49.80 7.18
CA TYR D 332 23.23 50.88 7.97
C TYR D 332 23.62 50.66 9.43
N GLN D 333 24.27 51.66 10.02
CA GLN D 333 24.73 51.65 11.41
C GLN D 333 25.65 50.47 11.71
N ASP D 334 26.22 49.86 10.68
CA ASP D 334 27.03 48.65 10.79
C ASP D 334 26.29 47.54 11.55
N ALA D 335 24.95 47.57 11.50
CA ALA D 335 24.13 46.57 12.15
C ALA D 335 22.98 46.07 11.30
N PHE D 336 22.65 46.74 10.20
CA PHE D 336 21.67 46.25 9.24
C PHE D 336 22.32 46.13 7.87
N ALA D 337 22.11 45.00 7.22
CA ALA D 337 22.72 44.73 5.93
C ALA D 337 21.65 44.26 4.95
N MET D 338 21.59 44.91 3.79
CA MET D 338 20.71 44.50 2.71
C MET D 338 21.58 44.22 1.49
N ARG D 339 21.62 42.96 1.06
CA ARG D 339 22.54 42.52 0.02
C ARG D 339 21.76 42.04 -1.19
N LEU D 340 22.17 42.48 -2.37
CA LEU D 340 21.64 42.02 -3.64
C LEU D 340 22.79 41.52 -4.49
N GLY D 341 22.56 40.42 -5.21
CA GLY D 341 23.63 39.84 -6.00
C GLY D 341 23.11 39.16 -7.25
N TYR D 342 23.99 39.03 -8.24
CA TYR D 342 23.68 38.34 -9.48
C TYR D 342 24.87 37.46 -9.85
N TYR D 343 24.60 36.19 -10.09
CA TYR D 343 25.62 35.20 -10.41
C TYR D 343 25.31 34.59 -11.77
N HIS D 344 26.30 34.59 -12.67
CA HIS D 344 26.10 34.09 -14.02
C HIS D 344 27.23 33.14 -14.39
N GLU D 345 26.87 31.91 -14.74
CA GLU D 345 27.77 30.96 -15.37
C GLU D 345 27.52 30.95 -16.87
N SER D 346 28.42 30.30 -17.59
CA SER D 346 28.23 30.14 -19.02
C SER D 346 27.06 29.19 -19.28
N PRO D 347 26.21 29.47 -20.28
CA PRO D 347 25.12 28.55 -20.59
C PRO D 347 25.59 27.18 -21.06
N MET D 348 26.84 27.06 -21.50
CA MET D 348 27.38 25.80 -22.00
C MET D 348 28.02 24.94 -20.92
N LYS D 349 28.08 25.42 -19.68
CA LYS D 349 28.63 24.62 -18.58
C LYS D 349 27.97 25.06 -17.28
N GLY D 350 27.51 24.08 -16.51
CA GLY D 350 26.87 24.38 -15.24
C GLY D 350 25.48 24.97 -15.40
N ALA D 351 25.39 26.08 -16.14
CA ALA D 351 24.12 26.77 -16.40
C ALA D 351 23.43 27.14 -15.10
N LYS D 352 24.13 27.93 -14.29
CA LYS D 352 23.65 28.35 -12.97
C LYS D 352 23.75 29.86 -12.88
N GLN D 353 22.68 30.54 -13.26
CA GLN D 353 22.56 31.99 -13.12
C GLN D 353 21.35 32.30 -12.26
N PHE D 354 21.49 33.28 -11.38
CA PHE D 354 20.41 33.62 -10.46
C PHE D 354 20.65 35.01 -9.88
N PHE D 355 19.60 35.53 -9.25
CA PHE D 355 19.69 36.69 -8.37
C PHE D 355 19.55 36.23 -6.93
N SER D 356 20.07 37.03 -6.02
CA SER D 356 20.10 36.66 -4.61
C SER D 356 19.84 37.87 -3.74
N LEU D 357 19.03 37.66 -2.70
CA LEU D 357 18.74 38.68 -1.70
C LEU D 357 19.23 38.18 -0.35
N GLY D 358 19.65 39.12 0.50
CA GLY D 358 20.15 38.76 1.81
C GLY D 358 19.94 39.87 2.81
N ALA D 359 19.73 39.49 4.06
CA ALA D 359 19.54 40.42 5.16
C ALA D 359 20.38 40.02 6.35
N GLY D 360 21.02 41.00 6.98
CA GLY D 360 21.87 40.74 8.13
C GLY D 360 21.63 41.69 9.28
N PHE D 361 21.56 41.15 10.50
CA PHE D 361 21.25 41.94 11.69
C PHE D 361 22.22 41.58 12.81
N LYS D 362 22.83 42.60 13.42
CA LYS D 362 23.71 42.43 14.56
C LYS D 362 23.04 43.03 15.80
N TYR D 363 22.76 42.19 16.79
CA TYR D 363 22.04 42.68 17.97
C TYR D 363 22.98 43.32 18.98
N SER D 364 23.84 42.53 19.62
CA SER D 364 24.91 43.04 20.47
C SER D 364 26.27 42.56 20.04
N MET D 365 26.44 41.24 19.92
CA MET D 365 27.64 40.63 19.40
C MET D 365 27.31 39.49 18.44
N ILE D 366 26.04 39.24 18.18
CA ILE D 366 25.57 38.10 17.39
C ILE D 366 24.99 38.63 16.10
N LYS D 367 25.49 38.14 14.97
CA LYS D 367 25.02 38.52 13.66
C LYS D 367 24.25 37.37 13.04
N VAL D 368 23.04 37.67 12.56
CA VAL D 368 22.16 36.71 11.91
C VAL D 368 22.00 37.12 10.46
N ASP D 369 22.26 36.19 9.55
CA ASP D 369 22.16 36.44 8.11
C ASP D 369 21.17 35.45 7.50
N VAL D 370 20.32 35.95 6.61
CA VAL D 370 19.37 35.12 5.88
C VAL D 370 19.53 35.42 4.40
N SER D 371 19.45 34.38 3.57
CA SER D 371 19.67 34.53 2.14
C SER D 371 18.61 33.75 1.36
N TYR D 372 18.21 34.32 0.23
CA TYR D 372 17.23 33.70 -0.67
C TYR D 372 17.70 33.86 -2.11
N LEU D 373 17.29 32.92 -2.95
CA LEU D 373 17.78 32.81 -4.32
C LEU D 373 16.62 32.71 -5.29
N PHE D 374 16.66 33.51 -6.35
CA PHE D 374 15.71 33.45 -7.46
C PHE D 374 16.48 33.01 -8.70
N SER D 375 16.24 31.78 -9.14
CA SER D 375 16.97 31.24 -10.28
C SER D 375 16.47 31.84 -11.59
N ALA D 376 17.40 32.01 -12.54
CA ALA D 376 17.08 32.53 -13.86
C ALA D 376 17.55 31.60 -14.97
N SER D 377 17.88 30.35 -14.64
CA SER D 377 18.39 29.39 -15.61
C SER D 377 17.31 28.35 -15.91
N LYS D 378 17.56 27.58 -16.98
CA LYS D 378 16.64 26.54 -17.40
C LYS D 378 16.75 25.28 -16.55
N VAL D 379 17.93 24.98 -16.02
CA VAL D 379 18.13 23.80 -15.18
C VAL D 379 17.65 24.12 -13.77
N LYS D 380 16.94 23.17 -13.16
CA LYS D 380 16.36 23.39 -11.84
C LYS D 380 17.47 23.46 -10.80
N ASN D 381 17.67 24.65 -10.24
CA ASN D 381 18.64 24.81 -9.17
C ASN D 381 18.14 24.11 -7.91
N PRO D 382 18.95 23.24 -7.28
CA PRO D 382 18.49 22.59 -6.04
C PRO D 382 18.38 23.54 -4.86
N LEU D 383 18.83 24.78 -5.01
CA LEU D 383 18.76 25.78 -3.96
C LEU D 383 17.56 26.72 -4.10
N GLU D 384 16.66 26.44 -5.03
CA GLU D 384 15.45 27.24 -5.19
C GLU D 384 14.52 27.05 -4.00
N ASN D 385 13.79 28.13 -3.66
CA ASN D 385 12.84 28.13 -2.55
C ASN D 385 13.52 27.75 -1.23
N THR D 386 14.79 28.11 -1.08
CA THR D 386 15.58 27.77 0.08
C THR D 386 16.08 29.05 0.75
N LEU D 387 15.84 29.17 2.05
CA LEU D 387 16.32 30.29 2.84
C LEU D 387 17.54 29.79 3.63
N ARG D 388 18.72 30.23 3.21
CA ARG D 388 19.93 29.90 3.96
C ARG D 388 20.05 30.76 5.21
N PHE D 389 20.56 30.15 6.27
CA PHE D 389 20.68 30.78 7.58
C PHE D 389 22.16 30.80 7.99
N SER D 390 22.57 31.88 8.64
CA SER D 390 23.92 31.98 9.17
C SER D 390 23.87 32.71 10.50
N LEU D 391 24.69 32.26 11.44
CA LEU D 391 24.68 32.80 12.79
C LEU D 391 26.11 32.86 13.32
N THR D 392 26.60 34.06 13.60
CA THR D 392 27.97 34.21 14.08
C THR D 392 28.01 34.97 15.40
N PHE D 393 28.94 34.57 16.25
CA PHE D 393 29.24 35.23 17.51
C PHE D 393 30.66 35.78 17.44
N ASN D 394 30.82 37.04 17.87
CA ASN D 394 32.12 37.68 17.92
C ASN D 394 32.47 37.99 19.37
N PHE D 395 33.71 37.70 19.75
CA PHE D 395 34.15 37.92 21.13
C PHE D 395 35.64 38.21 21.13
N GLY D 396 36.10 38.79 22.22
CA GLY D 396 37.46 39.29 22.33
C GLY D 396 37.52 40.80 22.13
N ASP D 397 38.74 41.32 22.21
CA ASP D 397 38.94 42.75 22.07
C ASP D 397 38.80 43.19 20.61
N LYS D 398 38.80 44.50 20.41
CA LYS D 398 38.60 45.09 19.10
C LYS D 398 39.93 45.50 18.48
N TYR D 399 40.03 45.31 17.16
CA TYR D 399 41.20 45.72 16.40
C TYR D 399 40.82 46.87 15.47
N GLU D 400 41.59 47.96 15.52
CA GLU D 400 41.31 49.11 14.70
C GLU D 400 41.53 48.81 13.23
N THR D 401 40.66 49.36 12.39
CA THR D 401 40.75 49.18 10.94
C THR D 401 41.57 50.33 10.34
N TYR D 402 42.46 49.97 9.43
CA TYR D 402 43.31 50.96 8.77
C TYR D 402 42.82 51.26 7.36
C1 LMN E . 29.62 36.29 26.05
O1 LMN E . 30.68 35.57 26.38
C2 LMN E . 29.51 37.53 26.97
O2 LMN E . 28.52 38.41 26.44
C3 LMN E . 29.18 37.22 28.40
O3 LMN E . 30.43 37.23 29.17
C4 LMN E . 28.50 35.92 28.61
O4 LMN E . 27.70 35.95 29.87
C5 LMN E . 27.61 35.55 27.49
O5 LMN E . 28.31 35.44 26.18
C6 LMN E . 26.93 34.20 27.80
O6 LMN E . 25.55 34.26 27.43
CAA LMN E . 25.55 26.07 18.75
CAB LMN E . 37.76 26.28 19.27
OAI LMN E . 32.19 34.98 30.54
OAJ LMN E . 37.96 29.02 22.03
OAL LMN E . 37.94 31.08 28.37
OAN LMN E . 36.97 34.38 24.10
OAP LMN E . 36.51 36.60 25.45
OAQ LMN E . 30.01 32.53 33.48
OAR LMN E . 41.61 30.04 22.11
OAS LMN E . 27.47 33.55 34.00
OAT LMN E . 42.69 32.29 23.32
OAU LMN E . 26.29 34.57 31.42
OAV LMN E . 41.33 32.70 26.00
CAW LMN E . 27.03 26.42 19.00
CAX LMN E . 36.40 26.93 19.58
CAY LMN E . 27.14 27.42 20.15
CAZ LMN E . 35.95 26.52 21.01
CBA LMN E . 28.37 28.33 19.92
CBB LMN E . 34.56 27.09 21.28
CBC LMN E . 28.78 29.02 21.28
CBD LMN E . 34.68 28.58 21.66
CBE LMN E . 29.41 30.43 20.97
CBF LMN E . 33.62 28.92 22.75
CBG LMN E . 29.50 31.25 22.29
CBH LMN E . 34.03 30.24 23.45
CBI LMN E . 30.89 31.95 22.37
CBJ LMN E . 33.28 30.39 24.81
CBK LMN E . 30.78 33.18 23.31
CBL LMN E . 33.74 31.74 25.50
CBM LMN E . 31.40 34.92 31.72
CBN LMN E . 38.42 30.31 22.40
CBP LMN E . 36.71 31.53 27.80
CBQ LMN E . 32.22 33.59 23.85
CBR LMN E . 32.49 32.47 26.19
CBS LMN E . 30.67 34.26 25.83
CBT LMN E . 33.14 35.01 25.89
OBV LMN E . 34.53 34.73 25.59
OBX LMN E . 35.48 33.62 27.44
OBY LMN E . 29.40 34.45 30.45
OBZ LMN E . 39.13 30.68 24.69
OCB LMN E . 38.85 32.53 26.10
CCC LMN E . 30.30 33.95 31.53
CCD LMN E . 39.56 30.18 23.37
CCF LMN E . 36.83 32.98 27.40
CCH LMN E . 37.51 34.42 25.45
CCJ LMN E . 35.38 34.90 26.71
CCL LMN E . 36.72 35.42 26.25
CCM LMN E . 32.15 33.82 25.44
CCN LMN E . 29.56 33.76 32.86
CCO LMN E . 40.76 30.96 22.82
CCQ LMN E . 37.47 33.05 26.01
CCR LMN E . 28.46 35.48 30.94
CCS LMN E . 39.29 32.15 24.85
CCT LMN E . 28.10 33.70 32.68
CCU LMN E . 41.55 31.59 23.91
CCV LMN E . 27.53 34.91 32.02
CCW LMN E . 40.74 32.57 24.69
#